data_6ZYY
#
_entry.id   6ZYY
#
loop_
_entity.id
_entity.type
_entity.pdbx_description
1 polymer 'Dynein heavy chain, outer arm protein'
2 polymer Shulin
3 non-polymer "ADENOSINE-5'-DIPHOSPHATE"
4 non-polymer "ADENOSINE-5'-TRIPHOSPHATE"
#
loop_
_entity_poly.entity_id
_entity_poly.type
_entity_poly.pdbx_seq_one_letter_code
_entity_poly.pdbx_strand_id
1 'polypeptide(L)'
;MLSSKYSKRIAWMKTTICDSLQLKDMIVEESFQYEKNKNLLEQFLSGEGLNKIFAYYQVQEQAQNDDIKDTGAQDPVLFF
TTGDLEKIQDKAVWFLRITNPADDKKKASQQDGNDNDIIFGEITPNTVPMLNALMESVYSRQIDHIITEKIQFWGVAEEE
QVLEFQQHSNKFSSEVREAINLMSPGTEHFKLDYEAISGLSESEKMQHYEMKFNEWINLISSQLNDDSEVRKDEKDAGPA
TELIYWRSRMQKITNWSEQLKSKDFQIVKASLQRHKNHDNQRPRGDESLSKLMMEYNRLDLLLTDKLNEAKDNVKYLTTL
EKFIEPLYNGTPQQIIDTLPALMNAIKMIHTIARFYNTTDKMTGLFIKITNQMIKNCKDRILNKKDNGDNPSLYKMIWEQ
DPAELIEVLGSCIKLYCEYKKCYNDTKEKVADMPKGKTFDFSDAQIFGKFDTFVRRLQKLIEIFSNIQQFNALAKHNLEG
MDVLTNKFKKIIDDFKKKGHNLLDTANNKFDRDWVEFNVEISHLDGELQNFIDNNFNRFRNIEYSLKLLHKFQSTIKRDS
LKHNLTSRYNAILHNYATELDTIQRVFQDQKSNPPLVRNMPPEAGKIIWARHLFQKITGPINIFPENVINSTEIRRYYGS
YNTLGKQLTIYEMWFYQDWVNKIEQSKAALQATLIVRHDENKKLYVNFDLEIMQLIREAKCLDRQGIEIPESARIILLQE
DKFKTYYNELLYALKEYERINSKIKPICKNLLLPHIEDLDLKLRPGMVTLTWTSMNIESYLYYVHQGLKKLEQLIINVND
IIENRIENNLKTVSKVVLVHLPQDTKPLSLDSFVQLQEEYINSKTDFLTSKNVEVERAVDDLLQTIMLYPLDPHVDPVLP
EETKRIKRYYFWYFYQALLNSTQNSLNAMKYRVCGKKIPGANTLQNLKPFFQVEVQLNGDKVTLNPSLQEIQKSINRAAT
AVLRCSKHLYNWDQQNKDSTDKATFYDMIACDKEIVKVILLLTGSIQGTKNKVNEFLSGFTKFEWLCKESIQESIKKFSK
NGPTLQNYEDQLKKFSQIEEEIEKIVPTYKIGAMELMTHNICTSLSTWAKEWKLQYSQDLHKRARQLLDSLTEQTKMLST
KLSKPVKDIDSLGYVMETLEQIRKEQAEIDMKFNPVQEMYSLLDNYLPGGITDKDEMDARSLLRRNWDILIQQAEIKGKE
YQHKQAIYLKELKQSIKDFTNQVSIFRRDYEKNGPMVEGISPAEAMERLRRFEDEYDVKYQMYKINARGENLFGLQNQKY
PELEKTDAEIKNLNKLYNLYDSVIKNIQQFKEKSWQDVSKDDLAKMEEDAGKYGEQCSRLPKDLKEWQAYRDLKNYIDSL
REQLPLIISLKKPSIMPRHWEKIKEITNTKLNYENPDQFYIEEIMGAKLLDFREDIEDITESADKQLKIRTGLDEINLYW
NDMQFQFGIWGKRDVPCMLNGLIVGTILERLEEDQLQLSTFNSQRHVTPFKAEVENLIRTFSDVNDTLDMWVKVQKLWTS
LEPVFTGGDIARQMPLQAKQFQGIDKNWMKIMEKAVETKKVIPCCQNDMLKDFLPDLNRKLEDCQKMLEAYLEGKRKKFP
RFYFVSNPTLLKILSQGSEPTSIQEDFEKLFDAITKVTFESAKDKKNPALKQITQIQQVIGRNEENISLTGYYVKCEGNI
EDWLKKLEQNMQQTLKDIASAAAQQVFQVGLKEFVSSQASQIALLGLQILWTSKVNEGLERLSRNERNAMDIKRNEIKEH
MNILSSMCLEDLNGAVERTKVETLVTIQVHQKDISMDLKCKDVNDFEWQKQTRIAWKTDIDECIISITDWDSPYSYEFLG
AKERLCITPLTDRCYITLAQAMSMYYGGAPAGPAGTGKTETVKDLGRTLGVFVVVTNCSDQHRYRDMAKIFKGLVQSGLW
GCFDEFNRIDLEVLSVVAMQVESITTARKQHMKKFMFPEEEIEIELIPTVSYFITMNPGYAGRQELPENLKVLFRGVSMM
VPDREIIIKVKLASVGYLQIDLLAKKFNVLYRLCEEQLSKQRHYDFGLRNILSVLRTAGNTKRQEIKSDEEMLLMRSLRD
MNLSKLVADDIPLFNGLLADIFPKLKEVPKKLYPDVEKKIPEEINAESYLINTPSFQLKIIQLYETCLVRHGFMLVGPTG
SGKSTIMKILTEVLTKLGSPHKIVIMNPKAITAEQMYGVKSEISDDWIPGVFSTIWAKSNNRALKHTTWITCDGPVDAIW
IENLNTVLDDNKILTLANGERIAMTENCKVVFEVENLNNASPATVSRCGQVYVSPTDLGYEAVIEGWIRNRKASGRAEES
DKLGNILRKYLINMRFIELQSKECKEPMMDTSPVISVINILNLLTGCLQYFVQTQRTLSEQEYEKFIVYSMAWAIGGIYE
AQDRVRFHELLLAKNAPIPQKGKENETVFDYYVSQDYLDWKICSPEEWVPPQSLQFSQLLLPTLDSFRAEMLLNFILTQP
KSHTCSNSALLIGGSGTAKTSSVLLYCNKFDPQKMLFKRTNFSSATSPFMFQSTIEAECDFKVGKEFAPPGNKMMTIFID
DMSMPFVNKWGDQITLELVRQLIETGGFYMLDKTQRGNQRKMKNLQYIGAMNHPGGGRNDIPNRLKRQFFIFNMILPLSI
EGIYGPIIKHMFKQKYFSDSTYKVIESLTSATIALWNKVKSTMLPTPAKFHYVFNMRELSRIFKGILTCKKDTINDAPKS
MKIKPELFLVGLWRHEAERVLADKLVNNKDKDTVMGYIQEVSLESFSQIENEILEKYSSEKTFLFCDFLRPDVINEDGII
EEEAPKIYEAIDSLTELRKRCNFLLSFYNDRNPSKKMPLVLFDDALKHLLRISRIIRQPRSSGLLVGVGGSGKQSLTRLA
GFIGKNLIQQIIVTKTYSDKDLKEDIKKGFDDAGHLGKQVTFLMTDSEVKKEEFLEYINMVLSTGEIPNLLAKDEREVWL
GDISQAYCKEKNLGNIDPPQSELWTYFVDRVRDNFHIMLCFSPVGQKFRERARKFPALFNECTIDWFLPWPEEALVSVAE
TFIKNFDKLDTKEETKQELMKHMGNVHLMVNEICDEYYQKMRRQVYVTPKSFLSYLNSYKTLYIEKYDELDQQEESFKIG
LNKIQEATITINQMEISLKEEEIQLNEATEKTNQLLANLDKESKKANQKGEEVAATNKQCEIQAEQISKEKEEAERELEA
ALPALRRAQEAVDSIESKDIVELKANKKPLDIIKYIMDAVLVFFKARLIPIQIEERVFNKKEGKAVLFLKESYDESGIQT
LGDMNFMKKLKEFEKDSINEETIELLEPYLNQSEDWFNDTFATKASKAAAGILKWAFAIYEYHQKSKIVKPKRIQVAIAE
GRQAIALKELEKAREDLAQIQAYIKNLKDVYTKQMEEKNELEMKAAKTKKKINTARTLITSLSGEKDRWGKGAQDISDQK
RKLVGNVSLSTAFISYCGPFNAEYRNKLAQQRFVVDMKKRGVPVTPGLELTSFLIDDATIGEWNLQGLPKDDLSIQNGIM
VTNSARYPLFIDPQGQGQNWIRNKLSASIIPERCITTLSHPKFKDMFLKYCMESGLTLIVENIENEVDPMMDPVLERQII
VKGKTQFVNVAGTEMELSKEFKLFMTCRLANPSFSPELSAKTTIIDFTVTQSGLEQQLLGKVISKEQKALEDSLNQLLAD
VNQNQKDLQRLDKNLLERLINSQGNLLDDTELMDVLNNTKTQAKEVAAKLIDAEIKTKEINEKREQYRPVAIRGSAIYFT
MIEVSLVNWMYNSSLEQFLKLFIESIDLSEKAQLPSNRVKNIISFLTFHVYRYVNRGLFEKDKITFILMMAFKILTTAGT
ISSGDVSLFLKSGDALDIKSERQKQISYLEDNQWLNILALSKHTFSGQTLPFFKELPDLISRSENQWRNWIDKNDPENFP
IPDFAESINQEKEIGSFISLCLVRSLRNDRTLIATQNFISNVLGKEFTDPISYPIEGIWQESSNMDPVLFLLSAGADPTS
SIDELAKKKKKFPCEKVSMGEGQERVARQVIMKGFVEGGWVILQNCHLGLKFMEEIETLVSPINQIHEDFRLWITCEQHP
KFPLGLLQKTLKVTNEPPKGLKAGLYKTFTTIITQEFIDKVDHSNWRSLIFTICFLHSIVIERKKFGPLGWCVPYEYNYS
DLEASLLYIEKYLTNLMSTPQPNSHNLPISMNVVRYMICEVQYGGRITDDLDRELFITYGETYLKDGIFGNDYFFYDIMV
DGSGQKFKYRIPQNPSAELIKYQEYIAKVPTVDNPEVFGLHSNADLTFRLKESKEMINTVMETRPKDSSVGGGKTREEIV
QDKAKDMLKNLPPDYNDVEVRELVSKLGGPNPKTSTERGMTVPLNIFLYQEVTRMQRVIGLVRKTLQDTILAIDGQIIMT
PEILEAINAIYDAKVPNSWLYDPSGAEISWLLPNLGSWSTSLSDRNKQLNDWLRSGQRPILFWLTGFFNPQGFLTGMKQE
VTRNHKKGDGKGGEAWSLDDVVYSTTVKEREKEKDIEQPPAEGVYIKGLYLEGCKWSKNGLDDSDPKKIFADLPILHVSA
INKKKTNEQDRMSNTYLCPVYKYPKRTDKYLIFRVGLPCEGSNNPSHWKLRGVALLCSTE
;
C
2 'polypeptide(L)'
;MFNFFSSANINQNIPKYSVNDFVFRLKKIEKIVVKEGLDGFLLINGVDSRENTEYVKLTNWLFLGNSGLEIEENEYLNQI
YSDMIVLIKKGTTHIFIDPEALNSLQTLIYSIPNVDVFCPTEKQYEDKDEMELLKMAFFLRVMKPTKKVGILLGQKDKGK
INSIEKWPLIQSYGLEELGVGFFSMNHEVVDLTLRLNAVYKNYDKFFVSKLIYVVAKRLTGHFNSAAGQLGDMKMHKRNL
ATESQLTEIFRDTYEIEEISKWVQIRGVNAALPKPRVLFGKNTSADCSKEPSVAPLKDLKYSETFHSFHATFETFDLRTC
LRAARTYFLAKGVKEERNLITLNDDEGVPQGYELNIDENQQYKDQDFLANLYLSIIIGFNEVMQLITKDYKNMTEEFIQD
YIFQKVSKVYAGFQIPESEITLDKIQIILKAYNSFGEEVKIDFKDTISFKLTPYFFMVRIEQKNIKSQILNNTVLGSLVF
AESFILQEGCYLLLTKEIPYFDLWNCQNDYSEKIEKMKKRILWEPLGKQISDELPKNRIFVQTGRKSNYGFDIPIMQASY
YMHELGLRIETQRLGWFILFFKEMKEIQITQKMNHTWLIFKVDSNITFNSISKDTIALEFTGDALEQSFFKIKNYFEENQ
IKYEYQVDIPAIFQESQIAKKQILNQQSQGQKLITMNSIQNEQFFISYIESKQLMILNQMKDLKLSAYKNLYEQMQISQA
ITPVENHIGVILVNGSYCSGKRKFAENLIRFGSDNNLRLHLYKFDLNEMSELTEKSYLSGLLKFASEKKIQNTDVIVASV
PHFINTKILIDYFSKSEKISNAFYIRTIATKININNIYSNFNKNPVNNVFTYGVEGYSQFLLLDTYNNYDADVNALNKTL
SGVLPGAKIYKIMNNILNPALAKDILTSITFISEQNNLNRLKYSVQYDLLTSNGPSSVVFIPFKLPILREKIRDLIYKKI
LQNGNQTLVDTIEAEQKIAEFKELNKNSKDPLMIEIIKLKEKIEIQNAQTSDQAIKIDYVKGILRYDSKLKEGLEEITIT
PNYFIERTVKGVDAKEFTEELNGVSFKNVKYTGITNSIINDMGFVFAGKNLNKEKLLELLYKLVKPLNKQKLRQRKDLTE
EEIVDIQFRNRGEGLENGEFYDGQFWRNIQGLILPHHPKKDEFIEEYLKQEEVRINQINEQLQQEWETWKQVYDKIHLDK
;
Y
#
loop_
_chem_comp.id
_chem_comp.type
_chem_comp.name
_chem_comp.formula
ADP non-polymer ADENOSINE-5'-DIPHOSPHATE 'C10 H15 N5 O10 P2'
ATP non-polymer ADENOSINE-5'-TRIPHOSPHATE 'C10 H16 N5 O13 P3'
#
# COMPACT_ATOMS: atom_id res chain seq x y z
N LYS A 1311 -69.29 -1.33 -57.48
CA LYS A 1311 -69.38 -1.62 -56.03
C LYS A 1311 -69.19 -3.12 -55.82
N GLU A 1312 -68.63 -3.80 -56.81
CA GLU A 1312 -68.65 -5.24 -56.78
C GLU A 1312 -67.43 -5.96 -57.35
N LYS A 1313 -66.42 -5.25 -57.79
CA LYS A 1313 -65.27 -5.96 -58.32
C LYS A 1313 -64.35 -6.38 -57.19
N SER A 1314 -63.79 -7.59 -57.32
CA SER A 1314 -62.89 -8.18 -56.36
C SER A 1314 -61.49 -7.66 -56.53
N TRP A 1315 -60.72 -7.98 -55.53
CA TRP A 1315 -59.32 -7.69 -55.37
C TRP A 1315 -58.61 -7.90 -56.67
N GLN A 1316 -58.92 -9.06 -57.28
CA GLN A 1316 -58.35 -9.45 -58.56
C GLN A 1316 -58.98 -8.64 -59.68
N ASP A 1317 -60.30 -8.46 -59.61
CA ASP A 1317 -60.99 -7.65 -60.60
C ASP A 1317 -60.72 -6.19 -60.35
N VAL A 1318 -61.12 -5.69 -59.19
CA VAL A 1318 -60.83 -4.29 -58.91
C VAL A 1318 -59.34 -4.13 -58.59
N SER A 1319 -58.68 -3.31 -59.37
CA SER A 1319 -57.30 -2.99 -59.15
C SER A 1319 -57.32 -1.66 -58.44
N LYS A 1320 -56.88 -1.65 -57.19
CA LYS A 1320 -56.83 -0.43 -56.40
C LYS A 1320 -55.42 -0.18 -55.85
N ASP A 1321 -54.40 -0.76 -56.45
CA ASP A 1321 -53.02 -0.66 -56.00
C ASP A 1321 -52.13 0.06 -57.01
N ASP A 1322 -51.71 1.29 -56.71
CA ASP A 1322 -50.59 1.96 -57.39
C ASP A 1322 -50.78 2.29 -58.87
N LEU A 1323 -51.69 1.58 -59.54
CA LEU A 1323 -52.26 1.85 -60.82
C LEU A 1323 -53.70 1.44 -60.63
N ALA A 1324 -54.18 1.83 -59.46
CA ALA A 1324 -55.48 1.55 -58.98
C ALA A 1324 -56.48 2.00 -60.01
N LYS A 1325 -57.04 1.07 -60.79
CA LYS A 1325 -58.04 1.45 -61.78
C LYS A 1325 -59.20 2.04 -61.07
N MET A 1326 -59.44 1.62 -59.83
CA MET A 1326 -60.52 2.24 -59.10
C MET A 1326 -60.13 3.60 -58.59
N GLU A 1327 -58.87 3.79 -58.26
CA GLU A 1327 -58.50 5.14 -57.88
C GLU A 1327 -58.61 6.02 -59.09
N GLU A 1328 -58.52 5.42 -60.26
CA GLU A 1328 -58.72 6.20 -61.45
C GLU A 1328 -60.20 6.55 -61.56
N ASP A 1329 -61.10 5.59 -61.27
CA ASP A 1329 -62.56 5.81 -61.19
C ASP A 1329 -62.81 6.87 -60.10
N GLU A 1362 -62.48 10.00 -50.16
CA GLU A 1362 -61.83 9.36 -49.04
C GLU A 1362 -61.24 8.04 -49.46
N GLN A 1363 -61.95 7.36 -50.34
CA GLN A 1363 -61.53 6.07 -50.89
C GLN A 1363 -60.32 6.20 -51.79
N LEU A 1364 -60.25 7.30 -52.53
CA LEU A 1364 -59.15 7.53 -53.46
C LEU A 1364 -57.79 7.28 -52.81
N PRO A 1365 -57.35 8.03 -51.77
CA PRO A 1365 -56.05 7.76 -51.15
C PRO A 1365 -56.10 6.71 -50.08
N LEU A 1366 -57.28 6.14 -49.80
CA LEU A 1366 -57.47 5.23 -48.71
C LEU A 1366 -56.73 3.97 -48.99
N ILE A 1367 -57.00 3.40 -50.16
CA ILE A 1367 -56.69 2.02 -50.48
C ILE A 1367 -55.60 1.95 -51.55
N ILE A 1368 -55.00 3.09 -51.91
CA ILE A 1368 -53.85 3.07 -52.81
C ILE A 1368 -52.68 2.32 -52.19
N SER A 1369 -52.45 2.52 -50.89
CA SER A 1369 -51.40 1.82 -50.15
C SER A 1369 -51.93 0.64 -49.32
N LEU A 1370 -53.24 0.48 -49.23
CA LEU A 1370 -53.84 -0.65 -48.51
C LEU A 1370 -54.03 -1.88 -49.39
N LYS A 1371 -53.63 -1.83 -50.66
CA LYS A 1371 -53.69 -2.97 -51.57
C LYS A 1371 -52.33 -3.53 -51.92
N LYS A 1372 -51.24 -2.86 -51.55
CA LYS A 1372 -49.89 -3.36 -51.82
C LYS A 1372 -49.70 -4.70 -51.12
N PRO A 1373 -48.64 -5.44 -51.44
CA PRO A 1373 -48.28 -6.61 -50.61
C PRO A 1373 -48.03 -6.26 -49.16
N SER A 1374 -47.82 -4.98 -48.86
CA SER A 1374 -47.78 -4.43 -47.50
C SER A 1374 -48.80 -5.03 -46.56
N ILE A 1375 -50.02 -5.26 -47.04
CA ILE A 1375 -51.09 -5.83 -46.23
C ILE A 1375 -51.03 -7.35 -46.35
N MET A 1376 -50.76 -8.01 -45.22
CA MET A 1376 -50.63 -9.43 -44.98
C MET A 1376 -51.70 -9.80 -43.96
N PRO A 1377 -52.32 -11.02 -44.01
CA PRO A 1377 -53.46 -11.33 -43.14
C PRO A 1377 -53.44 -10.88 -41.68
N ARG A 1378 -52.27 -10.63 -41.09
CA ARG A 1378 -52.27 -9.95 -39.79
C ARG A 1378 -52.68 -8.48 -39.91
N HIS A 1379 -52.35 -7.82 -41.02
CA HIS A 1379 -52.85 -6.46 -41.21
C HIS A 1379 -54.35 -6.48 -41.47
N TRP A 1380 -54.82 -7.48 -42.19
CA TRP A 1380 -56.24 -7.73 -42.29
C TRP A 1380 -56.87 -7.86 -40.91
N GLU A 1381 -56.21 -8.62 -40.06
CA GLU A 1381 -56.66 -8.77 -38.69
C GLU A 1381 -56.77 -7.40 -38.01
N LYS A 1382 -55.70 -6.61 -38.08
CA LYS A 1382 -55.71 -5.29 -37.45
C LYS A 1382 -56.83 -4.42 -38.00
N ILE A 1383 -57.14 -4.52 -39.30
CA ILE A 1383 -58.26 -3.77 -39.85
C ILE A 1383 -59.56 -4.23 -39.20
N LYS A 1384 -59.73 -5.55 -39.03
CA LYS A 1384 -60.99 -6.02 -38.48
C LYS A 1384 -61.16 -5.60 -37.03
N GLU A 1385 -60.09 -5.65 -36.23
CA GLU A 1385 -60.25 -5.29 -34.82
C GLU A 1385 -60.33 -3.78 -34.63
N ILE A 1386 -59.35 -3.03 -35.13
CA ILE A 1386 -59.26 -1.61 -34.78
C ILE A 1386 -60.43 -0.85 -35.40
N THR A 1387 -60.86 -1.22 -36.60
CA THR A 1387 -62.08 -0.65 -37.15
C THR A 1387 -63.33 -1.12 -36.39
N ASN A 1388 -63.23 -2.20 -35.62
CA ASN A 1388 -64.38 -2.81 -34.97
C ASN A 1388 -65.42 -3.23 -36.00
N THR A 1389 -64.95 -3.75 -37.12
CA THR A 1389 -65.80 -4.20 -38.22
C THR A 1389 -65.81 -5.72 -38.25
N LYS A 1390 -67.00 -6.30 -38.33
CA LYS A 1390 -67.13 -7.73 -38.58
C LYS A 1390 -67.11 -8.06 -40.06
N LEU A 1391 -67.01 -7.05 -40.93
CA LEU A 1391 -66.83 -7.30 -42.35
C LEU A 1391 -65.54 -8.06 -42.61
N ASN A 1392 -64.46 -7.66 -41.93
CA ASN A 1392 -63.18 -8.33 -42.04
C ASN A 1392 -62.99 -9.46 -41.02
N TYR A 1393 -63.93 -9.61 -40.07
CA TYR A 1393 -63.95 -10.75 -39.15
C TYR A 1393 -64.61 -11.96 -39.79
N GLU A 1394 -65.60 -11.74 -40.64
CA GLU A 1394 -66.15 -12.82 -41.44
C GLU A 1394 -65.21 -13.20 -42.58
N ASN A 1395 -64.49 -12.23 -43.14
CA ASN A 1395 -63.68 -12.44 -44.35
C ASN A 1395 -62.47 -11.51 -44.32
N PRO A 1396 -61.31 -11.97 -43.84
CA PRO A 1396 -60.09 -11.17 -43.99
C PRO A 1396 -59.36 -11.32 -45.33
N ASP A 1397 -59.93 -11.97 -46.35
CA ASP A 1397 -59.38 -11.77 -47.69
C ASP A 1397 -60.43 -11.87 -48.80
N GLN A 1398 -61.72 -11.70 -48.50
CA GLN A 1398 -62.79 -12.03 -49.44
C GLN A 1398 -63.93 -11.02 -49.28
N PHE A 1399 -63.89 -9.96 -50.09
CA PHE A 1399 -65.04 -9.08 -50.23
C PHE A 1399 -64.78 -8.15 -51.41
N TYR A 1400 -65.61 -7.13 -51.50
CA TYR A 1400 -65.65 -6.18 -52.58
C TYR A 1400 -65.60 -4.76 -52.06
N ILE A 1401 -65.09 -3.85 -52.91
CA ILE A 1401 -64.87 -2.44 -52.59
C ILE A 1401 -66.08 -1.80 -51.90
N GLU A 1402 -67.29 -2.22 -52.28
CA GLU A 1402 -68.50 -1.88 -51.54
C GLU A 1402 -68.37 -2.15 -50.05
N GLU A 1403 -67.83 -3.32 -49.69
CA GLU A 1403 -67.80 -3.69 -48.28
C GLU A 1403 -66.77 -2.86 -47.50
N ILE A 1404 -65.64 -2.49 -48.11
CA ILE A 1404 -64.69 -1.66 -47.38
C ILE A 1404 -65.27 -0.27 -47.15
N MET A 1405 -66.03 0.28 -48.13
CA MET A 1405 -66.74 1.52 -47.76
C MET A 1405 -67.88 1.28 -46.79
N GLY A 1406 -68.35 0.04 -46.66
CA GLY A 1406 -69.41 -0.24 -45.70
C GLY A 1406 -69.01 0.20 -44.29
N ALA A 1407 -67.78 -0.08 -43.91
CA ALA A 1407 -67.15 0.61 -42.79
C ALA A 1407 -66.69 1.98 -43.29
N LYS A 1408 -67.07 3.04 -42.58
CA LYS A 1408 -66.92 4.38 -43.12
C LYS A 1408 -65.44 4.74 -43.25
N LEU A 1409 -65.04 5.06 -44.48
CA LEU A 1409 -63.63 5.23 -44.78
C LEU A 1409 -63.02 6.42 -44.04
N LEU A 1410 -63.72 7.55 -44.02
CA LEU A 1410 -63.17 8.72 -43.35
C LEU A 1410 -63.26 8.59 -41.85
N ASP A 1411 -64.35 8.03 -41.34
CA ASP A 1411 -64.50 7.85 -39.90
C ASP A 1411 -63.47 6.88 -39.36
N PHE A 1412 -63.21 5.79 -40.09
CA PHE A 1412 -62.29 4.75 -39.67
C PHE A 1412 -60.93 4.86 -40.36
N ARG A 1413 -60.63 6.00 -41.00
CA ARG A 1413 -59.28 6.20 -41.52
C ARG A 1413 -58.27 6.27 -40.41
N GLU A 1414 -58.64 6.61 -39.17
CA GLU A 1414 -57.67 6.53 -38.08
C GLU A 1414 -57.11 5.12 -37.96
N ASP A 1415 -58.02 4.15 -37.83
CA ASP A 1415 -57.62 2.75 -37.68
C ASP A 1415 -56.93 2.26 -38.94
N ILE A 1416 -57.59 2.47 -40.08
CA ILE A 1416 -57.04 2.00 -41.35
C ILE A 1416 -55.69 2.66 -41.60
N GLU A 1417 -55.51 3.93 -41.19
CA GLU A 1417 -54.25 4.64 -41.40
C GLU A 1417 -53.14 4.03 -40.58
N ASP A 1418 -53.38 3.86 -39.27
CA ASP A 1418 -52.38 3.21 -38.42
C ASP A 1418 -51.92 1.92 -39.06
N ILE A 1419 -52.88 1.14 -39.56
CA ILE A 1419 -52.53 -0.10 -40.25
C ILE A 1419 -51.82 0.18 -41.59
N THR A 1420 -52.13 1.28 -42.25
CA THR A 1420 -51.59 1.52 -43.59
C THR A 1420 -50.11 1.88 -43.54
N GLU A 1421 -49.76 2.95 -42.83
CA GLU A 1421 -48.33 3.24 -42.73
C GLU A 1421 -47.62 2.14 -41.97
N SER A 1422 -48.29 1.52 -40.98
CA SER A 1422 -47.73 0.32 -40.38
C SER A 1422 -47.36 -0.67 -41.46
N ALA A 1423 -48.32 -1.00 -42.33
CA ALA A 1423 -48.13 -2.06 -43.30
C ALA A 1423 -47.03 -1.74 -44.29
N ASP A 1424 -46.93 -0.49 -44.73
CA ASP A 1424 -45.87 -0.14 -45.66
C ASP A 1424 -44.50 -0.30 -45.01
N LYS A 1425 -44.36 0.17 -43.77
CA LYS A 1425 -43.12 -0.08 -43.05
C LYS A 1425 -42.91 -1.58 -42.79
N GLN A 1426 -44.01 -2.34 -42.63
CA GLN A 1426 -43.88 -3.78 -42.47
C GLN A 1426 -43.38 -4.44 -43.74
N LEU A 1427 -43.80 -3.93 -44.90
CA LEU A 1427 -43.24 -4.42 -46.15
C LEU A 1427 -41.75 -4.18 -46.18
N LYS A 1428 -41.33 -2.99 -45.75
CA LYS A 1428 -39.91 -2.68 -45.66
C LYS A 1428 -39.19 -3.69 -44.77
N ILE A 1429 -39.70 -3.91 -43.56
CA ILE A 1429 -39.00 -4.76 -42.61
C ILE A 1429 -39.06 -6.23 -43.02
N ARG A 1430 -40.21 -6.66 -43.56
CA ARG A 1430 -40.33 -8.03 -44.03
C ARG A 1430 -39.36 -8.29 -45.17
N THR A 1431 -39.14 -7.29 -46.03
CA THR A 1431 -38.06 -7.39 -47.01
C THR A 1431 -36.71 -7.51 -46.31
N GLY A 1432 -36.50 -6.69 -45.29
CA GLY A 1432 -35.23 -6.70 -44.58
C GLY A 1432 -34.92 -8.03 -43.94
N LEU A 1433 -35.95 -8.80 -43.59
CA LEU A 1433 -35.77 -10.17 -43.08
C LEU A 1433 -35.72 -11.19 -44.21
N ASP A 1434 -36.51 -11.00 -45.26
CA ASP A 1434 -36.56 -11.96 -46.35
C ASP A 1434 -35.22 -12.05 -47.05
N GLU A 1435 -34.70 -10.92 -47.52
CA GLU A 1435 -33.49 -10.97 -48.33
C GLU A 1435 -32.29 -11.41 -47.49
N ILE A 1436 -32.23 -10.99 -46.23
CA ILE A 1436 -31.13 -11.46 -45.38
C ILE A 1436 -31.26 -12.96 -45.15
N ASN A 1437 -32.48 -13.48 -45.01
CA ASN A 1437 -32.63 -14.93 -44.89
C ASN A 1437 -32.21 -15.63 -46.18
N LEU A 1438 -32.57 -15.05 -47.34
CA LEU A 1438 -32.22 -15.65 -48.61
C LEU A 1438 -30.70 -15.71 -48.77
N TYR A 1439 -30.01 -14.66 -48.34
CA TYR A 1439 -28.55 -14.67 -48.41
C TYR A 1439 -27.97 -15.60 -47.35
N TRP A 1440 -28.45 -15.53 -46.12
CA TRP A 1440 -27.82 -16.26 -45.02
C TRP A 1440 -28.08 -17.76 -45.11
N ASN A 1441 -29.14 -18.20 -45.74
CA ASN A 1441 -29.28 -19.63 -45.97
C ASN A 1441 -28.38 -20.11 -47.10
N ASP A 1442 -27.99 -19.21 -48.00
CA ASP A 1442 -27.22 -19.54 -49.22
C ASP A 1442 -25.77 -19.09 -49.13
N MET A 1443 -25.14 -19.17 -47.96
CA MET A 1443 -23.85 -18.53 -47.79
C MET A 1443 -22.74 -19.19 -48.55
N GLN A 1444 -21.63 -18.46 -48.61
CA GLN A 1444 -20.40 -18.98 -49.16
C GLN A 1444 -19.93 -20.13 -48.27
N PHE A 1445 -19.48 -21.20 -48.91
CA PHE A 1445 -18.78 -22.27 -48.22
C PHE A 1445 -17.54 -22.56 -49.07
N GLN A 1446 -16.50 -21.75 -48.86
CA GLN A 1446 -15.17 -21.97 -49.41
C GLN A 1446 -14.22 -22.09 -48.23
N PHE A 1447 -13.43 -23.16 -48.20
CA PHE A 1447 -12.54 -23.43 -47.09
C PHE A 1447 -11.15 -23.77 -47.61
N GLY A 1448 -10.14 -23.44 -46.79
CA GLY A 1448 -8.76 -23.71 -47.11
C GLY A 1448 -8.26 -24.93 -46.36
N ILE A 1449 -7.83 -25.95 -47.12
CA ILE A 1449 -7.39 -27.23 -46.59
C ILE A 1449 -5.89 -27.17 -46.33
N TRP A 1450 -5.44 -27.72 -45.20
CA TRP A 1450 -4.00 -27.83 -44.97
C TRP A 1450 -3.34 -28.70 -46.03
N GLY A 1451 -3.87 -29.90 -46.23
CA GLY A 1451 -3.32 -30.80 -47.21
C GLY A 1451 -4.07 -32.12 -47.18
N LYS A 1452 -3.89 -32.88 -48.24
CA LYS A 1452 -4.46 -34.22 -48.35
C LYS A 1452 -3.45 -35.31 -47.97
N ARG A 1453 -2.36 -34.96 -47.27
CA ARG A 1453 -1.34 -35.95 -46.96
C ARG A 1453 -1.78 -36.88 -45.84
N ASP A 1454 -2.87 -37.61 -46.08
CA ASP A 1454 -3.24 -38.85 -45.43
C ASP A 1454 -4.63 -39.11 -46.01
N VAL A 1455 -5.33 -40.14 -45.54
CA VAL A 1455 -6.74 -40.30 -45.91
C VAL A 1455 -7.53 -39.00 -45.75
N PRO A 1456 -7.50 -38.30 -44.61
CA PRO A 1456 -8.41 -37.20 -44.38
C PRO A 1456 -7.83 -35.84 -44.80
N CYS A 1457 -8.70 -34.84 -44.80
CA CYS A 1457 -8.36 -33.47 -45.14
C CYS A 1457 -8.84 -32.54 -44.02
N MET A 1458 -7.97 -31.63 -43.60
CA MET A 1458 -8.26 -30.69 -42.51
C MET A 1458 -8.23 -29.28 -43.05
N LEU A 1459 -9.24 -28.49 -42.68
CA LEU A 1459 -9.53 -27.25 -43.36
C LEU A 1459 -9.88 -26.14 -42.39
N ASN A 1460 -9.74 -24.91 -42.89
CA ASN A 1460 -10.05 -23.71 -42.15
C ASN A 1460 -10.69 -22.71 -43.11
N GLY A 1461 -11.47 -21.81 -42.53
CA GLY A 1461 -12.09 -20.74 -43.29
C GLY A 1461 -11.25 -19.49 -43.28
N LEU A 1462 -10.68 -19.12 -44.42
CA LEU A 1462 -9.93 -17.89 -44.57
C LEU A 1462 -10.81 -16.70 -44.94
N ILE A 1463 -12.13 -16.90 -45.04
CA ILE A 1463 -13.07 -15.82 -45.23
C ILE A 1463 -13.80 -15.45 -43.94
N VAL A 1464 -13.44 -16.07 -42.82
CA VAL A 1464 -14.29 -16.02 -41.63
C VAL A 1464 -14.36 -14.60 -41.06
N GLY A 1465 -13.45 -13.71 -41.44
CA GLY A 1465 -13.62 -12.32 -41.07
C GLY A 1465 -14.92 -11.74 -41.61
N THR A 1466 -15.23 -12.04 -42.88
CA THR A 1466 -16.50 -11.61 -43.45
C THR A 1466 -17.66 -12.22 -42.69
N ILE A 1467 -17.54 -13.50 -42.34
CA ILE A 1467 -18.60 -14.18 -41.58
C ILE A 1467 -18.86 -13.44 -40.28
N LEU A 1468 -17.81 -13.25 -39.49
CA LEU A 1468 -17.94 -12.62 -38.18
C LEU A 1468 -18.53 -11.22 -38.30
N GLU A 1469 -17.97 -10.41 -39.19
CA GLU A 1469 -18.39 -9.02 -39.25
C GLU A 1469 -19.84 -8.90 -39.75
N ARG A 1470 -20.16 -9.57 -40.86
CA ARG A 1470 -21.52 -9.47 -41.36
C ARG A 1470 -22.51 -10.07 -40.37
N LEU A 1471 -22.11 -11.08 -39.60
CA LEU A 1471 -22.93 -11.56 -38.49
C LEU A 1471 -23.20 -10.46 -37.48
N GLU A 1472 -22.16 -9.70 -37.13
CA GLU A 1472 -22.32 -8.68 -36.11
C GLU A 1472 -23.39 -7.67 -36.52
N GLU A 1473 -23.27 -7.13 -37.74
CA GLU A 1473 -24.32 -6.17 -38.10
C GLU A 1473 -25.64 -6.85 -38.47
N ASP A 1474 -25.64 -8.15 -38.77
CA ASP A 1474 -26.92 -8.88 -38.87
C ASP A 1474 -27.70 -8.76 -37.58
N GLN A 1475 -27.09 -9.23 -36.48
CA GLN A 1475 -27.78 -9.18 -35.20
C GLN A 1475 -28.09 -7.75 -34.79
N LEU A 1476 -27.24 -6.79 -35.17
CA LEU A 1476 -27.59 -5.40 -34.98
C LEU A 1476 -28.91 -5.06 -35.67
N GLN A 1477 -29.03 -5.45 -36.95
CA GLN A 1477 -30.25 -5.15 -37.70
C GLN A 1477 -31.46 -5.80 -37.05
N LEU A 1478 -31.29 -7.05 -36.60
CA LEU A 1478 -32.42 -7.79 -36.05
C LEU A 1478 -32.88 -7.19 -34.73
N SER A 1479 -31.94 -6.82 -33.85
CA SER A 1479 -32.32 -6.12 -32.62
C SER A 1479 -32.92 -4.75 -32.93
N THR A 1480 -32.36 -4.06 -33.93
CA THR A 1480 -32.88 -2.75 -34.33
C THR A 1480 -34.34 -2.86 -34.72
N PHE A 1481 -34.67 -3.86 -35.52
CA PHE A 1481 -36.05 -4.10 -35.88
C PHE A 1481 -36.87 -4.41 -34.64
N ASN A 1482 -36.43 -5.38 -33.84
CA ASN A 1482 -37.26 -5.88 -32.74
C ASN A 1482 -37.57 -4.77 -31.72
N SER A 1483 -36.59 -3.91 -31.45
CA SER A 1483 -36.81 -2.82 -30.50
C SER A 1483 -37.89 -1.87 -30.96
N GLN A 1484 -38.05 -1.68 -32.27
CA GLN A 1484 -39.05 -0.75 -32.77
C GLN A 1484 -40.45 -1.31 -32.53
N ARG A 1485 -41.42 -0.40 -32.53
CA ARG A 1485 -42.76 -0.75 -32.07
C ARG A 1485 -43.51 -1.63 -33.06
N HIS A 1486 -43.24 -1.46 -34.34
CA HIS A 1486 -44.08 -2.02 -35.40
C HIS A 1486 -43.54 -3.35 -35.88
N VAL A 1487 -43.13 -4.24 -34.99
CA VAL A 1487 -42.45 -5.48 -35.38
C VAL A 1487 -43.14 -6.69 -34.79
N THR A 1488 -44.47 -6.65 -34.75
CA THR A 1488 -45.29 -7.73 -34.20
C THR A 1488 -44.94 -9.12 -34.69
N PRO A 1489 -44.84 -9.40 -36.01
CA PRO A 1489 -44.83 -10.81 -36.44
C PRO A 1489 -43.52 -11.53 -36.21
N PHE A 1490 -42.41 -10.79 -36.32
CA PHE A 1490 -41.11 -11.43 -36.54
C PHE A 1490 -40.64 -12.23 -35.34
N LYS A 1491 -41.23 -12.03 -34.16
CA LYS A 1491 -40.71 -12.60 -32.92
C LYS A 1491 -40.60 -14.11 -33.00
N ALA A 1492 -41.59 -14.76 -33.60
CA ALA A 1492 -41.53 -16.22 -33.75
C ALA A 1492 -40.33 -16.62 -34.61
N GLU A 1493 -40.17 -15.96 -35.76
CA GLU A 1493 -39.07 -16.31 -36.66
C GLU A 1493 -37.75 -15.81 -36.10
N VAL A 1494 -37.65 -14.50 -35.89
CA VAL A 1494 -36.35 -13.82 -35.77
C VAL A 1494 -35.53 -14.40 -34.63
N GLU A 1495 -36.17 -14.64 -33.47
CA GLU A 1495 -35.45 -15.14 -32.32
C GLU A 1495 -34.74 -16.45 -32.65
N ASN A 1496 -35.48 -17.38 -33.26
CA ASN A 1496 -34.89 -18.65 -33.68
C ASN A 1496 -33.68 -18.39 -34.56
N LEU A 1497 -33.85 -17.51 -35.56
CA LEU A 1497 -32.74 -17.15 -36.44
C LEU A 1497 -31.56 -16.64 -35.63
N ILE A 1498 -31.80 -15.64 -34.76
CA ILE A 1498 -30.69 -15.05 -34.01
C ILE A 1498 -30.05 -16.14 -33.17
N ARG A 1499 -30.88 -17.00 -32.56
CA ARG A 1499 -30.36 -18.02 -31.67
C ARG A 1499 -29.35 -18.87 -32.40
N THR A 1500 -29.73 -19.35 -33.58
CA THR A 1500 -28.82 -20.20 -34.35
C THR A 1500 -27.53 -19.46 -34.64
N PHE A 1501 -27.66 -18.21 -35.10
CA PHE A 1501 -26.49 -17.42 -35.42
C PHE A 1501 -25.60 -17.30 -34.20
N SER A 1502 -26.20 -16.88 -33.08
CA SER A 1502 -25.43 -16.70 -31.86
C SER A 1502 -24.72 -18.00 -31.49
N ASP A 1503 -25.49 -19.10 -31.50
CA ASP A 1503 -24.94 -20.35 -31.04
C ASP A 1503 -23.81 -20.78 -31.95
N VAL A 1504 -23.99 -20.65 -33.27
CA VAL A 1504 -23.01 -21.23 -34.18
C VAL A 1504 -21.66 -20.58 -33.93
N ASN A 1505 -21.68 -19.29 -33.58
CA ASN A 1505 -20.45 -18.54 -33.39
C ASN A 1505 -19.55 -19.22 -32.38
N ASP A 1506 -20.07 -19.46 -31.16
CA ASP A 1506 -19.12 -19.88 -30.14
C ASP A 1506 -18.64 -21.28 -30.44
N THR A 1507 -19.50 -22.12 -31.03
CA THR A 1507 -19.08 -23.47 -31.38
C THR A 1507 -17.91 -23.38 -32.35
N LEU A 1508 -18.09 -22.58 -33.41
CA LEU A 1508 -17.04 -22.39 -34.41
C LEU A 1508 -15.76 -21.95 -33.73
N ASP A 1509 -15.88 -20.96 -32.83
CA ASP A 1509 -14.69 -20.42 -32.20
C ASP A 1509 -13.93 -21.51 -31.47
N MET A 1510 -14.65 -22.28 -30.64
CA MET A 1510 -14.00 -23.34 -29.87
C MET A 1510 -13.30 -24.29 -30.82
N TRP A 1511 -14.01 -24.68 -31.88
CA TRP A 1511 -13.47 -25.63 -32.84
C TRP A 1511 -12.18 -25.07 -33.42
N VAL A 1512 -12.20 -23.84 -33.91
CA VAL A 1512 -11.02 -23.40 -34.64
C VAL A 1512 -9.86 -23.28 -33.69
N LYS A 1513 -10.11 -22.93 -32.42
CA LYS A 1513 -9.02 -22.84 -31.46
C LYS A 1513 -8.37 -24.20 -31.28
N VAL A 1514 -9.19 -25.25 -31.14
CA VAL A 1514 -8.64 -26.59 -31.00
C VAL A 1514 -7.83 -26.95 -32.23
N GLN A 1515 -8.30 -26.54 -33.40
CA GLN A 1515 -7.57 -26.84 -34.62
C GLN A 1515 -6.16 -26.27 -34.55
N LYS A 1516 -6.04 -25.03 -34.08
CA LYS A 1516 -4.72 -24.41 -33.97
C LYS A 1516 -3.82 -25.24 -33.07
N LEU A 1517 -4.36 -25.71 -31.94
CA LEU A 1517 -3.57 -26.56 -31.06
C LEU A 1517 -3.07 -27.79 -31.80
N TRP A 1518 -3.98 -28.47 -32.49
CA TRP A 1518 -3.58 -29.63 -33.27
C TRP A 1518 -2.62 -29.23 -34.36
N THR A 1519 -2.87 -28.08 -34.99
CA THR A 1519 -2.01 -27.63 -36.07
C THR A 1519 -0.63 -27.24 -35.59
N SER A 1520 -0.42 -27.11 -34.28
CA SER A 1520 0.92 -26.96 -33.76
C SER A 1520 1.59 -28.31 -33.48
N LEU A 1521 0.82 -29.31 -33.08
CA LEU A 1521 1.40 -30.53 -32.53
C LEU A 1521 1.66 -31.62 -33.56
N GLU A 1522 1.19 -31.47 -34.80
CA GLU A 1522 1.38 -32.53 -35.78
C GLU A 1522 2.85 -32.78 -36.12
N PRO A 1523 3.66 -31.79 -36.48
CA PRO A 1523 5.06 -32.09 -36.83
C PRO A 1523 5.87 -32.59 -35.67
N VAL A 1524 5.41 -32.38 -34.44
CA VAL A 1524 6.16 -32.83 -33.28
C VAL A 1524 6.25 -34.35 -33.28
N PHE A 1525 5.14 -35.02 -33.53
CA PHE A 1525 5.06 -36.47 -33.43
C PHE A 1525 5.19 -37.17 -34.77
N THR A 1526 5.56 -36.44 -35.83
CA THR A 1526 6.00 -37.10 -37.05
C THR A 1526 7.41 -37.67 -36.89
N GLY A 1527 8.28 -36.95 -36.21
CA GLY A 1527 9.63 -37.44 -36.00
C GLY A 1527 9.64 -38.71 -35.17
N GLY A 1528 10.55 -39.62 -35.51
CA GLY A 1528 10.55 -40.93 -34.88
C GLY A 1528 11.02 -40.90 -33.44
N ASP A 1529 12.12 -40.20 -33.16
CA ASP A 1529 12.78 -40.33 -31.86
C ASP A 1529 11.90 -39.78 -30.75
N ILE A 1530 11.34 -38.59 -30.94
CA ILE A 1530 10.55 -37.98 -29.88
C ILE A 1530 9.29 -38.79 -29.61
N ALA A 1531 8.70 -39.35 -30.68
CA ALA A 1531 7.53 -40.21 -30.51
C ALA A 1531 7.90 -41.48 -29.73
N ARG A 1532 9.07 -42.06 -30.02
CA ARG A 1532 9.52 -43.21 -29.24
C ARG A 1532 9.78 -42.83 -27.79
N GLN A 1533 10.45 -41.70 -27.58
CA GLN A 1533 10.99 -41.37 -26.27
C GLN A 1533 9.91 -41.10 -25.24
N MET A 1534 8.71 -40.76 -25.68
CA MET A 1534 7.58 -40.54 -24.78
C MET A 1534 6.36 -41.21 -25.39
N PRO A 1535 6.28 -42.54 -25.32
CA PRO A 1535 5.19 -43.25 -26.00
C PRO A 1535 3.80 -42.87 -25.52
N LEU A 1536 3.66 -42.54 -24.24
CA LEU A 1536 2.33 -42.47 -23.62
C LEU A 1536 1.46 -41.39 -24.27
N GLN A 1537 1.94 -40.15 -24.28
CA GLN A 1537 1.17 -39.08 -24.89
C GLN A 1537 1.22 -39.14 -26.41
N ALA A 1538 2.21 -39.82 -26.99
CA ALA A 1538 2.16 -40.07 -28.43
C ALA A 1538 0.96 -40.94 -28.80
N LYS A 1539 0.67 -41.96 -27.99
CA LYS A 1539 -0.51 -42.77 -28.26
C LYS A 1539 -1.78 -42.03 -27.87
N GLN A 1540 -1.72 -41.19 -26.83
CA GLN A 1540 -2.84 -40.30 -26.54
C GLN A 1540 -3.14 -39.41 -27.74
N PHE A 1541 -2.10 -38.96 -28.43
CA PHE A 1541 -2.30 -38.18 -29.64
C PHE A 1541 -2.77 -39.05 -30.80
N GLN A 1542 -2.42 -40.34 -30.81
CA GLN A 1542 -3.05 -41.22 -31.78
C GLN A 1542 -4.56 -41.27 -31.55
N GLY A 1543 -4.96 -41.34 -30.27
CA GLY A 1543 -6.38 -41.35 -29.95
C GLY A 1543 -7.07 -40.06 -30.37
N ILE A 1544 -6.46 -38.92 -30.08
CA ILE A 1544 -7.08 -37.66 -30.50
C ILE A 1544 -7.08 -37.56 -32.00
N ASP A 1545 -6.08 -38.13 -32.68
CA ASP A 1545 -6.09 -38.12 -34.14
C ASP A 1545 -7.28 -38.91 -34.66
N LYS A 1546 -7.57 -40.06 -34.05
CA LYS A 1546 -8.76 -40.83 -34.42
C LYS A 1546 -10.03 -40.00 -34.23
N ASN A 1547 -10.20 -39.44 -33.03
CA ASN A 1547 -11.43 -38.68 -32.75
C ASN A 1547 -11.55 -37.47 -33.67
N TRP A 1548 -10.44 -36.77 -33.88
CA TRP A 1548 -10.43 -35.59 -34.74
C TRP A 1548 -10.80 -35.95 -36.17
N MET A 1549 -10.23 -37.05 -36.69
CA MET A 1549 -10.60 -37.48 -38.03
C MET A 1549 -12.07 -37.81 -38.11
N LYS A 1550 -12.62 -38.43 -37.06
CA LYS A 1550 -14.06 -38.72 -37.08
C LYS A 1550 -14.88 -37.44 -37.16
N ILE A 1551 -14.49 -36.42 -36.40
CA ILE A 1551 -15.19 -35.13 -36.46
C ILE A 1551 -15.10 -34.55 -37.87
N MET A 1552 -13.90 -34.59 -38.46
CA MET A 1552 -13.72 -34.03 -39.79
C MET A 1552 -14.56 -34.75 -40.82
N GLU A 1553 -14.64 -36.09 -40.73
CA GLU A 1553 -15.43 -36.84 -41.70
C GLU A 1553 -16.92 -36.60 -41.52
N LYS A 1554 -17.37 -36.41 -40.27
CA LYS A 1554 -18.77 -36.01 -40.08
C LYS A 1554 -19.04 -34.67 -40.74
N ALA A 1555 -18.13 -33.71 -40.57
CA ALA A 1555 -18.29 -32.41 -41.21
C ALA A 1555 -18.30 -32.54 -42.74
N VAL A 1556 -17.43 -33.40 -43.27
CA VAL A 1556 -17.40 -33.63 -44.71
C VAL A 1556 -18.74 -34.21 -45.18
N GLU A 1557 -19.29 -35.13 -44.40
CA GLU A 1557 -20.58 -35.72 -44.75
C GLU A 1557 -21.66 -34.65 -44.79
N THR A 1558 -21.65 -33.72 -43.83
CA THR A 1558 -22.70 -32.71 -43.76
C THR A 1558 -22.69 -31.79 -44.97
N LYS A 1559 -21.51 -31.37 -45.42
CA LYS A 1559 -21.29 -30.42 -46.51
C LYS A 1559 -21.64 -28.97 -46.17
N LYS A 1560 -22.25 -28.74 -45.01
CA LYS A 1560 -22.70 -27.41 -44.63
C LYS A 1560 -22.37 -27.20 -43.17
N VAL A 1561 -21.72 -26.07 -42.86
CA VAL A 1561 -21.15 -25.88 -41.54
C VAL A 1561 -22.22 -25.67 -40.47
N ILE A 1562 -23.44 -25.31 -40.84
CA ILE A 1562 -24.46 -24.97 -39.85
C ILE A 1562 -25.04 -26.25 -39.25
N PRO A 1563 -25.52 -27.22 -40.03
CA PRO A 1563 -25.81 -28.54 -39.44
C PRO A 1563 -24.60 -29.16 -38.77
N CYS A 1564 -23.40 -28.90 -39.28
CA CYS A 1564 -22.20 -29.44 -38.65
C CYS A 1564 -22.05 -28.91 -37.23
N CYS A 1565 -22.31 -27.63 -37.02
CA CYS A 1565 -22.26 -27.08 -35.68
C CYS A 1565 -23.45 -27.55 -34.85
N GLN A 1566 -24.60 -27.79 -35.47
CA GLN A 1566 -25.79 -28.16 -34.72
C GLN A 1566 -25.63 -29.49 -33.98
N ASN A 1567 -24.64 -30.30 -34.35
CA ASN A 1567 -24.42 -31.56 -33.66
C ASN A 1567 -24.08 -31.30 -32.20
N ASP A 1568 -24.69 -32.09 -31.31
CA ASP A 1568 -24.54 -31.90 -29.87
C ASP A 1568 -23.37 -32.67 -29.28
N MET A 1569 -23.08 -33.85 -29.84
CA MET A 1569 -21.97 -34.67 -29.35
C MET A 1569 -20.65 -33.89 -29.37
N LEU A 1570 -20.45 -33.08 -30.41
CA LEU A 1570 -19.20 -32.34 -30.62
C LEU A 1570 -18.78 -31.54 -29.38
N LYS A 1571 -19.77 -30.85 -28.78
CA LYS A 1571 -19.49 -29.81 -27.79
C LYS A 1571 -18.83 -30.40 -26.55
N ASP A 1572 -19.23 -31.60 -26.17
CA ASP A 1572 -18.60 -32.26 -25.02
C ASP A 1572 -17.12 -32.51 -25.29
N PHE A 1573 -16.81 -33.01 -26.49
CA PHE A 1573 -15.44 -33.41 -26.79
C PHE A 1573 -14.50 -32.21 -26.77
N LEU A 1574 -14.90 -31.12 -27.44
CA LEU A 1574 -13.95 -30.05 -27.77
C LEU A 1574 -13.12 -29.51 -26.60
N PRO A 1575 -13.72 -29.10 -25.47
CA PRO A 1575 -12.88 -28.55 -24.38
C PRO A 1575 -12.03 -29.59 -23.66
N ASP A 1576 -12.49 -30.84 -23.55
CA ASP A 1576 -11.65 -31.89 -22.97
C ASP A 1576 -10.44 -32.15 -23.85
N LEU A 1577 -10.63 -32.15 -25.17
CA LEU A 1577 -9.51 -32.21 -26.09
C LEU A 1577 -8.59 -31.01 -25.87
N ASN A 1578 -9.15 -29.83 -25.67
CA ASN A 1578 -8.32 -28.65 -25.42
C ASN A 1578 -7.43 -28.85 -24.20
N ARG A 1579 -8.03 -29.31 -23.10
CA ARG A 1579 -7.26 -29.51 -21.86
C ARG A 1579 -6.17 -30.55 -22.05
N LYS A 1580 -6.50 -31.65 -22.73
CA LYS A 1580 -5.49 -32.69 -22.97
C LYS A 1580 -4.34 -32.14 -23.82
N LEU A 1581 -4.64 -31.28 -24.78
CA LEU A 1581 -3.57 -30.73 -25.61
C LEU A 1581 -2.70 -29.77 -24.82
N GLU A 1582 -3.28 -29.07 -23.85
CA GLU A 1582 -2.47 -28.31 -22.91
C GLU A 1582 -1.53 -29.24 -22.15
N ASP A 1583 -2.03 -30.40 -21.72
CA ASP A 1583 -1.18 -31.39 -21.06
C ASP A 1583 -0.04 -31.84 -21.97
N CYS A 1584 -0.34 -32.05 -23.24
CA CYS A 1584 0.69 -32.47 -24.20
C CYS A 1584 1.79 -31.42 -24.32
N GLN A 1585 1.41 -30.14 -24.38
CA GLN A 1585 2.43 -29.09 -24.40
C GLN A 1585 3.26 -29.11 -23.13
N LYS A 1586 2.60 -29.36 -21.99
CA LYS A 1586 3.31 -29.47 -20.72
C LYS A 1586 4.21 -30.70 -20.68
N MET A 1587 4.02 -31.65 -21.58
CA MET A 1587 5.03 -32.68 -21.81
C MET A 1587 6.18 -32.13 -22.67
N LEU A 1588 5.86 -31.31 -23.68
CA LEU A 1588 6.82 -30.98 -24.73
C LEU A 1588 7.81 -29.88 -24.37
N GLU A 1589 7.61 -29.17 -23.25
CA GLU A 1589 8.59 -28.16 -22.86
C GLU A 1589 10.02 -28.71 -22.78
N ALA A 1590 10.15 -29.99 -22.39
CA ALA A 1590 11.48 -30.58 -22.17
C ALA A 1590 12.28 -30.68 -23.45
N TYR A 1591 11.61 -30.76 -24.60
CA TYR A 1591 12.28 -30.69 -25.89
C TYR A 1591 12.40 -29.26 -26.39
N LEU A 1592 11.44 -28.41 -26.00
CA LEU A 1592 11.52 -27.01 -26.41
C LEU A 1592 12.79 -26.36 -25.92
N GLU A 1593 13.21 -26.68 -24.70
CA GLU A 1593 14.43 -26.07 -24.16
C GLU A 1593 15.64 -26.38 -25.04
N GLY A 1594 15.79 -27.63 -25.45
CA GLY A 1594 16.91 -27.99 -26.32
C GLY A 1594 16.83 -27.32 -27.68
N LYS A 1595 15.62 -27.31 -28.28
CA LYS A 1595 15.47 -26.67 -29.58
C LYS A 1595 15.81 -25.19 -29.50
N ARG A 1596 15.44 -24.54 -28.40
CA ARG A 1596 15.85 -23.16 -28.18
C ARG A 1596 17.36 -23.05 -28.09
N LYS A 1597 18.01 -24.02 -27.43
CA LYS A 1597 19.46 -23.98 -27.31
C LYS A 1597 20.14 -23.99 -28.68
N LYS A 1598 19.56 -24.71 -29.64
CA LYS A 1598 20.25 -24.88 -30.92
C LYS A 1598 20.34 -23.62 -31.76
N PHE A 1599 19.67 -22.53 -31.37
CA PHE A 1599 19.66 -21.28 -32.12
C PHE A 1599 19.33 -20.14 -31.16
N PRO A 1600 20.11 -19.04 -31.11
CA PRO A 1600 19.96 -18.11 -29.97
C PRO A 1600 18.62 -17.39 -29.91
N ARG A 1601 18.22 -16.76 -31.01
CA ARG A 1601 17.17 -15.74 -30.98
C ARG A 1601 15.85 -16.24 -30.43
N PHE A 1602 15.62 -17.56 -30.45
CA PHE A 1602 14.36 -18.09 -29.95
C PHE A 1602 14.17 -17.83 -28.47
N TYR A 1603 15.22 -17.47 -27.73
CA TYR A 1603 15.01 -17.09 -26.34
C TYR A 1603 14.11 -15.87 -26.22
N PHE A 1604 14.11 -14.99 -27.22
CA PHE A 1604 13.22 -13.83 -27.24
C PHE A 1604 11.92 -14.13 -27.98
N VAL A 1605 11.31 -15.28 -27.67
CA VAL A 1605 10.04 -15.71 -28.26
C VAL A 1605 9.36 -16.61 -27.24
N SER A 1606 8.04 -16.55 -27.17
CA SER A 1606 7.31 -17.32 -26.18
C SER A 1606 7.06 -18.74 -26.67
N ASN A 1607 6.42 -19.55 -25.83
CA ASN A 1607 6.27 -20.97 -26.14
C ASN A 1607 5.35 -21.19 -27.33
N PRO A 1608 4.05 -20.88 -27.26
CA PRO A 1608 3.15 -21.35 -28.32
C PRO A 1608 3.45 -20.72 -29.66
N THR A 1609 3.86 -19.45 -29.67
CA THR A 1609 4.31 -18.86 -30.92
C THR A 1609 5.57 -19.54 -31.43
N LEU A 1610 6.43 -20.03 -30.54
CA LEU A 1610 7.56 -20.82 -31.00
C LEU A 1610 7.10 -22.11 -31.64
N LEU A 1611 6.08 -22.76 -31.07
CA LEU A 1611 5.53 -23.95 -31.70
C LEU A 1611 5.02 -23.64 -33.10
N LYS A 1612 4.26 -22.55 -33.22
CA LYS A 1612 3.75 -22.16 -34.54
C LYS A 1612 4.89 -21.91 -35.51
N ILE A 1613 5.95 -21.26 -35.04
CA ILE A 1613 7.11 -21.01 -35.89
C ILE A 1613 7.72 -22.33 -36.35
N LEU A 1614 7.74 -23.33 -35.47
CA LEU A 1614 8.37 -24.60 -35.80
C LEU A 1614 7.48 -25.50 -36.65
N SER A 1615 6.17 -25.25 -36.70
CA SER A 1615 5.27 -26.03 -37.54
C SER A 1615 5.04 -25.29 -38.86
N GLN A 1616 6.12 -25.20 -39.64
CA GLN A 1616 6.06 -24.38 -40.86
C GLN A 1616 5.09 -24.97 -41.87
N GLY A 1617 5.23 -26.26 -42.20
CA GLY A 1617 4.38 -26.88 -43.20
C GLY A 1617 4.44 -26.26 -44.59
N SER A 1618 5.41 -25.39 -44.83
CA SER A 1618 5.52 -24.66 -46.08
C SER A 1618 6.81 -23.86 -46.07
N GLU A 1619 7.42 -23.63 -47.23
CA GLU A 1619 8.56 -22.75 -47.27
C GLU A 1619 8.13 -21.31 -47.05
N PRO A 1620 7.36 -20.69 -47.95
CA PRO A 1620 7.13 -19.26 -47.83
C PRO A 1620 6.11 -18.86 -46.77
N THR A 1621 4.96 -19.54 -46.74
CA THR A 1621 3.77 -18.95 -46.15
C THR A 1621 3.92 -18.76 -44.64
N SER A 1622 4.35 -19.81 -43.93
CA SER A 1622 4.22 -19.85 -42.48
C SER A 1622 5.08 -18.81 -41.77
N ILE A 1623 6.31 -18.61 -42.24
CA ILE A 1623 7.23 -17.69 -41.57
C ILE A 1623 7.14 -16.28 -42.14
N GLN A 1624 6.42 -16.06 -43.25
CA GLN A 1624 6.41 -14.73 -43.87
C GLN A 1624 5.78 -13.66 -43.01
N GLU A 1625 5.09 -14.02 -41.93
CA GLU A 1625 4.42 -13.09 -41.03
C GLU A 1625 5.14 -12.94 -39.70
N ASP A 1626 6.35 -13.49 -39.58
CA ASP A 1626 7.06 -13.56 -38.32
C ASP A 1626 8.50 -13.08 -38.40
N PHE A 1627 8.94 -12.57 -39.55
CA PHE A 1627 10.32 -12.10 -39.65
C PHE A 1627 10.58 -10.93 -38.71
N GLU A 1628 9.54 -10.16 -38.36
CA GLU A 1628 9.74 -8.96 -37.56
C GLU A 1628 10.27 -9.28 -36.18
N LYS A 1629 9.64 -10.24 -35.49
CA LYS A 1629 10.02 -10.59 -34.12
C LYS A 1629 11.04 -11.72 -34.07
N LEU A 1630 11.91 -11.80 -35.09
CA LEU A 1630 13.05 -12.70 -35.06
C LEU A 1630 14.33 -12.05 -35.57
N PHE A 1631 14.26 -10.91 -36.24
CA PHE A 1631 15.41 -10.12 -36.62
C PHE A 1631 15.13 -8.68 -36.20
N ASP A 1632 15.95 -7.72 -36.60
CA ASP A 1632 15.66 -6.34 -36.22
C ASP A 1632 14.65 -5.70 -37.16
N ALA A 1633 15.00 -5.57 -38.44
CA ALA A 1633 14.30 -4.68 -39.34
C ALA A 1633 13.76 -5.34 -40.60
N ILE A 1634 14.05 -6.60 -40.84
CA ILE A 1634 13.61 -7.23 -42.08
C ILE A 1634 12.14 -7.61 -41.95
N THR A 1635 11.39 -7.50 -43.05
CA THR A 1635 9.98 -7.87 -43.06
C THR A 1635 9.57 -8.73 -44.25
N LYS A 1636 10.26 -8.66 -45.39
CA LYS A 1636 9.90 -9.44 -46.56
C LYS A 1636 11.15 -9.96 -47.24
N VAL A 1637 11.03 -11.14 -47.84
CA VAL A 1637 12.12 -11.81 -48.53
C VAL A 1637 11.53 -12.54 -49.73
N THR A 1638 12.15 -12.38 -50.88
CA THR A 1638 11.68 -13.13 -52.04
C THR A 1638 12.05 -14.60 -51.91
N PHE A 1639 11.30 -15.44 -52.61
CA PHE A 1639 11.54 -16.88 -52.63
C PHE A 1639 11.53 -17.34 -54.07
N GLU A 1640 12.68 -17.82 -54.54
CA GLU A 1640 12.85 -18.28 -55.93
C GLU A 1640 13.01 -19.79 -55.93
N SER A 1641 12.17 -20.48 -56.68
CA SER A 1641 12.23 -21.94 -56.76
C SER A 1641 13.30 -22.35 -57.75
N ALA A 1642 14.31 -23.08 -57.27
CA ALA A 1642 15.29 -23.71 -58.12
C ALA A 1642 14.91 -25.19 -58.25
N LYS A 1643 14.65 -25.62 -59.48
CA LYS A 1643 14.14 -26.97 -59.72
C LYS A 1643 15.32 -27.93 -59.79
N ASP A 1644 15.61 -28.59 -58.66
CA ASP A 1644 16.60 -29.66 -58.66
C ASP A 1644 16.04 -30.88 -59.39
N LYS A 1645 16.94 -31.67 -59.97
CA LYS A 1645 16.51 -32.84 -60.74
C LYS A 1645 15.84 -33.84 -59.81
N LYS A 1646 14.57 -34.14 -60.11
CA LYS A 1646 13.72 -35.13 -59.46
C LYS A 1646 13.26 -34.74 -58.06
N ASN A 1647 13.86 -33.72 -57.45
CA ASN A 1647 13.38 -33.20 -56.19
C ASN A 1647 12.45 -32.02 -56.49
N PRO A 1648 11.39 -31.81 -55.71
CA PRO A 1648 10.58 -30.60 -55.93
C PRO A 1648 11.43 -29.36 -55.75
N ALA A 1649 11.11 -28.33 -56.53
CA ALA A 1649 11.93 -27.13 -56.58
C ALA A 1649 12.02 -26.49 -55.19
N LEU A 1650 13.24 -26.18 -54.79
CA LEU A 1650 13.50 -25.62 -53.47
C LEU A 1650 13.48 -24.10 -53.55
N LYS A 1651 12.71 -23.47 -52.67
CA LYS A 1651 12.68 -22.02 -52.61
C LYS A 1651 13.91 -21.51 -51.88
N GLN A 1652 14.56 -20.50 -52.47
CA GLN A 1652 15.77 -19.91 -51.91
C GLN A 1652 15.60 -18.40 -51.86
N ILE A 1653 16.17 -17.81 -50.82
CA ILE A 1653 16.11 -16.37 -50.63
C ILE A 1653 17.18 -15.74 -51.49
N THR A 1654 16.88 -14.57 -52.05
CA THR A 1654 17.80 -13.84 -52.91
C THR A 1654 17.91 -12.37 -52.59
N GLN A 1655 16.93 -11.77 -51.92
CA GLN A 1655 17.05 -10.38 -51.48
C GLN A 1655 16.13 -10.17 -50.29
N ILE A 1656 16.38 -9.08 -49.57
CA ILE A 1656 15.73 -8.79 -48.30
C ILE A 1656 15.14 -7.40 -48.40
N GLN A 1657 14.03 -7.17 -47.70
CA GLN A 1657 13.30 -5.90 -47.77
C GLN A 1657 12.86 -5.44 -46.40
N GLN A 1658 13.04 -4.15 -46.15
CA GLN A 1658 12.50 -3.44 -45.00
C GLN A 1658 11.38 -2.54 -45.46
N VAL A 1659 10.17 -2.83 -45.02
CA VAL A 1659 9.00 -2.05 -45.39
C VAL A 1659 8.63 -1.16 -44.22
N ILE A 1660 8.37 0.12 -44.51
CA ILE A 1660 7.82 1.07 -43.56
C ILE A 1660 6.67 1.77 -44.25
N GLY A 1661 5.58 1.98 -43.52
CA GLY A 1661 4.38 2.48 -44.17
C GLY A 1661 3.80 1.41 -45.07
N ARG A 1662 3.33 1.83 -46.25
CA ARG A 1662 2.62 0.94 -47.16
C ARG A 1662 3.47 0.54 -48.36
N ASN A 1663 4.00 1.51 -49.11
CA ASN A 1663 4.74 1.27 -50.34
C ASN A 1663 6.21 1.60 -50.21
N GLU A 1664 6.56 2.52 -49.32
CA GLU A 1664 7.93 2.90 -49.12
C GLU A 1664 8.69 1.75 -48.48
N GLU A 1665 9.86 1.42 -49.03
CA GLU A 1665 10.63 0.28 -48.56
C GLU A 1665 12.07 0.43 -49.02
N ASN A 1666 12.93 -0.44 -48.48
CA ASN A 1666 14.32 -0.53 -48.87
C ASN A 1666 14.64 -1.98 -49.21
N ILE A 1667 15.24 -2.18 -50.37
CA ILE A 1667 15.59 -3.52 -50.87
C ILE A 1667 17.10 -3.66 -50.81
N SER A 1668 17.55 -4.88 -50.54
CA SER A 1668 18.96 -5.21 -50.49
C SER A 1668 19.17 -6.53 -51.21
N LEU A 1669 19.95 -6.49 -52.28
CA LEU A 1669 20.27 -7.69 -53.04
C LEU A 1669 21.18 -8.60 -52.23
N THR A 1670 21.45 -9.78 -52.78
CA THR A 1670 22.44 -10.69 -52.23
C THR A 1670 23.11 -11.42 -53.38
N GLY A 1671 24.43 -11.51 -53.35
CA GLY A 1671 25.16 -12.35 -54.27
C GLY A 1671 25.20 -13.76 -53.74
N TYR A 1672 25.66 -13.90 -52.49
CA TYR A 1672 25.55 -15.15 -51.77
C TYR A 1672 24.10 -15.42 -51.45
N TYR A 1673 23.63 -16.62 -51.77
CA TYR A 1673 22.23 -16.97 -51.63
C TYR A 1673 22.01 -17.83 -50.39
N VAL A 1674 20.74 -18.02 -50.07
CA VAL A 1674 20.33 -18.83 -48.92
C VAL A 1674 19.20 -19.73 -49.37
N LYS A 1675 19.32 -21.02 -49.09
CA LYS A 1675 18.43 -22.05 -49.61
C LYS A 1675 17.69 -22.71 -48.47
N CYS A 1676 16.39 -22.87 -48.62
CA CYS A 1676 15.65 -23.65 -47.64
C CYS A 1676 16.06 -25.12 -47.74
N GLU A 1677 15.74 -25.87 -46.70
CA GLU A 1677 16.30 -27.20 -46.44
C GLU A 1677 15.23 -28.00 -45.70
N GLY A 1678 15.64 -29.05 -44.99
CA GLY A 1678 14.75 -29.79 -44.12
C GLY A 1678 14.71 -29.37 -42.66
N ASN A 1679 15.75 -28.68 -42.17
CA ASN A 1679 15.87 -28.30 -40.76
C ASN A 1679 15.82 -26.78 -40.63
N ILE A 1680 14.86 -26.28 -39.86
CA ILE A 1680 14.56 -24.84 -39.85
C ILE A 1680 15.75 -24.05 -39.32
N GLU A 1681 16.43 -24.60 -38.31
CA GLU A 1681 17.59 -23.92 -37.75
C GLU A 1681 18.65 -23.69 -38.81
N ASP A 1682 18.78 -24.60 -39.77
CA ASP A 1682 19.83 -24.47 -40.77
C ASP A 1682 19.61 -23.24 -41.66
N TRP A 1683 18.42 -23.11 -42.26
CA TRP A 1683 18.26 -21.99 -43.18
C TRP A 1683 18.14 -20.68 -42.43
N LEU A 1684 17.68 -20.69 -41.17
CA LEU A 1684 17.76 -19.46 -40.40
C LEU A 1684 19.21 -19.04 -40.14
N LYS A 1685 20.05 -19.99 -39.74
CA LYS A 1685 21.45 -19.68 -39.50
C LYS A 1685 22.13 -19.18 -40.77
N LYS A 1686 21.85 -19.83 -41.89
CA LYS A 1686 22.44 -19.39 -43.15
C LYS A 1686 21.97 -17.99 -43.51
N LEU A 1687 20.69 -17.67 -43.24
CA LEU A 1687 20.21 -16.32 -43.49
C LEU A 1687 21.04 -15.31 -42.73
N GLU A 1688 21.25 -15.56 -41.43
CA GLU A 1688 22.04 -14.65 -40.62
C GLU A 1688 23.45 -14.50 -41.17
N GLN A 1689 24.14 -15.63 -41.38
CA GLN A 1689 25.54 -15.59 -41.83
C GLN A 1689 25.66 -14.85 -43.14
N ASN A 1690 24.89 -15.28 -44.14
CA ASN A 1690 25.06 -14.72 -45.48
C ASN A 1690 24.70 -13.25 -45.50
N MET A 1691 23.74 -12.83 -44.67
CA MET A 1691 23.51 -11.40 -44.47
C MET A 1691 24.79 -10.71 -43.98
N GLN A 1692 25.41 -11.25 -42.93
CA GLN A 1692 26.61 -10.61 -42.39
C GLN A 1692 27.69 -10.50 -43.46
N GLN A 1693 27.89 -11.57 -44.21
CA GLN A 1693 28.97 -11.62 -45.19
C GLN A 1693 28.75 -10.61 -46.31
N THR A 1694 27.54 -10.57 -46.87
CA THR A 1694 27.30 -9.64 -47.97
C THR A 1694 27.35 -8.20 -47.49
N LEU A 1695 26.87 -7.93 -46.26
CA LEU A 1695 27.01 -6.58 -45.71
C LEU A 1695 28.48 -6.19 -45.62
N LYS A 1696 29.32 -7.11 -45.16
CA LYS A 1696 30.74 -6.82 -45.06
C LYS A 1696 31.33 -6.50 -46.43
N ASP A 1697 31.01 -7.31 -47.44
CA ASP A 1697 31.65 -7.11 -48.73
C ASP A 1697 31.16 -5.84 -49.42
N ILE A 1698 29.86 -5.54 -49.33
CA ILE A 1698 29.36 -4.30 -49.91
C ILE A 1698 30.02 -3.11 -49.24
N ALA A 1699 30.24 -3.17 -47.92
CA ALA A 1699 30.93 -2.08 -47.26
C ALA A 1699 32.38 -1.98 -47.71
N SER A 1700 33.03 -3.13 -47.91
CA SER A 1700 34.43 -3.12 -48.31
C SER A 1700 34.60 -2.43 -49.65
N ALA A 1701 33.70 -2.70 -50.58
CA ALA A 1701 33.65 -1.91 -51.81
C ALA A 1701 33.38 -0.43 -51.50
N ALA A 1702 32.27 -0.17 -50.78
CA ALA A 1702 31.76 1.20 -50.66
C ALA A 1702 32.82 2.14 -50.11
N ALA A 1703 33.72 1.62 -49.27
CA ALA A 1703 34.80 2.44 -48.72
C ALA A 1703 35.79 2.93 -49.79
N GLN A 1704 35.95 2.21 -50.90
CA GLN A 1704 36.73 2.75 -52.01
C GLN A 1704 35.88 3.73 -52.82
N GLN A 1705 34.63 3.35 -53.07
CA GLN A 1705 33.79 4.22 -53.89
C GLN A 1705 33.59 5.59 -53.28
N VAL A 1706 33.61 5.70 -51.95
CA VAL A 1706 33.33 6.98 -51.29
C VAL A 1706 34.28 8.07 -51.79
N PHE A 1707 35.58 7.80 -51.80
CA PHE A 1707 36.51 8.82 -52.24
C PHE A 1707 36.67 8.82 -53.76
N GLN A 1708 36.38 7.72 -54.44
CA GLN A 1708 36.52 7.75 -55.89
C GLN A 1708 35.45 8.61 -56.54
N VAL A 1709 34.18 8.24 -56.36
CA VAL A 1709 33.12 8.81 -57.22
C VAL A 1709 32.85 10.27 -56.87
N GLY A 1710 32.80 10.61 -55.59
CA GLY A 1710 32.40 11.92 -55.12
C GLY A 1710 31.06 11.87 -54.41
N LEU A 1711 30.83 12.90 -53.58
CA LEU A 1711 29.77 12.94 -52.56
C LEU A 1711 28.42 12.40 -53.05
N LYS A 1712 27.86 13.10 -54.05
CA LYS A 1712 26.47 12.88 -54.42
C LYS A 1712 26.25 11.48 -54.96
N GLU A 1713 27.21 10.95 -55.71
CA GLU A 1713 26.99 9.67 -56.39
C GLU A 1713 26.85 8.54 -55.39
N PHE A 1714 27.78 8.41 -54.45
CA PHE A 1714 27.67 7.28 -53.53
C PHE A 1714 26.59 7.52 -52.47
N VAL A 1715 26.31 8.77 -52.07
CA VAL A 1715 25.19 8.93 -51.14
C VAL A 1715 23.89 8.52 -51.82
N SER A 1716 23.73 8.84 -53.10
CA SER A 1716 22.52 8.41 -53.80
C SER A 1716 22.52 6.91 -54.09
N SER A 1717 23.70 6.32 -54.30
CA SER A 1717 23.76 4.93 -54.73
C SER A 1717 23.58 3.97 -53.56
N GLN A 1718 24.29 4.21 -52.46
CA GLN A 1718 24.34 3.25 -51.36
C GLN A 1718 23.08 3.34 -50.49
N ALA A 1719 22.99 2.41 -49.54
CA ALA A 1719 21.95 2.45 -48.54
C ALA A 1719 22.37 3.35 -47.37
N SER A 1720 21.44 3.57 -46.45
CA SER A 1720 21.62 4.61 -45.43
C SER A 1720 22.77 4.28 -44.49
N GLN A 1721 22.82 3.04 -44.00
CA GLN A 1721 23.83 2.65 -43.03
C GLN A 1721 25.23 2.82 -43.61
N ILE A 1722 25.42 2.33 -44.83
CA ILE A 1722 26.71 2.38 -45.47
C ILE A 1722 27.08 3.83 -45.79
N ALA A 1723 26.07 4.64 -46.14
CA ALA A 1723 26.32 6.04 -46.44
C ALA A 1723 26.86 6.77 -45.21
N LEU A 1724 26.23 6.55 -44.06
CA LEU A 1724 26.70 7.23 -42.85
C LEU A 1724 28.10 6.78 -42.47
N LEU A 1725 28.37 5.47 -42.58
CA LEU A 1725 29.72 5.00 -42.36
C LEU A 1725 30.70 5.68 -43.28
N GLY A 1726 30.34 5.81 -44.56
CA GLY A 1726 31.23 6.43 -45.53
C GLY A 1726 31.54 7.88 -45.18
N LEU A 1727 30.53 8.63 -44.76
CA LEU A 1727 30.76 10.02 -44.38
C LEU A 1727 31.72 10.11 -43.20
N GLN A 1728 31.50 9.28 -42.17
CA GLN A 1728 32.38 9.32 -41.02
C GLN A 1728 33.82 8.96 -41.39
N ILE A 1729 34.00 7.93 -42.22
CA ILE A 1729 35.36 7.49 -42.52
C ILE A 1729 36.08 8.52 -43.38
N LEU A 1730 35.37 9.13 -44.35
CA LEU A 1730 35.96 10.20 -45.13
C LEU A 1730 36.46 11.30 -44.23
N TRP A 1731 35.61 11.76 -43.32
CA TRP A 1731 35.98 12.92 -42.51
C TRP A 1731 37.18 12.61 -41.64
N THR A 1732 37.19 11.46 -40.98
CA THR A 1732 38.33 11.15 -40.11
C THR A 1732 39.63 11.02 -40.92
N SER A 1733 39.58 10.37 -42.09
CA SER A 1733 40.82 10.22 -42.86
C SER A 1733 41.33 11.58 -43.31
N LYS A 1734 40.46 12.41 -43.89
CA LYS A 1734 40.92 13.70 -44.40
C LYS A 1734 41.40 14.61 -43.27
N VAL A 1735 40.69 14.61 -42.14
CA VAL A 1735 41.13 15.44 -41.03
C VAL A 1735 42.47 14.96 -40.53
N ASN A 1736 42.66 13.64 -40.43
CA ASN A 1736 43.96 13.12 -40.06
C ASN A 1736 45.03 13.69 -40.97
N GLU A 1737 44.84 13.52 -42.29
CA GLU A 1737 45.83 13.96 -43.27
C GLU A 1737 46.17 15.43 -43.10
N GLY A 1738 45.15 16.25 -42.83
CA GLY A 1738 45.41 17.65 -42.53
C GLY A 1738 46.26 17.83 -41.29
N LEU A 1739 45.99 17.05 -40.24
CA LEU A 1739 46.75 17.21 -39.00
C LEU A 1739 48.22 16.85 -39.18
N GLU A 1740 48.52 15.75 -39.87
CA GLU A 1740 49.94 15.48 -40.11
C GLU A 1740 50.55 16.57 -40.97
N ARG A 1741 49.84 17.04 -41.99
CA ARG A 1741 50.41 18.07 -42.84
C ARG A 1741 50.71 19.34 -42.04
N LEU A 1742 49.91 19.61 -41.01
CA LEU A 1742 50.29 20.66 -40.06
C LEU A 1742 51.56 20.28 -39.31
N SER A 1743 51.69 19.01 -38.92
CA SER A 1743 52.85 18.59 -38.13
C SER A 1743 54.15 18.78 -38.91
N ARG A 1744 54.11 18.57 -40.24
CA ARG A 1744 55.32 18.74 -41.03
C ARG A 1744 55.77 20.19 -41.02
N ASN A 1745 54.85 21.11 -41.29
CA ASN A 1745 55.15 22.54 -41.25
C ASN A 1745 53.83 23.29 -41.18
N GLU A 1746 53.93 24.61 -41.02
CA GLU A 1746 52.73 25.44 -41.05
C GLU A 1746 52.09 25.36 -42.44
N ARG A 1747 50.86 24.85 -42.49
CA ARG A 1747 50.21 24.52 -43.74
C ARG A 1747 48.76 24.98 -43.70
N ASN A 1748 48.23 25.28 -44.89
CA ASN A 1748 46.81 25.55 -45.08
C ASN A 1748 46.00 24.29 -45.38
N ALA A 1749 46.67 23.16 -45.63
CA ALA A 1749 45.98 21.97 -46.13
C ALA A 1749 44.95 21.45 -45.15
N MET A 1750 45.24 21.55 -43.85
CA MET A 1750 44.20 21.29 -42.85
C MET A 1750 43.01 22.21 -43.08
N ASP A 1751 43.29 23.50 -43.31
CA ASP A 1751 42.21 24.43 -43.60
C ASP A 1751 41.52 24.09 -44.91
N ILE A 1752 42.26 23.58 -45.90
CA ILE A 1752 41.63 23.21 -47.16
C ILE A 1752 40.67 22.05 -46.95
N LYS A 1753 41.05 21.07 -46.12
CA LYS A 1753 40.14 19.95 -45.86
C LYS A 1753 38.89 20.42 -45.12
N ARG A 1754 39.06 21.28 -44.11
CA ARG A 1754 37.89 21.84 -43.42
C ARG A 1754 37.01 22.59 -44.39
N ASN A 1755 37.62 23.35 -45.30
CA ASN A 1755 36.86 24.07 -46.32
C ASN A 1755 36.14 23.09 -47.24
N GLU A 1756 36.74 21.95 -47.53
CA GLU A 1756 36.08 20.95 -48.36
C GLU A 1756 34.82 20.45 -47.68
N ILE A 1757 34.87 20.21 -46.36
CA ILE A 1757 33.67 19.79 -45.65
C ILE A 1757 32.61 20.90 -45.72
N LYS A 1758 33.04 22.16 -45.51
CA LYS A 1758 32.12 23.27 -45.58
C LYS A 1758 31.45 23.34 -46.96
N GLU A 1759 32.22 23.07 -48.02
CA GLU A 1759 31.67 23.06 -49.36
C GLU A 1759 30.65 21.94 -49.52
N HIS A 1760 30.96 20.74 -49.01
CA HIS A 1760 30.02 19.62 -49.06
C HIS A 1760 28.68 19.99 -48.45
N MET A 1761 28.71 20.82 -47.40
CA MET A 1761 27.48 21.17 -46.70
C MET A 1761 26.46 21.82 -47.63
N ASN A 1762 26.89 22.79 -48.43
CA ASN A 1762 25.94 23.51 -49.27
C ASN A 1762 25.30 22.59 -50.30
N ILE A 1763 26.10 21.72 -50.93
CA ILE A 1763 25.53 20.86 -51.97
C ILE A 1763 24.54 19.88 -51.36
N LEU A 1764 24.86 19.30 -50.18
CA LEU A 1764 23.88 18.41 -49.57
C LEU A 1764 22.62 19.17 -49.18
N SER A 1765 22.79 20.35 -48.58
CA SER A 1765 21.65 21.08 -48.01
C SER A 1765 20.74 21.64 -49.09
N SER A 1766 21.29 22.07 -50.23
CA SER A 1766 20.53 22.85 -51.18
C SER A 1766 19.43 22.04 -51.85
N MET A 1767 19.75 20.81 -52.30
CA MET A 1767 18.87 20.07 -53.19
C MET A 1767 18.14 18.93 -52.47
N CYS A 1768 18.88 18.00 -51.86
CA CYS A 1768 18.27 16.76 -51.40
C CYS A 1768 17.26 16.97 -50.29
N LEU A 1769 17.26 18.14 -49.64
CA LEU A 1769 16.37 18.36 -48.51
C LEU A 1769 15.01 18.85 -48.96
N GLU A 1770 14.97 19.83 -49.85
CA GLU A 1770 13.69 20.46 -50.18
C GLU A 1770 12.80 19.53 -51.01
N ASP A 1771 13.37 18.84 -52.00
CA ASP A 1771 12.60 17.97 -52.90
C ASP A 1771 13.16 16.56 -52.86
N LEU A 1772 12.26 15.59 -52.76
CA LEU A 1772 12.63 14.18 -52.70
C LEU A 1772 11.37 13.34 -52.74
N ASN A 1773 11.55 12.07 -53.13
CA ASN A 1773 10.47 11.11 -53.26
C ASN A 1773 10.61 10.04 -52.18
N GLY A 1774 9.57 9.87 -51.38
CA GLY A 1774 9.44 8.69 -50.53
C GLY A 1774 9.89 8.93 -49.10
N ALA A 1775 9.28 8.18 -48.18
CA ALA A 1775 9.56 8.38 -46.76
C ALA A 1775 10.94 7.87 -46.37
N VAL A 1776 11.28 6.63 -46.76
CA VAL A 1776 12.58 6.07 -46.38
C VAL A 1776 13.72 6.92 -46.94
N GLU A 1777 13.61 7.28 -48.22
CA GLU A 1777 14.61 8.13 -48.82
C GLU A 1777 14.66 9.47 -48.11
N ARG A 1778 13.52 9.97 -47.65
CA ARG A 1778 13.53 11.23 -46.89
C ARG A 1778 14.30 11.10 -45.59
N THR A 1779 13.99 10.07 -44.80
CA THR A 1779 14.64 9.91 -43.50
C THR A 1779 16.15 9.81 -43.64
N LYS A 1780 16.61 9.12 -44.69
CA LYS A 1780 18.05 9.00 -44.93
C LYS A 1780 18.74 10.36 -44.99
N VAL A 1781 18.18 11.30 -45.74
CA VAL A 1781 18.89 12.55 -46.04
C VAL A 1781 19.15 13.32 -44.76
N GLU A 1782 18.09 13.65 -44.01
CA GLU A 1782 18.35 14.45 -42.81
C GLU A 1782 19.13 13.67 -41.76
N THR A 1783 19.10 12.32 -41.80
CA THR A 1783 20.05 11.60 -40.98
C THR A 1783 21.49 11.97 -41.34
N LEU A 1784 21.78 12.12 -42.64
CA LEU A 1784 23.11 12.63 -43.01
C LEU A 1784 23.31 14.07 -42.58
N VAL A 1785 22.27 14.90 -42.72
CA VAL A 1785 22.41 16.34 -42.53
C VAL A 1785 22.81 16.65 -41.09
N THR A 1786 22.14 16.01 -40.12
CA THR A 1786 22.41 16.33 -38.73
C THR A 1786 23.86 15.99 -38.37
N ILE A 1787 24.32 14.83 -38.82
CA ILE A 1787 25.70 14.43 -38.60
C ILE A 1787 26.64 15.47 -39.18
N GLN A 1788 26.38 15.90 -40.42
CA GLN A 1788 27.28 16.86 -41.06
C GLN A 1788 27.28 18.22 -40.35
N VAL A 1789 26.13 18.64 -39.81
CA VAL A 1789 26.08 19.88 -39.04
C VAL A 1789 27.03 19.78 -37.85
N HIS A 1790 26.88 18.70 -37.07
CA HIS A 1790 27.76 18.53 -35.92
C HIS A 1790 29.20 18.40 -36.35
N GLN A 1791 29.42 17.74 -37.49
CA GLN A 1791 30.75 17.53 -38.04
C GLN A 1791 31.46 18.86 -38.27
N LYS A 1792 30.82 19.76 -39.00
CA LYS A 1792 31.45 21.04 -39.30
C LYS A 1792 31.57 21.88 -38.03
N ASP A 1793 30.62 21.74 -37.10
CA ASP A 1793 30.72 22.50 -35.86
C ASP A 1793 31.96 22.10 -35.08
N ILE A 1794 32.24 20.79 -35.00
CA ILE A 1794 33.48 20.37 -34.34
C ILE A 1794 34.69 20.84 -35.13
N SER A 1795 34.67 20.64 -36.46
CA SER A 1795 35.85 20.91 -37.27
C SER A 1795 36.22 22.40 -37.26
N MET A 1796 35.25 23.28 -37.01
CA MET A 1796 35.57 24.70 -36.92
C MET A 1796 36.53 24.98 -35.76
N ASP A 1797 36.22 24.45 -34.57
CA ASP A 1797 36.96 24.76 -33.35
C ASP A 1797 38.00 23.70 -33.00
N LEU A 1798 38.30 22.80 -33.92
CA LEU A 1798 39.13 21.63 -33.62
C LEU A 1798 40.60 22.03 -33.65
N LYS A 1799 41.03 22.70 -32.57
CA LYS A 1799 42.42 23.15 -32.43
C LYS A 1799 43.22 22.07 -31.69
N CYS A 1800 43.54 21.01 -32.43
CA CYS A 1800 44.44 19.96 -31.98
C CYS A 1800 45.64 19.90 -32.92
N LYS A 1801 46.83 19.79 -32.35
CA LYS A 1801 48.05 19.82 -33.15
C LYS A 1801 48.29 18.49 -33.88
N ASP A 1802 47.91 17.37 -33.28
CA ASP A 1802 48.23 16.07 -33.85
C ASP A 1802 47.24 15.04 -33.32
N VAL A 1803 47.34 13.82 -33.84
CA VAL A 1803 46.39 12.77 -33.51
C VAL A 1803 46.40 12.47 -32.01
N ASN A 1804 47.58 12.52 -31.39
CA ASN A 1804 47.69 12.20 -29.97
C ASN A 1804 46.93 13.19 -29.08
N ASP A 1805 46.59 14.36 -29.60
CA ASP A 1805 45.93 15.37 -28.78
C ASP A 1805 44.57 14.88 -28.32
N PHE A 1806 44.21 15.24 -27.09
CA PHE A 1806 42.97 14.77 -26.49
C PHE A 1806 41.75 15.25 -27.26
N GLU A 1807 41.80 16.49 -27.76
CA GLU A 1807 40.63 17.06 -28.44
C GLU A 1807 40.27 16.22 -29.66
N TRP A 1808 41.27 15.65 -30.33
CA TRP A 1808 41.00 14.68 -31.37
C TRP A 1808 40.64 13.31 -30.81
N GLN A 1809 41.15 12.98 -29.63
CA GLN A 1809 40.87 11.69 -29.00
C GLN A 1809 39.73 11.84 -27.99
N LYS A 1810 38.60 12.34 -28.48
CA LYS A 1810 37.38 12.50 -27.70
C LYS A 1810 36.12 12.09 -28.44
N GLN A 1811 36.16 11.92 -29.76
CA GLN A 1811 34.99 11.66 -30.58
C GLN A 1811 35.00 10.21 -31.04
N THR A 1812 33.87 9.78 -31.60
CA THR A 1812 33.71 8.42 -32.11
C THR A 1812 34.33 8.37 -33.49
N ARG A 1813 35.63 8.09 -33.54
CA ARG A 1813 36.31 7.96 -34.81
C ARG A 1813 36.12 6.55 -35.35
N ILE A 1814 36.45 6.37 -36.63
CA ILE A 1814 36.30 5.09 -37.29
C ILE A 1814 37.51 4.86 -38.18
N ALA A 1815 37.83 3.60 -38.42
CA ALA A 1815 38.88 3.23 -39.36
C ALA A 1815 38.50 1.90 -39.97
N TRP A 1816 38.37 1.84 -41.29
CA TRP A 1816 38.12 0.58 -41.96
C TRP A 1816 39.47 0.04 -42.43
N LYS A 1817 40.07 -0.78 -41.58
CA LYS A 1817 41.41 -1.32 -41.85
C LYS A 1817 41.38 -2.19 -43.10
N THR A 1818 42.39 -1.97 -43.96
CA THR A 1818 42.54 -2.68 -45.23
C THR A 1818 43.46 -3.89 -45.14
N ASP A 1819 44.63 -3.72 -44.50
CA ASP A 1819 45.62 -4.79 -44.47
C ASP A 1819 45.06 -6.05 -43.84
N ILE A 1820 44.30 -5.89 -42.75
CA ILE A 1820 43.40 -6.91 -42.26
C ILE A 1820 42.00 -6.35 -42.47
N ASP A 1821 41.31 -6.86 -43.48
CA ASP A 1821 40.08 -6.24 -43.98
C ASP A 1821 39.02 -6.32 -42.90
N GLU A 1822 38.78 -5.21 -42.20
CA GLU A 1822 37.81 -5.22 -41.11
C GLU A 1822 37.56 -3.79 -40.67
N CYS A 1823 36.33 -3.53 -40.24
CA CYS A 1823 36.02 -2.27 -39.61
C CYS A 1823 36.57 -2.23 -38.19
N ILE A 1824 36.85 -1.03 -37.70
CA ILE A 1824 37.11 -0.86 -36.27
C ILE A 1824 36.74 0.56 -35.87
N ILE A 1825 35.84 0.67 -34.90
CA ILE A 1825 35.36 1.92 -34.35
C ILE A 1825 36.18 2.23 -33.11
N SER A 1826 36.50 3.50 -32.89
CA SER A 1826 37.42 3.90 -31.83
C SER A 1826 36.85 5.07 -31.04
N ILE A 1827 37.16 5.03 -29.74
CA ILE A 1827 36.79 6.02 -28.74
C ILE A 1827 38.14 6.37 -28.13
N THR A 1828 38.15 7.11 -27.01
CA THR A 1828 39.37 7.51 -26.30
C THR A 1828 40.46 6.44 -26.29
N ASP A 1829 40.14 5.26 -25.78
CA ASP A 1829 41.01 4.09 -25.92
C ASP A 1829 40.26 2.91 -26.52
N TRP A 1830 39.01 2.72 -26.14
CA TRP A 1830 38.30 1.49 -26.47
C TRP A 1830 38.15 1.34 -27.98
N ASP A 1831 38.08 0.08 -28.42
CA ASP A 1831 37.90 -0.23 -29.82
C ASP A 1831 37.05 -1.48 -29.92
N SER A 1832 36.30 -1.60 -31.02
CA SER A 1832 35.46 -2.76 -31.22
C SER A 1832 35.06 -2.82 -32.69
N PRO A 1833 34.82 -4.01 -33.24
CA PRO A 1833 34.46 -4.09 -34.65
C PRO A 1833 32.97 -3.98 -34.90
N TYR A 1834 32.64 -3.37 -36.03
CA TYR A 1834 31.27 -3.23 -36.47
C TYR A 1834 30.62 -4.60 -36.60
N SER A 1835 29.36 -4.72 -36.18
CA SER A 1835 28.69 -6.01 -36.03
C SER A 1835 27.76 -6.36 -37.18
N TYR A 1836 27.64 -5.51 -38.20
CA TYR A 1836 27.07 -5.88 -39.50
C TYR A 1836 25.64 -6.42 -39.37
N GLU A 1837 24.75 -5.52 -38.94
CA GLU A 1837 23.32 -5.81 -38.87
C GLU A 1837 22.56 -4.82 -39.73
N PHE A 1838 21.76 -5.34 -40.67
CA PHE A 1838 20.99 -4.50 -41.58
C PHE A 1838 19.84 -3.85 -40.83
N LEU A 1839 19.87 -2.53 -40.76
CA LEU A 1839 18.86 -1.74 -40.08
C LEU A 1839 18.11 -0.78 -41.00
N GLY A 1840 18.62 -0.54 -42.20
CA GLY A 1840 18.06 0.44 -43.09
C GLY A 1840 18.10 1.83 -42.47
N ALA A 1841 17.12 2.64 -42.84
CA ALA A 1841 17.06 4.03 -42.39
C ALA A 1841 16.36 4.09 -41.04
N LYS A 1842 17.10 4.52 -40.03
CA LYS A 1842 16.59 4.74 -38.69
C LYS A 1842 16.87 6.17 -38.27
N GLU A 1843 15.97 6.71 -37.47
CA GLU A 1843 15.99 8.14 -37.13
C GLU A 1843 16.91 8.38 -35.94
N ARG A 1844 18.20 8.23 -36.17
CA ARG A 1844 19.15 8.49 -35.11
C ARG A 1844 19.14 9.99 -34.77
N LEU A 1845 19.79 10.32 -33.67
CA LEU A 1845 19.50 11.54 -32.92
C LEU A 1845 20.72 12.44 -32.84
N CYS A 1846 20.50 13.63 -32.27
CA CYS A 1846 21.51 14.66 -32.20
C CYS A 1846 22.54 14.32 -31.13
N ILE A 1847 23.65 15.05 -31.15
CA ILE A 1847 24.80 14.78 -30.29
C ILE A 1847 25.09 16.04 -29.49
N THR A 1848 24.46 16.16 -28.34
CA THR A 1848 24.81 17.16 -27.36
C THR A 1848 26.07 16.72 -26.61
N PRO A 1849 26.76 17.64 -25.93
CA PRO A 1849 27.89 17.20 -25.09
C PRO A 1849 27.54 16.16 -24.04
N LEU A 1850 26.33 16.21 -23.47
CA LEU A 1850 25.94 15.20 -22.49
C LEU A 1850 25.96 13.80 -23.10
N THR A 1851 25.55 13.68 -24.36
CA THR A 1851 25.68 12.40 -25.03
C THR A 1851 27.15 12.00 -25.16
N ASP A 1852 28.05 12.96 -25.30
CA ASP A 1852 29.46 12.60 -25.32
C ASP A 1852 29.90 12.07 -23.97
N ARG A 1853 29.41 12.68 -22.88
CA ARG A 1853 29.73 12.16 -21.56
C ARG A 1853 29.26 10.72 -21.43
N CYS A 1854 28.06 10.43 -21.90
CA CYS A 1854 27.57 9.06 -21.88
C CYS A 1854 28.42 8.14 -22.73
N TYR A 1855 28.81 8.59 -23.93
CA TYR A 1855 29.59 7.73 -24.81
C TYR A 1855 30.92 7.37 -24.18
N ILE A 1856 31.61 8.36 -23.62
CA ILE A 1856 32.90 8.08 -23.00
C ILE A 1856 32.71 7.15 -21.80
N THR A 1857 31.69 7.43 -20.99
CA THR A 1857 31.45 6.62 -19.80
C THR A 1857 31.18 5.17 -20.17
N LEU A 1858 30.30 4.96 -21.14
CA LEU A 1858 29.91 3.60 -21.47
C LEU A 1858 31.05 2.86 -22.15
N ALA A 1859 31.85 3.56 -22.97
CA ALA A 1859 33.01 2.90 -23.55
C ALA A 1859 33.97 2.46 -22.46
N GLN A 1860 34.20 3.31 -21.46
CA GLN A 1860 35.10 2.92 -20.37
C GLN A 1860 34.56 1.71 -19.61
N ALA A 1861 33.27 1.76 -19.26
CA ALA A 1861 32.68 0.66 -18.51
C ALA A 1861 32.75 -0.64 -19.28
N MET A 1862 32.51 -0.59 -20.58
CA MET A 1862 32.60 -1.80 -21.38
C MET A 1862 34.04 -2.26 -21.53
N SER A 1863 34.99 -1.34 -21.46
CA SER A 1863 36.39 -1.76 -21.48
C SER A 1863 36.74 -2.50 -20.21
N MET A 1864 36.07 -2.20 -19.10
CA MET A 1864 36.29 -2.93 -17.85
C MET A 1864 35.24 -4.01 -17.58
N TYR A 1865 34.43 -4.36 -18.58
CA TYR A 1865 33.51 -5.51 -18.48
C TYR A 1865 32.48 -5.31 -17.38
N TYR A 1866 31.65 -4.28 -17.55
CA TYR A 1866 30.53 -4.00 -16.65
C TYR A 1866 29.32 -3.66 -17.51
N GLY A 1867 28.28 -3.14 -16.87
CA GLY A 1867 27.09 -2.68 -17.58
C GLY A 1867 26.61 -1.34 -17.07
N GLY A 1868 26.53 -0.36 -17.97
CA GLY A 1868 26.09 0.96 -17.55
C GLY A 1868 24.64 0.95 -17.09
N ALA A 1869 24.37 1.72 -16.04
CA ALA A 1869 23.03 1.83 -15.45
C ALA A 1869 22.74 3.31 -15.25
N PRO A 1870 22.40 4.03 -16.30
CA PRO A 1870 22.13 5.46 -16.16
C PRO A 1870 20.89 5.71 -15.31
N ALA A 1871 20.78 6.94 -14.82
CA ALA A 1871 19.70 7.29 -13.92
C ALA A 1871 19.39 8.78 -14.02
N GLY A 1872 18.21 9.15 -13.54
CA GLY A 1872 17.78 10.53 -13.55
C GLY A 1872 16.27 10.64 -13.43
N PRO A 1873 15.72 11.80 -13.81
CA PRO A 1873 14.26 11.92 -13.89
C PRO A 1873 13.74 11.43 -15.23
N ALA A 1874 12.43 11.52 -15.44
CA ALA A 1874 11.83 10.99 -16.66
C ALA A 1874 12.15 11.86 -17.87
N GLY A 1875 12.24 11.22 -19.03
CA GLY A 1875 12.33 11.92 -20.29
C GLY A 1875 13.55 12.78 -20.49
N THR A 1876 14.73 12.23 -20.20
CA THR A 1876 15.99 12.91 -20.46
C THR A 1876 16.87 12.17 -21.46
N GLY A 1877 16.33 11.17 -22.14
CA GLY A 1877 17.07 10.52 -23.20
C GLY A 1877 17.93 9.37 -22.77
N LYS A 1878 17.51 8.59 -21.78
CA LYS A 1878 18.32 7.46 -21.33
C LYS A 1878 18.22 6.30 -22.32
N THR A 1879 17.01 5.76 -22.48
CA THR A 1879 16.83 4.56 -23.29
C THR A 1879 17.23 4.83 -24.73
N GLU A 1880 16.89 6.00 -25.25
CA GLU A 1880 17.24 6.31 -26.63
C GLU A 1880 18.73 6.50 -26.81
N THR A 1881 19.41 7.06 -25.81
CA THR A 1881 20.87 7.16 -25.89
C THR A 1881 21.50 5.77 -25.93
N VAL A 1882 21.01 4.86 -25.09
CA VAL A 1882 21.52 3.49 -25.13
C VAL A 1882 21.28 2.87 -26.51
N LYS A 1883 20.05 3.01 -27.01
CA LYS A 1883 19.71 2.43 -28.29
C LYS A 1883 20.56 3.02 -29.41
N ASP A 1884 20.92 4.29 -29.31
CA ASP A 1884 21.73 4.90 -30.35
C ASP A 1884 23.16 4.43 -30.29
N LEU A 1885 23.71 4.24 -29.08
CA LEU A 1885 25.05 3.67 -29.03
C LEU A 1885 25.04 2.26 -29.56
N GLY A 1886 23.94 1.55 -29.40
CA GLY A 1886 23.81 0.26 -30.07
C GLY A 1886 23.78 0.40 -31.58
N ARG A 1887 22.98 1.35 -32.09
CA ARG A 1887 22.80 1.49 -33.53
C ARG A 1887 24.09 1.90 -34.22
N THR A 1888 24.83 2.83 -33.62
CA THR A 1888 26.05 3.30 -34.26
C THR A 1888 27.11 2.22 -34.32
N LEU A 1889 27.17 1.35 -33.32
CA LEU A 1889 28.16 0.30 -33.28
C LEU A 1889 27.77 -0.91 -34.13
N GLY A 1890 26.62 -0.87 -34.78
CA GLY A 1890 26.21 -1.92 -35.69
C GLY A 1890 25.51 -3.09 -35.05
N VAL A 1891 25.19 -3.01 -33.76
CA VAL A 1891 24.62 -4.12 -33.03
C VAL A 1891 23.12 -3.94 -32.93
N PHE A 1892 22.42 -5.00 -32.54
CA PHE A 1892 20.97 -5.02 -32.38
C PHE A 1892 20.63 -5.08 -30.91
N VAL A 1893 19.79 -4.15 -30.46
CA VAL A 1893 19.42 -3.99 -29.05
C VAL A 1893 18.03 -4.58 -28.83
N VAL A 1894 17.78 -5.07 -27.63
CA VAL A 1894 16.53 -5.75 -27.30
C VAL A 1894 16.02 -5.16 -26.00
N VAL A 1895 15.13 -4.18 -26.09
CA VAL A 1895 14.52 -3.60 -24.91
C VAL A 1895 13.45 -4.54 -24.39
N THR A 1896 13.35 -4.64 -23.06
CA THR A 1896 12.25 -5.32 -22.41
C THR A 1896 11.62 -4.38 -21.39
N ASN A 1897 10.71 -4.89 -20.57
CA ASN A 1897 10.01 -4.05 -19.61
C ASN A 1897 9.70 -4.89 -18.38
N CYS A 1898 10.56 -4.79 -17.38
CA CYS A 1898 10.31 -5.52 -16.16
C CYS A 1898 9.10 -4.95 -15.43
N SER A 1899 8.50 -5.78 -14.60
CA SER A 1899 7.35 -5.37 -13.78
C SER A 1899 7.24 -6.37 -12.65
N ASP A 1900 6.41 -6.01 -11.66
CA ASP A 1900 6.36 -6.76 -10.41
C ASP A 1900 5.95 -8.21 -10.61
N GLN A 1901 5.33 -8.55 -11.74
CA GLN A 1901 4.83 -9.89 -12.00
C GLN A 1901 5.86 -10.77 -12.70
N HIS A 1902 7.15 -10.52 -12.46
CA HIS A 1902 8.23 -11.24 -13.11
C HIS A 1902 8.78 -12.34 -12.21
N ARG A 1903 9.51 -13.27 -12.83
CA ARG A 1903 10.14 -14.38 -12.13
C ARG A 1903 11.50 -14.66 -12.76
N TYR A 1904 12.43 -15.16 -11.94
CA TYR A 1904 13.83 -15.20 -12.36
C TYR A 1904 14.08 -16.16 -13.52
N ARG A 1905 13.16 -17.08 -13.79
CA ARG A 1905 13.37 -18.03 -14.87
C ARG A 1905 13.44 -17.31 -16.21
N ASP A 1906 12.56 -16.32 -16.39
CA ASP A 1906 12.50 -15.61 -17.66
C ASP A 1906 13.71 -14.70 -17.83
N MET A 1907 14.18 -14.12 -16.72
CA MET A 1907 15.40 -13.32 -16.78
C MET A 1907 16.59 -14.20 -17.14
N ALA A 1908 16.63 -15.41 -16.60
CA ALA A 1908 17.67 -16.35 -16.98
C ALA A 1908 17.58 -16.68 -18.46
N LYS A 1909 16.37 -16.89 -18.98
CA LYS A 1909 16.21 -17.14 -20.41
C LYS A 1909 16.77 -15.99 -21.22
N ILE A 1910 16.43 -14.77 -20.82
CA ILE A 1910 16.94 -13.59 -21.52
C ILE A 1910 18.46 -13.59 -21.51
N PHE A 1911 19.05 -13.69 -20.32
CA PHE A 1911 20.51 -13.56 -20.21
C PHE A 1911 21.22 -14.67 -20.97
N LYS A 1912 20.65 -15.87 -20.98
CA LYS A 1912 21.22 -16.94 -21.79
C LYS A 1912 21.22 -16.56 -23.26
N GLY A 1913 20.11 -15.99 -23.74
CA GLY A 1913 20.08 -15.53 -25.12
C GLY A 1913 21.11 -14.45 -25.40
N LEU A 1914 21.29 -13.53 -24.44
CA LEU A 1914 22.25 -12.44 -24.63
C LEU A 1914 23.66 -12.99 -24.76
N VAL A 1915 24.05 -13.89 -23.85
CA VAL A 1915 25.42 -14.40 -23.89
C VAL A 1915 25.64 -15.25 -25.13
N GLN A 1916 24.61 -16.01 -25.54
CA GLN A 1916 24.80 -16.88 -26.69
C GLN A 1916 24.92 -16.09 -27.99
N SER A 1917 24.11 -15.05 -28.16
CA SER A 1917 24.00 -14.40 -29.46
C SER A 1917 25.11 -13.40 -29.70
N GLY A 1918 25.21 -12.38 -28.85
CA GLY A 1918 26.10 -11.26 -29.06
C GLY A 1918 25.38 -9.93 -29.08
N LEU A 1919 24.16 -9.91 -28.57
CA LEU A 1919 23.27 -8.75 -28.62
C LEU A 1919 23.36 -7.97 -27.31
N TRP A 1920 22.70 -6.82 -27.29
CA TRP A 1920 22.68 -5.93 -26.14
C TRP A 1920 21.28 -5.89 -25.56
N GLY A 1921 21.18 -5.83 -24.24
CA GLY A 1921 19.91 -5.76 -23.54
C GLY A 1921 19.78 -4.46 -22.78
N CYS A 1922 18.56 -3.92 -22.73
CA CYS A 1922 18.26 -2.65 -22.05
C CYS A 1922 16.98 -2.84 -21.24
N PHE A 1923 17.12 -3.32 -20.01
CA PHE A 1923 15.97 -3.66 -19.18
C PHE A 1923 15.35 -2.37 -18.65
N ASP A 1924 14.47 -1.79 -19.44
CA ASP A 1924 13.82 -0.55 -19.04
C ASP A 1924 12.99 -0.77 -17.77
N GLU A 1925 13.00 0.23 -16.89
CA GLU A 1925 12.27 0.20 -15.62
C GLU A 1925 12.63 -1.04 -14.81
N PHE A 1926 13.92 -1.31 -14.72
CA PHE A 1926 14.41 -2.49 -14.03
C PHE A 1926 14.10 -2.48 -12.54
N ASN A 1927 13.87 -1.31 -11.94
CA ASN A 1927 13.71 -1.28 -10.50
C ASN A 1927 12.37 -1.85 -10.05
N ARG A 1928 11.29 -1.59 -10.79
CA ARG A 1928 9.96 -1.98 -10.35
C ARG A 1928 9.82 -3.49 -10.51
N ILE A 1929 10.45 -4.22 -9.60
CA ILE A 1929 10.59 -5.66 -9.71
C ILE A 1929 10.77 -6.21 -8.31
N ASP A 1930 10.45 -7.48 -8.11
CA ASP A 1930 10.45 -8.04 -6.78
C ASP A 1930 11.87 -8.13 -6.22
N LEU A 1931 11.97 -8.02 -4.89
CA LEU A 1931 13.27 -7.89 -4.25
C LEU A 1931 14.09 -9.18 -4.36
N GLU A 1932 13.49 -10.32 -4.03
CA GLU A 1932 14.22 -11.58 -4.06
C GLU A 1932 14.65 -11.95 -5.47
N VAL A 1933 13.85 -11.58 -6.47
CA VAL A 1933 14.25 -11.81 -7.85
C VAL A 1933 15.55 -11.07 -8.13
N LEU A 1934 15.67 -9.84 -7.64
CA LEU A 1934 16.93 -9.12 -7.76
C LEU A 1934 18.03 -9.86 -7.03
N SER A 1935 17.69 -10.47 -5.87
CA SER A 1935 18.70 -11.17 -5.10
C SER A 1935 19.33 -12.29 -5.92
N VAL A 1936 18.53 -13.05 -6.65
CA VAL A 1936 19.09 -14.15 -7.45
C VAL A 1936 19.70 -13.65 -8.76
N VAL A 1937 19.15 -12.58 -9.32
CA VAL A 1937 19.73 -11.99 -10.52
C VAL A 1937 21.15 -11.53 -10.24
N ALA A 1938 21.41 -11.07 -9.02
CA ALA A 1938 22.77 -10.69 -8.64
C ALA A 1938 23.74 -11.83 -8.91
N MET A 1939 23.34 -13.04 -8.51
CA MET A 1939 24.21 -14.19 -8.74
C MET A 1939 24.43 -14.38 -10.23
N GLN A 1940 23.33 -14.45 -11.00
CA GLN A 1940 23.45 -14.76 -12.43
C GLN A 1940 24.39 -13.79 -13.14
N VAL A 1941 24.21 -12.49 -12.89
CA VAL A 1941 25.02 -11.50 -13.59
C VAL A 1941 26.47 -11.55 -13.11
N GLU A 1942 26.70 -11.83 -11.83
CA GLU A 1942 28.07 -11.96 -11.36
C GLU A 1942 28.78 -13.13 -12.03
N SER A 1943 28.07 -14.25 -12.18
CA SER A 1943 28.66 -15.40 -12.85
C SER A 1943 29.08 -15.04 -14.25
N ILE A 1944 28.20 -14.36 -14.99
CA ILE A 1944 28.56 -14.04 -16.36
C ILE A 1944 29.71 -13.03 -16.39
N THR A 1945 29.75 -12.10 -15.43
CA THR A 1945 30.83 -11.12 -15.40
C THR A 1945 32.17 -11.82 -15.21
N THR A 1946 32.25 -12.71 -14.24
CA THR A 1946 33.50 -13.44 -14.01
C THR A 1946 33.86 -14.27 -15.23
N ALA A 1947 32.86 -14.88 -15.87
CA ALA A 1947 33.13 -15.66 -17.06
C ALA A 1947 33.76 -14.79 -18.15
N ARG A 1948 33.18 -13.62 -18.39
CA ARG A 1948 33.71 -12.76 -19.44
C ARG A 1948 35.08 -12.20 -19.08
N LYS A 1949 35.35 -12.05 -17.78
CA LYS A 1949 36.60 -11.41 -17.37
C LYS A 1949 37.82 -12.24 -17.80
N GLN A 1950 37.76 -13.55 -17.63
CA GLN A 1950 38.91 -14.39 -17.95
C GLN A 1950 39.22 -14.44 -19.45
N HIS A 1951 38.25 -14.07 -20.29
CA HIS A 1951 38.30 -14.35 -21.74
C HIS A 1951 38.26 -15.86 -21.99
N MET A 1952 37.32 -16.53 -21.31
CA MET A 1952 37.14 -17.97 -21.44
C MET A 1952 36.03 -18.25 -22.44
N LYS A 1953 36.33 -19.12 -23.41
CA LYS A 1953 35.38 -19.40 -24.49
C LYS A 1953 34.12 -20.09 -23.96
N LYS A 1954 34.28 -21.03 -23.03
CA LYS A 1954 33.19 -21.83 -22.50
C LYS A 1954 33.08 -21.58 -21.01
N PHE A 1955 31.85 -21.55 -20.50
CA PHE A 1955 31.64 -21.26 -19.09
C PHE A 1955 30.39 -21.98 -18.60
N MET A 1956 30.19 -21.94 -17.29
CA MET A 1956 29.10 -22.60 -16.60
C MET A 1956 28.14 -21.55 -16.06
N PHE A 1957 26.84 -21.77 -16.28
CA PHE A 1957 25.79 -20.87 -15.83
C PHE A 1957 25.08 -21.45 -14.60
N PRO A 1958 24.69 -20.65 -13.59
CA PRO A 1958 24.01 -21.25 -12.43
C PRO A 1958 22.64 -21.80 -12.79
N GLU A 1959 22.23 -22.84 -12.04
CA GLU A 1959 20.90 -23.43 -12.10
C GLU A 1959 20.68 -24.26 -13.36
N GLU A 1960 21.60 -24.21 -14.32
CA GLU A 1960 21.39 -24.77 -15.66
C GLU A 1960 22.55 -25.72 -15.93
N GLU A 1961 22.26 -27.02 -15.94
CA GLU A 1961 23.29 -28.05 -15.82
C GLU A 1961 24.16 -28.14 -17.07
N ILE A 1962 23.61 -27.84 -18.23
CA ILE A 1962 24.36 -28.00 -19.48
C ILE A 1962 25.37 -26.87 -19.59
N GLU A 1963 26.50 -27.15 -20.23
CA GLU A 1963 27.52 -26.13 -20.45
C GLU A 1963 27.14 -25.29 -21.68
N ILE A 1964 27.48 -23.99 -21.63
CA ILE A 1964 27.05 -23.04 -22.65
C ILE A 1964 28.18 -22.09 -23.00
N GLU A 1965 28.21 -21.66 -24.27
CA GLU A 1965 29.27 -20.86 -24.84
C GLU A 1965 28.96 -19.37 -24.73
N LEU A 1966 29.88 -18.55 -25.24
CA LEU A 1966 29.83 -17.10 -25.10
C LEU A 1966 30.40 -16.45 -26.35
N ILE A 1967 29.96 -15.22 -26.62
CA ILE A 1967 30.55 -14.37 -27.65
C ILE A 1967 30.85 -13.04 -26.97
N PRO A 1968 31.97 -12.35 -27.30
CA PRO A 1968 32.38 -11.22 -26.45
C PRO A 1968 31.46 -10.02 -26.47
N THR A 1969 31.04 -9.56 -27.64
CA THR A 1969 30.45 -8.23 -27.74
C THR A 1969 29.03 -8.14 -27.18
N VAL A 1970 28.89 -8.42 -25.88
CA VAL A 1970 27.60 -8.37 -25.21
C VAL A 1970 27.63 -7.17 -24.27
N SER A 1971 26.52 -6.90 -23.60
CA SER A 1971 26.48 -5.81 -22.64
C SER A 1971 25.13 -5.83 -21.94
N TYR A 1972 25.07 -5.18 -20.79
CA TYR A 1972 23.88 -5.12 -19.96
C TYR A 1972 23.59 -3.67 -19.67
N PHE A 1973 22.31 -3.33 -19.56
CA PHE A 1973 21.90 -1.98 -19.21
C PHE A 1973 20.59 -2.04 -18.45
N ILE A 1974 20.49 -1.23 -17.39
CA ILE A 1974 19.23 -1.01 -16.70
C ILE A 1974 19.02 0.48 -16.60
N THR A 1975 17.88 0.97 -17.09
CA THR A 1975 17.54 2.38 -16.97
C THR A 1975 16.54 2.55 -15.83
N MET A 1976 17.06 2.44 -14.62
CA MET A 1976 16.18 2.53 -13.47
C MET A 1976 15.81 3.98 -13.23
N ASN A 1977 14.79 4.16 -12.39
CA ASN A 1977 14.10 5.44 -12.21
C ASN A 1977 14.04 5.72 -10.72
N PRO A 1978 14.89 6.63 -10.16
CA PRO A 1978 15.00 6.71 -8.70
C PRO A 1978 13.84 7.44 -8.05
N GLY A 1979 12.97 6.69 -7.38
CA GLY A 1979 12.15 7.22 -6.31
C GLY A 1979 10.73 7.58 -6.70
N TYR A 1980 9.79 6.68 -6.47
CA TYR A 1980 8.36 6.89 -6.72
C TYR A 1980 7.58 6.03 -5.74
N ALA A 1981 6.30 5.80 -6.04
CA ALA A 1981 5.49 4.82 -5.33
C ALA A 1981 5.64 3.47 -6.00
N GLY A 1982 5.94 2.44 -5.21
CA GLY A 1982 6.15 1.11 -5.75
C GLY A 1982 7.53 0.90 -6.32
N ARG A 1983 8.57 1.37 -5.62
CA ARG A 1983 9.93 1.33 -6.12
C ARG A 1983 10.86 0.91 -4.99
N GLN A 1984 11.55 -0.22 -5.18
CA GLN A 1984 12.44 -0.79 -4.19
C GLN A 1984 13.89 -0.41 -4.50
N GLU A 1985 14.80 -0.94 -3.70
CA GLU A 1985 16.23 -0.65 -3.80
C GLU A 1985 16.98 -1.88 -4.30
N LEU A 1986 18.18 -1.65 -4.81
CA LEU A 1986 19.03 -2.73 -5.28
C LEU A 1986 19.91 -3.22 -4.14
N PRO A 1987 19.79 -4.47 -3.68
CA PRO A 1987 20.66 -4.95 -2.61
C PRO A 1987 22.13 -4.90 -3.02
N GLU A 1988 22.98 -4.64 -2.02
CA GLU A 1988 24.33 -4.14 -2.29
C GLU A 1988 25.18 -5.13 -3.08
N ASN A 1989 24.76 -6.39 -3.18
CA ASN A 1989 25.43 -7.30 -4.08
C ASN A 1989 25.39 -6.80 -5.52
N LEU A 1990 24.31 -6.11 -5.90
CA LEU A 1990 24.06 -5.77 -7.29
C LEU A 1990 24.55 -4.38 -7.69
N LYS A 1991 24.71 -3.46 -6.74
CA LYS A 1991 25.27 -2.15 -7.06
C LYS A 1991 26.73 -2.23 -7.48
N VAL A 1992 27.41 -3.35 -7.18
CA VAL A 1992 28.83 -3.47 -7.49
C VAL A 1992 29.04 -3.42 -9.00
N LEU A 1993 28.21 -4.13 -9.76
CA LEU A 1993 28.53 -4.38 -11.15
C LEU A 1993 28.44 -3.12 -12.00
N PHE A 1994 27.34 -2.37 -11.86
CA PHE A 1994 27.04 -1.29 -12.78
C PHE A 1994 27.72 0.01 -12.38
N ARG A 1995 28.16 0.76 -13.38
CA ARG A 1995 28.75 2.08 -13.19
C ARG A 1995 27.71 3.15 -13.50
N GLY A 1996 27.70 4.20 -12.69
CA GLY A 1996 26.63 5.18 -12.78
C GLY A 1996 26.87 6.20 -13.87
N VAL A 1997 25.77 6.76 -14.37
CA VAL A 1997 25.77 7.85 -15.34
C VAL A 1997 24.61 8.77 -14.95
N SER A 1998 24.92 9.97 -14.48
CA SER A 1998 23.89 10.87 -13.97
C SER A 1998 23.38 11.76 -15.09
N MET A 1999 22.15 11.51 -15.52
CA MET A 1999 21.48 12.27 -16.57
C MET A 1999 20.31 13.02 -15.95
N MET A 2000 20.58 14.24 -15.45
CA MET A 2000 19.56 15.02 -14.77
C MET A 2000 18.90 16.04 -15.68
N VAL A 2001 19.68 16.93 -16.27
CA VAL A 2001 19.16 18.00 -17.13
C VAL A 2001 19.65 17.75 -18.55
N PRO A 2002 18.78 17.40 -19.50
CA PRO A 2002 19.23 17.36 -20.89
C PRO A 2002 19.43 18.75 -21.42
N ASP A 2003 20.28 18.86 -22.42
CA ASP A 2003 20.33 20.09 -23.19
C ASP A 2003 19.03 20.23 -23.97
N ARG A 2004 18.65 21.48 -24.25
CA ARG A 2004 17.42 21.77 -24.97
C ARG A 2004 17.58 22.75 -26.11
N GLU A 2005 18.67 23.51 -26.16
CA GLU A 2005 18.85 24.50 -27.21
C GLU A 2005 19.55 23.90 -28.43
N ILE A 2006 20.66 23.21 -28.21
CA ILE A 2006 21.44 22.70 -29.32
C ILE A 2006 20.63 21.68 -30.12
N ILE A 2007 19.87 20.84 -29.44
CA ILE A 2007 19.06 19.84 -30.14
C ILE A 2007 18.07 20.54 -31.04
N ILE A 2008 17.42 21.57 -30.53
CA ILE A 2008 16.42 22.29 -31.32
C ILE A 2008 17.07 22.92 -32.54
N LYS A 2009 18.19 23.59 -32.35
CA LYS A 2009 18.79 24.31 -33.47
C LYS A 2009 19.26 23.34 -34.55
N VAL A 2010 19.83 22.20 -34.15
CA VAL A 2010 20.31 21.27 -35.17
C VAL A 2010 19.14 20.55 -35.83
N LYS A 2011 18.03 20.33 -35.11
CA LYS A 2011 16.87 19.77 -35.79
C LYS A 2011 16.31 20.74 -36.82
N LEU A 2012 16.24 22.02 -36.46
CA LEU A 2012 15.78 23.01 -37.42
C LEU A 2012 16.69 23.09 -38.62
N ALA A 2013 18.00 22.94 -38.40
CA ALA A 2013 18.92 22.81 -39.53
C ALA A 2013 18.58 21.59 -40.36
N SER A 2014 18.28 20.48 -39.71
CA SER A 2014 18.02 19.24 -40.42
C SER A 2014 16.81 19.36 -41.32
N VAL A 2015 15.77 20.06 -40.87
CA VAL A 2015 14.62 20.31 -41.75
C VAL A 2015 15.02 21.24 -42.89
N GLY A 2016 15.88 22.22 -42.60
CA GLY A 2016 16.44 23.09 -43.63
C GLY A 2016 16.07 24.56 -43.50
N TYR A 2017 15.88 25.03 -42.27
CA TYR A 2017 15.45 26.41 -42.05
C TYR A 2017 16.64 27.37 -42.20
N LEU A 2018 16.33 28.66 -42.13
CA LEU A 2018 17.30 29.73 -42.35
C LEU A 2018 17.46 30.68 -41.17
N GLN A 2019 16.49 30.74 -40.26
CA GLN A 2019 16.49 31.62 -39.10
C GLN A 2019 16.83 30.84 -37.83
N ILE A 2020 17.81 29.94 -37.92
CA ILE A 2020 18.00 28.88 -36.91
C ILE A 2020 18.23 29.49 -35.53
N ASP A 2021 19.29 30.28 -35.40
CA ASP A 2021 19.83 30.57 -34.08
C ASP A 2021 18.88 31.42 -33.24
N LEU A 2022 18.17 32.36 -33.88
CA LEU A 2022 17.18 33.13 -33.13
C LEU A 2022 16.04 32.25 -32.66
N LEU A 2023 15.50 31.44 -33.57
CA LEU A 2023 14.32 30.66 -33.24
C LEU A 2023 14.61 29.71 -32.09
N ALA A 2024 15.81 29.11 -32.08
CA ALA A 2024 16.17 28.18 -31.01
C ALA A 2024 16.00 28.83 -29.64
N LYS A 2025 16.55 30.04 -29.48
CA LYS A 2025 16.39 30.77 -28.24
C LYS A 2025 14.93 31.05 -27.95
N LYS A 2026 14.14 31.36 -28.99
CA LYS A 2026 12.71 31.60 -28.78
C LYS A 2026 12.04 30.37 -28.16
N PHE A 2027 12.27 29.19 -28.75
CA PHE A 2027 11.69 27.96 -28.22
C PHE A 2027 12.05 27.78 -26.76
N ASN A 2028 13.34 27.86 -26.47
CA ASN A 2028 13.79 27.56 -25.12
C ASN A 2028 13.14 28.50 -24.12
N VAL A 2029 13.23 29.81 -24.37
CA VAL A 2029 12.74 30.78 -23.39
C VAL A 2029 11.24 30.61 -23.20
N LEU A 2030 10.50 30.37 -24.29
CA LEU A 2030 9.05 30.27 -24.14
C LEU A 2030 8.68 29.08 -23.28
N TYR A 2031 9.30 27.92 -23.55
CA TYR A 2031 8.92 26.75 -22.78
C TYR A 2031 9.36 26.88 -21.34
N ARG A 2032 10.51 27.50 -21.09
CA ARG A 2032 10.92 27.72 -19.70
C ARG A 2032 9.89 28.57 -18.96
N LEU A 2033 9.64 29.78 -19.47
CA LEU A 2033 8.71 30.70 -18.82
C LEU A 2033 7.36 30.05 -18.58
N CYS A 2034 6.86 29.31 -19.57
CA CYS A 2034 5.60 28.60 -19.39
C CYS A 2034 5.69 27.61 -18.24
N GLU A 2035 6.82 26.90 -18.11
CA GLU A 2035 6.94 25.95 -17.00
C GLU A 2035 6.86 26.65 -15.66
N GLU A 2036 7.66 27.70 -15.47
CA GLU A 2036 7.74 28.24 -14.10
C GLU A 2036 6.54 29.12 -13.77
N GLN A 2037 6.31 30.21 -14.50
CA GLN A 2037 5.41 31.23 -13.96
C GLN A 2037 3.94 30.98 -14.29
N LEU A 2038 3.59 29.80 -14.79
CA LEU A 2038 2.20 29.46 -15.06
C LEU A 2038 1.63 28.67 -13.89
N SER A 2039 0.31 28.51 -13.87
CA SER A 2039 -0.33 27.87 -12.72
C SER A 2039 0.07 26.42 -12.65
N LYS A 2040 0.02 25.87 -11.44
CA LYS A 2040 0.46 24.50 -11.18
C LYS A 2040 -0.76 23.59 -11.30
N GLN A 2041 -0.75 22.74 -12.31
CA GLN A 2041 -1.74 21.70 -12.49
C GLN A 2041 -1.01 20.39 -12.76
N ARG A 2042 -1.60 19.29 -12.29
CA ARG A 2042 -0.90 18.02 -12.32
C ARG A 2042 -0.60 17.55 -13.73
N HIS A 2043 -1.52 17.80 -14.66
CA HIS A 2043 -1.44 17.19 -15.97
C HIS A 2043 -0.60 17.99 -16.97
N TYR A 2044 -0.11 19.18 -16.60
CA TYR A 2044 0.68 19.96 -17.53
C TYR A 2044 2.03 19.28 -17.75
N ASP A 2045 2.52 19.36 -18.99
CA ASP A 2045 3.86 18.87 -19.29
C ASP A 2045 4.47 19.70 -20.41
N PHE A 2046 5.76 20.02 -20.25
CA PHE A 2046 6.50 20.79 -21.24
C PHE A 2046 7.89 20.22 -21.45
N GLY A 2047 8.04 18.91 -21.31
CA GLY A 2047 9.32 18.27 -21.42
C GLY A 2047 9.73 18.07 -22.85
N LEU A 2048 10.67 17.14 -23.04
CA LEU A 2048 11.21 16.91 -24.37
C LEU A 2048 10.26 16.16 -25.28
N ARG A 2049 9.35 15.36 -24.74
CA ARG A 2049 8.39 14.67 -25.58
C ARG A 2049 7.51 15.64 -26.33
N ASN A 2050 7.00 16.65 -25.62
CA ASN A 2050 6.21 17.70 -26.26
C ASN A 2050 7.02 18.42 -27.33
N ILE A 2051 8.28 18.75 -27.03
CA ILE A 2051 9.10 19.49 -27.96
C ILE A 2051 9.34 18.69 -29.23
N LEU A 2052 9.69 17.42 -29.09
CA LEU A 2052 9.92 16.62 -30.27
C LEU A 2052 8.65 16.44 -31.07
N SER A 2053 7.50 16.35 -30.39
CA SER A 2053 6.24 16.29 -31.12
C SER A 2053 6.07 17.53 -32.00
N VAL A 2054 6.40 18.70 -31.44
CA VAL A 2054 6.29 19.94 -32.21
C VAL A 2054 7.22 19.91 -33.41
N LEU A 2055 8.44 19.40 -33.23
CA LEU A 2055 9.41 19.40 -34.33
C LEU A 2055 8.95 18.49 -35.47
N ARG A 2056 8.60 17.24 -35.14
CA ARG A 2056 8.14 16.31 -36.14
C ARG A 2056 6.84 16.76 -36.79
N THR A 2057 6.06 17.61 -36.11
CA THR A 2057 5.00 18.32 -36.79
C THR A 2057 5.57 19.32 -37.78
N ALA A 2058 6.50 20.15 -37.33
CA ALA A 2058 6.92 21.32 -38.09
C ALA A 2058 7.62 20.98 -39.39
N GLY A 2059 8.03 19.73 -39.58
CA GLY A 2059 8.63 19.37 -40.87
C GLY A 2059 7.72 19.67 -42.06
N ASN A 2060 6.47 19.21 -42.00
CA ASN A 2060 5.57 19.30 -43.15
C ASN A 2060 5.30 20.75 -43.53
N THR A 2061 5.10 21.62 -42.53
CA THR A 2061 4.64 22.98 -42.81
C THR A 2061 5.64 23.72 -43.69
N LYS A 2062 6.94 23.60 -43.40
CA LYS A 2062 7.93 24.13 -44.31
C LYS A 2062 7.94 23.35 -45.61
N ARG A 2063 7.70 22.03 -45.56
CA ARG A 2063 7.67 21.29 -46.83
C ARG A 2063 6.54 21.75 -47.74
N GLN A 2064 5.50 22.38 -47.20
CA GLN A 2064 4.49 22.99 -48.04
C GLN A 2064 5.09 24.16 -48.82
N GLU A 2065 4.43 24.51 -49.93
CA GLU A 2065 4.95 25.47 -50.88
C GLU A 2065 5.26 26.84 -50.27
N ILE A 2066 4.60 27.22 -49.17
CA ILE A 2066 4.70 28.59 -48.68
C ILE A 2066 6.13 28.95 -48.38
N LYS A 2067 6.55 30.12 -48.86
CA LYS A 2067 7.83 30.73 -48.54
C LYS A 2067 7.67 31.88 -47.55
N SER A 2068 6.56 31.90 -46.81
CA SER A 2068 6.35 32.95 -45.84
C SER A 2068 7.43 32.89 -44.77
N ASP A 2069 7.51 33.94 -43.97
CA ASP A 2069 8.55 34.04 -42.96
C ASP A 2069 8.37 32.95 -41.92
N GLU A 2070 9.50 32.34 -41.52
CA GLU A 2070 9.44 31.14 -40.69
C GLU A 2070 8.80 31.42 -39.34
N GLU A 2071 9.10 32.59 -38.75
CA GLU A 2071 8.65 32.86 -37.39
C GLU A 2071 7.13 32.86 -37.29
N MET A 2072 6.44 33.29 -38.35
CA MET A 2072 4.98 33.21 -38.36
C MET A 2072 4.53 31.76 -38.23
N LEU A 2073 5.05 30.90 -39.12
CA LEU A 2073 4.69 29.50 -39.12
C LEU A 2073 4.95 28.89 -37.76
N LEU A 2074 6.04 29.32 -37.13
CA LEU A 2074 6.43 28.71 -35.87
C LEU A 2074 5.54 29.15 -34.73
N MET A 2075 5.18 30.44 -34.69
CA MET A 2075 4.23 30.91 -33.68
C MET A 2075 2.93 30.13 -33.80
N ARG A 2076 2.45 29.97 -35.03
CA ARG A 2076 1.21 29.24 -35.24
C ARG A 2076 1.32 27.81 -34.72
N SER A 2077 2.43 27.15 -35.05
CA SER A 2077 2.61 25.75 -34.65
C SER A 2077 2.62 25.62 -33.13
N LEU A 2078 3.45 26.42 -32.45
CA LEU A 2078 3.57 26.31 -31.00
C LEU A 2078 2.24 26.59 -30.32
N ARG A 2079 1.62 27.74 -30.64
CA ARG A 2079 0.38 28.12 -30.00
C ARG A 2079 -0.68 27.06 -30.20
N ASP A 2080 -0.92 26.68 -31.46
CA ASP A 2080 -2.01 25.75 -31.74
C ASP A 2080 -1.73 24.36 -31.17
N MET A 2081 -0.46 24.00 -30.95
CA MET A 2081 -0.19 22.72 -30.30
C MET A 2081 -0.53 22.76 -28.81
N ASN A 2082 -0.10 23.81 -28.11
CA ASN A 2082 -0.18 23.77 -26.66
C ASN A 2082 -1.50 24.29 -26.08
N LEU A 2083 -2.49 24.62 -26.92
CA LEU A 2083 -3.73 25.16 -26.39
C LEU A 2083 -4.54 24.13 -25.62
N SER A 2084 -4.47 22.86 -26.03
CA SER A 2084 -5.50 21.90 -25.65
C SER A 2084 -5.53 21.65 -24.15
N LYS A 2085 -4.38 21.46 -23.53
CA LYS A 2085 -4.34 21.03 -22.14
C LYS A 2085 -4.79 22.10 -21.17
N LEU A 2086 -4.68 23.38 -21.52
CA LEU A 2086 -4.76 24.45 -20.54
C LEU A 2086 -6.18 24.62 -20.02
N VAL A 2087 -6.29 24.79 -18.71
CA VAL A 2087 -7.56 25.09 -18.05
C VAL A 2087 -7.98 26.51 -18.44
N ALA A 2088 -9.18 26.90 -18.04
CA ALA A 2088 -9.75 28.18 -18.46
C ALA A 2088 -8.83 29.35 -18.13
N ASP A 2089 -8.35 29.44 -16.89
CA ASP A 2089 -7.67 30.66 -16.46
C ASP A 2089 -6.34 30.87 -17.16
N ASP A 2090 -5.60 29.79 -17.43
CA ASP A 2090 -4.24 29.95 -17.91
C ASP A 2090 -4.13 30.43 -19.35
N ILE A 2091 -5.23 30.38 -20.11
CA ILE A 2091 -5.15 30.75 -21.53
C ILE A 2091 -4.75 32.21 -21.72
N PRO A 2092 -5.38 33.19 -21.05
CA PRO A 2092 -4.91 34.57 -21.19
C PRO A 2092 -3.46 34.74 -20.84
N LEU A 2093 -3.00 34.11 -19.75
CA LEU A 2093 -1.60 34.24 -19.38
C LEU A 2093 -0.70 33.67 -20.46
N PHE A 2094 -1.11 32.54 -21.04
CA PHE A 2094 -0.30 31.90 -22.06
C PHE A 2094 -0.13 32.82 -23.27
N ASN A 2095 -1.22 33.34 -23.82
CA ASN A 2095 -1.01 34.13 -25.05
C ASN A 2095 -0.56 35.57 -24.78
N GLY A 2096 -0.82 36.12 -23.59
CA GLY A 2096 -0.10 37.31 -23.19
C GLY A 2096 1.39 37.07 -23.13
N LEU A 2097 1.80 35.88 -22.68
CA LEU A 2097 3.21 35.53 -22.71
C LEU A 2097 3.72 35.38 -24.13
N LEU A 2098 2.89 34.84 -25.03
CA LEU A 2098 3.29 34.75 -26.42
C LEU A 2098 3.60 36.12 -26.99
N ALA A 2099 2.78 37.12 -26.66
CA ALA A 2099 2.97 38.44 -27.24
C ALA A 2099 4.32 39.06 -26.87
N ASP A 2100 4.88 38.68 -25.72
CA ASP A 2100 6.11 39.30 -25.24
C ASP A 2100 7.36 38.81 -25.95
N ILE A 2101 7.25 37.77 -26.79
CA ILE A 2101 8.40 37.22 -27.48
C ILE A 2101 8.32 37.39 -28.98
N PHE A 2102 7.13 37.56 -29.55
CA PHE A 2102 6.94 37.78 -30.99
C PHE A 2102 6.15 39.07 -31.18
N PRO A 2103 6.67 40.21 -30.74
CA PRO A 2103 5.93 41.46 -30.90
C PRO A 2103 5.82 41.90 -32.33
N LYS A 2104 6.71 41.42 -33.21
CA LYS A 2104 6.62 41.78 -34.62
C LYS A 2104 5.32 41.27 -35.23
N LEU A 2105 4.93 40.05 -34.88
CA LEU A 2105 3.72 39.45 -35.42
C LEU A 2105 2.53 39.81 -34.55
N LYS A 2106 1.42 40.14 -35.20
CA LYS A 2106 0.20 40.54 -34.50
C LYS A 2106 -0.73 39.37 -34.28
N GLU A 2107 -1.20 38.75 -35.37
CA GLU A 2107 -2.15 37.65 -35.26
C GLU A 2107 -2.03 36.80 -36.51
N VAL A 2108 -2.43 35.54 -36.36
CA VAL A 2108 -2.64 34.66 -37.51
C VAL A 2108 -3.90 33.84 -37.27
N PRO A 2109 -4.63 33.51 -38.34
CA PRO A 2109 -5.76 32.60 -38.18
C PRO A 2109 -5.29 31.17 -37.95
N LYS A 2110 -6.16 30.38 -37.33
CA LYS A 2110 -5.90 28.96 -37.18
C LYS A 2110 -6.29 28.24 -38.47
N LYS A 2111 -5.39 27.43 -39.00
CA LYS A 2111 -5.66 26.66 -40.21
C LYS A 2111 -6.82 25.71 -39.98
N LEU A 2112 -7.94 25.95 -40.65
CA LEU A 2112 -9.19 25.25 -40.37
C LEU A 2112 -9.48 24.25 -41.49
N TYR A 2113 -9.86 23.04 -41.09
CA TYR A 2113 -10.03 21.93 -42.02
C TYR A 2113 -11.47 21.87 -42.49
N PRO A 2114 -11.77 22.08 -43.78
CA PRO A 2114 -13.16 22.37 -44.16
C PRO A 2114 -14.09 21.18 -44.11
N ASP A 2115 -13.60 20.01 -44.52
CA ASP A 2115 -14.45 18.83 -44.62
C ASP A 2115 -15.07 18.48 -43.28
N VAL A 2116 -14.26 18.40 -42.22
CA VAL A 2116 -14.77 17.96 -40.93
C VAL A 2116 -15.71 19.01 -40.34
N GLU A 2117 -15.37 20.29 -40.47
CA GLU A 2117 -16.21 21.32 -39.87
C GLU A 2117 -17.56 21.41 -40.58
N LYS A 2118 -17.61 21.15 -41.88
CA LYS A 2118 -18.93 21.08 -42.52
C LYS A 2118 -19.64 19.78 -42.16
N LYS A 2119 -18.90 18.70 -41.92
CA LYS A 2119 -19.55 17.43 -41.66
C LYS A 2119 -20.19 17.37 -40.28
N ILE A 2120 -19.60 18.04 -39.28
CA ILE A 2120 -20.03 17.83 -37.90
C ILE A 2120 -21.51 18.17 -37.67
N PRO A 2121 -22.01 19.34 -38.07
CA PRO A 2121 -23.42 19.64 -37.81
C PRO A 2121 -24.39 18.66 -38.45
N GLU A 2122 -23.98 17.98 -39.53
CA GLU A 2122 -24.88 17.05 -40.19
C GLU A 2122 -25.35 15.95 -39.25
N GLU A 2123 -24.40 15.24 -38.63
CA GLU A 2123 -24.82 14.19 -37.71
C GLU A 2123 -25.32 14.77 -36.39
N ILE A 2124 -24.82 15.95 -35.99
CA ILE A 2124 -25.39 16.52 -34.76
C ILE A 2124 -26.88 16.75 -34.93
N ASN A 2125 -27.30 17.10 -36.15
CA ASN A 2125 -28.73 17.16 -36.45
C ASN A 2125 -29.35 15.78 -36.62
N ALA A 2126 -28.58 14.81 -37.11
CA ALA A 2126 -29.13 13.47 -37.35
C ALA A 2126 -29.69 12.86 -36.08
N GLU A 2127 -29.04 13.08 -34.94
CA GLU A 2127 -29.57 12.59 -33.68
C GLU A 2127 -30.78 13.44 -33.26
N SER A 2128 -31.58 12.86 -32.36
CA SER A 2128 -32.66 13.63 -31.74
C SER A 2128 -32.13 14.64 -30.74
N TYR A 2129 -31.42 14.14 -29.73
CA TYR A 2129 -31.10 14.92 -28.53
C TYR A 2129 -29.68 15.46 -28.56
N LEU A 2130 -29.39 16.31 -29.55
CA LEU A 2130 -28.04 16.87 -29.69
C LEU A 2130 -28.14 18.33 -30.11
N ILE A 2131 -27.60 19.22 -29.28
CA ILE A 2131 -27.52 20.64 -29.55
C ILE A 2131 -26.08 20.99 -29.88
N ASN A 2132 -25.84 21.58 -31.04
CA ASN A 2132 -24.52 22.04 -31.40
C ASN A 2132 -24.23 23.38 -30.75
N THR A 2133 -23.04 23.54 -30.20
CA THR A 2133 -22.57 24.77 -29.59
C THR A 2133 -21.11 24.95 -30.01
N PRO A 2134 -20.62 26.20 -30.03
CA PRO A 2134 -19.26 26.43 -30.54
C PRO A 2134 -18.18 25.71 -29.75
N SER A 2135 -18.35 25.58 -28.43
CA SER A 2135 -17.36 24.92 -27.61
C SER A 2135 -17.14 23.48 -28.08
N PHE A 2136 -18.21 22.80 -28.48
CA PHE A 2136 -18.05 21.46 -29.01
C PHE A 2136 -17.22 21.44 -30.28
N GLN A 2137 -17.43 22.42 -31.16
CA GLN A 2137 -16.61 22.51 -32.36
C GLN A 2137 -15.15 22.62 -31.98
N LEU A 2138 -14.85 23.50 -31.02
CA LEU A 2138 -13.47 23.73 -30.64
C LEU A 2138 -12.83 22.48 -30.06
N LYS A 2139 -13.51 21.86 -29.08
CA LYS A 2139 -12.91 20.70 -28.41
C LYS A 2139 -12.78 19.52 -29.34
N ILE A 2140 -13.79 19.24 -30.15
CA ILE A 2140 -13.73 18.07 -31.03
C ILE A 2140 -12.64 18.25 -32.08
N ILE A 2141 -12.45 19.47 -32.59
CA ILE A 2141 -11.38 19.67 -33.56
C ILE A 2141 -10.02 19.52 -32.89
N GLN A 2142 -9.87 20.01 -31.66
CA GLN A 2142 -8.61 19.83 -30.96
C GLN A 2142 -8.30 18.35 -30.76
N LEU A 2143 -9.32 17.58 -30.41
CA LEU A 2143 -9.16 16.14 -30.29
C LEU A 2143 -8.71 15.54 -31.62
N TYR A 2144 -9.26 16.04 -32.72
CA TYR A 2144 -8.84 15.53 -34.02
C TYR A 2144 -7.35 15.78 -34.26
N GLU A 2145 -6.86 16.96 -33.91
CA GLU A 2145 -5.46 17.26 -34.16
C GLU A 2145 -4.54 16.37 -33.31
N THR A 2146 -4.82 16.28 -32.01
CA THR A 2146 -3.95 15.45 -31.17
C THR A 2146 -4.03 13.99 -31.56
N CYS A 2147 -5.19 13.54 -32.05
CA CYS A 2147 -5.25 12.21 -32.65
C CYS A 2147 -4.30 12.10 -33.83
N LEU A 2148 -4.28 13.13 -34.68
CA LEU A 2148 -3.46 13.06 -35.89
C LEU A 2148 -1.98 12.95 -35.57
N VAL A 2149 -1.52 13.56 -34.47
CA VAL A 2149 -0.08 13.60 -34.22
C VAL A 2149 0.42 12.39 -33.43
N ARG A 2150 -0.14 12.13 -32.25
CA ARG A 2150 0.49 11.28 -31.25
C ARG A 2150 -0.18 9.92 -31.14
N HIS A 2151 0.52 9.00 -30.44
CA HIS A 2151 0.04 7.63 -30.23
C HIS A 2151 -1.33 7.63 -29.58
N GLY A 2152 -1.37 8.09 -28.34
CA GLY A 2152 -2.54 7.98 -27.50
C GLY A 2152 -2.76 9.31 -26.82
N PHE A 2153 -3.85 9.38 -26.08
CA PHE A 2153 -4.26 10.64 -25.51
C PHE A 2153 -5.24 10.36 -24.38
N MET A 2154 -5.55 11.41 -23.64
CA MET A 2154 -6.43 11.33 -22.49
C MET A 2154 -7.45 12.46 -22.56
N LEU A 2155 -8.64 12.18 -22.08
CA LEU A 2155 -9.70 13.17 -21.97
C LEU A 2155 -9.91 13.44 -20.49
N VAL A 2156 -9.09 14.32 -19.95
CA VAL A 2156 -9.24 14.73 -18.55
C VAL A 2156 -10.39 15.72 -18.47
N GLY A 2157 -11.24 15.55 -17.46
CA GLY A 2157 -12.31 16.50 -17.24
C GLY A 2157 -13.36 15.97 -16.28
N PRO A 2158 -14.09 16.87 -15.62
CA PRO A 2158 -15.00 16.44 -14.55
C PRO A 2158 -16.22 15.71 -15.06
N THR A 2159 -17.04 15.20 -14.15
CA THR A 2159 -18.19 14.40 -14.52
C THR A 2159 -19.20 15.20 -15.33
N GLY A 2160 -20.04 14.48 -16.07
CA GLY A 2160 -21.16 15.09 -16.78
C GLY A 2160 -20.77 16.14 -17.78
N SER A 2161 -19.57 16.06 -18.33
CA SER A 2161 -19.03 17.10 -19.20
C SER A 2161 -19.02 16.74 -20.67
N GLY A 2162 -19.47 15.53 -21.04
CA GLY A 2162 -19.63 15.18 -22.44
C GLY A 2162 -18.47 14.48 -23.09
N LYS A 2163 -17.59 13.83 -22.33
CA LYS A 2163 -16.41 13.22 -22.92
C LYS A 2163 -16.78 12.09 -23.87
N SER A 2164 -17.58 11.15 -23.38
CA SER A 2164 -17.92 9.95 -24.16
C SER A 2164 -18.65 10.33 -25.43
N THR A 2165 -19.54 11.32 -25.34
CA THR A 2165 -20.24 11.81 -26.52
C THR A 2165 -19.26 12.36 -27.54
N ILE A 2166 -18.25 13.10 -27.09
CA ILE A 2166 -17.27 13.67 -28.00
C ILE A 2166 -16.55 12.57 -28.75
N MET A 2167 -16.12 11.53 -28.03
CA MET A 2167 -15.45 10.42 -28.69
C MET A 2167 -16.36 9.76 -29.72
N LYS A 2168 -17.62 9.52 -29.34
CA LYS A 2168 -18.56 8.85 -30.23
C LYS A 2168 -18.76 9.65 -31.51
N ILE A 2169 -19.03 10.95 -31.38
CA ILE A 2169 -19.29 11.77 -32.55
C ILE A 2169 -18.06 11.85 -33.43
N LEU A 2170 -16.87 11.92 -32.83
CA LEU A 2170 -15.67 11.95 -33.65
C LEU A 2170 -15.57 10.68 -34.47
N THR A 2171 -15.75 9.52 -33.83
CA THR A 2171 -15.68 8.26 -34.56
C THR A 2171 -16.69 8.26 -35.70
N GLU A 2172 -17.86 8.85 -35.47
CA GLU A 2172 -18.87 8.91 -36.51
C GLU A 2172 -18.37 9.71 -37.72
N VAL A 2173 -17.82 10.91 -37.48
CA VAL A 2173 -17.39 11.73 -38.63
C VAL A 2173 -16.25 11.06 -39.37
N LEU A 2174 -15.32 10.44 -38.65
CA LEU A 2174 -14.26 9.74 -39.36
C LEU A 2174 -14.84 8.63 -40.22
N THR A 2175 -15.83 7.90 -39.71
CA THR A 2175 -16.40 6.81 -40.47
C THR A 2175 -17.20 7.30 -41.67
N LYS A 2176 -17.76 8.50 -41.59
CA LYS A 2176 -18.65 8.96 -42.66
C LYS A 2176 -17.93 9.06 -44.00
N LEU A 2177 -16.71 9.61 -44.00
CA LEU A 2177 -15.95 9.78 -45.25
C LEU A 2177 -15.03 8.58 -45.51
N GLY A 2178 -15.55 7.38 -45.41
CA GLY A 2178 -14.69 6.22 -45.50
C GLY A 2178 -13.77 6.17 -44.29
N SER A 2179 -12.79 5.27 -44.34
CA SER A 2179 -11.90 5.07 -43.20
C SER A 2179 -12.69 4.75 -41.93
N PRO A 2180 -13.23 3.54 -41.77
CA PRO A 2180 -14.05 3.25 -40.59
C PRO A 2180 -13.31 3.41 -39.28
N HIS A 2181 -14.02 3.25 -38.16
CA HIS A 2181 -13.43 3.43 -36.84
C HIS A 2181 -14.26 2.66 -35.83
N LYS A 2182 -13.60 1.84 -35.01
CA LYS A 2182 -14.25 1.04 -33.99
C LYS A 2182 -13.68 1.40 -32.63
N ILE A 2183 -14.48 1.21 -31.59
CA ILE A 2183 -14.12 1.63 -30.24
C ILE A 2183 -14.46 0.51 -29.26
N VAL A 2184 -13.52 0.19 -28.37
CA VAL A 2184 -13.69 -0.79 -27.31
C VAL A 2184 -13.52 -0.06 -25.99
N ILE A 2185 -14.13 -0.60 -24.94
CA ILE A 2185 -14.12 0.01 -23.61
C ILE A 2185 -13.59 -1.00 -22.61
N MET A 2186 -13.03 -0.48 -21.51
CA MET A 2186 -12.46 -1.31 -20.46
C MET A 2186 -12.45 -0.50 -19.17
N ASN A 2187 -12.43 -1.20 -18.04
CA ASN A 2187 -12.40 -0.59 -16.72
C ASN A 2187 -11.27 -1.23 -15.92
N PRO A 2188 -10.19 -0.52 -15.60
CA PRO A 2188 -8.98 -1.22 -15.14
C PRO A 2188 -9.01 -1.64 -13.68
N LYS A 2189 -9.68 -0.88 -12.82
CA LYS A 2189 -9.74 -1.20 -11.40
C LYS A 2189 -11.01 -1.94 -10.99
N ALA A 2190 -11.81 -2.40 -11.95
CA ALA A 2190 -12.83 -3.41 -11.71
C ALA A 2190 -12.35 -4.81 -12.06
N ILE A 2191 -11.09 -4.98 -12.47
CA ILE A 2191 -10.47 -6.29 -12.58
C ILE A 2191 -9.06 -6.18 -12.01
N THR A 2192 -8.55 -7.29 -11.51
CA THR A 2192 -7.23 -7.30 -10.91
C THR A 2192 -6.14 -7.32 -11.98
N ALA A 2193 -5.06 -6.58 -11.72
CA ALA A 2193 -4.02 -6.39 -12.73
C ALA A 2193 -3.42 -7.73 -13.16
N GLU A 2194 -3.29 -8.66 -12.20
CA GLU A 2194 -2.83 -10.00 -12.53
C GLU A 2194 -3.70 -10.64 -13.61
N GLN A 2195 -5.01 -10.37 -13.57
CA GLN A 2195 -5.92 -10.86 -14.60
C GLN A 2195 -5.86 -9.98 -15.83
N MET A 2196 -5.62 -8.69 -15.66
CA MET A 2196 -5.58 -7.78 -16.80
C MET A 2196 -4.49 -8.18 -17.77
N TYR A 2197 -3.27 -8.39 -17.28
CA TYR A 2197 -2.17 -8.86 -18.11
C TYR A 2197 -1.89 -10.34 -17.99
N GLY A 2198 -2.66 -11.08 -17.21
CA GLY A 2198 -2.45 -12.51 -17.07
C GLY A 2198 -1.19 -12.83 -16.31
N VAL A 2199 -1.16 -14.00 -15.65
CA VAL A 2199 0.02 -14.45 -14.90
C VAL A 2199 0.27 -15.91 -15.19
N LYS A 2200 1.23 -16.49 -14.48
CA LYS A 2200 1.42 -17.93 -14.43
C LYS A 2200 0.56 -18.48 -13.31
N SER A 2201 -0.19 -19.56 -13.60
CA SER A 2201 -1.12 -20.09 -12.62
C SER A 2201 -0.40 -20.50 -11.36
N GLU A 2202 -1.04 -20.28 -10.22
CA GLU A 2202 -0.46 -20.50 -8.90
C GLU A 2202 -0.88 -21.84 -8.32
N ILE A 2203 -1.44 -22.74 -9.14
CA ILE A 2203 -1.79 -24.10 -8.73
C ILE A 2203 -1.12 -25.09 -9.67
N SER A 2204 -1.45 -25.02 -10.95
CA SER A 2204 -1.08 -26.04 -11.92
C SER A 2204 0.21 -25.74 -12.68
N ASP A 2205 0.89 -24.63 -12.39
CA ASP A 2205 2.20 -24.35 -12.99
C ASP A 2205 2.09 -24.11 -14.49
N ASP A 2206 1.07 -23.37 -14.92
CA ASP A 2206 0.83 -23.16 -16.34
C ASP A 2206 0.19 -21.79 -16.58
N TRP A 2207 0.54 -21.19 -17.71
CA TRP A 2207 0.17 -19.82 -18.00
C TRP A 2207 -1.33 -19.69 -18.24
N ILE A 2208 -1.86 -18.50 -17.96
CA ILE A 2208 -3.24 -18.14 -18.29
C ILE A 2208 -3.18 -16.89 -19.17
N PRO A 2209 -4.16 -16.64 -20.05
CA PRO A 2209 -4.09 -15.44 -20.88
C PRO A 2209 -4.61 -14.20 -20.15
N GLY A 2210 -4.14 -13.05 -20.61
CA GLY A 2210 -4.48 -11.76 -20.02
C GLY A 2210 -5.47 -11.02 -20.89
N VAL A 2211 -6.41 -10.33 -20.26
CA VAL A 2211 -7.51 -9.71 -21.00
C VAL A 2211 -6.99 -8.64 -21.94
N PHE A 2212 -6.34 -7.60 -21.38
CA PHE A 2212 -5.87 -6.49 -22.19
C PHE A 2212 -4.93 -6.95 -23.28
N SER A 2213 -4.05 -7.90 -22.98
CA SER A 2213 -3.16 -8.42 -24.00
C SER A 2213 -3.93 -9.19 -25.06
N THR A 2214 -5.01 -9.87 -24.68
CA THR A 2214 -5.82 -10.55 -25.68
C THR A 2214 -6.46 -9.55 -26.63
N ILE A 2215 -6.97 -8.44 -26.10
CA ILE A 2215 -7.54 -7.41 -26.97
C ILE A 2215 -6.46 -6.85 -27.88
N TRP A 2216 -5.25 -6.67 -27.33
CA TRP A 2216 -4.13 -6.17 -28.12
C TRP A 2216 -3.84 -7.09 -29.30
N ALA A 2217 -3.69 -8.38 -29.02
CA ALA A 2217 -3.39 -9.34 -30.08
C ALA A 2217 -4.52 -9.40 -31.10
N LYS A 2218 -5.77 -9.36 -30.62
CA LYS A 2218 -6.90 -9.40 -31.55
C LYS A 2218 -6.99 -8.13 -32.40
N SER A 2219 -6.41 -7.02 -31.97
CA SER A 2219 -6.60 -5.74 -32.64
C SER A 2219 -5.50 -5.41 -33.65
N ASN A 2220 -4.25 -5.71 -33.35
CA ASN A 2220 -3.13 -5.23 -34.16
C ASN A 2220 -2.78 -6.14 -35.32
N ASN A 2221 -3.71 -6.99 -35.75
CA ASN A 2221 -3.50 -7.73 -36.98
C ASN A 2221 -3.57 -6.79 -38.17
N ARG A 2222 -2.64 -6.95 -39.11
CA ARG A 2222 -2.77 -6.26 -40.38
C ARG A 2222 -3.90 -6.93 -41.17
N ALA A 2223 -4.12 -6.44 -42.40
CA ALA A 2223 -5.15 -6.98 -43.27
C ALA A 2223 -6.54 -6.89 -42.63
N LEU A 2224 -6.78 -5.77 -41.94
CA LEU A 2224 -8.09 -5.40 -41.44
C LEU A 2224 -8.44 -4.02 -42.00
N LYS A 2225 -9.68 -3.59 -41.76
CA LYS A 2225 -10.16 -2.30 -42.21
C LYS A 2225 -10.53 -1.34 -41.09
N HIS A 2226 -10.67 -1.83 -39.86
CA HIS A 2226 -11.02 -0.98 -38.73
C HIS A 2226 -9.86 -0.03 -38.41
N THR A 2227 -10.07 0.80 -37.39
CA THR A 2227 -9.00 1.54 -36.72
C THR A 2227 -9.35 1.56 -35.23
N THR A 2228 -8.91 0.53 -34.52
CA THR A 2228 -9.40 0.31 -33.17
C THR A 2228 -8.81 1.30 -32.18
N TRP A 2229 -9.62 1.73 -31.22
CA TRP A 2229 -9.25 2.68 -30.18
C TRP A 2229 -9.55 2.03 -28.82
N ILE A 2230 -8.55 1.44 -28.17
CA ILE A 2230 -8.83 0.78 -26.91
C ILE A 2230 -9.00 1.84 -25.83
N THR A 2231 -10.17 1.86 -25.20
CA THR A 2231 -10.51 2.85 -24.19
C THR A 2231 -10.40 2.22 -22.81
N CYS A 2232 -9.44 2.69 -22.02
CA CYS A 2232 -9.48 2.44 -20.59
C CYS A 2232 -10.31 3.55 -19.95
N ASP A 2233 -10.95 3.22 -18.83
CA ASP A 2233 -11.95 4.11 -18.27
C ASP A 2233 -12.09 3.84 -16.78
N GLY A 2234 -11.57 4.74 -15.96
CA GLY A 2234 -11.52 4.56 -14.52
C GLY A 2234 -10.58 5.57 -13.91
N PRO A 2235 -9.91 5.20 -12.82
CA PRO A 2235 -8.80 6.02 -12.31
C PRO A 2235 -7.47 5.60 -12.89
N VAL A 2236 -6.48 6.47 -12.73
CA VAL A 2236 -5.11 6.20 -13.12
C VAL A 2236 -4.27 5.97 -11.88
N ASP A 2237 -4.15 4.71 -11.47
CA ASP A 2237 -3.23 4.31 -10.42
C ASP A 2237 -1.94 3.84 -11.07
N ALA A 2238 -0.81 4.20 -10.46
CA ALA A 2238 0.47 4.01 -11.12
C ALA A 2238 0.80 2.55 -11.35
N ILE A 2239 0.34 1.66 -10.46
CA ILE A 2239 0.83 0.28 -10.44
C ILE A 2239 0.50 -0.43 -11.74
N TRP A 2240 -0.72 -0.26 -12.25
CA TRP A 2240 -1.12 -1.00 -13.44
C TRP A 2240 -0.74 -0.26 -14.72
N ILE A 2241 -0.83 1.07 -14.72
CA ILE A 2241 -0.57 1.79 -15.97
C ILE A 2241 0.90 1.75 -16.30
N GLU A 2242 1.77 1.89 -15.31
CA GLU A 2242 3.13 2.28 -15.60
C GLU A 2242 3.90 1.22 -16.37
N ASN A 2243 3.43 -0.02 -16.41
CA ASN A 2243 4.08 -1.07 -17.20
C ASN A 2243 3.63 -1.06 -18.66
N LEU A 2244 3.05 0.04 -19.14
CA LEU A 2244 2.80 0.27 -20.54
C LEU A 2244 3.72 1.37 -21.10
N ASN A 2245 4.83 1.65 -20.41
CA ASN A 2245 5.74 2.69 -20.90
C ASN A 2245 6.27 2.35 -22.27
N THR A 2246 6.64 1.09 -22.50
CA THR A 2246 7.20 0.73 -23.79
C THR A 2246 6.19 0.92 -24.91
N VAL A 2247 4.92 0.58 -24.65
CA VAL A 2247 3.94 0.75 -25.72
C VAL A 2247 3.69 2.21 -26.01
N LEU A 2248 3.68 3.05 -24.97
CA LEU A 2248 3.43 4.48 -25.20
C LEU A 2248 4.70 5.26 -25.53
N ASP A 2249 5.88 4.66 -25.42
CA ASP A 2249 7.10 5.32 -25.83
C ASP A 2249 7.34 5.10 -27.31
N ASP A 2250 8.45 5.61 -27.83
CA ASP A 2250 8.78 5.42 -29.24
C ASP A 2250 9.10 3.98 -29.58
N ASN A 2251 9.33 3.11 -28.60
CA ASN A 2251 9.51 1.70 -28.90
C ASN A 2251 8.23 1.10 -29.47
N LYS A 2252 7.09 1.50 -28.93
CA LYS A 2252 5.77 1.02 -29.32
C LYS A 2252 5.75 -0.50 -29.51
N ILE A 2253 6.28 -1.20 -28.51
CA ILE A 2253 6.27 -2.65 -28.46
C ILE A 2253 5.76 -3.06 -27.08
N LEU A 2254 4.85 -4.03 -27.05
CA LEU A 2254 4.38 -4.56 -25.78
C LEU A 2254 5.25 -5.72 -25.37
N THR A 2255 5.52 -5.81 -24.07
CA THR A 2255 6.40 -6.81 -23.48
C THR A 2255 5.74 -7.39 -22.24
N LEU A 2256 5.84 -8.70 -22.07
CA LEU A 2256 5.17 -9.44 -21.02
C LEU A 2256 6.17 -10.23 -20.19
N ALA A 2257 5.71 -10.64 -19.01
CA ALA A 2257 6.47 -11.59 -18.20
C ALA A 2257 6.40 -13.02 -18.74
N ASN A 2258 5.43 -13.29 -19.62
CA ASN A 2258 5.45 -14.54 -20.37
C ASN A 2258 6.74 -14.71 -21.16
N GLY A 2259 7.34 -13.61 -21.59
CA GLY A 2259 8.35 -13.61 -22.61
C GLY A 2259 7.84 -13.23 -23.97
N GLU A 2260 6.60 -12.76 -24.07
CA GLU A 2260 5.93 -12.48 -25.34
C GLU A 2260 6.07 -11.01 -25.66
N ARG A 2261 6.41 -10.72 -26.92
CA ARG A 2261 6.59 -9.35 -27.39
C ARG A 2261 5.74 -9.14 -28.63
N ILE A 2262 4.85 -8.15 -28.58
CA ILE A 2262 3.90 -7.88 -29.65
C ILE A 2262 4.15 -6.48 -30.19
N ALA A 2263 4.27 -6.36 -31.51
CA ALA A 2263 4.63 -5.10 -32.15
C ALA A 2263 3.37 -4.30 -32.46
N MET A 2264 3.40 -3.02 -32.14
CA MET A 2264 2.29 -2.13 -32.44
C MET A 2264 2.22 -1.87 -33.93
N THR A 2265 1.00 -1.59 -34.41
CA THR A 2265 0.77 -1.13 -35.76
C THR A 2265 0.06 0.22 -35.72
N GLU A 2266 -0.03 0.86 -36.88
CA GLU A 2266 -0.76 2.11 -36.99
C GLU A 2266 -2.27 1.91 -37.04
N ASN A 2267 -2.73 0.65 -37.10
CA ASN A 2267 -4.15 0.36 -37.05
C ASN A 2267 -4.79 0.72 -35.72
N CYS A 2268 -4.00 0.93 -34.67
CA CYS A 2268 -4.50 0.93 -33.29
C CYS A 2268 -4.08 2.19 -32.55
N LYS A 2269 -4.95 2.64 -31.65
CA LYS A 2269 -4.68 3.78 -30.77
C LYS A 2269 -5.18 3.45 -29.38
N VAL A 2270 -4.64 4.14 -28.38
CA VAL A 2270 -4.95 3.93 -26.97
C VAL A 2270 -5.47 5.22 -26.40
N VAL A 2271 -6.63 5.16 -25.75
CA VAL A 2271 -7.29 6.35 -25.20
C VAL A 2271 -7.74 6.07 -23.78
N PHE A 2272 -7.78 7.12 -22.97
CA PHE A 2272 -8.20 7.05 -21.57
C PHE A 2272 -9.27 8.10 -21.34
N GLU A 2273 -10.44 7.68 -20.91
CA GLU A 2273 -11.52 8.59 -20.54
C GLU A 2273 -11.54 8.81 -19.03
N VAL A 2274 -10.43 9.29 -18.51
CA VAL A 2274 -10.24 9.37 -17.07
C VAL A 2274 -10.59 10.77 -16.59
N GLU A 2275 -11.09 10.85 -15.36
CA GLU A 2275 -11.52 12.13 -14.81
C GLU A 2275 -10.34 13.07 -14.63
N ASN A 2276 -9.40 12.70 -13.78
CA ASN A 2276 -8.24 13.55 -13.55
C ASN A 2276 -7.14 12.77 -12.87
N LEU A 2277 -5.91 13.18 -13.13
CA LEU A 2277 -4.75 12.51 -12.55
C LEU A 2277 -4.49 13.07 -11.16
N ASN A 2278 -4.32 12.19 -10.20
CA ASN A 2278 -3.81 12.57 -8.89
C ASN A 2278 -2.79 11.58 -8.35
N ASN A 2279 -2.48 10.52 -9.09
CA ASN A 2279 -1.53 9.50 -8.68
C ASN A 2279 -0.66 9.13 -9.85
N ALA A 2280 -0.16 10.14 -10.58
CA ALA A 2280 0.62 9.96 -11.79
C ALA A 2280 1.95 10.69 -11.65
N SER A 2281 3.04 9.95 -11.86
CA SER A 2281 4.36 10.52 -12.01
C SER A 2281 4.50 11.11 -13.41
N PRO A 2282 5.44 12.03 -13.63
CA PRO A 2282 5.59 12.61 -14.98
C PRO A 2282 5.95 11.59 -16.04
N ALA A 2283 6.46 10.42 -15.66
CA ALA A 2283 6.81 9.42 -16.65
C ALA A 2283 5.61 8.94 -17.45
N THR A 2284 4.39 9.10 -16.91
CA THR A 2284 3.16 8.79 -17.63
C THR A 2284 2.39 10.02 -18.08
N VAL A 2285 2.62 11.18 -17.46
CA VAL A 2285 1.99 12.41 -17.93
C VAL A 2285 2.56 12.81 -19.28
N SER A 2286 3.87 12.69 -19.43
CA SER A 2286 4.54 13.20 -20.62
C SER A 2286 4.54 12.21 -21.77
N ARG A 2287 4.10 10.97 -21.56
CA ARG A 2287 4.15 9.98 -22.63
C ARG A 2287 3.04 10.17 -23.66
N CYS A 2288 1.88 10.67 -23.25
CA CYS A 2288 0.72 10.76 -24.11
C CYS A 2288 0.15 12.17 -24.10
N GLY A 2289 -0.40 12.57 -25.25
CA GLY A 2289 -1.06 13.86 -25.36
C GLY A 2289 -2.29 13.91 -24.48
N GLN A 2290 -2.96 15.07 -24.50
CA GLN A 2290 -4.10 15.21 -23.61
C GLN A 2290 -4.99 16.37 -24.03
N VAL A 2291 -6.24 16.28 -23.61
CA VAL A 2291 -7.26 17.28 -23.92
C VAL A 2291 -8.10 17.47 -22.67
N TYR A 2292 -8.43 18.72 -22.36
CA TYR A 2292 -9.15 19.06 -21.14
C TYR A 2292 -10.54 19.56 -21.51
N VAL A 2293 -11.56 18.90 -21.00
CA VAL A 2293 -12.93 19.38 -21.05
C VAL A 2293 -13.17 20.20 -19.80
N SER A 2294 -13.97 21.26 -19.91
CA SER A 2294 -14.27 22.15 -18.80
C SER A 2294 -15.75 22.08 -18.48
N PRO A 2295 -16.16 22.43 -17.26
CA PRO A 2295 -17.59 22.31 -16.91
C PRO A 2295 -18.49 23.19 -17.74
N THR A 2296 -18.02 24.37 -18.15
CA THR A 2296 -18.84 25.33 -18.86
C THR A 2296 -18.88 25.09 -20.37
N ASP A 2297 -18.15 24.09 -20.89
CA ASP A 2297 -18.24 23.78 -22.31
C ASP A 2297 -19.66 23.38 -22.70
N LEU A 2298 -20.27 22.50 -21.92
CA LEU A 2298 -21.66 22.09 -22.11
C LEU A 2298 -22.41 22.42 -20.83
N GLY A 2299 -23.06 23.57 -20.80
CA GLY A 2299 -23.88 23.91 -19.67
C GLY A 2299 -25.08 22.99 -19.55
N TYR A 2300 -25.62 22.92 -18.34
CA TYR A 2300 -26.84 22.14 -18.12
C TYR A 2300 -27.98 22.62 -19.00
N GLU A 2301 -28.00 23.90 -19.33
CA GLU A 2301 -29.09 24.45 -20.14
C GLU A 2301 -29.15 23.77 -21.51
N ALA A 2302 -27.98 23.54 -22.12
CA ALA A 2302 -27.95 22.88 -23.42
C ALA A 2302 -28.55 21.49 -23.34
N VAL A 2303 -28.28 20.77 -22.25
CA VAL A 2303 -28.87 19.46 -22.05
C VAL A 2303 -30.39 19.58 -21.98
N ILE A 2304 -30.88 20.61 -21.30
CA ILE A 2304 -32.32 20.82 -21.23
C ILE A 2304 -32.88 21.02 -22.63
N GLU A 2305 -32.19 21.81 -23.46
CA GLU A 2305 -32.70 22.03 -24.81
C GLU A 2305 -32.69 20.73 -25.62
N GLY A 2306 -31.75 19.84 -25.37
CA GLY A 2306 -31.78 18.55 -26.04
C GLY A 2306 -33.01 17.74 -25.68
N TRP A 2307 -33.33 17.71 -24.39
CA TRP A 2307 -34.56 17.05 -23.96
C TRP A 2307 -35.78 17.69 -24.62
N ILE A 2308 -35.76 19.02 -24.75
CA ILE A 2308 -36.84 19.73 -25.41
C ILE A 2308 -36.97 19.27 -26.86
N ARG A 2309 -35.83 19.13 -27.55
CA ARG A 2309 -35.85 18.62 -28.92
C ARG A 2309 -36.53 17.26 -28.98
N ASN A 2310 -36.29 16.43 -27.96
CA ASN A 2310 -36.97 15.14 -27.93
C ASN A 2310 -38.47 15.32 -27.75
N ARG A 2311 -38.90 16.27 -26.92
CA ARG A 2311 -40.34 16.43 -26.68
C ARG A 2311 -41.08 16.87 -27.94
N LYS A 2312 -40.45 17.65 -28.81
CA LYS A 2312 -41.03 18.01 -30.09
C LYS A 2312 -40.84 16.94 -31.15
N ALA A 2313 -40.46 15.71 -30.76
CA ALA A 2313 -40.34 14.62 -31.72
C ALA A 2313 -41.69 13.98 -32.01
N SER A 2314 -42.35 13.45 -30.96
CA SER A 2314 -43.64 12.79 -31.09
C SER A 2314 -44.73 13.59 -30.38
N GLY A 2315 -44.56 13.87 -29.10
CA GLY A 2315 -45.50 14.71 -28.38
C GLY A 2315 -45.27 16.17 -28.70
N ARG A 2316 -45.47 16.54 -29.96
CA ARG A 2316 -45.09 17.83 -30.49
C ARG A 2316 -46.26 18.77 -30.70
N ALA A 2317 -47.41 18.49 -30.07
CA ALA A 2317 -48.60 19.30 -30.27
C ALA A 2317 -48.34 20.74 -29.90
N GLU A 2318 -48.12 21.00 -28.61
CA GLU A 2318 -47.53 22.25 -28.18
C GLU A 2318 -46.61 22.08 -26.99
N GLU A 2319 -46.36 20.85 -26.54
CA GLU A 2319 -45.88 20.64 -25.18
C GLU A 2319 -44.52 21.26 -24.96
N SER A 2320 -43.59 21.07 -25.90
CA SER A 2320 -42.24 21.61 -25.74
C SER A 2320 -42.28 23.10 -25.39
N ASP A 2321 -43.02 23.87 -26.19
CA ASP A 2321 -43.18 25.30 -25.94
C ASP A 2321 -43.84 25.56 -24.58
N LYS A 2322 -44.97 24.90 -24.31
CA LYS A 2322 -45.73 25.20 -23.09
C LYS A 2322 -44.96 24.87 -21.83
N LEU A 2323 -44.46 23.63 -21.75
CA LEU A 2323 -43.65 23.19 -20.61
C LEU A 2323 -42.51 24.17 -20.35
N GLY A 2324 -41.79 24.48 -21.40
CA GLY A 2324 -40.61 25.27 -21.19
C GLY A 2324 -40.87 26.70 -20.82
N ASN A 2325 -42.00 27.25 -21.26
CA ASN A 2325 -42.24 28.67 -21.09
C ASN A 2325 -42.17 29.11 -19.65
N ILE A 2326 -42.47 28.19 -18.75
CA ILE A 2326 -42.01 28.33 -17.39
C ILE A 2326 -40.54 27.86 -17.26
N LEU A 2327 -40.18 26.65 -17.77
CA LEU A 2327 -38.87 26.05 -17.43
C LEU A 2327 -37.67 26.98 -17.58
N ARG A 2328 -37.55 27.69 -18.71
CA ARG A 2328 -36.29 28.40 -18.98
C ARG A 2328 -35.95 29.41 -17.88
N LYS A 2329 -36.83 30.39 -17.67
CA LYS A 2329 -36.59 31.36 -16.62
C LYS A 2329 -36.71 30.72 -15.24
N TYR A 2330 -37.59 29.73 -15.09
CA TYR A 2330 -37.81 29.09 -13.80
C TYR A 2330 -36.62 28.25 -13.34
N LEU A 2331 -35.72 27.90 -14.26
CA LEU A 2331 -34.53 27.10 -13.96
C LEU A 2331 -33.26 27.91 -14.01
N ILE A 2332 -33.08 28.74 -15.04
CA ILE A 2332 -31.85 29.52 -15.16
C ILE A 2332 -31.71 30.47 -13.99
N ASN A 2333 -32.75 31.25 -13.70
CA ASN A 2333 -32.70 32.31 -12.72
C ASN A 2333 -33.13 31.86 -11.34
N MET A 2334 -33.06 30.56 -11.04
CA MET A 2334 -33.48 30.07 -9.73
C MET A 2334 -32.47 29.15 -9.07
N ARG A 2335 -31.83 28.26 -9.82
CA ARG A 2335 -31.10 27.15 -9.19
C ARG A 2335 -29.94 27.68 -8.35
N PHE A 2336 -29.25 28.70 -8.84
CA PHE A 2336 -28.11 29.24 -8.12
C PHE A 2336 -28.51 30.09 -6.93
N ILE A 2337 -29.80 30.35 -6.71
CA ILE A 2337 -30.28 31.10 -5.55
C ILE A 2337 -30.79 30.10 -4.50
N GLU A 2338 -30.28 28.86 -4.54
CA GLU A 2338 -30.62 27.88 -3.51
C GLU A 2338 -29.36 27.31 -2.87
N LEU A 2339 -28.25 27.32 -3.60
CA LEU A 2339 -27.02 26.72 -3.09
C LEU A 2339 -26.57 27.43 -1.82
N GLN A 2340 -26.37 28.75 -1.89
CA GLN A 2340 -26.01 29.51 -0.69
C GLN A 2340 -26.64 30.89 -0.65
N SER A 2341 -27.69 31.16 -1.44
CA SER A 2341 -28.42 32.40 -1.23
C SER A 2341 -29.02 32.37 0.15
N LYS A 2342 -29.96 31.46 0.38
CA LYS A 2342 -30.38 31.10 1.72
C LYS A 2342 -29.48 29.98 2.22
N GLU A 2343 -29.39 29.86 3.55
CA GLU A 2343 -28.25 29.23 4.20
C GLU A 2343 -27.91 27.86 3.61
N CYS A 2344 -28.82 26.90 3.74
CA CYS A 2344 -28.72 25.60 3.07
C CYS A 2344 -27.35 24.97 3.30
N LYS A 2345 -26.83 25.11 4.50
CA LYS A 2345 -25.43 24.79 4.78
C LYS A 2345 -25.23 23.34 5.19
N GLU A 2346 -26.22 22.48 5.02
CA GLU A 2346 -26.07 21.04 5.27
C GLU A 2346 -26.54 20.24 4.05
N PRO A 2347 -25.96 20.47 2.88
CA PRO A 2347 -26.25 19.59 1.74
C PRO A 2347 -25.48 18.29 1.90
N MET A 2348 -26.07 17.32 2.60
CA MET A 2348 -25.37 16.11 3.02
C MET A 2348 -24.54 15.47 1.91
N MET A 2349 -25.02 15.56 0.67
CA MET A 2349 -24.30 15.06 -0.50
C MET A 2349 -23.81 16.25 -1.29
N ASP A 2350 -22.53 16.59 -1.14
CA ASP A 2350 -21.92 17.60 -1.97
C ASP A 2350 -21.90 17.13 -3.41
N THR A 2351 -22.29 18.00 -4.33
CA THR A 2351 -22.47 17.63 -5.73
C THR A 2351 -22.15 18.82 -6.62
N SER A 2352 -22.07 18.56 -7.92
CA SER A 2352 -22.14 19.60 -8.93
C SER A 2352 -23.57 19.69 -9.45
N PRO A 2353 -24.18 20.85 -9.66
CA PRO A 2353 -25.64 20.88 -9.83
C PRO A 2353 -26.16 20.32 -11.15
N VAL A 2354 -25.30 19.95 -12.11
CA VAL A 2354 -25.80 19.32 -13.33
C VAL A 2354 -26.53 18.03 -12.99
N ILE A 2355 -26.08 17.33 -11.94
CA ILE A 2355 -26.71 16.07 -11.57
C ILE A 2355 -28.13 16.34 -11.12
N SER A 2356 -28.35 17.43 -10.38
CA SER A 2356 -29.69 17.80 -9.98
C SER A 2356 -30.57 18.05 -11.20
N VAL A 2357 -30.01 18.63 -12.26
CA VAL A 2357 -30.81 18.93 -13.43
C VAL A 2357 -31.21 17.65 -14.16
N ILE A 2358 -30.26 16.72 -14.32
CA ILE A 2358 -30.59 15.43 -14.91
C ILE A 2358 -31.69 14.77 -14.08
N ASN A 2359 -31.57 14.89 -12.76
CA ASN A 2359 -32.54 14.29 -11.86
C ASN A 2359 -33.93 14.87 -12.07
N ILE A 2360 -34.07 16.20 -12.06
CA ILE A 2360 -35.40 16.78 -12.15
C ILE A 2360 -36.00 16.49 -13.51
N LEU A 2361 -35.19 16.45 -14.57
CA LEU A 2361 -35.74 16.10 -15.87
C LEU A 2361 -36.28 14.68 -15.87
N ASN A 2362 -35.51 13.74 -15.31
CA ASN A 2362 -35.96 12.35 -15.26
C ASN A 2362 -37.23 12.21 -14.44
N LEU A 2363 -37.36 13.00 -13.39
CA LEU A 2363 -38.57 12.96 -12.58
C LEU A 2363 -39.76 13.52 -13.35
N LEU A 2364 -39.57 14.64 -14.06
CA LEU A 2364 -40.69 15.28 -14.73
C LEU A 2364 -41.23 14.41 -15.86
N THR A 2365 -40.34 13.68 -16.56
CA THR A 2365 -40.84 12.79 -17.61
C THR A 2365 -41.78 11.75 -17.03
N GLY A 2366 -41.41 11.14 -15.90
CA GLY A 2366 -42.30 10.20 -15.26
C GLY A 2366 -43.56 10.85 -14.76
N CYS A 2367 -43.47 12.11 -14.34
CA CYS A 2367 -44.67 12.83 -13.90
C CYS A 2367 -45.68 12.94 -15.02
N LEU A 2368 -45.25 13.30 -16.22
CA LEU A 2368 -46.17 13.48 -17.32
C LEU A 2368 -46.45 12.20 -18.10
N GLN A 2369 -45.81 11.08 -17.73
CA GLN A 2369 -46.01 9.83 -18.46
C GLN A 2369 -47.48 9.43 -18.55
N TYR A 2370 -48.26 9.70 -17.51
CA TYR A 2370 -49.65 9.27 -17.51
C TYR A 2370 -50.45 9.96 -18.60
N PHE A 2371 -50.31 11.28 -18.71
CA PHE A 2371 -51.03 12.01 -19.74
C PHE A 2371 -50.40 11.82 -21.11
N VAL A 2372 -49.14 11.41 -21.17
CA VAL A 2372 -48.62 10.92 -22.43
C VAL A 2372 -49.36 9.64 -22.83
N GLN A 2373 -49.68 8.80 -21.84
CA GLN A 2373 -50.29 7.51 -22.14
C GLN A 2373 -51.68 7.67 -22.74
N THR A 2374 -52.49 8.55 -22.17
CA THR A 2374 -53.87 8.74 -22.61
C THR A 2374 -54.00 9.71 -23.77
N GLN A 2375 -52.89 10.30 -24.24
CA GLN A 2375 -52.90 11.30 -25.30
C GLN A 2375 -53.84 12.45 -24.95
N ARG A 2376 -53.48 13.13 -23.86
CA ARG A 2376 -54.22 14.29 -23.38
C ARG A 2376 -53.23 15.43 -23.17
N THR A 2377 -53.62 16.61 -23.63
CA THR A 2377 -52.81 17.82 -23.51
C THR A 2377 -53.47 18.77 -22.51
N LEU A 2378 -52.66 19.33 -21.62
CA LEU A 2378 -53.14 20.10 -20.49
C LEU A 2378 -52.81 21.58 -20.67
N SER A 2379 -53.39 22.40 -19.79
CA SER A 2379 -53.18 23.83 -19.81
C SER A 2379 -51.79 24.16 -19.27
N GLU A 2380 -51.48 25.46 -19.22
CA GLU A 2380 -50.16 25.88 -18.74
C GLU A 2380 -50.07 25.77 -17.23
N GLN A 2381 -51.15 26.11 -16.52
CA GLN A 2381 -51.10 26.23 -15.07
C GLN A 2381 -50.83 24.88 -14.41
N GLU A 2382 -51.48 23.83 -14.90
CA GLU A 2382 -51.23 22.49 -14.36
C GLU A 2382 -49.76 22.10 -14.57
N TYR A 2383 -49.21 22.43 -15.73
CA TYR A 2383 -47.81 22.12 -15.98
C TYR A 2383 -46.89 22.86 -15.02
N GLU A 2384 -47.21 24.12 -14.73
CA GLU A 2384 -46.39 24.85 -13.76
C GLU A 2384 -46.44 24.18 -12.39
N LYS A 2385 -47.63 23.74 -11.97
CA LYS A 2385 -47.73 22.99 -10.71
C LYS A 2385 -46.88 21.73 -10.76
N PHE A 2386 -46.89 21.03 -11.89
CA PHE A 2386 -46.12 19.80 -12.01
C PHE A 2386 -44.63 20.06 -11.86
N ILE A 2387 -44.14 21.13 -12.47
CA ILE A 2387 -42.71 21.43 -12.37
C ILE A 2387 -42.35 21.79 -10.94
N VAL A 2388 -43.22 22.56 -10.27
CA VAL A 2388 -42.99 22.88 -8.86
C VAL A 2388 -42.85 21.60 -8.06
N TYR A 2389 -43.79 20.66 -8.28
CA TYR A 2389 -43.73 19.39 -7.56
C TYR A 2389 -42.46 18.62 -7.88
N SER A 2390 -42.11 18.54 -9.16
CA SER A 2390 -40.97 17.75 -9.58
C SER A 2390 -39.71 18.24 -8.90
N MET A 2391 -39.45 19.53 -9.01
CA MET A 2391 -38.20 20.06 -8.55
C MET A 2391 -38.22 20.41 -7.06
N ALA A 2392 -39.38 20.36 -6.41
CA ALA A 2392 -39.40 20.43 -4.95
C ALA A 2392 -38.52 19.35 -4.36
N TRP A 2393 -38.87 18.10 -4.59
CA TRP A 2393 -37.92 17.02 -4.41
C TRP A 2393 -36.86 17.10 -5.50
N ALA A 2394 -35.78 16.35 -5.31
CA ALA A 2394 -34.65 16.26 -6.24
C ALA A 2394 -33.75 17.49 -6.22
N ILE A 2395 -34.16 18.56 -5.53
CA ILE A 2395 -33.23 19.54 -4.99
C ILE A 2395 -33.49 19.66 -3.49
N GLY A 2396 -34.71 19.36 -3.06
CA GLY A 2396 -35.03 19.28 -1.66
C GLY A 2396 -34.74 17.94 -1.02
N GLY A 2397 -34.23 16.98 -1.76
CA GLY A 2397 -33.99 15.66 -1.20
C GLY A 2397 -32.73 15.52 -0.37
N ILE A 2398 -31.94 16.57 -0.23
CA ILE A 2398 -30.64 16.49 0.41
C ILE A 2398 -30.54 17.49 1.56
N TYR A 2399 -31.66 17.72 2.25
CA TYR A 2399 -31.72 18.74 3.29
C TYR A 2399 -32.59 18.29 4.45
N GLU A 2400 -32.38 18.95 5.59
CA GLU A 2400 -33.10 18.71 6.83
C GLU A 2400 -34.19 19.76 7.01
N ALA A 2401 -35.18 19.40 7.85
CA ALA A 2401 -36.42 20.17 8.06
C ALA A 2401 -36.23 21.67 8.17
N GLN A 2402 -35.17 22.11 8.84
CA GLN A 2402 -34.91 23.54 8.97
C GLN A 2402 -34.53 24.15 7.62
N ASP A 2403 -33.57 23.53 6.94
CA ASP A 2403 -33.23 23.97 5.60
C ASP A 2403 -34.42 23.82 4.66
N ARG A 2404 -35.28 22.83 4.93
CA ARG A 2404 -36.46 22.64 4.10
C ARG A 2404 -37.48 23.77 4.29
N VAL A 2405 -37.64 24.26 5.52
CA VAL A 2405 -38.58 25.38 5.71
C VAL A 2405 -38.00 26.66 5.11
N ARG A 2406 -36.69 26.86 5.20
CA ARG A 2406 -36.11 28.03 4.52
C ARG A 2406 -36.29 27.93 3.01
N PHE A 2407 -36.05 26.75 2.45
CA PHE A 2407 -36.36 26.47 1.06
C PHE A 2407 -37.81 26.83 0.74
N HIS A 2408 -38.73 26.39 1.60
CA HIS A 2408 -40.15 26.63 1.41
C HIS A 2408 -40.46 28.12 1.40
N GLU A 2409 -39.83 28.88 2.29
CA GLU A 2409 -40.04 30.32 2.32
C GLU A 2409 -39.53 30.98 1.04
N LEU A 2410 -38.39 30.52 0.53
CA LEU A 2410 -37.92 31.02 -0.76
C LEU A 2410 -38.99 30.80 -1.83
N LEU A 2411 -39.52 29.59 -1.90
CA LEU A 2411 -40.51 29.26 -2.91
C LEU A 2411 -41.76 30.11 -2.74
N LEU A 2412 -42.12 30.41 -1.50
CA LEU A 2412 -43.22 31.34 -1.28
C LEU A 2412 -42.90 32.72 -1.83
N ALA A 2413 -41.67 33.17 -1.61
CA ALA A 2413 -41.31 34.53 -1.99
C ALA A 2413 -41.35 34.73 -3.50
N LYS A 2414 -40.73 33.83 -4.26
CA LYS A 2414 -40.45 34.11 -5.67
C LYS A 2414 -40.70 32.90 -6.57
N ASN A 2415 -41.83 32.21 -6.38
CA ASN A 2415 -42.14 31.07 -7.24
C ASN A 2415 -43.65 30.86 -7.37
N ALA A 2416 -44.00 29.94 -8.27
CA ALA A 2416 -45.37 29.61 -8.62
C ALA A 2416 -46.08 28.94 -7.44
N PRO A 2417 -47.41 28.92 -7.43
CA PRO A 2417 -48.12 28.58 -6.20
C PRO A 2417 -47.87 27.16 -5.74
N ILE A 2418 -47.79 27.02 -4.42
CA ILE A 2418 -47.61 25.78 -3.69
C ILE A 2418 -48.94 25.62 -2.97
N PRO A 2419 -49.21 24.59 -2.18
CA PRO A 2419 -50.54 24.52 -1.55
C PRO A 2419 -50.75 25.68 -0.60
N GLN A 2420 -51.88 26.39 -0.80
CA GLN A 2420 -52.30 27.48 0.06
C GLN A 2420 -53.68 27.24 0.66
N LYS A 2421 -54.32 26.10 0.36
CA LYS A 2421 -55.69 25.90 0.84
C LYS A 2421 -55.74 25.84 2.35
N GLY A 2422 -54.94 24.98 2.97
CA GLY A 2422 -54.76 25.01 4.43
C GLY A 2422 -53.40 25.46 4.92
N LYS A 2423 -52.35 24.82 4.43
CA LYS A 2423 -50.95 25.00 4.86
C LYS A 2423 -50.81 25.27 6.37
N GLU A 2424 -51.37 24.37 7.17
CA GLU A 2424 -51.38 24.54 8.63
C GLU A 2424 -50.09 24.00 9.23
N ASN A 2425 -49.03 24.80 9.13
CA ASN A 2425 -47.70 24.44 9.65
C ASN A 2425 -47.19 23.15 9.00
N GLU A 2426 -47.54 22.95 7.72
CA GLU A 2426 -47.11 21.81 6.94
C GLU A 2426 -46.36 22.31 5.72
N THR A 2427 -45.23 21.69 5.41
CA THR A 2427 -44.39 22.16 4.33
C THR A 2427 -44.97 21.75 2.98
N VAL A 2428 -44.39 22.33 1.92
CA VAL A 2428 -44.79 21.97 0.56
C VAL A 2428 -44.48 20.50 0.29
N PHE A 2429 -43.41 19.98 0.89
CA PHE A 2429 -43.06 18.58 0.67
C PHE A 2429 -44.18 17.64 1.11
N ASP A 2430 -44.93 18.01 2.14
CA ASP A 2430 -45.92 17.12 2.72
C ASP A 2430 -46.96 16.70 1.68
N TYR A 2431 -47.35 17.63 0.81
CA TYR A 2431 -48.40 17.37 -0.17
C TYR A 2431 -47.82 16.98 -1.53
N TYR A 2432 -48.69 16.47 -2.40
CA TYR A 2432 -48.33 16.03 -3.75
C TYR A 2432 -49.41 16.51 -4.71
N VAL A 2433 -49.06 16.65 -5.98
CA VAL A 2433 -50.03 16.98 -7.01
C VAL A 2433 -50.69 15.71 -7.52
N SER A 2434 -52.01 15.74 -7.68
CA SER A 2434 -52.80 14.60 -8.09
C SER A 2434 -53.00 14.62 -9.60
N GLN A 2435 -52.95 13.45 -10.22
CA GLN A 2435 -53.15 13.35 -11.66
C GLN A 2435 -54.58 13.71 -12.04
N ASP A 2436 -55.55 13.31 -11.21
CA ASP A 2436 -56.94 13.52 -11.56
C ASP A 2436 -57.33 14.99 -11.53
N TYR A 2437 -56.76 15.77 -10.62
CA TYR A 2437 -57.09 17.18 -10.53
C TYR A 2437 -55.98 17.92 -9.80
N LEU A 2438 -56.00 19.24 -9.92
CA LEU A 2438 -54.93 20.12 -9.44
C LEU A 2438 -55.08 20.35 -7.94
N ASP A 2439 -54.66 19.36 -7.15
CA ASP A 2439 -54.90 19.37 -5.72
C ASP A 2439 -53.69 18.84 -4.98
N TRP A 2440 -53.56 19.26 -3.73
CA TRP A 2440 -52.40 19.00 -2.90
C TRP A 2440 -52.86 18.31 -1.62
N LYS A 2441 -52.99 16.98 -1.67
CA LYS A 2441 -53.45 16.18 -0.55
C LYS A 2441 -52.52 14.99 -0.35
N ILE A 2442 -52.65 14.32 0.79
CA ILE A 2442 -51.80 13.20 1.15
C ILE A 2442 -52.46 12.43 2.29
N CYS A 2443 -52.26 11.11 2.29
CA CYS A 2443 -52.72 10.26 3.38
C CYS A 2443 -52.03 8.91 3.25
N SER A 2444 -52.17 8.10 4.30
CA SER A 2444 -51.62 6.76 4.36
C SER A 2444 -52.77 5.77 4.62
N PRO A 2445 -52.99 4.76 3.78
CA PRO A 2445 -54.19 3.95 3.94
C PRO A 2445 -54.12 3.03 5.15
N GLU A 2446 -55.29 2.77 5.73
CA GLU A 2446 -55.38 1.91 6.90
C GLU A 2446 -55.20 0.44 6.51
N GLU A 2447 -54.39 -0.27 7.29
CA GLU A 2447 -54.22 -1.71 7.10
C GLU A 2447 -53.56 -2.27 8.34
N TRP A 2448 -54.09 -3.39 8.83
CA TRP A 2448 -53.76 -3.80 10.19
C TRP A 2448 -52.65 -4.84 10.26
N VAL A 2449 -52.93 -6.10 9.89
CA VAL A 2449 -51.98 -7.21 10.02
C VAL A 2449 -52.72 -8.47 9.57
N PRO A 2450 -52.04 -9.61 9.33
CA PRO A 2450 -52.75 -10.90 9.34
C PRO A 2450 -52.86 -11.48 10.73
N PRO A 2451 -53.59 -12.58 10.91
CA PRO A 2451 -53.80 -13.12 12.28
C PRO A 2451 -52.55 -13.66 12.97
N GLN A 2452 -51.47 -13.95 12.24
CA GLN A 2452 -50.29 -14.52 12.86
C GLN A 2452 -49.66 -13.53 13.85
N SER A 2453 -48.97 -14.08 14.84
CA SER A 2453 -48.44 -13.30 15.95
C SER A 2453 -46.92 -13.20 15.98
N LEU A 2454 -46.23 -13.79 15.01
CA LEU A 2454 -44.77 -13.64 14.95
C LEU A 2454 -44.45 -12.18 14.67
N GLN A 2455 -43.36 -11.70 15.28
CA GLN A 2455 -42.95 -10.31 15.06
C GLN A 2455 -42.72 -10.05 13.58
N PHE A 2456 -42.18 -11.04 12.87
CA PHE A 2456 -42.14 -10.95 11.42
C PHE A 2456 -43.53 -10.89 10.82
N SER A 2457 -44.45 -11.71 11.32
CA SER A 2457 -45.81 -11.66 10.82
C SER A 2457 -46.44 -10.31 11.08
N GLN A 2458 -46.00 -9.63 12.15
CA GLN A 2458 -46.22 -8.20 12.31
C GLN A 2458 -45.11 -7.46 11.56
N LEU A 2459 -45.09 -7.66 10.25
CA LEU A 2459 -43.95 -7.23 9.44
C LEU A 2459 -43.78 -5.73 9.51
N LEU A 2460 -44.69 -4.98 8.89
CA LEU A 2460 -44.58 -3.54 8.81
C LEU A 2460 -45.97 -2.98 8.56
N LEU A 2461 -46.13 -1.69 8.86
CA LEU A 2461 -47.40 -1.00 8.84
C LEU A 2461 -47.39 0.12 7.81
N PRO A 2462 -48.56 0.63 7.40
CA PRO A 2462 -48.59 1.66 6.36
C PRO A 2462 -48.33 3.08 6.86
N THR A 2463 -47.06 3.47 6.93
CA THR A 2463 -46.70 4.78 7.44
C THR A 2463 -46.88 5.85 6.38
N LEU A 2464 -46.71 7.10 6.80
CA LEU A 2464 -46.65 8.21 5.85
C LEU A 2464 -45.33 8.21 5.10
N ASP A 2465 -44.23 7.97 5.81
CA ASP A 2465 -42.91 8.00 5.19
C ASP A 2465 -42.80 6.94 4.11
N SER A 2466 -43.28 5.74 4.40
CA SER A 2466 -43.23 4.66 3.40
C SER A 2466 -44.05 5.03 2.18
N PHE A 2467 -45.25 5.58 2.37
CA PHE A 2467 -46.09 5.89 1.23
C PHE A 2467 -45.48 6.96 0.36
N ARG A 2468 -44.92 8.03 0.96
CA ARG A 2468 -44.27 9.03 0.12
C ARG A 2468 -43.04 8.46 -0.57
N ALA A 2469 -42.34 7.52 0.08
CA ALA A 2469 -41.19 6.90 -0.56
C ALA A 2469 -41.62 6.10 -1.78
N GLU A 2470 -42.70 5.34 -1.67
CA GLU A 2470 -43.21 4.62 -2.83
C GLU A 2470 -43.63 5.59 -3.91
N MET A 2471 -44.23 6.70 -3.50
CA MET A 2471 -44.69 7.69 -4.45
C MET A 2471 -43.53 8.17 -5.32
N LEU A 2472 -42.42 8.56 -4.68
CA LEU A 2472 -41.27 9.04 -5.43
C LEU A 2472 -40.62 7.93 -6.25
N LEU A 2473 -40.43 6.77 -5.63
CA LEU A 2473 -39.72 5.68 -6.27
C LEU A 2473 -40.43 5.26 -7.56
N ASN A 2474 -41.72 4.99 -7.46
CA ASN A 2474 -42.46 4.39 -8.57
C ASN A 2474 -42.39 5.22 -9.84
N PHE A 2475 -42.34 6.55 -9.72
CA PHE A 2475 -42.27 7.40 -10.91
C PHE A 2475 -41.04 7.09 -11.73
N ILE A 2476 -39.88 7.12 -11.11
CA ILE A 2476 -38.65 6.82 -11.83
C ILE A 2476 -38.67 5.38 -12.30
N LEU A 2477 -39.13 4.47 -11.45
CA LEU A 2477 -38.98 3.07 -11.78
C LEU A 2477 -39.90 2.62 -12.92
N THR A 2478 -40.92 3.41 -13.25
CA THR A 2478 -41.75 3.10 -14.42
C THR A 2478 -41.14 3.57 -15.74
N GLN A 2479 -40.25 4.55 -15.72
CA GLN A 2479 -39.73 5.15 -16.95
C GLN A 2479 -38.94 4.12 -17.75
N PRO A 2480 -39.17 4.00 -19.09
CA PRO A 2480 -38.55 2.89 -19.85
C PRO A 2480 -37.20 3.23 -20.50
N LYS A 2481 -36.15 3.32 -19.68
CA LYS A 2481 -34.77 3.37 -20.16
C LYS A 2481 -34.53 4.51 -21.15
N SER A 2482 -34.96 5.71 -20.76
CA SER A 2482 -34.62 6.88 -21.55
C SER A 2482 -33.15 7.20 -21.40
N HIS A 2483 -32.61 7.94 -22.37
CA HIS A 2483 -31.25 8.44 -22.24
C HIS A 2483 -31.19 9.38 -21.04
N THR A 2484 -30.08 9.32 -20.31
CA THR A 2484 -29.90 9.96 -19.00
C THR A 2484 -30.73 9.31 -17.90
N CYS A 2485 -31.39 8.19 -18.17
CA CYS A 2485 -32.09 7.42 -17.15
C CYS A 2485 -31.50 6.03 -17.11
N SER A 2486 -30.92 5.66 -15.97
CA SER A 2486 -30.48 4.30 -15.72
C SER A 2486 -31.54 3.47 -15.03
N ASN A 2487 -32.69 4.07 -14.67
CA ASN A 2487 -33.72 3.37 -13.93
C ASN A 2487 -33.16 2.83 -12.63
N SER A 2488 -32.46 3.68 -11.89
CA SER A 2488 -31.77 3.28 -10.67
C SER A 2488 -32.00 4.31 -9.57
N ALA A 2489 -32.16 3.83 -8.34
CA ALA A 2489 -32.55 4.70 -7.21
C ALA A 2489 -31.58 4.54 -6.06
N LEU A 2490 -31.66 5.47 -5.10
CA LEU A 2490 -30.75 5.46 -3.95
C LEU A 2490 -31.30 6.35 -2.84
N LEU A 2491 -31.43 5.80 -1.64
CA LEU A 2491 -31.91 6.53 -0.46
C LEU A 2491 -30.73 6.98 0.40
N ILE A 2492 -30.97 7.94 1.29
CA ILE A 2492 -29.99 8.38 2.28
C ILE A 2492 -30.69 8.50 3.62
N GLY A 2493 -30.14 7.86 4.64
CA GLY A 2493 -30.74 7.91 5.97
C GLY A 2493 -29.80 7.36 7.01
N GLY A 2494 -30.04 7.78 8.26
CA GLY A 2494 -29.18 7.35 9.35
C GLY A 2494 -29.26 5.86 9.60
N SER A 2495 -28.25 5.33 10.30
CA SER A 2495 -28.26 3.92 10.65
C SER A 2495 -29.44 3.66 11.57
N GLY A 2496 -30.46 2.99 11.04
CA GLY A 2496 -31.72 2.84 11.75
C GLY A 2496 -32.66 4.00 11.49
N THR A 2497 -32.99 4.22 10.21
CA THR A 2497 -33.96 5.23 9.82
C THR A 2497 -34.85 4.69 8.71
N ALA A 2498 -35.31 3.44 8.85
CA ALA A 2498 -36.37 2.87 8.01
C ALA A 2498 -35.91 2.66 6.57
N LYS A 2499 -34.69 2.14 6.38
CA LYS A 2499 -34.21 1.89 5.02
C LYS A 2499 -34.79 0.59 4.47
N THR A 2500 -34.38 -0.54 5.06
CA THR A 2500 -34.89 -1.83 4.64
C THR A 2500 -36.38 -1.93 4.89
N SER A 2501 -36.90 -1.16 5.84
CA SER A 2501 -38.33 -1.16 6.10
C SER A 2501 -39.11 -0.71 4.88
N SER A 2502 -38.91 0.53 4.44
CA SER A 2502 -39.64 1.04 3.30
C SER A 2502 -39.31 0.25 2.04
N VAL A 2503 -38.04 -0.12 1.87
CA VAL A 2503 -37.69 -0.87 0.67
C VAL A 2503 -38.42 -2.19 0.63
N LEU A 2504 -38.48 -2.90 1.75
CA LEU A 2504 -39.14 -4.19 1.77
C LEU A 2504 -40.65 -4.04 1.63
N LEU A 2505 -41.21 -2.95 2.14
CA LEU A 2505 -42.62 -2.67 1.90
C LEU A 2505 -42.89 -2.56 0.42
N TYR A 2506 -42.01 -1.87 -0.30
CA TYR A 2506 -42.11 -1.86 -1.77
C TYR A 2506 -41.99 -3.26 -2.33
N CYS A 2507 -41.01 -4.01 -1.85
CA CYS A 2507 -40.63 -5.26 -2.51
C CYS A 2507 -41.71 -6.31 -2.38
N ASN A 2508 -42.45 -6.31 -1.27
CA ASN A 2508 -43.56 -7.25 -1.15
C ASN A 2508 -44.61 -7.01 -2.22
N LYS A 2509 -44.77 -5.76 -2.66
CA LYS A 2509 -45.82 -5.44 -3.62
C LYS A 2509 -45.50 -5.89 -5.04
N PHE A 2510 -44.30 -6.41 -5.30
CA PHE A 2510 -44.01 -6.95 -6.62
C PHE A 2510 -44.98 -8.06 -6.96
N ASP A 2511 -45.05 -8.34 -8.26
CA ASP A 2511 -45.81 -9.47 -8.79
C ASP A 2511 -44.80 -10.49 -9.29
N PRO A 2512 -44.52 -11.59 -8.56
CA PRO A 2512 -43.50 -12.54 -9.01
C PRO A 2512 -43.80 -13.27 -10.32
N GLN A 2513 -44.97 -13.02 -10.91
CA GLN A 2513 -45.32 -13.64 -12.18
C GLN A 2513 -44.72 -12.90 -13.36
N LYS A 2514 -44.41 -11.61 -13.21
CA LYS A 2514 -43.64 -10.89 -14.21
C LYS A 2514 -42.66 -9.90 -13.57
N MET A 2515 -42.26 -10.09 -12.31
CA MET A 2515 -41.38 -9.12 -11.65
C MET A 2515 -40.77 -9.75 -10.40
N LEU A 2516 -39.45 -9.93 -10.40
CA LEU A 2516 -38.73 -10.65 -9.35
C LEU A 2516 -37.88 -9.67 -8.52
N PHE A 2517 -37.11 -10.22 -7.57
CA PHE A 2517 -36.34 -9.38 -6.64
C PHE A 2517 -35.15 -10.17 -6.11
N LYS A 2518 -34.09 -9.44 -5.72
CA LYS A 2518 -32.89 -10.04 -5.13
C LYS A 2518 -32.25 -9.07 -4.13
N ARG A 2519 -31.70 -9.66 -3.07
CA ARG A 2519 -31.16 -8.97 -1.90
C ARG A 2519 -29.64 -9.14 -1.86
N THR A 2520 -28.92 -8.12 -1.41
CA THR A 2520 -27.50 -8.25 -1.14
C THR A 2520 -27.07 -7.21 -0.13
N ASN A 2521 -25.98 -7.51 0.59
CA ASN A 2521 -25.43 -6.62 1.59
C ASN A 2521 -23.93 -6.47 1.35
N PHE A 2522 -23.34 -5.43 1.95
CA PHE A 2522 -21.97 -5.03 1.72
C PHE A 2522 -21.20 -4.94 3.03
N SER A 2523 -19.92 -5.34 2.97
CA SER A 2523 -18.98 -5.18 4.07
C SER A 2523 -17.68 -4.66 3.47
N SER A 2524 -16.66 -4.48 4.32
CA SER A 2524 -15.44 -3.85 3.86
C SER A 2524 -14.68 -4.72 2.88
N ALA A 2525 -14.53 -6.02 3.18
CA ALA A 2525 -13.69 -6.90 2.37
C ALA A 2525 -14.49 -7.69 1.34
N THR A 2526 -15.57 -7.09 0.80
CA THR A 2526 -16.23 -7.65 -0.37
C THR A 2526 -15.50 -7.19 -1.61
N SER A 2527 -15.09 -8.13 -2.45
CA SER A 2527 -14.25 -7.83 -3.61
C SER A 2527 -15.06 -7.84 -4.89
N PRO A 2528 -14.52 -7.29 -5.98
CA PRO A 2528 -15.23 -7.34 -7.26
C PRO A 2528 -15.56 -8.75 -7.72
N PHE A 2529 -14.71 -9.73 -7.43
CA PHE A 2529 -15.00 -11.10 -7.80
C PHE A 2529 -16.25 -11.61 -7.10
N MET A 2530 -16.47 -11.17 -5.87
CA MET A 2530 -17.68 -11.57 -5.15
C MET A 2530 -18.93 -11.01 -5.82
N PHE A 2531 -18.89 -9.72 -6.17
CA PHE A 2531 -20.05 -9.10 -6.80
C PHE A 2531 -20.31 -9.72 -8.17
N GLN A 2532 -19.24 -9.99 -8.92
CA GLN A 2532 -19.31 -10.72 -10.16
C GLN A 2532 -20.04 -12.05 -9.96
N SER A 2533 -19.67 -12.76 -8.90
CA SER A 2533 -20.28 -14.06 -8.63
C SER A 2533 -21.76 -13.93 -8.34
N THR A 2534 -22.14 -12.99 -7.49
CA THR A 2534 -23.56 -12.92 -7.12
C THR A 2534 -24.42 -12.50 -8.30
N ILE A 2535 -23.95 -11.57 -9.13
CA ILE A 2535 -24.76 -11.18 -10.28
C ILE A 2535 -24.85 -12.31 -11.29
N GLU A 2536 -23.74 -13.03 -11.52
CA GLU A 2536 -23.80 -14.16 -12.44
C GLU A 2536 -24.77 -15.22 -11.94
N ALA A 2537 -24.75 -15.49 -10.63
CA ALA A 2537 -25.70 -16.44 -10.09
C ALA A 2537 -27.13 -15.91 -10.15
N GLU A 2538 -27.30 -14.60 -10.06
CA GLU A 2538 -28.63 -14.02 -10.14
C GLU A 2538 -29.23 -14.25 -11.53
N CYS A 2539 -28.53 -13.82 -12.58
CA CYS A 2539 -29.11 -13.98 -13.91
C CYS A 2539 -29.14 -15.44 -14.33
N ASP A 2540 -28.06 -16.18 -14.07
CA ASP A 2540 -27.85 -17.58 -14.42
C ASP A 2540 -27.78 -17.83 -15.92
N PHE A 2541 -27.82 -16.79 -16.76
CA PHE A 2541 -27.81 -16.95 -18.20
C PHE A 2541 -27.13 -15.73 -18.80
N LYS A 2542 -26.63 -15.89 -20.03
CA LYS A 2542 -26.11 -14.78 -20.81
C LYS A 2542 -27.29 -14.25 -21.65
N VAL A 2543 -28.06 -13.30 -21.10
CA VAL A 2543 -29.25 -12.88 -21.81
C VAL A 2543 -28.95 -12.08 -23.08
N GLY A 2544 -27.68 -11.82 -23.37
CA GLY A 2544 -27.34 -11.16 -24.62
C GLY A 2544 -27.53 -12.05 -25.84
N LYS A 2545 -27.10 -13.31 -25.75
CA LYS A 2545 -27.21 -14.24 -26.88
C LYS A 2545 -28.56 -14.94 -26.92
N GLU A 2546 -29.64 -14.16 -26.82
CA GLU A 2546 -31.01 -14.66 -27.01
C GLU A 2546 -31.35 -15.78 -26.03
N PHE A 2547 -31.12 -15.54 -24.74
CA PHE A 2547 -31.29 -16.58 -23.73
C PHE A 2547 -32.19 -16.10 -22.59
N ALA A 2548 -32.29 -16.92 -21.54
CA ALA A 2548 -33.02 -16.66 -20.30
C ALA A 2548 -34.51 -16.45 -20.49
N PRO A 2549 -35.25 -17.50 -20.77
CA PRO A 2549 -36.69 -17.48 -20.54
C PRO A 2549 -37.06 -17.10 -19.11
N PRO A 2550 -36.38 -17.60 -18.06
CA PRO A 2550 -36.86 -17.26 -16.70
C PRO A 2550 -36.43 -15.90 -16.21
N GLY A 2551 -35.32 -15.35 -16.71
CA GLY A 2551 -34.95 -13.98 -16.47
C GLY A 2551 -35.63 -13.00 -17.39
N ASN A 2552 -36.52 -13.47 -18.27
CA ASN A 2552 -37.24 -12.53 -19.12
C ASN A 2552 -38.16 -11.65 -18.32
N LYS A 2553 -38.68 -12.14 -17.19
CA LYS A 2553 -39.31 -11.27 -16.23
C LYS A 2553 -38.29 -10.25 -15.73
N MET A 2554 -38.78 -9.14 -15.20
CA MET A 2554 -37.90 -8.06 -14.80
C MET A 2554 -37.41 -8.29 -13.38
N MET A 2555 -36.11 -8.08 -13.15
CA MET A 2555 -35.47 -8.31 -11.85
C MET A 2555 -34.93 -7.00 -11.30
N THR A 2556 -34.73 -6.98 -9.98
CA THR A 2556 -34.19 -5.83 -9.27
C THR A 2556 -33.07 -6.31 -8.36
N ILE A 2557 -32.01 -5.51 -8.29
CA ILE A 2557 -30.86 -5.78 -7.44
C ILE A 2557 -30.88 -4.73 -6.34
N PHE A 2558 -30.98 -5.16 -5.08
CA PHE A 2558 -31.06 -4.24 -3.95
C PHE A 2558 -29.86 -4.39 -3.05
N ILE A 2559 -29.27 -3.25 -2.68
CA ILE A 2559 -28.03 -3.17 -1.91
C ILE A 2559 -28.25 -2.20 -0.76
N ASP A 2560 -27.83 -2.59 0.45
CA ASP A 2560 -28.16 -1.79 1.63
C ASP A 2560 -27.25 -0.58 1.81
N ASP A 2561 -25.98 -0.71 1.43
CA ASP A 2561 -24.97 0.26 1.83
C ASP A 2561 -23.81 0.13 0.84
N MET A 2562 -23.77 1.03 -0.13
CA MET A 2562 -22.67 1.02 -1.09
C MET A 2562 -21.39 1.64 -0.53
N SER A 2563 -21.44 2.23 0.66
CA SER A 2563 -20.28 2.95 1.18
C SER A 2563 -19.20 2.01 1.69
N MET A 2564 -19.58 0.97 2.44
CA MET A 2564 -18.64 0.21 3.27
C MET A 2564 -17.43 -0.43 2.59
N PRO A 2565 -17.41 -0.71 1.28
CA PRO A 2565 -16.20 -1.31 0.70
C PRO A 2565 -14.95 -0.47 0.92
N PHE A 2566 -13.84 -1.18 1.08
CA PHE A 2566 -12.60 -0.59 1.58
C PHE A 2566 -12.01 0.38 0.57
N VAL A 2567 -11.95 1.65 0.93
CA VAL A 2567 -11.28 2.62 0.07
C VAL A 2567 -9.79 2.31 0.05
N ASN A 2568 -9.21 2.26 -1.13
CA ASN A 2568 -7.79 2.04 -1.27
C ASN A 2568 -7.04 3.20 -0.62
N LYS A 2569 -5.73 3.01 -0.43
CA LYS A 2569 -4.93 4.05 0.23
C LYS A 2569 -4.94 5.35 -0.57
N TRP A 2570 -4.92 5.24 -1.90
CA TRP A 2570 -4.85 6.44 -2.73
C TRP A 2570 -6.10 7.28 -2.56
N GLY A 2571 -7.26 6.64 -2.41
CA GLY A 2571 -8.54 7.30 -2.27
C GLY A 2571 -9.57 6.78 -3.23
N ASP A 2572 -9.23 5.76 -4.01
CA ASP A 2572 -10.07 5.26 -5.09
C ASP A 2572 -10.42 3.80 -4.80
N GLN A 2573 -11.66 3.56 -4.40
CA GLN A 2573 -12.07 2.22 -4.01
C GLN A 2573 -12.38 1.39 -5.24
N ILE A 2574 -12.13 0.08 -5.13
CA ILE A 2574 -11.97 -0.78 -6.28
C ILE A 2574 -13.11 -1.78 -6.42
N THR A 2575 -14.20 -1.61 -5.69
CA THR A 2575 -15.35 -2.50 -5.76
C THR A 2575 -16.51 -1.89 -6.53
N LEU A 2576 -16.78 -0.61 -6.29
CA LEU A 2576 -17.90 0.04 -6.95
C LEU A 2576 -17.70 0.15 -8.45
N GLU A 2577 -16.46 0.04 -8.94
CA GLU A 2577 -16.24 0.22 -10.37
C GLU A 2577 -16.91 -0.88 -11.17
N LEU A 2578 -16.94 -2.09 -10.65
CA LEU A 2578 -17.69 -3.14 -11.34
C LEU A 2578 -19.16 -2.77 -11.42
N VAL A 2579 -19.71 -2.23 -10.34
CA VAL A 2579 -21.09 -1.76 -10.37
C VAL A 2579 -21.25 -0.66 -11.40
N ARG A 2580 -20.28 0.23 -11.51
CA ARG A 2580 -20.45 1.37 -12.39
C ARG A 2580 -20.40 0.94 -13.85
N GLN A 2581 -19.56 -0.03 -14.17
CA GLN A 2581 -19.61 -0.61 -15.51
C GLN A 2581 -20.86 -1.44 -15.72
N LEU A 2582 -21.48 -1.92 -14.64
CA LEU A 2582 -22.74 -2.64 -14.79
C LEU A 2582 -23.90 -1.69 -15.08
N ILE A 2583 -23.98 -0.58 -14.35
CA ILE A 2583 -25.06 0.37 -14.56
C ILE A 2583 -24.88 1.06 -15.90
N GLU A 2584 -23.69 1.62 -16.14
CA GLU A 2584 -23.51 2.52 -17.27
C GLU A 2584 -23.72 1.77 -18.59
N THR A 2585 -23.21 0.56 -18.69
CA THR A 2585 -23.16 -0.17 -19.95
C THR A 2585 -23.73 -1.58 -19.88
N GLY A 2586 -23.80 -2.19 -18.71
CA GLY A 2586 -24.35 -3.53 -18.62
C GLY A 2586 -23.31 -4.54 -19.06
N GLY A 2587 -23.12 -5.59 -18.29
CA GLY A 2587 -22.16 -6.61 -18.63
C GLY A 2587 -20.76 -6.30 -18.15
N PHE A 2588 -19.84 -7.20 -18.48
CA PHE A 2588 -18.47 -7.15 -17.99
C PHE A 2588 -17.65 -8.26 -18.63
N TYR A 2589 -16.36 -8.34 -18.33
CA TYR A 2589 -15.51 -9.37 -18.90
C TYR A 2589 -15.52 -10.63 -18.04
N MET A 2590 -15.46 -11.80 -18.69
CA MET A 2590 -15.52 -13.07 -17.99
C MET A 2590 -14.16 -13.46 -17.46
N LEU A 2591 -14.18 -14.29 -16.41
CA LEU A 2591 -12.97 -14.91 -15.87
C LEU A 2591 -13.32 -16.35 -15.50
N ASP A 2592 -13.22 -17.25 -16.49
CA ASP A 2592 -13.44 -18.68 -16.30
C ASP A 2592 -12.33 -19.51 -16.91
N LYS A 2593 -11.11 -18.98 -16.97
CA LYS A 2593 -9.90 -19.72 -17.35
C LYS A 2593 -9.98 -20.35 -18.74
N THR A 2594 -10.96 -19.98 -19.57
CA THR A 2594 -11.17 -20.58 -20.88
C THR A 2594 -11.06 -19.57 -22.01
N GLN A 2595 -11.82 -18.47 -21.95
CA GLN A 2595 -11.74 -17.38 -22.92
C GLN A 2595 -11.74 -16.05 -22.18
N ARG A 2596 -11.05 -15.06 -22.75
CA ARG A 2596 -10.83 -13.78 -22.09
C ARG A 2596 -11.55 -12.62 -22.76
N GLY A 2597 -11.25 -12.33 -24.02
CA GLY A 2597 -11.74 -11.08 -24.58
C GLY A 2597 -13.13 -11.27 -25.13
N ASN A 2598 -14.11 -11.00 -24.27
CA ASN A 2598 -15.53 -11.18 -24.56
C ASN A 2598 -16.25 -10.73 -23.30
N GLN A 2599 -17.53 -10.36 -23.41
CA GLN A 2599 -18.28 -9.89 -22.25
C GLN A 2599 -19.70 -10.44 -22.26
N ARG A 2600 -20.18 -10.82 -21.09
CA ARG A 2600 -21.60 -11.11 -20.93
C ARG A 2600 -22.39 -9.83 -21.03
N LYS A 2601 -23.68 -9.96 -21.31
CA LYS A 2601 -24.55 -8.82 -21.53
C LYS A 2601 -25.80 -8.95 -20.69
N MET A 2602 -26.18 -7.87 -20.03
CA MET A 2602 -27.47 -7.76 -19.35
C MET A 2602 -28.34 -6.86 -20.20
N LYS A 2603 -29.39 -7.44 -20.77
CA LYS A 2603 -30.37 -6.72 -21.55
C LYS A 2603 -31.49 -6.18 -20.68
N ASN A 2604 -31.66 -6.71 -19.48
CA ASN A 2604 -32.65 -6.16 -18.55
C ASN A 2604 -32.25 -6.37 -17.11
N LEU A 2605 -32.31 -5.30 -16.33
CA LEU A 2605 -32.08 -5.35 -14.89
C LEU A 2605 -32.57 -4.03 -14.28
N GLN A 2606 -32.60 -3.97 -12.96
CA GLN A 2606 -32.97 -2.77 -12.23
C GLN A 2606 -32.11 -2.67 -10.98
N TYR A 2607 -32.03 -1.47 -10.40
CA TYR A 2607 -31.03 -1.20 -9.36
C TYR A 2607 -31.52 -0.20 -8.33
N ILE A 2608 -31.18 -0.46 -7.06
CA ILE A 2608 -31.62 0.38 -5.95
C ILE A 2608 -30.60 0.28 -4.82
N GLY A 2609 -30.35 1.42 -4.15
CA GLY A 2609 -29.35 1.49 -3.09
C GLY A 2609 -29.82 2.31 -1.90
N ALA A 2610 -28.98 2.35 -0.87
CA ALA A 2610 -29.30 3.06 0.36
C ALA A 2610 -28.01 3.44 1.09
N MET A 2611 -27.91 4.70 1.51
CA MET A 2611 -26.71 5.32 2.05
C MET A 2611 -26.88 5.58 3.53
N ASN A 2612 -25.75 5.87 4.19
CA ASN A 2612 -25.75 6.23 5.61
C ASN A 2612 -25.02 7.57 5.78
N HIS A 2613 -25.75 8.66 5.55
CA HIS A 2613 -25.40 10.05 5.90
C HIS A 2613 -23.89 10.33 5.75
N PRO A 2614 -23.36 10.27 4.56
CA PRO A 2614 -21.89 10.29 4.41
C PRO A 2614 -21.25 11.57 4.89
N GLY A 2615 -20.05 11.43 5.44
CA GLY A 2615 -19.33 12.52 6.06
C GLY A 2615 -18.66 12.05 7.33
N GLY A 2616 -17.47 12.55 7.63
CA GLY A 2616 -16.81 12.13 8.85
C GLY A 2616 -16.37 10.69 8.77
N GLY A 2617 -16.80 9.88 9.74
CA GLY A 2617 -16.40 8.49 9.78
C GLY A 2617 -17.00 7.66 8.68
N ARG A 2618 -18.11 8.09 8.10
CA ARG A 2618 -18.77 7.35 7.04
C ARG A 2618 -18.12 7.67 5.69
N ASN A 2619 -17.83 6.64 4.91
CA ASN A 2619 -17.20 6.81 3.61
C ASN A 2619 -18.17 7.50 2.65
N ASP A 2620 -17.70 7.69 1.42
CA ASP A 2620 -18.47 8.26 0.33
C ASP A 2620 -18.22 7.45 -0.93
N ILE A 2621 -19.16 7.53 -1.89
CA ILE A 2621 -19.07 6.74 -3.11
C ILE A 2621 -18.28 7.52 -4.15
N PRO A 2622 -17.79 6.89 -5.21
CA PRO A 2622 -17.05 7.63 -6.25
C PRO A 2622 -17.95 8.67 -6.90
N ASN A 2623 -17.39 9.84 -7.16
CA ASN A 2623 -18.22 10.93 -7.67
C ASN A 2623 -18.70 10.65 -9.08
N ARG A 2624 -17.89 9.96 -9.90
CA ARG A 2624 -18.32 9.58 -11.25
C ARG A 2624 -19.62 8.78 -11.22
N LEU A 2625 -19.83 8.00 -10.16
CA LEU A 2625 -21.02 7.18 -10.06
C LEU A 2625 -22.24 7.96 -9.58
N LYS A 2626 -22.06 9.13 -8.98
CA LYS A 2626 -23.21 9.84 -8.43
C LYS A 2626 -24.17 10.31 -9.52
N ARG A 2627 -23.74 10.35 -10.78
CA ARG A 2627 -24.55 10.90 -11.84
C ARG A 2627 -25.77 10.05 -12.16
N GLN A 2628 -25.82 8.80 -11.72
CA GLN A 2628 -26.82 7.85 -12.20
C GLN A 2628 -27.96 7.60 -11.23
N PHE A 2629 -27.69 7.57 -9.94
CA PHE A 2629 -28.70 7.19 -8.96
C PHE A 2629 -29.53 8.39 -8.55
N PHE A 2630 -30.85 8.18 -8.46
CA PHE A 2630 -31.71 9.10 -7.74
C PHE A 2630 -31.33 9.10 -6.27
N ILE A 2631 -31.04 10.28 -5.73
CA ILE A 2631 -30.58 10.43 -4.36
C ILE A 2631 -31.58 11.31 -3.62
N PHE A 2632 -31.97 10.89 -2.41
CA PHE A 2632 -32.69 11.80 -1.52
C PHE A 2632 -32.67 11.26 -0.10
N ASN A 2633 -32.96 12.15 0.85
CA ASN A 2633 -32.85 11.85 2.27
C ASN A 2633 -33.92 10.87 2.70
N MET A 2634 -33.71 10.30 3.89
CA MET A 2634 -34.70 9.48 4.59
C MET A 2634 -34.63 9.87 6.05
N ILE A 2635 -35.45 10.85 6.43
CA ILE A 2635 -35.46 11.41 7.78
C ILE A 2635 -36.07 10.43 8.77
N LEU A 2636 -35.91 10.71 10.06
CA LEU A 2636 -36.63 9.99 11.09
C LEU A 2636 -38.11 10.35 11.04
N PRO A 2637 -38.98 9.51 11.59
CA PRO A 2637 -40.42 9.68 11.34
C PRO A 2637 -41.11 10.79 12.13
N LEU A 2638 -40.71 10.99 13.40
CA LEU A 2638 -41.35 11.97 14.30
C LEU A 2638 -42.81 11.63 14.60
N SER A 2639 -43.21 10.37 14.39
CA SER A 2639 -44.60 9.96 14.59
C SER A 2639 -44.69 8.62 15.30
N ILE A 2640 -43.66 8.22 16.04
CA ILE A 2640 -43.56 6.85 16.53
C ILE A 2640 -44.58 6.51 17.61
N GLU A 2641 -45.33 7.50 18.11
CA GLU A 2641 -46.50 7.14 18.92
C GLU A 2641 -47.56 6.45 18.08
N GLY A 2642 -47.61 6.73 16.78
CA GLY A 2642 -48.63 6.23 15.90
C GLY A 2642 -48.23 5.06 15.03
N ILE A 2643 -47.05 4.47 15.25
CA ILE A 2643 -46.66 3.27 14.51
C ILE A 2643 -47.04 2.02 15.29
N TYR A 2644 -46.87 2.06 16.61
CA TYR A 2644 -47.07 0.91 17.47
C TYR A 2644 -48.45 0.86 18.08
N GLY A 2645 -49.32 1.81 17.77
CA GLY A 2645 -50.66 1.84 18.29
C GLY A 2645 -51.44 0.59 17.95
N PRO A 2646 -51.54 0.27 16.65
CA PRO A 2646 -52.34 -0.90 16.27
C PRO A 2646 -51.94 -2.18 16.97
N ILE A 2647 -50.66 -2.57 16.98
CA ILE A 2647 -50.27 -3.86 17.54
C ILE A 2647 -50.73 -3.99 18.98
N ILE A 2648 -50.71 -2.87 19.70
CA ILE A 2648 -51.24 -2.85 21.06
C ILE A 2648 -52.76 -2.94 21.05
N LYS A 2649 -53.42 -2.37 20.04
CA LYS A 2649 -54.87 -2.54 19.93
C LYS A 2649 -55.23 -4.00 19.75
N HIS A 2650 -54.50 -4.70 18.87
CA HIS A 2650 -54.85 -6.10 18.62
C HIS A 2650 -54.53 -6.98 19.82
N MET A 2651 -53.42 -6.67 20.54
CA MET A 2651 -53.18 -7.36 21.79
C MET A 2651 -54.27 -7.06 22.80
N PHE A 2652 -54.76 -5.81 22.80
CA PHE A 2652 -55.67 -5.37 23.85
C PHE A 2652 -57.00 -6.08 23.78
N LYS A 2653 -57.53 -6.27 22.59
CA LYS A 2653 -58.91 -6.73 22.43
C LYS A 2653 -59.01 -8.24 22.58
N GLN A 2654 -58.44 -8.78 23.64
CA GLN A 2654 -58.53 -10.20 23.97
C GLN A 2654 -59.17 -10.42 25.34
N LYS A 2655 -58.61 -9.82 26.38
CA LYS A 2655 -59.19 -9.94 27.71
C LYS A 2655 -60.45 -9.09 27.83
N TYR A 2656 -60.35 -7.80 27.48
CA TYR A 2656 -61.37 -6.77 27.67
C TYR A 2656 -61.62 -6.45 29.14
N PHE A 2657 -60.72 -6.86 30.03
CA PHE A 2657 -60.89 -6.66 31.47
C PHE A 2657 -60.24 -5.37 31.96
N SER A 2658 -59.69 -4.56 31.04
CA SER A 2658 -58.95 -3.36 31.40
C SER A 2658 -59.93 -2.19 31.46
N ASP A 2659 -60.65 -2.12 32.57
CA ASP A 2659 -61.53 -0.98 32.81
C ASP A 2659 -60.74 0.33 32.78
N SER A 2660 -59.59 0.36 33.43
CA SER A 2660 -58.69 1.51 33.42
C SER A 2660 -57.30 1.20 32.89
N THR A 2661 -56.92 -0.07 32.78
CA THR A 2661 -55.58 -0.40 32.35
C THR A 2661 -55.33 -0.09 30.87
N TYR A 2662 -56.36 0.18 30.08
CA TYR A 2662 -56.16 0.57 28.68
C TYR A 2662 -55.48 1.93 28.57
N LYS A 2663 -55.98 2.90 29.32
CA LYS A 2663 -55.37 4.23 29.36
C LYS A 2663 -53.94 4.12 29.85
N VAL A 2664 -53.73 3.29 30.86
CA VAL A 2664 -52.38 3.01 31.34
C VAL A 2664 -51.53 2.46 30.20
N ILE A 2665 -52.04 1.46 29.48
CA ILE A 2665 -51.30 0.79 28.42
C ILE A 2665 -50.87 1.79 27.35
N GLU A 2666 -51.77 2.71 26.98
CA GLU A 2666 -51.38 3.78 26.08
C GLU A 2666 -50.30 4.66 26.71
N SER A 2667 -50.43 4.92 28.01
CA SER A 2667 -49.40 5.71 28.68
C SER A 2667 -48.06 4.99 28.67
N LEU A 2668 -48.07 3.66 28.70
CA LEU A 2668 -46.83 2.90 28.54
C LEU A 2668 -46.27 3.09 27.14
N THR A 2669 -47.15 3.05 26.14
CA THR A 2669 -46.73 3.29 24.77
C THR A 2669 -46.05 4.64 24.62
N SER A 2670 -46.51 5.65 25.37
CA SER A 2670 -45.87 6.97 25.33
C SER A 2670 -44.70 7.10 26.28
N ALA A 2671 -44.71 6.40 27.41
CA ALA A 2671 -43.66 6.54 28.41
C ALA A 2671 -42.40 5.80 28.00
N THR A 2672 -42.53 4.70 27.25
CA THR A 2672 -41.36 4.12 26.60
C THR A 2672 -40.69 5.15 25.71
N ILE A 2673 -41.49 5.93 24.98
CA ILE A 2673 -40.93 6.94 24.10
C ILE A 2673 -40.25 8.03 24.93
N ALA A 2674 -40.89 8.45 26.02
CA ALA A 2674 -40.29 9.47 26.88
C ALA A 2674 -38.95 9.00 27.42
N LEU A 2675 -38.91 7.75 27.89
CA LEU A 2675 -37.67 7.17 28.38
C LEU A 2675 -36.62 7.11 27.27
N TRP A 2676 -37.04 6.70 26.06
CA TRP A 2676 -36.14 6.65 24.92
C TRP A 2676 -35.52 8.01 24.65
N ASN A 2677 -36.36 9.05 24.62
CA ASN A 2677 -35.87 10.40 24.38
C ASN A 2677 -34.84 10.80 25.43
N LYS A 2678 -35.20 10.63 26.71
CA LYS A 2678 -34.34 11.09 27.79
C LYS A 2678 -33.00 10.37 27.78
N VAL A 2679 -33.02 9.04 27.68
CA VAL A 2679 -31.78 8.28 27.76
C VAL A 2679 -30.94 8.51 26.53
N LYS A 2680 -31.56 8.55 25.34
CA LYS A 2680 -30.81 8.77 24.12
C LYS A 2680 -30.12 10.12 24.13
N SER A 2681 -30.82 11.15 24.61
CA SER A 2681 -30.21 12.46 24.70
C SER A 2681 -29.06 12.47 25.70
N THR A 2682 -29.30 11.92 26.90
CA THR A 2682 -28.46 12.27 28.04
C THR A 2682 -27.06 11.68 27.93
N MET A 2683 -26.95 10.39 27.62
CA MET A 2683 -25.72 9.64 27.80
C MET A 2683 -25.22 9.15 26.45
N LEU A 2684 -23.96 9.46 26.15
CA LEU A 2684 -23.46 9.53 24.79
C LEU A 2684 -22.33 8.54 24.55
N PRO A 2685 -21.89 8.36 23.30
CA PRO A 2685 -20.67 7.60 23.05
C PRO A 2685 -19.42 8.46 23.00
N THR A 2686 -18.37 7.96 23.65
CA THR A 2686 -17.01 8.46 23.61
C THR A 2686 -16.14 7.27 23.24
N PRO A 2687 -14.93 7.49 22.71
CA PRO A 2687 -14.15 6.34 22.19
C PRO A 2687 -13.85 5.25 23.23
N ALA A 2688 -14.03 5.52 24.52
CA ALA A 2688 -14.01 4.48 25.54
C ALA A 2688 -15.38 3.83 25.76
N LYS A 2689 -16.45 4.44 25.27
CA LYS A 2689 -17.81 3.88 25.32
C LYS A 2689 -18.48 4.06 23.98
N PHE A 2690 -17.71 3.85 22.91
CA PHE A 2690 -18.12 4.14 21.54
C PHE A 2690 -19.45 3.49 21.17
N HIS A 2691 -19.73 2.30 21.68
CA HIS A 2691 -20.92 1.56 21.31
C HIS A 2691 -22.17 2.04 22.03
N TYR A 2692 -22.09 3.13 22.79
CA TYR A 2692 -23.27 3.73 23.39
C TYR A 2692 -24.08 4.41 22.30
N VAL A 2693 -24.76 3.60 21.50
CA VAL A 2693 -25.46 4.05 20.30
C VAL A 2693 -26.90 3.58 20.39
N PHE A 2694 -27.83 4.49 20.10
CA PHE A 2694 -29.25 4.26 20.29
C PHE A 2694 -29.98 4.60 19.00
N ASN A 2695 -31.04 3.86 18.72
CA ASN A 2695 -31.84 4.07 17.52
C ASN A 2695 -33.29 3.69 17.83
N MET A 2696 -34.09 3.42 16.81
CA MET A 2696 -35.45 2.94 17.01
C MET A 2696 -35.53 1.43 17.14
N ARG A 2697 -34.43 0.71 16.92
CA ARG A 2697 -34.45 -0.75 17.05
C ARG A 2697 -34.85 -1.16 18.47
N GLU A 2698 -34.26 -0.52 19.48
CA GLU A 2698 -34.47 -0.95 20.85
C GLU A 2698 -35.93 -0.80 21.27
N LEU A 2699 -36.65 0.17 20.71
CA LEU A 2699 -38.07 0.26 21.00
C LEU A 2699 -38.79 -0.97 20.48
N SER A 2700 -38.45 -1.41 19.28
CA SER A 2700 -39.02 -2.63 18.74
C SER A 2700 -38.67 -3.82 19.61
N ARG A 2701 -37.43 -3.88 20.10
CA ARG A 2701 -37.05 -5.00 20.96
C ARG A 2701 -37.81 -4.97 22.28
N ILE A 2702 -38.02 -3.77 22.84
CA ILE A 2702 -38.80 -3.65 24.06
C ILE A 2702 -40.19 -4.22 23.84
N PHE A 2703 -40.85 -3.80 22.77
CA PHE A 2703 -42.19 -4.30 22.53
C PHE A 2703 -42.18 -5.79 22.25
N LYS A 2704 -41.22 -6.27 21.44
CA LYS A 2704 -41.11 -7.69 21.15
C LYS A 2704 -41.03 -8.51 22.42
N GLY A 2705 -40.31 -8.00 23.42
CA GLY A 2705 -40.34 -8.64 24.72
C GLY A 2705 -41.70 -8.56 25.39
N ILE A 2706 -42.35 -7.39 25.33
CA ILE A 2706 -43.64 -7.25 26.00
C ILE A 2706 -44.66 -8.21 25.41
N LEU A 2707 -44.72 -8.29 24.08
CA LEU A 2707 -45.76 -9.08 23.45
C LEU A 2707 -45.51 -10.56 23.69
N THR A 2708 -46.13 -11.08 24.74
CA THR A 2708 -46.09 -12.48 25.12
C THR A 2708 -47.25 -12.67 26.08
N CYS A 2709 -47.56 -13.92 26.39
CA CYS A 2709 -48.54 -14.26 27.45
C CYS A 2709 -49.93 -13.73 27.11
N LYS A 2710 -50.51 -14.30 26.06
CA LYS A 2710 -51.83 -13.87 25.61
C LYS A 2710 -52.86 -13.96 26.73
N LYS A 2711 -52.73 -14.94 27.62
CA LYS A 2711 -53.56 -15.01 28.82
C LYS A 2711 -52.79 -15.39 30.07
N ASP A 2712 -51.51 -15.75 29.99
CA ASP A 2712 -50.76 -16.13 31.17
C ASP A 2712 -50.58 -14.95 32.14
N THR A 2713 -50.57 -13.73 31.62
CA THR A 2713 -50.52 -12.57 32.51
C THR A 2713 -51.76 -12.48 33.39
N ILE A 2714 -52.91 -12.90 32.84
CA ILE A 2714 -54.15 -12.83 33.61
C ILE A 2714 -54.07 -13.73 34.83
N ASN A 2715 -53.37 -14.85 34.72
CA ASN A 2715 -53.35 -15.83 35.80
C ASN A 2715 -52.48 -15.36 36.97
N ASP A 2716 -52.90 -14.28 37.62
CA ASP A 2716 -52.29 -13.82 38.85
C ASP A 2716 -52.79 -14.59 40.06
N ALA A 2717 -53.90 -15.33 39.91
CA ALA A 2717 -54.51 -16.02 41.05
C ALA A 2717 -53.56 -16.96 41.78
N PRO A 2718 -52.73 -17.78 41.11
CA PRO A 2718 -51.77 -18.59 41.88
C PRO A 2718 -50.84 -17.78 42.76
N LYS A 2719 -50.37 -16.62 42.30
CA LYS A 2719 -49.38 -15.85 43.06
C LYS A 2719 -50.09 -14.86 43.99
N SER A 2720 -50.79 -13.88 43.42
CA SER A 2720 -51.55 -12.87 44.17
C SER A 2720 -50.74 -12.29 45.33
N MET A 2721 -49.44 -12.08 45.11
CA MET A 2721 -48.53 -11.70 46.20
C MET A 2721 -48.61 -10.18 46.38
N LYS A 2722 -49.76 -9.75 46.89
CA LYS A 2722 -50.14 -8.34 46.91
C LYS A 2722 -50.10 -7.77 45.50
N ILE A 2723 -50.64 -8.53 44.56
CA ILE A 2723 -50.58 -8.23 43.13
C ILE A 2723 -51.99 -7.94 42.63
N LYS A 2724 -52.19 -6.74 42.11
CA LYS A 2724 -53.29 -6.47 41.22
C LYS A 2724 -52.87 -6.91 39.82
N PRO A 2725 -53.82 -7.17 38.92
CA PRO A 2725 -53.43 -7.63 37.58
C PRO A 2725 -52.52 -6.65 36.86
N GLU A 2726 -52.72 -5.36 37.10
CA GLU A 2726 -51.88 -4.33 36.50
C GLU A 2726 -50.47 -4.34 37.07
N LEU A 2727 -50.31 -4.76 38.33
CA LEU A 2727 -49.01 -4.66 38.97
C LEU A 2727 -48.02 -5.56 38.25
N PHE A 2728 -48.41 -6.81 38.00
CA PHE A 2728 -47.59 -7.72 37.21
C PHE A 2728 -47.23 -7.13 35.86
N LEU A 2729 -48.18 -6.42 35.24
CA LEU A 2729 -47.91 -5.83 33.94
C LEU A 2729 -46.83 -4.76 34.02
N VAL A 2730 -46.94 -3.85 35.00
CA VAL A 2730 -45.93 -2.79 35.08
C VAL A 2730 -44.59 -3.37 35.49
N GLY A 2731 -44.59 -4.43 36.31
CA GLY A 2731 -43.34 -5.09 36.62
C GLY A 2731 -42.71 -5.72 35.39
N LEU A 2732 -43.54 -6.28 34.51
CA LEU A 2732 -43.02 -6.80 33.25
C LEU A 2732 -42.44 -5.68 32.40
N TRP A 2733 -43.13 -4.53 32.37
CA TRP A 2733 -42.60 -3.37 31.68
C TRP A 2733 -41.24 -2.99 32.22
N ARG A 2734 -41.10 -2.97 33.55
CA ARG A 2734 -39.85 -2.56 34.17
C ARG A 2734 -38.73 -3.52 33.81
N HIS A 2735 -38.96 -4.82 34.00
CA HIS A 2735 -37.93 -5.82 33.70
C HIS A 2735 -37.54 -5.76 32.23
N GLU A 2736 -38.52 -5.57 31.35
CA GLU A 2736 -38.24 -5.43 29.93
C GLU A 2736 -37.33 -4.25 29.65
N ALA A 2737 -37.70 -3.07 30.15
CA ALA A 2737 -36.93 -1.88 29.89
C ALA A 2737 -35.51 -2.02 30.43
N GLU A 2738 -35.37 -2.64 31.61
CA GLU A 2738 -34.04 -2.90 32.14
C GLU A 2738 -33.23 -3.76 31.20
N ARG A 2739 -33.79 -4.89 30.77
CA ARG A 2739 -33.00 -5.85 30.01
C ARG A 2739 -32.72 -5.39 28.59
N VAL A 2740 -33.48 -4.43 28.06
CA VAL A 2740 -33.20 -3.91 26.73
C VAL A 2740 -32.37 -2.62 26.77
N LEU A 2741 -32.36 -1.91 27.90
CA LEU A 2741 -31.58 -0.67 28.02
C LEU A 2741 -30.56 -0.71 29.14
N ALA A 2742 -30.88 -1.31 30.29
CA ALA A 2742 -29.97 -1.32 31.43
C ALA A 2742 -29.09 -2.57 31.45
N ASP A 2743 -28.47 -2.90 30.32
CA ASP A 2743 -27.49 -3.97 30.23
C ASP A 2743 -26.14 -3.50 29.70
N LYS A 2744 -26.11 -2.87 28.54
CA LYS A 2744 -24.86 -2.67 27.81
C LYS A 2744 -24.11 -1.43 28.27
N LEU A 2745 -23.89 -1.30 29.58
CA LEU A 2745 -23.30 -0.10 30.15
C LEU A 2745 -22.17 -0.52 31.08
N VAL A 2746 -21.09 0.28 31.10
CA VAL A 2746 -19.80 -0.23 31.57
C VAL A 2746 -19.70 -0.16 33.10
N ASN A 2747 -20.10 0.96 33.70
CA ASN A 2747 -19.95 1.17 35.14
C ASN A 2747 -21.31 1.08 35.82
N ASN A 2748 -21.32 0.51 37.02
CA ASN A 2748 -22.58 0.29 37.74
C ASN A 2748 -23.29 1.61 37.99
N LYS A 2749 -22.55 2.71 38.15
CA LYS A 2749 -23.19 4.02 38.31
C LYS A 2749 -24.12 4.33 37.14
N ASP A 2750 -23.67 4.04 35.92
CA ASP A 2750 -24.49 4.28 34.75
C ASP A 2750 -25.79 3.50 34.85
N LYS A 2751 -25.69 2.27 35.36
CA LYS A 2751 -26.89 1.50 35.65
C LYS A 2751 -27.77 2.25 36.65
N ASP A 2752 -27.18 2.73 37.76
CA ASP A 2752 -27.96 3.35 38.82
C ASP A 2752 -28.74 4.55 38.29
N THR A 2753 -28.14 5.30 37.38
CA THR A 2753 -28.87 6.44 36.84
C THR A 2753 -29.99 5.99 35.89
N VAL A 2754 -29.79 4.92 35.11
CA VAL A 2754 -30.92 4.52 34.26
C VAL A 2754 -32.08 3.99 35.11
N MET A 2755 -31.77 3.27 36.20
CA MET A 2755 -32.88 2.84 37.06
C MET A 2755 -33.56 4.02 37.72
N GLY A 2756 -32.81 5.07 38.08
CA GLY A 2756 -33.45 6.28 38.56
C GLY A 2756 -34.38 6.89 37.53
N TYR A 2757 -33.93 6.96 36.28
CA TYR A 2757 -34.79 7.41 35.19
C TYR A 2757 -36.06 6.57 35.12
N ILE A 2758 -35.91 5.25 35.23
CA ILE A 2758 -37.06 4.36 35.09
C ILE A 2758 -38.06 4.60 36.19
N GLN A 2759 -37.57 4.73 37.44
CA GLN A 2759 -38.47 4.99 38.55
C GLN A 2759 -39.18 6.32 38.39
N GLU A 2760 -38.46 7.35 37.96
CA GLU A 2760 -39.06 8.65 37.75
C GLU A 2760 -40.15 8.59 36.69
N VAL A 2761 -39.88 7.90 35.58
CA VAL A 2761 -40.85 7.85 34.48
C VAL A 2761 -42.05 7.00 34.88
N SER A 2762 -41.83 5.90 35.60
CA SER A 2762 -42.93 5.10 36.09
C SER A 2762 -43.84 5.92 36.98
N LEU A 2763 -43.25 6.70 37.89
CA LEU A 2763 -44.06 7.60 38.70
C LEU A 2763 -44.80 8.61 37.84
N GLU A 2764 -44.14 9.10 36.79
CA GLU A 2764 -44.78 10.09 35.92
C GLU A 2764 -46.04 9.54 35.28
N SER A 2765 -45.92 8.40 34.58
CA SER A 2765 -47.10 7.83 33.96
C SER A 2765 -48.06 7.31 35.00
N PHE A 2766 -47.55 6.56 35.97
CA PHE A 2766 -48.39 5.85 36.92
C PHE A 2766 -48.72 6.82 38.06
N SER A 2767 -49.52 7.81 37.71
CA SER A 2767 -49.98 8.85 38.62
C SER A 2767 -51.31 8.50 39.27
N GLN A 2768 -51.59 7.21 39.42
CA GLN A 2768 -52.83 6.73 40.02
C GLN A 2768 -52.64 5.62 41.04
N ILE A 2769 -51.51 4.89 41.03
CA ILE A 2769 -51.17 3.97 42.11
C ILE A 2769 -49.73 4.16 42.59
N GLU A 2770 -49.21 5.40 42.47
CA GLU A 2770 -47.76 5.63 42.61
C GLU A 2770 -47.21 5.11 43.94
N ASN A 2771 -48.00 5.21 45.00
CA ASN A 2771 -47.52 4.69 46.29
C ASN A 2771 -47.39 3.17 46.26
N GLU A 2772 -48.28 2.49 45.55
CA GLU A 2772 -48.19 1.02 45.48
C GLU A 2772 -46.92 0.58 44.74
N ILE A 2773 -46.61 1.21 43.61
CA ILE A 2773 -45.37 0.87 42.90
C ILE A 2773 -44.17 1.20 43.76
N LEU A 2774 -44.24 2.31 44.51
CA LEU A 2774 -43.13 2.66 45.40
C LEU A 2774 -42.96 1.59 46.48
N GLU A 2775 -44.06 1.06 46.98
CA GLU A 2775 -43.97 0.04 48.01
C GLU A 2775 -43.38 -1.25 47.45
N LYS A 2776 -43.74 -1.64 46.22
CA LYS A 2776 -43.54 -3.01 45.78
C LYS A 2776 -42.47 -3.18 44.70
N TYR A 2777 -42.59 -2.55 43.53
CA TYR A 2777 -41.65 -2.81 42.43
C TYR A 2777 -40.63 -1.71 42.22
N SER A 2778 -40.99 -0.44 42.42
CA SER A 2778 -39.98 0.60 42.35
C SER A 2778 -38.98 0.51 43.49
N SER A 2779 -39.26 -0.30 44.52
CA SER A 2779 -38.27 -0.57 45.55
C SER A 2779 -37.09 -1.31 44.96
N GLU A 2780 -35.89 -1.00 45.46
CA GLU A 2780 -34.66 -1.60 44.96
C GLU A 2780 -34.57 -3.10 45.25
N LYS A 2781 -35.43 -3.64 46.12
CA LYS A 2781 -35.42 -5.06 46.38
C LYS A 2781 -35.76 -5.83 45.10
N THR A 2782 -35.32 -7.07 45.05
CA THR A 2782 -35.47 -7.87 43.84
C THR A 2782 -36.94 -8.09 43.52
N PHE A 2783 -37.30 -7.91 42.24
CA PHE A 2783 -38.68 -8.05 41.81
C PHE A 2783 -38.74 -8.68 40.43
N LEU A 2784 -39.63 -9.66 40.31
CA LEU A 2784 -40.03 -10.33 39.07
C LEU A 2784 -38.83 -10.70 38.20
N PHE A 2785 -38.06 -11.64 38.73
CA PHE A 2785 -37.14 -12.41 37.89
C PHE A 2785 -37.96 -13.32 37.00
N CYS A 2786 -37.83 -13.11 35.69
CA CYS A 2786 -38.63 -13.81 34.70
C CYS A 2786 -37.81 -14.95 34.12
N ASP A 2787 -38.35 -16.16 34.16
CA ASP A 2787 -37.62 -17.33 33.73
C ASP A 2787 -38.64 -18.35 33.25
N PHE A 2788 -38.14 -19.36 32.55
CA PHE A 2788 -38.97 -20.32 31.85
C PHE A 2788 -38.92 -21.74 32.38
N LEU A 2789 -37.77 -22.20 32.85
CA LEU A 2789 -37.61 -23.61 33.25
C LEU A 2789 -37.75 -23.82 34.75
N ARG A 2790 -37.28 -22.89 35.56
CA ARG A 2790 -37.49 -23.00 37.00
C ARG A 2790 -38.95 -23.10 37.40
N PRO A 2791 -39.89 -22.25 36.91
CA PRO A 2791 -41.21 -22.17 37.55
C PRO A 2791 -41.99 -23.47 37.57
N ASP A 2792 -41.89 -24.27 36.52
CA ASP A 2792 -42.55 -25.57 36.45
C ASP A 2792 -41.52 -26.67 36.57
N VAL A 2793 -41.90 -27.74 37.26
CA VAL A 2793 -41.02 -28.87 37.53
C VAL A 2793 -41.59 -30.10 36.82
N ILE A 2794 -40.72 -30.85 36.15
CA ILE A 2794 -41.15 -32.00 35.37
C ILE A 2794 -41.81 -33.05 36.26
N ASN A 2795 -41.29 -33.24 37.47
CA ASN A 2795 -41.80 -34.16 38.49
C ASN A 2795 -41.54 -35.64 38.21
N GLU A 2796 -41.03 -35.98 37.01
CA GLU A 2796 -40.51 -37.32 36.70
C GLU A 2796 -41.52 -38.43 37.03
N ASP A 2797 -42.75 -38.25 36.58
CA ASP A 2797 -43.84 -39.15 36.99
C ASP A 2797 -43.59 -40.57 36.48
N GLY A 2798 -43.55 -40.74 35.16
CA GLY A 2798 -43.33 -42.05 34.55
C GLY A 2798 -42.04 -42.10 33.77
N ILE A 2799 -41.66 -40.96 33.18
CA ILE A 2799 -40.40 -40.77 32.50
C ILE A 2799 -39.83 -39.47 33.05
N ILE A 2800 -38.52 -39.28 32.88
CA ILE A 2800 -37.87 -38.08 33.43
C ILE A 2800 -38.52 -36.82 32.86
N GLU A 2801 -38.40 -36.61 31.55
CA GLU A 2801 -39.08 -35.48 30.91
C GLU A 2801 -40.56 -35.84 30.82
N GLU A 2802 -41.24 -35.72 31.95
CA GLU A 2802 -42.65 -36.10 31.99
C GLU A 2802 -43.49 -35.18 31.12
N GLU A 2803 -43.32 -33.87 31.28
CA GLU A 2803 -44.08 -32.88 30.53
C GLU A 2803 -43.21 -31.67 30.30
N ALA A 2804 -43.34 -31.06 29.13
CA ALA A 2804 -42.66 -29.81 28.87
C ALA A 2804 -43.11 -28.77 29.88
N PRO A 2805 -42.15 -28.19 30.59
CA PRO A 2805 -42.45 -27.18 31.59
C PRO A 2805 -43.23 -26.04 30.95
N LYS A 2806 -44.08 -25.39 31.73
CA LYS A 2806 -44.62 -24.13 31.24
C LYS A 2806 -43.48 -23.16 31.10
N ILE A 2807 -43.62 -22.30 30.11
CA ILE A 2807 -42.51 -21.65 29.47
C ILE A 2807 -42.57 -20.13 29.56
N TYR A 2808 -43.72 -19.56 29.81
CA TYR A 2808 -43.90 -18.14 29.52
C TYR A 2808 -43.27 -17.25 30.60
N GLU A 2809 -43.48 -17.57 31.88
CA GLU A 2809 -43.13 -16.66 32.95
C GLU A 2809 -42.74 -17.39 34.22
N ALA A 2810 -42.07 -16.66 35.11
CA ALA A 2810 -41.78 -17.11 36.46
C ALA A 2810 -41.86 -15.89 37.38
N ILE A 2811 -41.63 -16.13 38.68
CA ILE A 2811 -41.73 -15.10 39.70
C ILE A 2811 -40.37 -14.91 40.36
N ASP A 2812 -40.30 -13.99 41.32
CA ASP A 2812 -39.06 -13.68 42.02
C ASP A 2812 -38.85 -14.66 43.16
N SER A 2813 -37.72 -15.37 43.12
CA SER A 2813 -37.21 -16.12 44.26
C SER A 2813 -35.83 -16.63 43.90
N LEU A 2814 -34.97 -16.73 44.91
CA LEU A 2814 -33.58 -17.12 44.71
C LEU A 2814 -33.27 -18.54 45.17
N THR A 2815 -33.98 -19.03 46.18
CA THR A 2815 -33.70 -20.35 46.73
C THR A 2815 -33.95 -21.43 45.68
N GLU A 2816 -35.22 -21.63 45.32
CA GLU A 2816 -35.59 -22.67 44.35
C GLU A 2816 -34.84 -22.50 43.04
N LEU A 2817 -34.52 -21.25 42.69
CA LEU A 2817 -33.66 -20.98 41.55
C LEU A 2817 -32.34 -21.73 41.68
N ARG A 2818 -31.64 -21.56 42.81
CA ARG A 2818 -30.36 -22.21 42.99
C ARG A 2818 -30.52 -23.72 43.11
N LYS A 2819 -31.61 -24.19 43.74
CA LYS A 2819 -31.76 -25.62 43.93
C LYS A 2819 -31.98 -26.32 42.59
N ARG A 2820 -32.84 -25.78 41.74
CA ARG A 2820 -33.00 -26.33 40.40
C ARG A 2820 -31.73 -26.18 39.58
N CYS A 2821 -30.97 -25.09 39.80
CA CYS A 2821 -29.71 -24.94 39.09
C CYS A 2821 -28.73 -26.06 39.46
N ASN A 2822 -28.66 -26.41 40.75
CA ASN A 2822 -27.75 -27.47 41.17
C ASN A 2822 -28.24 -28.83 40.68
N PHE A 2823 -29.55 -29.08 40.78
CA PHE A 2823 -30.21 -30.21 40.14
C PHE A 2823 -29.69 -30.38 38.71
N LEU A 2824 -29.90 -29.32 37.93
CA LEU A 2824 -29.52 -29.31 36.53
C LEU A 2824 -28.04 -29.52 36.35
N LEU A 2825 -27.21 -28.98 37.25
CA LEU A 2825 -25.78 -29.17 37.14
C LEU A 2825 -25.42 -30.64 37.25
N SER A 2826 -26.06 -31.35 38.18
CA SER A 2826 -25.85 -32.79 38.27
C SER A 2826 -26.25 -33.49 36.98
N PHE A 2827 -27.39 -33.08 36.42
CA PHE A 2827 -27.80 -33.65 35.13
C PHE A 2827 -26.73 -33.43 34.07
N TYR A 2828 -26.29 -32.19 33.90
CA TYR A 2828 -25.26 -31.90 32.89
C TYR A 2828 -24.00 -32.70 33.16
N ASN A 2829 -23.68 -32.96 34.43
CA ASN A 2829 -22.51 -33.78 34.73
C ASN A 2829 -22.67 -35.18 34.15
N ASP A 2830 -23.84 -35.80 34.37
CA ASP A 2830 -23.97 -37.17 33.86
C ASP A 2830 -24.33 -37.24 32.37
N ARG A 2831 -24.76 -36.13 31.76
CA ARG A 2831 -24.99 -36.13 30.32
C ARG A 2831 -23.67 -36.17 29.56
N ASN A 2832 -22.74 -35.30 29.93
CA ASN A 2832 -21.49 -35.14 29.22
C ASN A 2832 -20.41 -35.97 29.91
N PRO A 2833 -19.74 -36.91 29.24
CA PRO A 2833 -18.56 -37.53 29.85
C PRO A 2833 -17.44 -36.52 30.01
N SER A 2834 -16.76 -36.58 31.15
CA SER A 2834 -15.65 -35.68 31.43
C SER A 2834 -16.07 -34.22 31.28
N LYS A 2835 -17.25 -33.90 31.83
CA LYS A 2835 -17.72 -32.51 31.78
C LYS A 2835 -16.72 -31.59 32.47
N LYS A 2836 -16.32 -31.95 33.69
CA LYS A 2836 -15.24 -31.26 34.41
C LYS A 2836 -15.55 -29.78 34.55
N MET A 2837 -16.72 -29.47 35.14
CA MET A 2837 -17.27 -28.12 35.16
C MET A 2837 -17.64 -27.71 36.59
N PRO A 2838 -16.65 -27.41 37.44
CA PRO A 2838 -16.98 -26.88 38.78
C PRO A 2838 -17.55 -25.47 38.76
N LEU A 2839 -18.75 -25.29 38.22
CA LEU A 2839 -19.33 -23.96 38.14
C LEU A 2839 -19.89 -23.54 39.49
N VAL A 2840 -19.41 -22.40 39.98
CA VAL A 2840 -19.88 -21.83 41.23
C VAL A 2840 -21.00 -20.84 40.89
N LEU A 2841 -22.15 -21.04 41.52
CA LEU A 2841 -23.36 -20.29 41.20
C LEU A 2841 -23.62 -19.27 42.30
N PHE A 2842 -23.30 -18.02 42.02
CA PHE A 2842 -23.60 -16.90 42.89
C PHE A 2842 -24.54 -15.97 42.14
N ASP A 2843 -25.05 -14.96 42.86
CA ASP A 2843 -26.19 -14.18 42.39
C ASP A 2843 -25.98 -13.62 40.99
N ASP A 2844 -24.83 -12.99 40.75
CA ASP A 2844 -24.56 -12.42 39.44
C ASP A 2844 -24.44 -13.51 38.38
N ALA A 2845 -23.86 -14.66 38.74
CA ALA A 2845 -23.77 -15.76 37.77
C ALA A 2845 -25.16 -16.23 37.37
N LEU A 2846 -26.07 -16.32 38.34
CA LEU A 2846 -27.44 -16.71 38.03
C LEU A 2846 -28.07 -15.69 37.07
N LYS A 2847 -27.87 -14.41 37.34
CA LYS A 2847 -28.42 -13.39 36.45
C LYS A 2847 -27.86 -13.51 35.04
N HIS A 2848 -26.56 -13.79 34.93
CA HIS A 2848 -25.95 -13.89 33.61
C HIS A 2848 -26.51 -15.07 32.83
N LEU A 2849 -26.69 -16.22 33.49
CA LEU A 2849 -27.33 -17.35 32.83
C LEU A 2849 -28.74 -16.99 32.38
N LEU A 2850 -29.46 -16.24 33.21
CA LEU A 2850 -30.78 -15.79 32.83
C LEU A 2850 -30.73 -14.95 31.56
N ARG A 2851 -29.75 -14.05 31.44
CA ARG A 2851 -29.69 -13.18 30.27
C ARG A 2851 -29.36 -13.97 29.01
N ILE A 2852 -28.44 -14.92 29.11
CA ILE A 2852 -28.16 -15.79 27.96
C ILE A 2852 -29.43 -16.53 27.55
N SER A 2853 -30.21 -16.98 28.53
CA SER A 2853 -31.47 -17.64 28.20
C SER A 2853 -32.40 -16.71 27.43
N ARG A 2854 -32.51 -15.48 27.93
CA ARG A 2854 -33.39 -14.50 27.33
C ARG A 2854 -33.07 -14.31 25.86
N ILE A 2855 -31.77 -14.22 25.54
CA ILE A 2855 -31.43 -13.99 24.12
C ILE A 2855 -31.57 -15.27 23.31
N ILE A 2856 -31.06 -16.41 23.82
CA ILE A 2856 -31.01 -17.62 23.01
C ILE A 2856 -32.41 -18.07 22.65
N ARG A 2857 -33.34 -17.92 23.56
CA ARG A 2857 -34.66 -18.46 23.33
C ARG A 2857 -35.40 -17.75 22.22
N GLN A 2858 -35.25 -16.44 22.16
CA GLN A 2858 -36.12 -15.63 21.35
C GLN A 2858 -36.03 -16.08 19.90
N PRO A 2859 -37.13 -16.08 19.15
CA PRO A 2859 -37.01 -16.39 17.72
C PRO A 2859 -36.32 -15.24 17.00
N ARG A 2860 -35.29 -15.57 16.23
CA ARG A 2860 -34.53 -14.58 15.48
C ARG A 2860 -33.88 -13.56 16.41
N SER A 2861 -32.98 -14.07 17.24
CA SER A 2861 -32.24 -13.24 18.18
C SER A 2861 -30.80 -13.72 18.23
N SER A 2862 -29.95 -12.85 18.76
CA SER A 2862 -28.53 -13.15 18.95
C SER A 2862 -27.94 -12.04 19.79
N GLY A 2863 -26.86 -12.36 20.49
CA GLY A 2863 -26.30 -11.43 21.44
C GLY A 2863 -24.80 -11.45 21.55
N LEU A 2864 -24.18 -10.30 21.33
CA LEU A 2864 -22.75 -10.17 21.53
C LEU A 2864 -22.45 -10.11 23.02
N LEU A 2865 -21.52 -10.94 23.46
CA LEU A 2865 -21.12 -11.02 24.86
C LEU A 2865 -19.68 -10.53 24.97
N VAL A 2866 -19.46 -9.54 25.82
CA VAL A 2866 -18.14 -8.95 26.01
C VAL A 2866 -17.71 -9.18 27.45
N GLY A 2867 -16.41 -9.31 27.66
CA GLY A 2867 -15.86 -9.51 28.98
C GLY A 2867 -14.48 -10.13 28.93
N VAL A 2868 -13.65 -9.81 29.92
CA VAL A 2868 -12.32 -10.39 29.99
C VAL A 2868 -12.40 -11.90 30.20
N GLY A 2869 -11.35 -12.60 29.77
CA GLY A 2869 -11.31 -14.03 29.96
C GLY A 2869 -11.42 -14.41 31.43
N GLY A 2870 -11.99 -15.59 31.68
CA GLY A 2870 -12.31 -16.01 33.01
C GLY A 2870 -13.67 -15.56 33.51
N SER A 2871 -14.34 -14.64 32.80
CA SER A 2871 -15.69 -14.27 33.20
C SER A 2871 -16.68 -15.42 33.03
N GLY A 2872 -16.33 -16.44 32.25
CA GLY A 2872 -17.07 -17.67 32.22
C GLY A 2872 -18.12 -17.78 31.13
N LYS A 2873 -18.29 -16.74 30.31
CA LYS A 2873 -19.34 -16.72 29.29
C LYS A 2873 -19.30 -17.98 28.43
N GLN A 2874 -18.11 -18.41 28.03
CA GLN A 2874 -17.97 -19.64 27.25
C GLN A 2874 -18.39 -20.85 28.06
N SER A 2875 -18.18 -20.82 29.37
CA SER A 2875 -18.62 -21.92 30.22
C SER A 2875 -20.13 -21.87 30.44
N LEU A 2876 -20.67 -20.66 30.65
CA LEU A 2876 -22.09 -20.52 30.95
C LEU A 2876 -22.96 -20.94 29.78
N THR A 2877 -22.52 -20.62 28.56
CA THR A 2877 -23.36 -20.85 27.39
C THR A 2877 -23.62 -22.34 27.16
N ARG A 2878 -22.73 -23.22 27.60
CA ARG A 2878 -22.94 -24.64 27.37
C ARG A 2878 -24.20 -25.12 28.08
N LEU A 2879 -24.32 -24.83 29.37
CA LEU A 2879 -25.56 -25.14 30.07
C LEU A 2879 -26.72 -24.39 29.45
N ALA A 2880 -26.54 -23.11 29.16
CA ALA A 2880 -27.65 -22.31 28.65
C ALA A 2880 -28.19 -22.87 27.35
N GLY A 2881 -27.36 -23.53 26.57
CA GLY A 2881 -27.79 -24.17 25.34
C GLY A 2881 -28.40 -25.54 25.58
N PHE A 2882 -27.83 -26.29 26.52
CA PHE A 2882 -28.39 -27.61 26.79
C PHE A 2882 -29.82 -27.53 27.31
N ILE A 2883 -30.11 -26.52 28.15
CA ILE A 2883 -31.45 -26.39 28.67
C ILE A 2883 -32.43 -26.06 27.55
N GLY A 2884 -31.99 -25.26 26.60
CA GLY A 2884 -32.80 -24.89 25.46
C GLY A 2884 -32.77 -25.88 24.33
N LYS A 2885 -32.23 -27.08 24.54
CA LYS A 2885 -32.25 -28.19 23.59
C LYS A 2885 -31.43 -27.90 22.34
N ASN A 2886 -30.74 -26.77 22.26
CA ASN A 2886 -30.05 -26.40 21.04
C ASN A 2886 -28.75 -27.17 20.91
N LEU A 2887 -28.47 -27.62 19.69
CA LEU A 2887 -27.19 -28.21 19.39
C LEU A 2887 -26.14 -27.11 19.28
N ILE A 2888 -24.88 -27.49 19.53
CA ILE A 2888 -23.77 -26.54 19.51
C ILE A 2888 -22.60 -27.19 18.78
N GLN A 2889 -21.92 -26.42 17.93
CA GLN A 2889 -20.68 -26.85 17.32
C GLN A 2889 -19.72 -25.68 17.23
N GLN A 2890 -18.44 -25.99 17.44
CA GLN A 2890 -17.36 -25.03 17.35
C GLN A 2890 -16.50 -25.36 16.14
N ILE A 2891 -15.72 -24.38 15.70
CA ILE A 2891 -14.81 -24.54 14.58
C ILE A 2891 -13.45 -24.95 15.11
N ILE A 2892 -12.77 -25.82 14.37
CA ILE A 2892 -11.43 -26.31 14.72
C ILE A 2892 -10.49 -25.86 13.62
N VAL A 2893 -9.43 -25.14 14.01
CA VAL A 2893 -8.45 -24.62 13.06
C VAL A 2893 -7.41 -25.71 12.84
N THR A 2894 -7.40 -26.29 11.64
CA THR A 2894 -6.50 -27.40 11.35
C THR A 2894 -5.07 -26.91 11.30
N LYS A 2895 -4.16 -27.83 11.00
CA LYS A 2895 -2.76 -27.45 10.76
C LYS A 2895 -2.67 -26.44 9.63
N THR A 2896 -3.49 -26.62 8.59
CA THR A 2896 -3.64 -25.64 7.53
C THR A 2896 -4.89 -24.80 7.85
N TYR A 2897 -4.71 -23.48 7.95
CA TYR A 2897 -5.81 -22.58 8.24
C TYR A 2897 -6.39 -22.07 6.93
N SER A 2898 -7.67 -22.36 6.69
CA SER A 2898 -8.29 -22.19 5.38
C SER A 2898 -9.77 -21.86 5.60
N ASP A 2899 -10.58 -22.02 4.55
CA ASP A 2899 -11.94 -21.49 4.51
C ASP A 2899 -13.02 -22.56 4.39
N LYS A 2900 -12.71 -23.74 3.88
CA LYS A 2900 -13.76 -24.70 3.54
C LYS A 2900 -14.48 -25.24 4.79
N ASP A 2901 -13.75 -25.38 5.89
CA ASP A 2901 -14.34 -25.85 7.15
C ASP A 2901 -15.56 -25.01 7.51
N LEU A 2902 -15.43 -23.69 7.41
CA LEU A 2902 -16.53 -22.78 7.68
C LEU A 2902 -17.74 -23.13 6.80
N LYS A 2903 -17.50 -23.36 5.51
CA LYS A 2903 -18.61 -23.55 4.58
C LYS A 2903 -19.34 -24.85 4.88
N GLU A 2904 -18.59 -25.94 5.05
CA GLU A 2904 -19.27 -27.21 5.33
C GLU A 2904 -19.98 -27.18 6.67
N ASP A 2905 -19.39 -26.53 7.68
CA ASP A 2905 -20.04 -26.45 8.97
C ASP A 2905 -21.33 -25.64 8.89
N ILE A 2906 -21.32 -24.53 8.16
CA ILE A 2906 -22.55 -23.75 8.03
C ILE A 2906 -23.58 -24.53 7.23
N LYS A 2907 -23.15 -25.31 6.24
CA LYS A 2907 -24.11 -26.12 5.49
C LYS A 2907 -24.80 -27.12 6.41
N LYS A 2908 -24.01 -27.80 7.24
CA LYS A 2908 -24.61 -28.72 8.22
C LYS A 2908 -25.53 -27.97 9.17
N GLY A 2909 -25.13 -26.76 9.57
CA GLY A 2909 -25.96 -26.00 10.48
C GLY A 2909 -27.33 -25.66 9.89
N PHE A 2910 -27.33 -25.18 8.64
CA PHE A 2910 -28.59 -24.87 7.98
C PHE A 2910 -29.42 -26.14 7.84
N ASP A 2911 -28.82 -27.24 7.40
CA ASP A 2911 -29.59 -28.46 7.21
C ASP A 2911 -30.11 -29.03 8.53
N ASP A 2912 -29.48 -28.67 9.64
CA ASP A 2912 -30.07 -28.95 10.95
C ASP A 2912 -31.24 -28.02 11.23
N ALA A 2913 -31.10 -26.75 10.88
CA ALA A 2913 -32.12 -25.74 11.10
C ALA A 2913 -33.05 -25.55 9.90
N GLY A 2914 -32.84 -26.29 8.82
CA GLY A 2914 -33.64 -26.18 7.61
C GLY A 2914 -34.44 -27.44 7.38
N HIS A 2915 -33.89 -28.32 6.55
CA HIS A 2915 -34.52 -29.59 6.19
C HIS A 2915 -34.98 -30.37 7.43
N LEU A 2916 -34.05 -30.72 8.31
CA LEU A 2916 -34.46 -31.34 9.57
C LEU A 2916 -35.24 -30.36 10.43
N GLY A 2917 -34.81 -29.09 10.47
CA GLY A 2917 -35.53 -28.07 11.20
C GLY A 2917 -35.25 -28.02 12.69
N LYS A 2918 -34.18 -28.66 13.15
CA LYS A 2918 -33.87 -28.66 14.57
C LYS A 2918 -33.46 -27.27 15.03
N GLN A 2919 -33.34 -27.11 16.34
CA GLN A 2919 -32.87 -25.88 16.95
C GLN A 2919 -31.37 -25.99 17.22
N VAL A 2920 -30.65 -24.91 16.90
CA VAL A 2920 -29.19 -24.90 16.93
C VAL A 2920 -28.70 -23.62 17.61
N THR A 2921 -27.37 -23.53 17.76
CA THR A 2921 -26.70 -22.34 18.26
C THR A 2921 -25.28 -22.37 17.72
N PHE A 2922 -24.64 -21.21 17.68
CA PHE A 2922 -23.30 -21.05 17.11
C PHE A 2922 -22.44 -20.29 18.09
N LEU A 2923 -21.21 -20.77 18.30
CA LEU A 2923 -20.36 -20.36 19.42
C LEU A 2923 -18.99 -19.89 18.93
N MET A 2924 -19.00 -18.97 17.97
CA MET A 2924 -17.74 -18.36 17.54
C MET A 2924 -17.15 -17.52 18.66
N THR A 2925 -15.82 -17.54 18.78
CA THR A 2925 -15.09 -16.70 19.73
C THR A 2925 -13.80 -16.25 19.03
N ASP A 2926 -12.91 -15.62 19.80
CA ASP A 2926 -11.65 -15.13 19.23
C ASP A 2926 -10.78 -16.27 18.71
N SER A 2927 -10.88 -17.46 19.31
CA SER A 2927 -10.13 -18.60 18.79
C SER A 2927 -10.65 -19.04 17.44
N GLU A 2928 -11.92 -18.78 17.13
CA GLU A 2928 -12.53 -19.20 15.88
C GLU A 2928 -12.44 -18.14 14.79
N VAL A 2929 -11.53 -17.18 14.92
CA VAL A 2929 -11.19 -16.24 13.86
C VAL A 2929 -9.69 -16.31 13.64
N LYS A 2930 -9.28 -16.49 12.39
CA LYS A 2930 -7.88 -16.45 11.98
C LYS A 2930 -7.58 -15.34 11.00
N LYS A 2931 -8.58 -14.84 10.30
CA LYS A 2931 -8.44 -13.70 9.41
C LYS A 2931 -9.78 -12.98 9.42
N GLU A 2932 -9.87 -11.89 8.64
CA GLU A 2932 -11.12 -11.15 8.61
C GLU A 2932 -12.23 -11.99 7.98
N GLU A 2933 -11.95 -12.56 6.79
CA GLU A 2933 -12.93 -13.14 5.87
C GLU A 2933 -14.04 -13.94 6.54
N PHE A 2934 -13.69 -14.71 7.57
CA PHE A 2934 -14.68 -15.41 8.38
C PHE A 2934 -15.74 -14.44 8.87
N LEU A 2935 -15.31 -13.27 9.33
CA LEU A 2935 -16.26 -12.28 9.80
C LEU A 2935 -17.18 -11.81 8.67
N GLU A 2936 -16.67 -11.73 7.45
CA GLU A 2936 -17.52 -11.30 6.33
C GLU A 2936 -18.61 -12.33 6.06
N TYR A 2937 -18.22 -13.60 5.96
CA TYR A 2937 -19.20 -14.63 5.68
C TYR A 2937 -20.24 -14.69 6.78
N ILE A 2938 -19.80 -14.62 8.05
CA ILE A 2938 -20.80 -14.64 9.10
C ILE A 2938 -21.68 -13.39 9.02
N ASN A 2939 -21.08 -12.23 8.71
CA ASN A 2939 -21.83 -10.97 8.60
C ASN A 2939 -23.02 -11.14 7.67
N MET A 2940 -22.75 -11.64 6.47
CA MET A 2940 -23.85 -11.85 5.54
C MET A 2940 -24.80 -12.93 6.05
N VAL A 2941 -24.31 -13.90 6.83
CA VAL A 2941 -25.22 -14.89 7.40
C VAL A 2941 -26.21 -14.22 8.35
N LEU A 2942 -25.74 -13.26 9.15
CA LEU A 2942 -26.67 -12.51 9.99
C LEU A 2942 -27.65 -11.74 9.12
N SER A 2943 -27.18 -11.17 8.01
CA SER A 2943 -28.05 -10.32 7.23
C SER A 2943 -29.02 -11.12 6.36
N THR A 2944 -28.50 -11.93 5.43
CA THR A 2944 -29.31 -12.61 4.41
C THR A 2944 -29.50 -14.09 4.66
N GLY A 2945 -28.40 -14.84 4.88
CA GLY A 2945 -28.48 -16.26 5.09
C GLY A 2945 -28.30 -17.09 3.83
N GLU A 2946 -28.39 -16.49 2.65
CA GLU A 2946 -28.11 -17.20 1.40
C GLU A 2946 -26.61 -17.11 1.13
N ILE A 2947 -25.94 -18.26 1.17
CA ILE A 2947 -24.54 -18.31 0.73
C ILE A 2947 -24.52 -18.43 -0.79
N PRO A 2948 -23.78 -17.56 -1.53
CA PRO A 2948 -23.77 -17.70 -3.00
C PRO A 2948 -23.25 -19.05 -3.48
N ASN A 2949 -24.16 -19.84 -4.05
CA ASN A 2949 -23.82 -21.10 -4.69
C ASN A 2949 -23.08 -22.06 -3.75
N LEU A 2950 -23.40 -22.01 -2.46
CA LEU A 2950 -23.07 -23.14 -1.58
C LEU A 2950 -24.22 -24.14 -1.54
N LEU A 2951 -25.45 -23.64 -1.43
CA LEU A 2951 -26.63 -24.50 -1.42
C LEU A 2951 -27.24 -24.68 -2.79
N ALA A 2952 -26.89 -23.81 -3.76
CA ALA A 2952 -27.44 -23.86 -5.10
C ALA A 2952 -26.52 -24.55 -6.09
N LYS A 2953 -25.57 -25.37 -5.61
CA LYS A 2953 -24.70 -26.16 -6.49
C LYS A 2953 -25.43 -27.44 -6.92
N ASP A 2954 -26.56 -27.24 -7.62
CA ASP A 2954 -27.44 -28.31 -8.06
C ASP A 2954 -27.97 -29.15 -6.90
N GLU A 2955 -28.15 -28.51 -5.74
CA GLU A 2955 -28.65 -29.17 -4.55
C GLU A 2955 -29.90 -28.54 -3.97
N ARG A 2956 -30.11 -27.24 -4.18
CA ARG A 2956 -31.24 -26.55 -3.54
C ARG A 2956 -32.57 -27.22 -3.85
N GLU A 2957 -32.70 -27.77 -5.06
CA GLU A 2957 -33.97 -28.38 -5.45
C GLU A 2957 -34.16 -29.76 -4.82
N VAL A 2958 -33.09 -30.54 -4.65
CA VAL A 2958 -33.29 -31.84 -4.00
C VAL A 2958 -33.61 -31.63 -2.53
N TRP A 2959 -32.89 -30.73 -1.85
CA TRP A 2959 -33.18 -30.47 -0.44
C TRP A 2959 -34.57 -29.87 -0.25
N LEU A 2960 -34.95 -28.91 -1.10
CA LEU A 2960 -36.28 -28.33 -1.02
C LEU A 2960 -37.35 -29.38 -1.29
N GLY A 2961 -37.09 -30.27 -2.25
CA GLY A 2961 -38.01 -31.37 -2.51
C GLY A 2961 -38.13 -32.34 -1.37
N ASP A 2962 -37.13 -32.40 -0.50
CA ASP A 2962 -37.20 -33.20 0.72
C ASP A 2962 -37.94 -32.49 1.84
N ILE A 2963 -38.59 -31.35 1.56
CA ILE A 2963 -39.23 -30.53 2.59
C ILE A 2963 -40.69 -30.22 2.30
N SER A 2964 -41.14 -30.28 1.03
CA SER A 2964 -42.49 -29.85 0.70
C SER A 2964 -43.58 -30.69 1.37
N GLN A 2965 -43.24 -31.91 1.81
CA GLN A 2965 -44.20 -32.72 2.54
C GLN A 2965 -44.63 -32.02 3.82
N ALA A 2966 -43.70 -31.36 4.50
CA ALA A 2966 -44.07 -30.53 5.64
C ALA A 2966 -44.88 -29.33 5.18
N TYR A 2967 -44.54 -28.77 4.01
CA TYR A 2967 -45.25 -27.60 3.50
C TYR A 2967 -46.72 -27.90 3.23
N CYS A 2968 -47.04 -29.15 2.91
CA CYS A 2968 -48.42 -29.49 2.57
C CYS A 2968 -49.37 -29.21 3.72
N LYS A 2969 -48.90 -29.31 4.97
CA LYS A 2969 -49.69 -29.00 6.15
C LYS A 2969 -49.30 -27.67 6.80
N GLU A 2970 -48.05 -27.24 6.64
CA GLU A 2970 -47.57 -26.08 7.38
C GLU A 2970 -48.21 -24.79 6.89
N LYS A 2971 -47.97 -24.44 5.63
CA LYS A 2971 -48.66 -23.30 5.04
C LYS A 2971 -50.10 -23.63 4.69
N ASN A 2972 -50.38 -24.90 4.34
CA ASN A 2972 -51.74 -25.40 4.18
C ASN A 2972 -52.50 -24.61 3.11
N LEU A 2973 -52.05 -24.78 1.86
CA LEU A 2973 -52.75 -24.21 0.70
C LEU A 2973 -53.99 -25.05 0.34
N GLY A 2974 -54.88 -25.20 1.33
CA GLY A 2974 -56.03 -26.09 1.27
C GLY A 2974 -55.63 -27.54 0.99
N ASN A 2975 -54.39 -27.91 1.31
CA ASN A 2975 -53.86 -29.25 1.04
C ASN A 2975 -54.01 -29.62 -0.43
N ILE A 2976 -53.74 -28.66 -1.31
CA ILE A 2976 -53.93 -28.81 -2.75
C ILE A 2976 -52.61 -28.77 -3.50
N ASP A 2977 -51.82 -27.72 -3.35
CA ASP A 2977 -50.61 -27.54 -4.18
C ASP A 2977 -49.69 -26.54 -3.49
N PRO A 2978 -48.65 -26.13 -4.20
CA PRO A 2978 -47.66 -25.16 -3.72
C PRO A 2978 -47.00 -24.54 -4.96
N PRO A 2979 -45.88 -23.86 -4.75
CA PRO A 2979 -45.05 -23.34 -5.83
C PRO A 2979 -43.59 -23.68 -5.57
N GLN A 2980 -42.68 -23.16 -6.40
CA GLN A 2980 -41.27 -23.55 -6.36
C GLN A 2980 -40.40 -22.54 -5.62
N SER A 2981 -40.41 -21.28 -6.06
CA SER A 2981 -39.60 -20.26 -5.38
C SER A 2981 -40.08 -20.04 -3.95
N GLU A 2982 -41.39 -20.07 -3.74
CA GLU A 2982 -41.94 -19.87 -2.41
C GLU A 2982 -41.42 -20.90 -1.43
N LEU A 2983 -41.06 -22.09 -1.90
CA LEU A 2983 -40.42 -23.05 -1.01
C LEU A 2983 -39.07 -22.52 -0.49
N TRP A 2984 -38.28 -21.91 -1.37
CA TRP A 2984 -37.03 -21.31 -0.89
C TRP A 2984 -37.32 -20.18 0.07
N THR A 2985 -38.39 -19.41 -0.18
CA THR A 2985 -38.76 -18.36 0.76
C THR A 2985 -39.04 -18.94 2.15
N TYR A 2986 -39.83 -20.00 2.19
CA TYR A 2986 -40.10 -20.65 3.47
C TYR A 2986 -38.83 -21.26 4.06
N PHE A 2987 -37.89 -21.68 3.21
CA PHE A 2987 -36.67 -22.29 3.73
C PHE A 2987 -35.79 -21.25 4.41
N VAL A 2988 -35.60 -20.10 3.77
CA VAL A 2988 -34.83 -19.05 4.43
C VAL A 2988 -35.53 -18.62 5.71
N ASP A 2989 -36.87 -18.60 5.67
CA ASP A 2989 -37.63 -18.29 6.89
C ASP A 2989 -37.27 -19.25 8.01
N ARG A 2990 -37.30 -20.55 7.73
CA ARG A 2990 -37.03 -21.56 8.75
C ARG A 2990 -35.61 -21.42 9.29
N VAL A 2991 -34.63 -21.35 8.40
CA VAL A 2991 -33.24 -21.38 8.87
C VAL A 2991 -32.93 -20.12 9.67
N ARG A 2992 -33.40 -18.95 9.25
CA ARG A 2992 -33.14 -17.78 10.07
C ARG A 2992 -33.96 -17.82 11.35
N ASP A 2993 -35.09 -18.52 11.35
CA ASP A 2993 -35.88 -18.62 12.57
C ASP A 2993 -35.18 -19.50 13.60
N ASN A 2994 -34.36 -20.45 13.17
CA ASN A 2994 -33.71 -21.40 14.08
C ASN A 2994 -32.22 -21.51 13.81
N PHE A 2995 -31.54 -20.36 13.67
CA PHE A 2995 -30.07 -20.32 13.69
C PHE A 2995 -29.65 -19.14 14.57
N HIS A 2996 -29.53 -19.40 15.87
CA HIS A 2996 -29.05 -18.39 16.79
C HIS A 2996 -27.53 -18.36 16.74
N ILE A 2997 -26.96 -17.17 16.94
CA ILE A 2997 -25.52 -16.93 16.85
C ILE A 2997 -25.09 -16.31 18.17
N MET A 2998 -24.17 -16.99 18.87
CA MET A 2998 -23.62 -16.53 20.13
C MET A 2998 -22.16 -16.18 19.90
N LEU A 2999 -21.85 -14.89 19.93
CA LEU A 2999 -20.50 -14.39 19.75
C LEU A 2999 -19.97 -13.90 21.09
N CYS A 3000 -18.71 -14.21 21.36
CA CYS A 3000 -18.06 -13.86 22.62
C CYS A 3000 -16.68 -13.33 22.31
N PHE A 3001 -16.48 -12.03 22.51
CA PHE A 3001 -15.26 -11.33 22.16
C PHE A 3001 -14.53 -10.88 23.42
N SER A 3002 -13.25 -10.53 23.24
CA SER A 3002 -12.50 -9.84 24.26
C SER A 3002 -12.84 -8.35 24.25
N PRO A 3003 -12.73 -7.66 25.39
CA PRO A 3003 -12.92 -6.20 25.38
C PRO A 3003 -11.64 -5.45 25.08
N VAL A 3004 -10.49 -6.12 25.23
CA VAL A 3004 -9.18 -5.47 25.21
C VAL A 3004 -8.43 -5.90 23.97
N GLY A 3005 -7.24 -5.35 23.79
CA GLY A 3005 -6.39 -5.65 22.65
C GLY A 3005 -6.35 -4.49 21.68
N GLN A 3006 -6.36 -4.78 20.39
CA GLN A 3006 -6.41 -3.77 19.35
C GLN A 3006 -7.52 -4.02 18.33
N LYS A 3007 -7.79 -5.28 18.00
CA LYS A 3007 -8.55 -5.58 16.81
C LYS A 3007 -10.06 -5.46 17.00
N PHE A 3008 -10.56 -5.54 18.23
CA PHE A 3008 -12.00 -5.63 18.44
C PHE A 3008 -12.73 -4.39 17.92
N ARG A 3009 -12.23 -3.20 18.25
CA ARG A 3009 -12.98 -1.99 17.96
C ARG A 3009 -13.09 -1.75 16.45
N GLU A 3010 -11.96 -1.80 15.75
CA GLU A 3010 -12.04 -1.59 14.32
C GLU A 3010 -12.67 -2.78 13.61
N ARG A 3011 -12.67 -3.98 14.21
CA ARG A 3011 -13.46 -5.04 13.63
C ARG A 3011 -14.95 -4.71 13.70
N ALA A 3012 -15.38 -4.17 14.83
CA ALA A 3012 -16.78 -3.73 14.94
C ALA A 3012 -17.07 -2.67 13.89
N ARG A 3013 -16.17 -1.70 13.73
CA ARG A 3013 -16.39 -0.64 12.75
C ARG A 3013 -16.41 -1.19 11.32
N LYS A 3014 -15.68 -2.28 11.06
CA LYS A 3014 -15.63 -2.83 9.70
C LYS A 3014 -16.99 -3.37 9.27
N PHE A 3015 -17.70 -4.05 10.17
CA PHE A 3015 -18.92 -4.79 9.85
C PHE A 3015 -20.08 -4.20 10.63
N PRO A 3016 -20.98 -3.42 10.02
CA PRO A 3016 -21.99 -2.74 10.84
C PRO A 3016 -22.98 -3.67 11.49
N ALA A 3017 -23.45 -4.70 10.78
CA ALA A 3017 -24.55 -5.52 11.30
C ALA A 3017 -24.18 -6.25 12.58
N LEU A 3018 -22.90 -6.45 12.84
CA LEU A 3018 -22.43 -7.23 13.97
C LEU A 3018 -22.91 -6.66 15.29
N PHE A 3019 -22.46 -5.45 15.64
CA PHE A 3019 -22.95 -4.82 16.85
C PHE A 3019 -24.37 -4.27 16.68
N ASN A 3020 -24.89 -4.22 15.46
CA ASN A 3020 -26.20 -3.65 15.22
C ASN A 3020 -27.31 -4.61 15.63
N GLU A 3021 -27.37 -5.77 14.99
CA GLU A 3021 -28.49 -6.67 15.25
C GLU A 3021 -28.42 -7.29 16.63
N CYS A 3022 -27.22 -7.72 17.04
CA CYS A 3022 -27.10 -8.50 18.26
C CYS A 3022 -27.28 -7.64 19.50
N THR A 3023 -27.83 -8.24 20.55
CA THR A 3023 -27.85 -7.63 21.86
C THR A 3023 -26.42 -7.61 22.43
N ILE A 3024 -26.19 -6.67 23.34
CA ILE A 3024 -24.86 -6.43 23.91
C ILE A 3024 -24.98 -6.51 25.43
N ASP A 3025 -24.05 -7.23 26.07
CA ASP A 3025 -24.08 -7.45 27.50
C ASP A 3025 -22.67 -7.42 28.07
N TRP A 3026 -22.48 -6.67 29.16
CA TRP A 3026 -21.20 -6.57 29.83
C TRP A 3026 -21.13 -7.53 31.01
N PHE A 3027 -19.91 -7.97 31.31
CA PHE A 3027 -19.61 -8.74 32.50
C PHE A 3027 -18.49 -8.02 33.24
N LEU A 3028 -18.85 -7.34 34.32
CA LEU A 3028 -17.85 -6.70 35.15
C LEU A 3028 -17.09 -7.76 35.94
N PRO A 3029 -15.90 -7.44 36.45
CA PRO A 3029 -15.20 -8.39 37.31
C PRO A 3029 -15.96 -8.61 38.61
N TRP A 3030 -15.70 -9.75 39.24
CA TRP A 3030 -16.47 -10.15 40.42
C TRP A 3030 -16.21 -9.17 41.56
N PRO A 3031 -17.25 -8.64 42.23
CA PRO A 3031 -17.01 -7.79 43.39
C PRO A 3031 -16.85 -8.61 44.67
N GLU A 3032 -16.60 -7.93 45.80
CA GLU A 3032 -16.20 -8.62 47.01
C GLU A 3032 -17.27 -9.57 47.52
N GLU A 3033 -18.54 -9.26 47.28
CA GLU A 3033 -19.63 -10.11 47.75
C GLU A 3033 -19.54 -11.49 47.09
N ALA A 3034 -19.32 -11.51 45.78
CA ALA A 3034 -19.18 -12.78 45.07
C ALA A 3034 -17.99 -13.58 45.61
N LEU A 3035 -16.89 -12.90 45.86
CA LEU A 3035 -15.68 -13.62 46.28
C LEU A 3035 -15.85 -14.22 47.66
N VAL A 3036 -16.43 -13.47 48.60
CA VAL A 3036 -16.66 -14.06 49.91
C VAL A 3036 -17.67 -15.20 49.81
N SER A 3037 -18.64 -15.08 48.91
CA SER A 3037 -19.58 -16.18 48.70
C SER A 3037 -18.85 -17.44 48.26
N VAL A 3038 -17.95 -17.31 47.28
CA VAL A 3038 -17.19 -18.47 46.82
C VAL A 3038 -16.33 -19.01 47.95
N ALA A 3039 -15.75 -18.10 48.75
CA ALA A 3039 -14.89 -18.51 49.84
C ALA A 3039 -15.66 -19.37 50.84
N GLU A 3040 -16.89 -18.97 51.18
CA GLU A 3040 -17.65 -19.78 52.13
C GLU A 3040 -18.18 -21.06 51.49
N THR A 3041 -18.49 -21.04 50.18
CA THR A 3041 -18.90 -22.28 49.53
C THR A 3041 -17.77 -23.31 49.59
N PHE A 3042 -16.53 -22.85 49.51
CA PHE A 3042 -15.38 -23.76 49.55
C PHE A 3042 -14.82 -24.00 50.96
N ILE A 3043 -15.22 -23.19 51.95
CA ILE A 3043 -14.72 -23.32 53.31
C ILE A 3043 -15.69 -24.14 54.16
N LYS A 3044 -16.98 -24.09 53.82
CA LYS A 3044 -17.95 -24.94 54.50
C LYS A 3044 -17.55 -26.41 54.37
N ASN A 3045 -17.28 -26.86 53.15
CA ASN A 3045 -16.84 -28.23 52.96
C ASN A 3045 -15.41 -28.48 53.42
N PHE A 3046 -14.64 -27.43 53.72
CA PHE A 3046 -13.25 -27.56 54.12
C PHE A 3046 -12.98 -27.11 55.56
N ASP A 3047 -14.01 -26.75 56.32
CA ASP A 3047 -13.83 -26.36 57.73
C ASP A 3047 -13.99 -27.57 58.66
N LYS A 3048 -13.26 -28.64 58.35
CA LYS A 3048 -13.27 -29.82 59.21
C LYS A 3048 -12.32 -29.65 60.39
N LEU A 3049 -11.09 -29.21 60.12
CA LEU A 3049 -10.07 -29.02 61.14
C LEU A 3049 -9.94 -27.57 61.59
N ASP A 3050 -10.35 -26.60 60.77
CA ASP A 3050 -10.20 -25.18 61.09
C ASP A 3050 -11.48 -24.66 61.76
N THR A 3051 -11.64 -25.06 63.02
CA THR A 3051 -12.82 -24.73 63.81
C THR A 3051 -12.53 -23.51 64.66
N LYS A 3052 -13.19 -22.39 64.32
CA LYS A 3052 -13.10 -21.17 65.12
C LYS A 3052 -14.25 -20.25 64.74
N GLU A 3053 -15.14 -20.00 65.69
CA GLU A 3053 -16.21 -19.04 65.46
C GLU A 3053 -15.70 -17.61 65.60
N GLU A 3054 -16.31 -16.70 64.84
CA GLU A 3054 -15.99 -15.28 64.77
C GLU A 3054 -14.69 -14.99 64.01
N THR A 3055 -13.94 -16.02 63.60
CA THR A 3055 -12.75 -15.86 62.79
C THR A 3055 -12.91 -16.38 61.37
N LYS A 3056 -13.84 -17.32 61.15
CA LYS A 3056 -14.08 -17.82 59.81
C LYS A 3056 -14.57 -16.70 58.90
N GLN A 3057 -15.54 -15.91 59.35
CA GLN A 3057 -16.10 -14.87 58.50
C GLN A 3057 -15.02 -13.87 58.11
N GLU A 3058 -14.18 -13.48 59.06
CA GLU A 3058 -13.03 -12.64 58.72
C GLU A 3058 -12.06 -13.36 57.80
N LEU A 3059 -11.95 -14.69 57.91
CA LEU A 3059 -11.07 -15.41 56.99
C LEU A 3059 -11.56 -15.25 55.55
N MET A 3060 -12.84 -15.57 55.30
CA MET A 3060 -13.35 -15.46 53.94
C MET A 3060 -13.23 -14.03 53.41
N LYS A 3061 -13.52 -13.05 54.28
CA LYS A 3061 -13.34 -11.65 53.92
C LYS A 3061 -11.92 -11.36 53.47
N HIS A 3062 -10.95 -11.78 54.28
CA HIS A 3062 -9.55 -11.50 54.00
C HIS A 3062 -9.10 -12.21 52.72
N MET A 3063 -9.69 -13.36 52.40
CA MET A 3063 -9.31 -14.05 51.17
C MET A 3063 -9.76 -13.27 49.94
N GLY A 3064 -10.99 -12.74 50.00
CA GLY A 3064 -11.40 -11.82 48.96
C GLY A 3064 -10.43 -10.65 48.84
N ASN A 3065 -10.02 -10.09 49.99
CA ASN A 3065 -9.08 -8.97 49.97
C ASN A 3065 -7.79 -9.33 49.25
N VAL A 3066 -7.28 -10.55 49.49
CA VAL A 3066 -6.07 -11.02 48.84
C VAL A 3066 -6.24 -11.00 47.32
N HIS A 3067 -7.38 -11.50 46.83
CA HIS A 3067 -7.59 -11.55 45.38
C HIS A 3067 -7.63 -10.15 44.77
N LEU A 3068 -8.43 -9.25 45.38
CA LEU A 3068 -8.51 -7.88 44.87
C LEU A 3068 -7.16 -7.23 44.84
N MET A 3069 -6.30 -7.65 45.72
CA MET A 3069 -4.99 -7.08 45.79
C MET A 3069 -4.07 -7.57 44.70
N VAL A 3070 -4.06 -8.88 44.43
CA VAL A 3070 -3.16 -9.37 43.38
C VAL A 3070 -3.53 -8.76 42.05
N ASN A 3071 -4.79 -8.36 41.89
CA ASN A 3071 -5.14 -7.51 40.74
C ASN A 3071 -4.28 -6.24 40.69
N GLU A 3072 -4.21 -5.50 41.81
CA GLU A 3072 -3.48 -4.24 41.82
C GLU A 3072 -1.98 -4.47 41.60
N ILE A 3073 -1.43 -5.53 42.19
CA ILE A 3073 -0.01 -5.80 42.03
C ILE A 3073 0.30 -6.07 40.57
N CYS A 3074 -0.58 -6.83 39.90
CA CYS A 3074 -0.46 -7.04 38.45
C CYS A 3074 -0.40 -5.72 37.69
N ASP A 3075 -1.32 -4.81 38.02
CA ASP A 3075 -1.34 -3.51 37.35
C ASP A 3075 -0.03 -2.77 37.53
N GLU A 3076 0.50 -2.75 38.75
CA GLU A 3076 1.72 -2.01 39.01
C GLU A 3076 2.92 -2.60 38.28
N TYR A 3077 2.99 -3.94 38.23
CA TYR A 3077 4.12 -4.58 37.53
C TYR A 3077 4.11 -4.20 36.07
N TYR A 3078 2.94 -4.26 35.42
CA TYR A 3078 2.90 -3.87 34.02
C TYR A 3078 3.23 -2.40 33.86
N GLN A 3079 2.79 -1.56 34.81
CA GLN A 3079 3.00 -0.12 34.69
C GLN A 3079 4.48 0.22 34.70
N LYS A 3080 5.24 -0.39 35.62
CA LYS A 3080 6.64 -0.01 35.75
C LYS A 3080 7.53 -0.77 34.76
N MET A 3081 7.44 -2.10 34.75
CA MET A 3081 8.39 -2.91 33.99
C MET A 3081 7.95 -3.21 32.56
N ARG A 3082 6.72 -2.87 32.19
CA ARG A 3082 6.20 -3.15 30.84
C ARG A 3082 6.28 -4.64 30.51
N ARG A 3083 5.90 -5.47 31.48
CA ARG A 3083 5.86 -6.92 31.32
C ARG A 3083 4.45 -7.40 31.68
N GLN A 3084 3.87 -8.21 30.79
CA GLN A 3084 2.45 -8.54 30.86
C GLN A 3084 2.18 -9.55 31.96
N VAL A 3085 1.10 -9.31 32.72
CA VAL A 3085 0.66 -10.22 33.77
C VAL A 3085 -0.86 -10.26 33.75
N TYR A 3086 -1.43 -11.42 34.07
CA TYR A 3086 -2.87 -11.65 33.97
C TYR A 3086 -3.33 -12.43 35.19
N VAL A 3087 -4.63 -12.68 35.27
CA VAL A 3087 -5.23 -13.40 36.39
C VAL A 3087 -6.57 -13.97 35.93
N THR A 3088 -6.97 -15.07 36.56
CA THR A 3088 -8.23 -15.72 36.27
C THR A 3088 -8.82 -16.29 37.55
N PRO A 3089 -10.15 -16.43 37.64
CA PRO A 3089 -10.73 -17.11 38.81
C PRO A 3089 -10.30 -18.56 38.95
N LYS A 3090 -9.87 -19.20 37.87
CA LYS A 3090 -9.38 -20.57 37.95
C LYS A 3090 -8.20 -20.66 38.92
N SER A 3091 -7.33 -19.65 38.92
CA SER A 3091 -6.19 -19.67 39.82
C SER A 3091 -6.64 -19.51 41.26
N PHE A 3092 -7.69 -18.72 41.49
CA PHE A 3092 -8.26 -18.63 42.83
C PHE A 3092 -8.81 -19.97 43.30
N LEU A 3093 -9.50 -20.69 42.41
CA LEU A 3093 -9.99 -22.01 42.76
C LEU A 3093 -8.83 -22.95 43.07
N SER A 3094 -7.79 -22.93 42.22
CA SER A 3094 -6.62 -23.78 42.44
C SER A 3094 -5.94 -23.42 43.75
N TYR A 3095 -5.93 -22.14 44.09
CA TYR A 3095 -5.37 -21.69 45.36
C TYR A 3095 -6.15 -22.25 46.53
N LEU A 3096 -7.48 -22.28 46.41
CA LEU A 3096 -8.27 -22.92 47.47
C LEU A 3096 -7.98 -24.41 47.55
N ASN A 3097 -7.79 -25.07 46.41
CA ASN A 3097 -7.42 -26.47 46.41
C ASN A 3097 -6.12 -26.69 47.17
N SER A 3098 -5.12 -25.86 46.87
CA SER A 3098 -3.83 -25.96 47.55
C SER A 3098 -3.98 -25.72 49.04
N TYR A 3099 -4.77 -24.71 49.41
CA TYR A 3099 -5.03 -24.42 50.82
C TYR A 3099 -5.58 -25.66 51.52
N LYS A 3100 -6.67 -26.22 50.99
CA LYS A 3100 -7.30 -27.38 51.61
C LYS A 3100 -6.33 -28.55 51.71
N THR A 3101 -5.65 -28.85 50.60
CA THR A 3101 -4.82 -30.06 50.54
C THR A 3101 -3.62 -29.96 51.45
N LEU A 3102 -2.82 -28.90 51.27
CA LEU A 3102 -1.64 -28.79 52.11
C LEU A 3102 -2.02 -28.49 53.55
N TYR A 3103 -3.20 -27.93 53.83
CA TYR A 3103 -3.59 -27.76 55.22
C TYR A 3103 -3.90 -29.10 55.85
N ILE A 3104 -4.65 -29.97 55.18
CA ILE A 3104 -4.92 -31.26 55.82
C ILE A 3104 -3.62 -32.04 55.96
N GLU A 3105 -2.72 -31.92 54.98
CA GLU A 3105 -1.44 -32.60 55.08
C GLU A 3105 -0.63 -32.10 56.27
N LYS A 3106 -0.43 -30.78 56.37
CA LYS A 3106 0.42 -30.25 57.43
C LYS A 3106 -0.27 -30.29 58.78
N TYR A 3107 -1.58 -30.06 58.81
CA TYR A 3107 -2.33 -30.25 60.04
C TYR A 3107 -2.13 -31.66 60.56
N ASP A 3108 -2.37 -32.68 59.73
CA ASP A 3108 -2.25 -34.05 60.21
C ASP A 3108 -0.82 -34.42 60.56
N GLU A 3109 0.16 -34.03 59.74
CA GLU A 3109 1.54 -34.41 60.00
C GLU A 3109 2.08 -33.70 61.24
N LEU A 3110 2.04 -32.37 61.23
CA LEU A 3110 2.54 -31.61 62.36
C LEU A 3110 1.73 -31.88 63.61
N ASP A 3111 0.46 -32.29 63.51
CA ASP A 3111 -0.28 -32.65 64.70
C ASP A 3111 -0.06 -34.07 65.13
N GLN A 3112 0.45 -34.95 64.28
CA GLN A 3112 1.00 -36.19 64.78
C GLN A 3112 2.29 -35.92 65.53
N GLN A 3113 3.07 -34.95 65.04
CA GLN A 3113 4.23 -34.51 65.80
C GLN A 3113 3.82 -33.84 67.10
N GLU A 3114 2.71 -33.10 67.09
CA GLU A 3114 2.23 -32.50 68.34
C GLU A 3114 1.55 -33.55 69.21
N GLU A 3115 0.96 -34.58 68.61
CA GLU A 3115 0.59 -35.76 69.37
C GLU A 3115 1.81 -36.33 70.06
N SER A 3116 2.97 -36.26 69.39
CA SER A 3116 4.21 -36.70 70.03
C SER A 3116 4.70 -35.72 71.08
N PHE A 3117 4.40 -34.43 70.94
CA PHE A 3117 4.61 -33.51 72.04
C PHE A 3117 3.77 -33.94 73.25
N LYS A 3118 2.54 -34.38 72.99
CA LYS A 3118 1.70 -34.92 74.05
C LYS A 3118 2.21 -36.27 74.54
N ILE A 3119 2.87 -37.05 73.69
CA ILE A 3119 3.53 -38.27 74.16
C ILE A 3119 4.67 -37.89 75.09
N GLY A 3120 5.34 -36.78 74.83
CA GLY A 3120 6.31 -36.25 75.78
C GLY A 3120 5.67 -35.87 77.10
N LEU A 3121 4.49 -35.25 77.03
CA LEU A 3121 3.74 -34.98 78.25
C LEU A 3121 3.39 -36.27 78.99
N ASN A 3122 3.03 -37.32 78.24
CA ASN A 3122 2.75 -38.61 78.86
C ASN A 3122 4.00 -39.19 79.52
N LYS A 3123 5.15 -39.06 78.87
CA LYS A 3123 6.40 -39.51 79.48
C LYS A 3123 6.66 -38.75 80.77
N ILE A 3124 6.47 -37.44 80.75
CA ILE A 3124 6.71 -36.63 81.95
C ILE A 3124 5.76 -37.05 83.06
N GLN A 3125 4.48 -37.27 82.72
CA GLN A 3125 3.49 -37.63 83.72
C GLN A 3125 3.78 -39.00 84.32
N GLU A 3126 4.08 -39.99 83.49
CA GLU A 3126 4.35 -41.32 84.02
C GLU A 3126 5.63 -41.32 84.85
N ALA A 3127 6.65 -40.57 84.42
CA ALA A 3127 7.86 -40.46 85.21
C ALA A 3127 7.57 -39.83 86.58
N THR A 3128 6.79 -38.75 86.59
CA THR A 3128 6.51 -38.06 87.85
C THR A 3128 5.70 -38.93 88.80
N ILE A 3129 4.63 -39.55 88.30
CA ILE A 3129 3.79 -40.36 89.18
C ILE A 3129 4.55 -41.58 89.66
N THR A 3130 5.38 -42.19 88.81
CA THR A 3130 6.20 -43.30 89.25
C THR A 3130 7.19 -42.87 90.32
N ILE A 3131 7.81 -41.70 90.14
CA ILE A 3131 8.76 -41.19 91.13
C ILE A 3131 8.06 -41.04 92.47
N THR A 3417 17.66 -39.29 88.42
CA THR A 3417 18.86 -38.98 87.64
C THR A 3417 18.49 -38.34 86.30
N LEU A 3418 17.49 -38.88 85.62
CA LEU A 3418 17.21 -38.44 84.25
C LEU A 3418 16.41 -37.15 84.18
N ILE A 3419 15.71 -36.76 85.25
CA ILE A 3419 14.72 -35.69 85.13
C ILE A 3419 15.39 -34.36 84.79
N THR A 3420 16.60 -34.11 85.31
CA THR A 3420 17.36 -32.94 84.91
C THR A 3420 18.08 -33.13 83.59
N SER A 3421 18.35 -34.37 83.19
CA SER A 3421 18.93 -34.62 81.87
C SER A 3421 17.93 -34.31 80.77
N LEU A 3422 16.63 -34.48 81.04
CA LEU A 3422 15.58 -34.17 80.08
C LEU A 3422 15.04 -32.75 80.26
N SER A 3423 15.86 -31.82 80.77
CA SER A 3423 15.44 -30.44 80.91
C SER A 3423 15.12 -29.82 79.54
N GLY A 3424 16.09 -29.81 78.64
CA GLY A 3424 15.82 -29.37 77.29
C GLY A 3424 14.78 -30.23 76.61
N GLU A 3425 14.77 -31.53 76.92
CA GLU A 3425 13.82 -32.44 76.30
C GLU A 3425 12.39 -32.14 76.72
N LYS A 3426 12.13 -32.03 78.02
CA LYS A 3426 10.78 -31.68 78.45
C LYS A 3426 10.42 -30.28 77.98
N ASP A 3427 11.40 -29.38 77.92
CA ASP A 3427 11.12 -28.03 77.45
C ASP A 3427 10.66 -28.04 76.00
N ARG A 3428 11.34 -28.80 75.14
CA ARG A 3428 10.88 -28.89 73.76
C ARG A 3428 9.51 -29.54 73.70
N TRP A 3429 9.32 -30.63 74.47
CA TRP A 3429 8.07 -31.37 74.44
C TRP A 3429 6.88 -30.49 74.79
N GLY A 3430 7.06 -29.59 75.74
CA GLY A 3430 5.98 -28.68 76.12
C GLY A 3430 5.86 -27.48 75.21
N LYS A 3431 6.98 -26.76 75.03
CA LYS A 3431 6.91 -25.45 74.42
C LYS A 3431 6.69 -25.50 72.92
N GLY A 3432 7.21 -26.52 72.22
CA GLY A 3432 6.94 -26.60 70.79
C GLY A 3432 5.46 -26.78 70.49
N ALA A 3433 4.83 -27.72 71.21
CA ALA A 3433 3.39 -27.91 71.08
C ALA A 3433 2.64 -26.64 71.48
N GLN A 3434 3.05 -26.03 72.60
CA GLN A 3434 2.33 -24.86 73.07
C GLN A 3434 2.47 -23.70 72.10
N ASP A 3435 3.59 -23.60 71.40
CA ASP A 3435 3.77 -22.53 70.44
C ASP A 3435 2.97 -22.78 69.17
N ILE A 3436 3.12 -23.96 68.56
CA ILE A 3436 2.33 -24.25 67.36
C ILE A 3436 0.84 -24.28 67.67
N SER A 3437 0.46 -24.50 68.93
CA SER A 3437 -0.94 -24.56 69.33
C SER A 3437 -1.52 -23.19 69.64
N ASP A 3438 -0.93 -22.45 70.59
CA ASP A 3438 -1.47 -21.14 70.92
C ASP A 3438 -1.41 -20.20 69.73
N GLN A 3439 -0.46 -20.40 68.82
CA GLN A 3439 -0.39 -19.69 67.55
C GLN A 3439 -1.05 -20.50 66.41
N LYS A 3440 -1.90 -21.48 66.73
CA LYS A 3440 -2.42 -22.35 65.68
C LYS A 3440 -3.26 -21.57 64.67
N ARG A 3441 -3.97 -20.53 65.13
CA ARG A 3441 -4.67 -19.67 64.19
C ARG A 3441 -3.70 -18.76 63.46
N LYS A 3442 -2.66 -18.31 64.15
CA LYS A 3442 -1.57 -17.62 63.47
C LYS A 3442 -0.84 -18.55 62.53
N LEU A 3443 -0.77 -19.85 62.85
CA LEU A 3443 -0.18 -20.81 61.91
C LEU A 3443 -1.12 -21.10 60.75
N VAL A 3444 -2.43 -21.05 60.97
CA VAL A 3444 -3.37 -21.07 59.86
C VAL A 3444 -3.10 -19.90 58.94
N GLY A 3445 -2.90 -18.72 59.53
CA GLY A 3445 -2.50 -17.57 58.75
C GLY A 3445 -1.22 -17.83 57.97
N ASN A 3446 -0.25 -18.46 58.62
CA ASN A 3446 1.00 -18.78 57.94
C ASN A 3446 0.77 -19.69 56.75
N VAL A 3447 -0.11 -20.69 56.91
CA VAL A 3447 -0.45 -21.57 55.79
C VAL A 3447 -1.07 -20.74 54.67
N SER A 3448 -1.93 -19.79 55.02
CA SER A 3448 -2.56 -18.94 54.01
C SER A 3448 -1.51 -18.10 53.27
N LEU A 3449 -0.58 -17.51 54.02
CA LEU A 3449 0.47 -16.72 53.38
C LEU A 3449 1.29 -17.58 52.45
N SER A 3450 1.65 -18.78 52.90
CA SER A 3450 2.46 -19.66 52.07
C SER A 3450 1.71 -20.03 50.81
N THR A 3451 0.46 -20.48 50.92
CA THR A 3451 -0.23 -20.94 49.73
C THR A 3451 -0.55 -19.78 48.78
N ALA A 3452 -0.77 -18.58 49.31
CA ALA A 3452 -0.94 -17.42 48.44
C ALA A 3452 0.35 -17.16 47.67
N PHE A 3453 1.48 -17.05 48.38
CA PHE A 3453 2.75 -16.80 47.74
C PHE A 3453 3.10 -17.87 46.73
N ILE A 3454 2.69 -19.11 46.99
CA ILE A 3454 2.89 -20.16 46.00
C ILE A 3454 2.04 -19.89 44.78
N SER A 3455 0.72 -19.94 44.95
CA SER A 3455 -0.21 -20.00 43.84
C SER A 3455 -0.10 -18.76 42.94
N TYR A 3456 0.09 -17.58 43.53
CA TYR A 3456 -0.03 -16.34 42.77
C TYR A 3456 1.31 -15.73 42.39
N CYS A 3457 2.32 -15.81 43.25
CA CYS A 3457 3.54 -15.04 43.06
C CYS A 3457 4.60 -15.80 42.27
N GLY A 3458 4.19 -16.62 41.32
CA GLY A 3458 5.12 -17.27 40.43
C GLY A 3458 5.90 -16.28 39.59
N PRO A 3459 5.22 -15.61 38.67
CA PRO A 3459 5.91 -14.71 37.72
C PRO A 3459 6.16 -13.32 38.26
N PHE A 3460 7.21 -13.16 39.06
CA PHE A 3460 7.57 -11.85 39.60
C PHE A 3460 9.07 -11.77 39.86
N ASN A 3461 9.58 -10.54 39.81
CA ASN A 3461 11.00 -10.27 40.02
C ASN A 3461 11.27 -9.96 41.49
N ALA A 3462 12.56 -9.97 41.83
CA ALA A 3462 12.98 -10.11 43.22
C ALA A 3462 12.48 -8.96 44.10
N GLU A 3463 12.32 -7.77 43.53
CA GLU A 3463 11.77 -6.67 44.33
C GLU A 3463 10.33 -6.96 44.72
N TYR A 3464 9.52 -7.49 43.80
CA TYR A 3464 8.12 -7.73 44.05
C TYR A 3464 7.84 -9.08 44.68
N ARG A 3465 8.73 -10.07 44.50
CA ARG A 3465 8.43 -11.43 44.92
C ARG A 3465 8.11 -11.51 46.41
N ASN A 3466 9.12 -11.27 47.25
CA ASN A 3466 8.93 -11.38 48.69
C ASN A 3466 8.51 -10.06 49.31
N LYS A 3467 9.32 -9.01 49.11
CA LYS A 3467 9.13 -7.75 49.82
C LYS A 3467 7.73 -7.22 49.62
N LEU A 3468 7.38 -6.91 48.37
CA LEU A 3468 6.12 -6.27 48.12
C LEU A 3468 4.98 -7.16 48.57
N ALA A 3469 4.96 -8.42 48.12
CA ALA A 3469 3.90 -9.34 48.49
C ALA A 3469 3.82 -9.55 50.00
N GLN A 3470 4.97 -9.65 50.69
CA GLN A 3470 4.92 -9.90 52.13
C GLN A 3470 4.35 -8.72 52.89
N GLN A 3471 4.83 -7.51 52.59
CA GLN A 3471 4.34 -6.35 53.35
C GLN A 3471 2.87 -6.18 53.08
N ARG A 3472 2.51 -6.42 51.83
CA ARG A 3472 1.13 -6.45 51.37
C ARG A 3472 0.24 -7.40 52.19
N PHE A 3473 0.65 -8.66 52.31
CA PHE A 3473 -0.21 -9.60 53.03
C PHE A 3473 -0.25 -9.31 54.52
N VAL A 3474 0.88 -8.92 55.10
CA VAL A 3474 0.88 -8.69 56.55
C VAL A 3474 0.13 -7.40 56.90
N VAL A 3475 0.14 -6.38 56.03
CA VAL A 3475 -0.69 -5.22 56.31
C VAL A 3475 -2.17 -5.60 56.19
N ASP A 3476 -2.51 -6.47 55.23
CA ASP A 3476 -3.88 -6.96 55.19
C ASP A 3476 -4.27 -7.65 56.49
N MET A 3477 -3.36 -8.46 57.02
CA MET A 3477 -3.66 -9.18 58.25
C MET A 3477 -3.78 -8.24 59.44
N LYS A 3478 -2.92 -7.22 59.50
CA LYS A 3478 -2.97 -6.26 60.59
C LYS A 3478 -4.26 -5.44 60.55
N LYS A 3479 -4.66 -4.98 59.36
CA LYS A 3479 -5.92 -4.26 59.25
C LYS A 3479 -7.09 -5.17 59.56
N ARG A 3480 -7.06 -6.42 59.08
CA ARG A 3480 -8.11 -7.38 59.39
C ARG A 3480 -8.17 -7.69 60.87
N GLY A 3481 -7.06 -7.53 61.59
CA GLY A 3481 -6.88 -7.82 63.01
C GLY A 3481 -6.86 -9.32 63.30
N VAL A 3482 -6.94 -10.17 62.28
CA VAL A 3482 -6.72 -11.59 62.51
C VAL A 3482 -5.26 -11.82 62.89
N PRO A 3483 -5.04 -12.81 63.74
CA PRO A 3483 -3.70 -13.04 64.28
C PRO A 3483 -2.83 -13.77 63.27
N VAL A 3484 -1.56 -13.36 63.18
CA VAL A 3484 -0.57 -14.03 62.33
C VAL A 3484 0.79 -14.01 63.01
N THR A 3485 1.62 -14.99 62.63
CA THR A 3485 2.88 -15.22 63.32
C THR A 3485 3.96 -14.29 62.76
N PRO A 3486 4.84 -13.72 63.58
CA PRO A 3486 5.95 -12.93 63.02
C PRO A 3486 7.01 -13.84 62.43
N GLY A 3487 7.49 -13.48 61.24
CA GLY A 3487 8.52 -14.23 60.55
C GLY A 3487 7.95 -15.07 59.43
N LEU A 3488 8.56 -14.98 58.24
CA LEU A 3488 8.10 -15.77 57.10
C LEU A 3488 8.69 -17.17 57.11
N GLU A 3489 10.01 -17.25 56.90
CA GLU A 3489 10.75 -18.51 56.78
C GLU A 3489 10.00 -19.53 55.93
N LEU A 3490 9.60 -19.11 54.73
CA LEU A 3490 8.72 -19.91 53.90
C LEU A 3490 9.36 -21.24 53.53
N THR A 3491 10.63 -21.22 53.14
CA THR A 3491 11.29 -22.44 52.69
C THR A 3491 11.49 -23.43 53.84
N SER A 3492 11.73 -22.92 55.06
CA SER A 3492 12.18 -23.79 56.15
C SER A 3492 11.12 -24.82 56.51
N PHE A 3493 9.89 -24.38 56.78
CA PHE A 3493 8.83 -25.28 57.23
C PHE A 3493 7.99 -25.81 56.08
N LEU A 3494 8.56 -25.91 54.87
CA LEU A 3494 7.89 -26.49 53.72
C LEU A 3494 8.50 -27.82 53.31
N ILE A 3495 9.81 -27.86 53.09
CA ILE A 3495 10.51 -29.04 52.57
C ILE A 3495 11.68 -29.36 53.48
N ASP A 3496 11.87 -30.63 53.76
CA ASP A 3496 13.06 -31.07 54.48
C ASP A 3496 14.31 -30.79 53.66
N ASP A 3497 15.36 -30.32 54.32
CA ASP A 3497 16.58 -29.95 53.63
C ASP A 3497 17.30 -31.12 52.99
N ALA A 3498 16.93 -32.36 53.33
CA ALA A 3498 17.55 -33.51 52.69
C ALA A 3498 17.29 -33.51 51.18
N THR A 3499 16.05 -33.24 50.79
CA THR A 3499 15.75 -33.18 49.37
C THR A 3499 16.39 -31.97 48.73
N ILE A 3500 16.53 -30.86 49.48
CA ILE A 3500 17.24 -29.70 48.96
C ILE A 3500 18.65 -30.08 48.58
N GLY A 3501 19.37 -30.76 49.49
CA GLY A 3501 20.72 -31.19 49.18
C GLY A 3501 20.76 -32.16 48.02
N GLU A 3502 19.79 -33.07 47.96
CA GLU A 3502 19.73 -34.01 46.85
C GLU A 3502 19.61 -33.28 45.52
N TRP A 3503 18.76 -32.27 45.46
CA TRP A 3503 18.66 -31.45 44.25
C TRP A 3503 19.98 -30.74 43.97
N ASN A 3504 20.63 -30.22 45.01
CA ASN A 3504 21.89 -29.52 44.81
C ASN A 3504 22.96 -30.44 44.23
N LEU A 3505 22.83 -31.74 44.46
CA LEU A 3505 23.61 -32.69 43.66
C LEU A 3505 23.10 -32.75 42.23
N GLN A 3506 21.79 -32.60 42.03
CA GLN A 3506 21.15 -32.61 40.71
C GLN A 3506 21.26 -31.27 39.97
N GLY A 3507 22.13 -30.37 40.40
CA GLY A 3507 22.39 -29.15 39.66
C GLY A 3507 21.55 -27.97 40.02
N LEU A 3508 20.75 -28.03 41.08
CA LEU A 3508 19.96 -26.88 41.49
C LEU A 3508 20.89 -25.84 42.11
N PRO A 3509 20.87 -24.57 41.64
CA PRO A 3509 21.75 -23.56 42.26
C PRO A 3509 21.48 -23.35 43.74
N LYS A 3510 22.56 -23.28 44.51
CA LYS A 3510 22.51 -23.31 45.97
C LYS A 3510 21.86 -22.09 46.62
N ASP A 3511 21.35 -21.11 45.86
CA ASP A 3511 20.91 -19.83 46.41
C ASP A 3511 19.39 -19.77 46.54
N ASP A 3512 18.95 -18.75 47.28
CA ASP A 3512 17.57 -18.63 47.74
C ASP A 3512 16.56 -18.73 46.60
N LEU A 3513 16.74 -17.92 45.56
CA LEU A 3513 15.73 -17.79 44.52
C LEU A 3513 15.48 -19.13 43.85
N SER A 3514 16.54 -19.88 43.57
CA SER A 3514 16.38 -21.22 43.04
C SER A 3514 15.66 -22.12 44.03
N ILE A 3515 15.81 -21.87 45.34
CA ILE A 3515 15.12 -22.71 46.31
C ILE A 3515 13.62 -22.53 46.19
N GLN A 3516 13.14 -21.27 46.20
CA GLN A 3516 11.69 -21.10 46.04
C GLN A 3516 11.22 -21.61 44.70
N ASN A 3517 12.04 -21.47 43.66
CA ASN A 3517 11.67 -21.96 42.35
C ASN A 3517 11.44 -23.47 42.36
N GLY A 3518 12.37 -24.20 42.99
CA GLY A 3518 12.21 -25.64 43.11
C GLY A 3518 10.97 -26.02 43.88
N ILE A 3519 10.66 -25.27 44.94
CA ILE A 3519 9.40 -25.48 45.65
C ILE A 3519 8.24 -25.32 44.69
N MET A 3520 8.29 -24.28 43.88
CA MET A 3520 7.16 -23.96 43.03
C MET A 3520 6.90 -25.07 42.03
N VAL A 3521 7.97 -25.61 41.44
CA VAL A 3521 7.80 -26.77 40.55
C VAL A 3521 7.30 -27.97 41.35
N THR A 3522 7.76 -28.11 42.59
CA THR A 3522 7.37 -29.26 43.39
C THR A 3522 5.87 -29.29 43.61
N ASN A 3523 5.28 -28.13 43.88
CA ASN A 3523 3.86 -28.11 44.19
C ASN A 3523 3.03 -28.58 43.01
N SER A 3524 3.43 -28.20 41.80
CA SER A 3524 2.89 -28.74 40.56
C SER A 3524 1.36 -28.65 40.54
N ALA A 3525 0.86 -27.46 40.88
CA ALA A 3525 -0.58 -27.24 40.80
C ALA A 3525 -1.08 -27.53 39.39
N ARG A 3526 -0.37 -27.03 38.38
CA ARG A 3526 -0.62 -27.38 36.98
C ARG A 3526 0.72 -27.54 36.28
N TYR A 3527 0.66 -27.95 35.02
CA TYR A 3527 1.88 -28.06 34.23
C TYR A 3527 2.53 -26.68 34.10
N PRO A 3528 3.87 -26.56 34.24
CA PRO A 3528 4.48 -25.24 34.28
C PRO A 3528 5.00 -24.75 32.93
N LEU A 3529 5.41 -23.48 32.90
CA LEU A 3529 6.01 -22.88 31.71
C LEU A 3529 6.96 -21.78 32.16
N PHE A 3530 8.25 -21.95 31.85
CA PHE A 3530 9.29 -21.09 32.42
C PHE A 3530 9.68 -19.99 31.45
N ILE A 3531 9.92 -18.81 32.00
CA ILE A 3531 10.65 -17.76 31.31
C ILE A 3531 12.12 -18.02 31.60
N ASP A 3532 12.89 -18.30 30.57
CA ASP A 3532 14.17 -18.99 30.71
C ASP A 3532 15.24 -18.25 29.91
N PRO A 3533 15.72 -17.10 30.40
CA PRO A 3533 16.77 -16.40 29.67
C PRO A 3533 18.07 -17.18 29.59
N GLN A 3534 18.42 -17.98 30.62
CA GLN A 3534 19.70 -18.67 30.67
C GLN A 3534 19.62 -20.17 30.42
N GLY A 3535 18.71 -20.87 31.10
CA GLY A 3535 18.60 -22.33 30.95
C GLY A 3535 18.75 -23.12 32.23
N GLN A 3536 18.39 -22.53 33.37
CA GLN A 3536 18.50 -23.28 34.62
C GLN A 3536 17.47 -24.41 34.64
N GLY A 3537 16.24 -24.11 34.24
CA GLY A 3537 15.19 -25.11 34.32
C GLY A 3537 15.41 -26.28 33.37
N GLN A 3538 15.87 -26.00 32.16
CA GLN A 3538 16.07 -27.07 31.19
C GLN A 3538 17.12 -28.05 31.69
N ASN A 3539 18.23 -27.55 32.21
CA ASN A 3539 19.25 -28.44 32.74
C ASN A 3539 18.76 -29.16 33.98
N TRP A 3540 18.04 -28.46 34.85
CA TRP A 3540 17.54 -29.06 36.08
C TRP A 3540 16.62 -30.23 35.77
N ILE A 3541 15.64 -30.02 34.90
CA ILE A 3541 14.75 -31.11 34.50
C ILE A 3541 15.51 -32.18 33.74
N ARG A 3542 16.52 -31.79 32.96
CA ARG A 3542 17.35 -32.77 32.27
C ARG A 3542 18.06 -33.68 33.25
N ASN A 3543 18.31 -33.22 34.48
CA ASN A 3543 19.00 -34.00 35.50
C ASN A 3543 18.12 -34.45 36.65
N LYS A 3544 17.03 -33.73 36.97
CA LYS A 3544 16.38 -33.89 38.27
C LYS A 3544 15.86 -35.31 38.48
N LEU A 3545 15.07 -35.82 37.53
CA LEU A 3545 14.65 -37.22 37.56
C LEU A 3545 14.74 -37.91 36.21
N SER A 3546 14.89 -37.18 35.10
CA SER A 3546 15.05 -37.82 33.81
C SER A 3546 16.35 -38.62 33.74
N ALA A 3547 17.43 -38.07 34.27
CA ALA A 3547 18.74 -38.72 34.26
C ALA A 3547 19.38 -38.63 35.64
N ILE A 3555 13.46 -36.82 25.00
CA ILE A 3555 13.22 -35.45 24.58
C ILE A 3555 12.78 -35.43 23.12
N THR A 3556 11.88 -34.50 22.79
CA THR A 3556 11.36 -34.38 21.44
C THR A 3556 10.93 -32.93 21.22
N THR A 3557 11.45 -32.31 20.17
CA THR A 3557 11.16 -30.91 19.89
C THR A 3557 9.72 -30.74 19.41
N LEU A 3558 9.27 -29.48 19.43
CA LEU A 3558 7.91 -29.19 18.97
C LEU A 3558 7.81 -29.29 17.45
N SER A 3559 8.78 -28.73 16.73
CA SER A 3559 8.73 -28.70 15.27
C SER A 3559 9.31 -30.01 14.75
N HIS A 3560 8.43 -30.96 14.44
CA HIS A 3560 8.82 -32.22 13.83
C HIS A 3560 7.53 -32.87 13.32
N PRO A 3561 7.47 -33.35 12.06
CA PRO A 3561 6.23 -34.02 11.62
C PRO A 3561 5.87 -35.24 12.45
N LYS A 3562 6.85 -36.01 12.92
CA LYS A 3562 6.52 -37.15 13.76
C LYS A 3562 6.03 -36.73 15.13
N PHE A 3563 6.53 -35.59 15.65
CA PHE A 3563 6.20 -35.18 17.01
C PHE A 3563 4.70 -35.01 17.21
N LYS A 3564 4.03 -34.36 16.25
CA LYS A 3564 2.61 -34.06 16.42
C LYS A 3564 1.77 -35.33 16.50
N ASP A 3565 2.21 -36.41 15.85
CA ASP A 3565 1.47 -37.66 15.79
C ASP A 3565 2.11 -38.76 16.63
N MET A 3566 3.38 -39.07 16.39
CA MET A 3566 4.04 -40.17 17.06
C MET A 3566 4.24 -39.84 18.54
N PHE A 3567 5.09 -38.82 18.81
CA PHE A 3567 5.55 -38.57 20.17
C PHE A 3567 4.39 -38.35 21.14
N LEU A 3568 3.33 -37.71 20.65
CA LEU A 3568 2.12 -37.53 21.44
C LEU A 3568 1.57 -38.87 21.89
N LYS A 3569 1.34 -39.80 20.96
CA LYS A 3569 0.65 -41.03 21.34
C LYS A 3569 1.53 -41.89 22.25
N TYR A 3570 2.84 -41.90 22.01
CA TYR A 3570 3.72 -42.64 22.92
C TYR A 3570 3.64 -42.09 24.32
N CYS A 3571 3.76 -40.77 24.47
CA CYS A 3571 3.77 -40.22 25.81
C CYS A 3571 2.41 -40.37 26.48
N MET A 3572 1.33 -40.22 25.71
CA MET A 3572 -0.02 -40.22 26.25
C MET A 3572 -0.51 -41.61 26.61
N GLU A 3573 0.07 -42.66 26.03
CA GLU A 3573 -0.34 -44.03 26.33
C GLU A 3573 0.73 -44.85 27.04
N SER A 3574 1.93 -44.30 27.26
CA SER A 3574 2.95 -44.98 28.05
C SER A 3574 3.81 -44.07 28.93
N GLY A 3575 3.59 -42.75 28.93
CA GLY A 3575 4.28 -41.86 29.84
C GLY A 3575 5.79 -41.71 29.66
N LEU A 3576 6.22 -41.08 28.57
CA LEU A 3576 7.63 -40.76 28.33
C LEU A 3576 8.03 -39.36 28.79
N THR A 3577 7.06 -38.53 29.19
CA THR A 3577 7.19 -37.19 29.77
C THR A 3577 7.40 -36.05 28.75
N LEU A 3578 7.67 -36.34 27.46
CA LEU A 3578 7.54 -35.41 26.33
C LEU A 3578 7.97 -33.96 26.57
N ILE A 3579 9.25 -33.72 26.82
CA ILE A 3579 9.70 -32.35 27.05
C ILE A 3579 9.68 -31.55 25.75
N VAL A 3580 9.40 -30.25 25.87
CA VAL A 3580 9.38 -29.31 24.75
C VAL A 3580 10.19 -28.07 25.15
N GLU A 3581 10.88 -27.47 24.16
CA GLU A 3581 11.84 -26.41 24.43
C GLU A 3581 11.84 -25.30 23.38
N ASN A 3582 10.73 -25.08 22.68
CA ASN A 3582 10.72 -24.10 21.58
C ASN A 3582 9.43 -23.29 21.52
N ILE A 3583 8.84 -22.98 22.68
CA ILE A 3583 7.70 -22.08 22.70
C ILE A 3583 8.17 -20.68 22.35
N GLU A 3584 7.46 -20.03 21.43
CA GLU A 3584 7.70 -18.64 21.04
C GLU A 3584 6.37 -17.91 20.89
N ASN A 3585 5.45 -18.16 21.82
CA ASN A 3585 4.08 -17.65 21.85
C ASN A 3585 3.19 -18.24 20.75
N GLU A 3586 3.73 -19.07 19.86
CA GLU A 3586 2.97 -19.65 18.75
C GLU A 3586 2.68 -21.11 19.08
N VAL A 3587 1.39 -21.42 19.21
CA VAL A 3587 0.94 -22.73 19.67
C VAL A 3587 0.31 -23.45 18.48
N ASP A 3588 0.82 -24.63 18.17
CA ASP A 3588 0.09 -25.55 17.32
C ASP A 3588 -1.18 -25.90 18.09
N PRO A 3589 -2.38 -25.67 17.53
CA PRO A 3589 -3.59 -25.79 18.37
C PRO A 3589 -3.77 -27.17 18.95
N MET A 3590 -3.29 -28.20 18.26
CA MET A 3590 -3.33 -29.56 18.77
C MET A 3590 -2.57 -29.72 20.07
N MET A 3591 -1.65 -28.81 20.39
CA MET A 3591 -1.00 -28.86 21.69
C MET A 3591 -2.01 -28.70 22.82
N ASP A 3592 -3.03 -27.85 22.63
CA ASP A 3592 -3.88 -27.48 23.76
C ASP A 3592 -4.80 -28.61 24.19
N PRO A 3593 -5.68 -29.17 23.36
CA PRO A 3593 -6.63 -30.17 23.86
C PRO A 3593 -5.97 -31.43 24.39
N VAL A 3594 -4.71 -31.67 24.01
CA VAL A 3594 -3.92 -32.67 24.73
C VAL A 3594 -3.69 -32.19 26.15
N LEU A 3595 -3.44 -30.89 26.34
CA LEU A 3595 -3.15 -30.35 27.66
C LEU A 3595 -4.34 -30.51 28.60
N GLU A 3596 -5.55 -30.22 28.11
CA GLU A 3596 -6.75 -30.29 28.93
C GLU A 3596 -7.95 -30.70 28.08
N LEU A 3617 -5.53 -41.67 27.93
CA LEU A 3617 -5.36 -40.90 29.15
C LEU A 3617 -4.56 -41.70 30.18
N SER A 3618 -3.26 -41.83 29.93
CA SER A 3618 -2.41 -42.61 30.81
C SER A 3618 -2.24 -41.89 32.15
N LYS A 3619 -2.33 -42.66 33.23
CA LYS A 3619 -2.13 -42.17 34.59
C LYS A 3619 -0.70 -42.36 35.06
N GLU A 3620 0.27 -42.29 34.15
CA GLU A 3620 1.69 -42.43 34.44
C GLU A 3620 2.49 -41.40 33.66
N PHE A 3621 1.89 -40.23 33.39
CA PHE A 3621 2.39 -39.31 32.38
C PHE A 3621 2.33 -37.88 32.89
N LYS A 3622 3.44 -37.16 32.74
CA LYS A 3622 3.57 -35.74 33.09
C LYS A 3622 4.20 -35.01 31.91
N LEU A 3623 4.35 -33.70 32.01
CA LEU A 3623 4.86 -32.94 30.87
C LEU A 3623 5.34 -31.58 31.33
N PHE A 3624 6.61 -31.27 31.09
CA PHE A 3624 7.19 -29.97 31.36
C PHE A 3624 7.70 -29.37 30.07
N MET A 3625 7.38 -28.10 29.86
CA MET A 3625 7.67 -27.41 28.61
C MET A 3625 8.04 -25.98 28.97
N THR A 3626 9.01 -25.41 28.26
CA THR A 3626 9.58 -24.11 28.63
C THR A 3626 9.87 -23.28 27.39
N CYS A 3627 9.99 -21.97 27.62
CA CYS A 3627 10.31 -20.98 26.59
C CYS A 3627 11.81 -20.70 26.60
N ARG A 3628 12.25 -19.90 25.62
CA ARG A 3628 13.64 -19.45 25.54
C ARG A 3628 13.79 -17.95 25.65
N LEU A 3629 13.16 -17.18 24.76
CA LEU A 3629 13.40 -15.74 24.72
C LEU A 3629 12.65 -15.04 25.84
N ALA A 3630 13.35 -14.17 26.56
CA ALA A 3630 12.78 -13.51 27.71
C ALA A 3630 11.69 -12.52 27.27
N ASN A 3631 11.05 -11.91 28.28
CA ASN A 3631 9.93 -10.98 28.11
C ASN A 3631 8.84 -11.59 27.23
N PRO A 3632 8.13 -12.60 27.71
CA PRO A 3632 7.08 -13.21 26.89
C PRO A 3632 5.88 -12.30 26.73
N SER A 3633 5.05 -12.64 25.75
CA SER A 3633 3.78 -11.96 25.50
C SER A 3633 2.64 -12.97 25.54
N PHE A 3634 2.64 -13.84 26.55
CA PHE A 3634 1.70 -14.94 26.60
C PHE A 3634 0.27 -14.42 26.68
N SER A 3635 -0.64 -15.14 26.03
CA SER A 3635 -2.03 -14.74 26.03
C SER A 3635 -2.58 -14.84 27.44
N PRO A 3636 -3.69 -14.14 27.73
CA PRO A 3636 -4.29 -14.26 29.07
C PRO A 3636 -4.61 -15.69 29.46
N GLU A 3637 -5.13 -16.44 28.50
CA GLU A 3637 -5.59 -17.79 28.79
C GLU A 3637 -4.41 -18.75 28.92
N LEU A 3638 -3.31 -18.52 28.20
CA LEU A 3638 -2.11 -19.32 28.46
C LEU A 3638 -1.60 -19.11 29.87
N SER A 3639 -1.91 -17.97 30.48
CA SER A 3639 -1.72 -17.81 31.92
C SER A 3639 -2.80 -18.55 32.71
N ALA A 3640 -4.01 -18.67 32.17
CA ALA A 3640 -5.05 -19.44 32.87
C ALA A 3640 -4.67 -20.91 33.01
N LYS A 3641 -4.13 -21.53 31.97
CA LYS A 3641 -3.86 -22.97 32.04
C LYS A 3641 -2.71 -23.28 32.99
N THR A 3642 -1.52 -22.81 32.65
CA THR A 3642 -0.27 -23.28 33.22
C THR A 3642 0.30 -22.26 34.20
N THR A 3643 1.07 -22.76 35.17
CA THR A 3643 1.82 -21.87 36.04
C THR A 3643 3.00 -21.28 35.28
N ILE A 3644 3.40 -20.07 35.69
CA ILE A 3644 4.51 -19.35 35.08
C ILE A 3644 5.55 -19.08 36.14
N ILE A 3645 6.80 -19.37 35.81
CA ILE A 3645 7.93 -19.19 36.71
C ILE A 3645 9.01 -18.47 35.94
N ASP A 3646 9.63 -17.47 36.57
CA ASP A 3646 10.71 -16.73 35.96
C ASP A 3646 12.03 -17.21 36.54
N PHE A 3647 12.92 -17.69 35.67
CA PHE A 3647 14.30 -18.03 36.00
C PHE A 3647 15.25 -16.97 35.49
N THR A 3648 14.84 -15.72 35.54
CA THR A 3648 15.74 -14.62 35.19
C THR A 3648 16.84 -14.56 36.24
N VAL A 3649 18.07 -14.88 35.84
CA VAL A 3649 19.17 -14.90 36.78
C VAL A 3649 19.35 -13.51 37.39
N THR A 3650 19.52 -13.47 38.70
CA THR A 3650 19.99 -12.28 39.38
C THR A 3650 21.51 -12.29 39.39
N GLN A 3651 22.10 -11.10 39.44
CA GLN A 3651 23.56 -11.04 39.57
C GLN A 3651 24.02 -11.72 40.86
N SER A 3652 23.18 -11.67 41.90
CA SER A 3652 23.56 -12.19 43.21
C SER A 3652 23.98 -13.65 43.15
N GLY A 3653 23.13 -14.51 42.57
CA GLY A 3653 23.55 -15.89 42.36
C GLY A 3653 24.69 -16.00 41.38
N LEU A 3654 24.76 -15.06 40.43
CA LEU A 3654 25.72 -15.16 39.36
C LEU A 3654 27.15 -15.09 39.88
N GLU A 3655 27.40 -14.23 40.87
CA GLU A 3655 28.77 -14.17 41.36
C GLU A 3655 29.17 -15.46 42.07
N GLN A 3656 28.24 -16.15 42.75
CA GLN A 3656 28.60 -17.44 43.34
C GLN A 3656 28.92 -18.47 42.27
N GLN A 3657 28.14 -18.51 41.20
CA GLN A 3657 28.45 -19.49 40.15
C GLN A 3657 29.82 -19.22 39.54
N LEU A 3658 30.12 -17.95 39.24
CA LEU A 3658 31.44 -17.64 38.71
C LEU A 3658 32.53 -17.89 39.74
N LEU A 3659 32.22 -17.71 41.02
CA LEU A 3659 33.16 -18.01 42.09
C LEU A 3659 33.54 -19.48 42.10
N GLY A 3660 32.54 -20.35 41.97
CA GLY A 3660 32.83 -21.77 41.87
C GLY A 3660 33.69 -22.10 40.67
N LYS A 3661 33.37 -21.51 39.52
CA LYS A 3661 34.12 -21.86 38.32
C LYS A 3661 35.56 -21.34 38.37
N VAL A 3662 35.79 -20.17 38.97
CA VAL A 3662 37.17 -19.70 39.09
C VAL A 3662 37.94 -20.54 40.08
N ILE A 3663 37.30 -20.95 41.19
CA ILE A 3663 37.98 -21.83 42.13
C ILE A 3663 38.39 -23.12 41.44
N SER A 3664 37.53 -23.61 40.54
CA SER A 3664 37.91 -24.75 39.71
C SER A 3664 39.17 -24.45 38.91
N LYS A 3665 39.09 -23.48 38.01
CA LYS A 3665 40.13 -23.42 36.99
C LYS A 3665 41.46 -22.84 37.48
N GLU A 3666 41.46 -22.03 38.56
CA GLU A 3666 42.71 -21.37 38.91
C GLU A 3666 43.70 -22.35 39.56
N GLN A 3667 43.22 -23.21 40.47
CA GLN A 3667 43.98 -24.40 40.83
C GLN A 3667 43.00 -25.42 41.39
N LYS A 3668 43.09 -26.65 40.88
CA LYS A 3668 42.16 -27.68 41.30
C LYS A 3668 42.32 -28.04 42.77
N ALA A 3669 43.50 -27.80 43.35
CA ALA A 3669 43.72 -28.12 44.76
C ALA A 3669 42.80 -27.30 45.66
N LEU A 3670 42.48 -26.07 45.26
CA LEU A 3670 41.50 -25.30 46.01
C LEU A 3670 40.16 -26.01 46.02
N GLU A 3671 39.75 -26.56 44.87
CA GLU A 3671 38.51 -27.31 44.84
C GLU A 3671 38.61 -28.60 45.63
N ASP A 3672 39.79 -29.21 45.64
CA ASP A 3672 39.98 -30.41 46.45
C ASP A 3672 39.70 -30.11 47.92
N SER A 3673 40.34 -29.06 48.44
CA SER A 3673 40.08 -28.65 49.82
C SER A 3673 38.62 -28.24 50.01
N LEU A 3674 38.07 -27.48 49.05
CA LEU A 3674 36.70 -27.03 49.12
C LEU A 3674 35.75 -28.20 49.26
N ASN A 3675 35.70 -29.06 48.25
CA ASN A 3675 34.75 -30.15 48.24
C ASN A 3675 35.02 -31.15 49.34
N GLN A 3676 36.28 -31.31 49.76
CA GLN A 3676 36.58 -32.20 50.88
C GLN A 3676 35.92 -31.69 52.16
N LEU A 3677 36.25 -30.47 52.56
CA LEU A 3677 35.66 -29.93 53.77
C LEU A 3677 34.14 -29.79 53.64
N LEU A 3678 33.66 -29.50 52.43
CA LEU A 3678 32.23 -29.30 52.24
C LEU A 3678 31.48 -30.62 52.37
N ALA A 3679 32.02 -31.70 51.81
CA ALA A 3679 31.42 -33.01 52.01
C ALA A 3679 31.47 -33.41 53.47
N ASP A 3680 32.58 -33.12 54.15
CA ASP A 3680 32.70 -33.43 55.57
C ASP A 3680 31.64 -32.70 56.39
N VAL A 3681 31.48 -31.41 56.17
CA VAL A 3681 30.54 -30.63 56.97
C VAL A 3681 29.10 -30.93 56.60
N ASN A 3682 28.84 -31.25 55.33
CA ASN A 3682 27.49 -31.72 54.96
C ASN A 3682 27.18 -33.01 55.70
N GLN A 3683 28.13 -33.94 55.72
CA GLN A 3683 27.92 -35.17 56.45
C GLN A 3683 27.79 -34.91 57.95
N ASN A 3684 28.43 -33.86 58.46
CA ASN A 3684 28.30 -33.53 59.87
C ASN A 3684 26.96 -32.86 60.20
N GLN A 3685 26.39 -32.12 59.26
CA GLN A 3685 25.00 -31.72 59.40
C GLN A 3685 24.10 -32.96 59.46
N LYS A 3686 24.36 -33.92 58.58
CA LYS A 3686 23.64 -35.18 58.67
C LYS A 3686 23.94 -35.93 59.97
N ASP A 3687 25.10 -35.67 60.58
CA ASP A 3687 25.40 -36.27 61.88
C ASP A 3687 24.61 -35.61 62.99
N LEU A 3688 24.38 -34.31 62.90
CA LEU A 3688 23.42 -33.67 63.80
C LEU A 3688 22.03 -34.26 63.60
N GLN A 3689 21.67 -34.54 62.34
CA GLN A 3689 20.41 -35.21 62.09
C GLN A 3689 20.39 -36.60 62.73
N ARG A 3690 21.52 -37.31 62.68
CA ARG A 3690 21.60 -38.61 63.32
C ARG A 3690 21.54 -38.49 64.84
N LEU A 3691 22.06 -37.40 65.40
CA LEU A 3691 21.84 -37.12 66.81
C LEU A 3691 20.35 -37.00 67.09
N ASP A 3692 19.63 -36.28 66.23
CA ASP A 3692 18.19 -36.14 66.41
C ASP A 3692 17.49 -37.49 66.33
N LYS A 3693 17.91 -38.33 65.37
CA LYS A 3693 17.38 -39.68 65.29
C LYS A 3693 17.64 -40.44 66.56
N ASN A 3694 18.83 -40.28 67.15
CA ASN A 3694 19.17 -40.96 68.40
C ASN A 3694 18.30 -40.46 69.54
N LEU A 3695 18.01 -39.16 69.59
CA LEU A 3695 17.10 -38.64 70.61
C LEU A 3695 15.71 -39.26 70.44
N LEU A 3696 15.22 -39.30 69.20
CA LEU A 3696 13.89 -39.87 68.96
C LEU A 3696 13.85 -41.35 69.33
N GLU A 3697 14.93 -42.08 69.02
CA GLU A 3697 15.03 -43.47 69.40
C GLU A 3697 14.99 -43.62 70.92
N ARG A 3698 15.80 -42.81 71.61
CA ARG A 3698 15.78 -42.80 73.07
C ARG A 3698 14.39 -42.52 73.61
N LEU A 3699 13.59 -41.75 72.88
CA LEU A 3699 12.34 -41.24 73.42
C LEU A 3699 11.14 -42.14 73.17
N ILE A 3700 11.04 -42.80 72.01
CA ILE A 3700 9.84 -43.54 71.64
C ILE A 3700 10.09 -44.95 71.14
N ASN A 3701 11.35 -45.41 71.06
CA ASN A 3701 11.56 -46.81 70.68
C ASN A 3701 11.02 -47.74 71.76
N SER A 3702 11.34 -47.47 73.01
CA SER A 3702 10.82 -48.28 74.10
C SER A 3702 9.32 -48.04 74.29
N GLN A 3703 8.91 -46.76 74.30
CA GLN A 3703 7.51 -46.38 74.49
C GLN A 3703 6.94 -46.99 75.77
N GLY A 3704 7.75 -46.97 76.81
CA GLY A 3704 7.42 -47.56 78.10
C GLY A 3704 8.64 -48.29 78.60
N ASN A 3705 8.81 -48.30 79.93
CA ASN A 3705 9.94 -48.95 80.58
C ASN A 3705 11.28 -48.39 80.10
N LEU A 3706 11.31 -47.09 79.77
CA LEU A 3706 12.58 -46.44 79.50
C LEU A 3706 13.48 -46.47 80.73
N LEU A 3707 12.89 -46.23 81.91
CA LEU A 3707 13.69 -46.11 83.12
C LEU A 3707 14.26 -47.46 83.54
N ASP A 3708 13.47 -48.53 83.42
CA ASP A 3708 13.98 -49.86 83.76
C ASP A 3708 15.12 -50.29 82.85
N ASP A 3709 15.21 -49.72 81.65
CA ASP A 3709 16.38 -49.91 80.81
C ASP A 3709 17.53 -49.09 81.36
N THR A 3710 18.35 -49.69 82.23
CA THR A 3710 19.53 -48.99 82.73
C THR A 3710 20.53 -48.71 81.62
N GLU A 3711 20.43 -49.42 80.49
CA GLU A 3711 21.23 -49.07 79.32
C GLU A 3711 20.90 -47.67 78.82
N LEU A 3712 19.75 -47.10 79.22
CA LEU A 3712 19.44 -45.71 78.95
C LEU A 3712 20.56 -44.79 79.41
N MET A 3713 21.23 -45.14 80.51
CA MET A 3713 22.40 -44.37 80.94
C MET A 3713 23.45 -44.33 79.85
N ASP A 3714 23.81 -45.49 79.31
CA ASP A 3714 24.70 -45.52 78.16
C ASP A 3714 24.12 -44.69 77.02
N VAL A 3715 22.80 -44.81 76.78
CA VAL A 3715 22.17 -44.04 75.72
C VAL A 3715 22.36 -42.55 75.97
N LEU A 3716 22.19 -42.12 77.22
CA LEU A 3716 22.40 -40.71 77.51
C LEU A 3716 23.83 -40.30 77.19
N ASN A 3717 24.80 -41.14 77.59
CA ASN A 3717 26.19 -40.84 77.27
C ASN A 3717 26.38 -40.78 75.77
N ASN A 3718 25.70 -41.67 75.03
CA ASN A 3718 25.86 -41.68 73.58
C ASN A 3718 25.46 -40.36 72.98
N THR A 3719 24.38 -39.75 73.51
CA THR A 3719 23.96 -38.44 73.03
C THR A 3719 25.11 -37.44 73.13
N LYS A 3720 25.77 -37.43 74.28
CA LYS A 3720 26.87 -36.51 74.51
C LYS A 3720 27.96 -36.70 73.46
N THR A 3721 28.28 -37.97 73.15
CA THR A 3721 29.36 -38.24 72.22
C THR A 3721 29.07 -37.64 70.85
N GLN A 3722 27.81 -37.72 70.41
CA GLN A 3722 27.50 -37.17 69.10
C GLN A 3722 27.68 -35.66 69.11
N ALA A 3723 27.26 -35.00 70.20
CA ALA A 3723 27.47 -33.56 70.28
C ALA A 3723 28.95 -33.22 70.16
N LYS A 3724 29.83 -34.11 70.64
CA LYS A 3724 31.25 -33.82 70.57
C LYS A 3724 31.73 -33.72 69.13
N GLU A 3725 31.26 -34.61 68.24
CA GLU A 3725 31.72 -34.44 66.86
C GLU A 3725 31.10 -33.20 66.26
N VAL A 3726 29.90 -32.81 66.71
CA VAL A 3726 29.33 -31.54 66.26
C VAL A 3726 30.25 -30.40 66.66
N ALA A 3727 30.86 -30.50 67.85
CA ALA A 3727 31.82 -29.49 68.26
C ALA A 3727 32.98 -29.42 67.28
N ALA A 3728 33.49 -30.57 66.84
CA ALA A 3728 34.51 -30.54 65.79
C ALA A 3728 33.95 -29.85 64.55
N LYS A 3729 32.73 -30.23 64.15
CA LYS A 3729 32.07 -29.57 63.04
C LYS A 3729 31.91 -28.09 63.34
N LEU A 3730 31.60 -27.74 64.60
CA LEU A 3730 31.48 -26.34 64.97
C LEU A 3730 32.81 -25.62 64.71
N ILE A 3731 33.91 -26.24 65.12
CA ILE A 3731 35.23 -25.68 64.84
C ILE A 3731 35.43 -25.56 63.34
N ASP A 3732 35.00 -26.58 62.58
CA ASP A 3732 35.16 -26.54 61.15
C ASP A 3732 34.39 -25.37 60.54
N ALA A 3733 33.24 -25.02 61.13
CA ALA A 3733 32.48 -23.88 60.64
C ALA A 3733 33.32 -22.61 60.69
N GLU A 3734 34.15 -22.47 61.72
CA GLU A 3734 35.10 -21.36 61.73
C GLU A 3734 36.19 -21.57 60.68
N ILE A 3735 36.78 -22.78 60.66
CA ILE A 3735 37.90 -23.03 59.76
C ILE A 3735 37.46 -22.87 58.34
N LYS A 3736 36.24 -23.27 58.04
CA LYS A 3736 35.62 -22.92 56.78
C LYS A 3736 35.53 -21.40 56.69
N THR A 3737 34.69 -20.78 57.51
CA THR A 3737 34.19 -19.44 57.21
C THR A 3737 35.28 -18.37 57.15
N LYS A 3738 36.50 -18.69 57.54
CA LYS A 3738 37.66 -17.83 57.29
C LYS A 3738 38.45 -18.33 56.09
N GLU A 3739 39.00 -19.55 56.18
CA GLU A 3739 40.01 -19.99 55.22
C GLU A 3739 39.45 -20.03 53.79
N ILE A 3740 38.44 -20.87 53.54
CA ILE A 3740 37.82 -20.87 52.22
C ILE A 3740 37.32 -19.48 51.89
N ASN A 3741 36.78 -18.78 52.90
CA ASN A 3741 36.27 -17.44 52.65
C ASN A 3741 37.37 -16.53 52.15
N GLU A 3742 38.56 -16.57 52.78
CA GLU A 3742 39.63 -15.71 52.27
C GLU A 3742 40.11 -16.23 50.92
N LYS A 3743 40.12 -17.55 50.73
CA LYS A 3743 40.39 -18.08 49.40
C LYS A 3743 39.32 -17.61 48.43
N ARG A 3744 38.09 -17.47 48.92
CA ARG A 3744 37.03 -16.83 48.15
C ARG A 3744 37.15 -15.32 48.17
N GLU A 3745 37.69 -14.72 49.23
CA GLU A 3745 37.79 -13.26 49.24
C GLU A 3745 38.85 -12.80 48.25
N GLN A 3746 39.84 -13.65 47.98
CA GLN A 3746 40.76 -13.36 46.88
C GLN A 3746 40.03 -13.27 45.56
N TYR A 3747 38.93 -14.01 45.41
CA TYR A 3747 38.23 -14.13 44.14
C TYR A 3747 36.84 -13.52 44.11
N ARG A 3748 36.18 -13.32 45.25
CA ARG A 3748 34.81 -12.82 45.16
C ARG A 3748 34.72 -11.38 44.64
N PRO A 3749 35.73 -10.50 44.81
CA PRO A 3749 35.71 -9.28 44.00
C PRO A 3749 35.64 -9.58 42.51
N VAL A 3750 36.42 -10.57 42.07
CA VAL A 3750 36.45 -10.91 40.66
C VAL A 3750 35.07 -11.30 40.18
N ALA A 3751 34.44 -12.23 40.90
CA ALA A 3751 33.10 -12.66 40.56
C ALA A 3751 32.17 -11.47 40.50
N ILE A 3752 32.31 -10.54 41.44
CA ILE A 3752 31.47 -9.34 41.41
C ILE A 3752 31.65 -8.63 40.08
N ARG A 3753 32.91 -8.37 39.71
CA ARG A 3753 33.18 -7.72 38.44
C ARG A 3753 32.58 -8.53 37.30
N GLY A 3754 32.77 -9.85 37.32
CA GLY A 3754 32.23 -10.68 36.26
C GLY A 3754 30.74 -10.51 36.13
N SER A 3755 30.03 -10.58 37.27
CA SER A 3755 28.58 -10.43 37.22
C SER A 3755 28.22 -9.05 36.69
N ALA A 3756 28.93 -8.01 37.14
CA ALA A 3756 28.67 -6.67 36.65
C ALA A 3756 28.77 -6.64 35.14
N ILE A 3757 29.87 -7.21 34.61
CA ILE A 3757 30.10 -7.19 33.17
C ILE A 3757 28.92 -7.84 32.46
N TYR A 3758 28.46 -8.98 32.99
CA TYR A 3758 27.40 -9.68 32.30
C TYR A 3758 26.14 -8.84 32.27
N PHE A 3759 25.78 -8.25 33.40
CA PHE A 3759 24.54 -7.49 33.41
C PHE A 3759 24.68 -6.19 32.65
N THR A 3760 25.89 -5.78 32.31
CA THR A 3760 26.04 -4.71 31.33
C THR A 3760 25.66 -5.22 29.95
N MET A 3761 26.30 -6.31 29.52
CA MET A 3761 26.12 -6.76 28.14
C MET A 3761 24.74 -7.34 27.89
N ILE A 3762 23.95 -7.56 28.93
CA ILE A 3762 22.55 -7.88 28.72
C ILE A 3762 21.84 -6.71 28.07
N GLU A 3763 22.00 -5.52 28.64
CA GLU A 3763 21.10 -4.43 28.28
C GLU A 3763 21.33 -3.91 26.87
N VAL A 3764 22.52 -4.10 26.30
CA VAL A 3764 22.74 -3.67 24.92
C VAL A 3764 21.83 -4.44 23.97
N SER A 3765 21.39 -5.65 24.36
CA SER A 3765 20.43 -6.35 23.53
C SER A 3765 19.15 -5.55 23.38
N LEU A 3766 18.71 -4.89 24.46
CA LEU A 3766 17.55 -4.02 24.34
C LEU A 3766 17.88 -2.72 23.63
N VAL A 3767 19.16 -2.33 23.57
CA VAL A 3767 19.53 -1.15 22.80
C VAL A 3767 19.30 -1.40 21.32
N ASN A 3768 19.68 -2.57 20.85
CA ASN A 3768 19.27 -3.03 19.52
C ASN A 3768 19.35 -4.54 19.50
N TRP A 3769 18.39 -5.16 18.84
CA TRP A 3769 18.42 -6.58 18.53
C TRP A 3769 19.72 -6.90 17.81
N MET A 3770 20.11 -8.17 17.77
CA MET A 3770 21.31 -8.70 17.14
C MET A 3770 22.56 -8.45 17.98
N TYR A 3771 22.49 -7.67 19.05
CA TYR A 3771 23.52 -7.65 20.08
C TYR A 3771 23.11 -8.59 21.20
N ASN A 3772 22.86 -9.84 20.81
CA ASN A 3772 22.32 -10.87 21.69
C ASN A 3772 23.30 -12.02 21.77
N SER A 3773 23.56 -12.47 22.99
CA SER A 3773 24.49 -13.59 23.19
C SER A 3773 24.13 -14.26 24.50
N SER A 3774 24.66 -15.46 24.68
CA SER A 3774 24.31 -16.28 25.83
C SER A 3774 25.10 -15.87 27.05
N LEU A 3775 24.89 -16.61 28.13
CA LEU A 3775 25.84 -16.68 29.22
C LEU A 3775 26.94 -17.68 28.90
N GLU A 3776 26.64 -18.68 28.08
CA GLU A 3776 27.58 -19.77 27.84
C GLU A 3776 28.83 -19.27 27.14
N GLN A 3777 28.65 -18.45 26.10
CA GLN A 3777 29.81 -17.86 25.44
C GLN A 3777 30.62 -17.05 26.43
N PHE A 3778 29.94 -16.26 27.26
CA PHE A 3778 30.62 -15.50 28.30
C PHE A 3778 31.38 -16.43 29.25
N LEU A 3779 30.79 -17.59 29.57
CA LEU A 3779 31.48 -18.52 30.45
C LEU A 3779 32.75 -19.04 29.80
N LYS A 3780 32.69 -19.39 28.51
CA LYS A 3780 33.88 -19.85 27.82
C LYS A 3780 34.96 -18.77 27.87
N LEU A 3781 34.55 -17.52 27.63
CA LEU A 3781 35.51 -16.40 27.64
C LEU A 3781 36.14 -16.25 29.02
N PHE A 3782 35.33 -16.38 30.08
CA PHE A 3782 35.79 -16.21 31.45
C PHE A 3782 36.80 -17.29 31.83
N ILE A 3783 36.43 -18.55 31.62
CA ILE A 3783 37.32 -19.67 31.92
C ILE A 3783 38.61 -19.53 31.12
N GLU A 3784 38.48 -19.14 29.87
CA GLU A 3784 39.69 -18.96 29.07
C GLU A 3784 40.58 -17.91 29.70
N SER A 3785 40.03 -16.73 30.01
CA SER A 3785 40.84 -15.63 30.57
C SER A 3785 41.68 -16.10 31.74
N ILE A 3786 41.05 -16.89 32.63
CA ILE A 3786 41.80 -17.55 33.71
C ILE A 3786 42.94 -18.37 33.13
N ASP A 3787 42.67 -19.16 32.10
CA ASP A 3787 43.75 -19.96 31.53
C ASP A 3787 44.82 -19.10 30.87
N LEU A 3788 44.41 -18.00 30.24
CA LEU A 3788 45.29 -17.23 29.38
C LEU A 3788 46.42 -16.60 30.17
N SER A 3789 46.09 -15.84 31.23
CA SER A 3789 47.15 -15.05 31.85
C SER A 3789 47.17 -15.07 33.36
N GLU A 3790 46.49 -16.01 33.99
CA GLU A 3790 46.16 -15.76 35.38
C GLU A 3790 47.31 -16.02 36.33
N LYS A 3791 47.88 -17.21 36.26
CA LYS A 3791 48.83 -17.66 37.25
C LYS A 3791 50.25 -17.38 36.77
N ALA A 3792 50.99 -16.59 37.55
CA ALA A 3792 52.43 -16.53 37.41
C ALA A 3792 53.10 -16.88 38.73
N GLN A 3793 52.78 -16.09 39.77
CA GLN A 3793 53.11 -16.34 41.17
C GLN A 3793 52.53 -15.11 41.88
N LEU A 3794 52.63 -15.03 43.22
CA LEU A 3794 52.16 -13.85 43.96
C LEU A 3794 50.65 -13.71 43.78
N PRO A 3795 49.86 -14.61 44.39
CA PRO A 3795 48.44 -14.71 44.01
C PRO A 3795 47.63 -13.43 44.12
N SER A 3796 47.88 -12.58 45.13
CA SER A 3796 47.13 -11.33 45.25
C SER A 3796 47.40 -10.42 44.05
N ASN A 3797 48.66 -10.33 43.65
CA ASN A 3797 48.99 -9.56 42.45
C ASN A 3797 48.31 -10.14 41.22
N ARG A 3798 48.15 -11.46 41.17
CA ARG A 3798 47.42 -12.05 40.06
C ARG A 3798 45.91 -11.80 40.14
N VAL A 3799 45.37 -11.55 41.34
CA VAL A 3799 43.98 -11.11 41.42
C VAL A 3799 43.83 -9.75 40.74
N LYS A 3800 44.76 -8.85 41.05
CA LYS A 3800 44.75 -7.56 40.36
C LYS A 3800 44.92 -7.75 38.85
N ASN A 3801 45.71 -8.74 38.44
CA ASN A 3801 45.86 -8.99 37.01
C ASN A 3801 44.60 -9.59 36.40
N ILE A 3802 43.79 -10.34 37.17
CA ILE A 3802 42.46 -10.70 36.67
C ILE A 3802 41.74 -9.44 36.27
N ILE A 3803 41.64 -8.52 37.23
CA ILE A 3803 40.82 -7.35 37.04
C ILE A 3803 41.31 -6.55 35.85
N SER A 3804 42.62 -6.60 35.59
CA SER A 3804 43.13 -5.96 34.38
C SER A 3804 42.69 -6.71 33.12
N PHE A 3805 42.83 -8.04 33.08
CA PHE A 3805 42.79 -8.74 31.80
C PHE A 3805 41.38 -9.16 31.36
N LEU A 3806 40.59 -9.71 32.29
CA LEU A 3806 39.25 -10.20 31.95
C LEU A 3806 38.43 -9.12 31.27
N THR A 3807 38.49 -7.90 31.84
CA THR A 3807 37.69 -6.79 31.34
C THR A 3807 38.02 -6.52 29.88
N PHE A 3808 39.31 -6.45 29.56
CA PHE A 3808 39.72 -6.18 28.18
C PHE A 3808 39.27 -7.30 27.24
N HIS A 3809 39.38 -8.55 27.70
CA HIS A 3809 39.03 -9.68 26.83
C HIS A 3809 37.56 -9.64 26.43
N VAL A 3810 36.67 -9.55 27.42
CA VAL A 3810 35.23 -9.50 27.14
C VAL A 3810 34.89 -8.23 26.35
N TYR A 3811 35.52 -7.12 26.71
CA TYR A 3811 35.33 -5.86 26.03
C TYR A 3811 35.57 -5.98 24.52
N ARG A 3812 36.72 -6.53 24.15
CA ARG A 3812 37.04 -6.63 22.73
C ARG A 3812 36.08 -7.57 22.04
N TYR A 3813 35.71 -8.66 22.72
CA TYR A 3813 34.80 -9.62 22.12
C TYR A 3813 33.49 -8.95 21.72
N VAL A 3814 32.95 -8.11 22.60
CA VAL A 3814 31.70 -7.45 22.23
C VAL A 3814 31.93 -6.39 21.17
N ASN A 3815 33.09 -5.70 21.19
CA ASN A 3815 33.32 -4.68 20.17
C ASN A 3815 33.34 -5.24 18.78
N ARG A 3816 33.79 -6.48 18.62
CA ARG A 3816 33.83 -7.07 17.29
C ARG A 3816 32.46 -7.08 16.62
N GLY A 3817 31.38 -7.11 17.41
CA GLY A 3817 30.04 -7.02 16.87
C GLY A 3817 29.42 -5.64 16.85
N LEU A 3818 30.03 -4.66 17.50
CA LEU A 3818 29.35 -3.37 17.70
C LEU A 3818 29.45 -2.48 16.45
N PHE A 3819 28.51 -1.54 16.37
CA PHE A 3819 28.47 -0.53 15.32
C PHE A 3819 29.12 0.76 15.80
N GLU A 3820 29.42 1.65 14.83
CA GLU A 3820 30.23 2.82 15.11
C GLU A 3820 29.59 3.74 16.15
N LYS A 3821 28.33 4.11 15.93
CA LYS A 3821 27.69 5.05 16.83
C LYS A 3821 27.45 4.46 18.22
N ASP A 3822 27.52 3.13 18.36
CA ASP A 3822 27.39 2.46 19.65
C ASP A 3822 28.74 2.07 20.26
N LYS A 3823 29.86 2.42 19.62
CA LYS A 3823 31.17 2.09 20.17
C LYS A 3823 31.40 2.76 21.52
N ILE A 3824 31.19 4.07 21.58
CA ILE A 3824 31.47 4.84 22.79
C ILE A 3824 30.48 4.47 23.88
N THR A 3825 29.29 4.06 23.49
CA THR A 3825 28.23 3.90 24.47
C THR A 3825 28.47 2.66 25.32
N PHE A 3826 28.86 1.54 24.71
CA PHE A 3826 29.02 0.30 25.47
C PHE A 3826 30.09 0.47 26.54
N ILE A 3827 31.19 1.13 26.19
CA ILE A 3827 32.25 1.37 27.15
C ILE A 3827 31.75 2.27 28.27
N LEU A 3828 30.92 3.27 27.92
CA LEU A 3828 30.37 4.16 28.93
C LEU A 3828 29.49 3.40 29.93
N MET A 3829 28.62 2.53 29.43
CA MET A 3829 27.77 1.74 30.31
C MET A 3829 28.59 0.83 31.19
N MET A 3830 29.64 0.24 30.63
CA MET A 3830 30.50 -0.61 31.43
C MET A 3830 31.07 0.16 32.62
N ALA A 3831 31.54 1.38 32.36
CA ALA A 3831 32.09 2.19 33.46
C ALA A 3831 31.04 2.42 34.54
N PHE A 3832 29.83 2.81 34.15
CA PHE A 3832 28.82 3.08 35.16
C PHE A 3832 28.48 1.83 35.96
N LYS A 3833 28.17 0.72 35.26
CA LYS A 3833 27.82 -0.51 35.97
C LYS A 3833 28.95 -0.99 36.87
N ILE A 3834 30.20 -0.65 36.53
CA ILE A 3834 31.29 -0.91 37.47
C ILE A 3834 31.11 -0.06 38.72
N LEU A 3835 30.81 1.22 38.56
CA LEU A 3835 30.80 2.11 39.72
C LEU A 3835 29.49 2.13 40.49
N THR A 3836 28.43 1.48 40.02
CA THR A 3836 27.18 1.47 40.78
C THR A 3836 27.25 0.60 42.03
N THR A 3837 28.32 -0.18 42.22
CA THR A 3837 28.47 -1.05 43.38
C THR A 3837 29.58 -0.58 44.31
N ALA A 3838 30.80 -0.43 43.79
CA ALA A 3838 31.91 -0.02 44.65
C ALA A 3838 31.77 1.44 45.06
N GLY A 3839 31.78 2.34 44.09
CA GLY A 3839 31.68 3.76 44.39
C GLY A 3839 30.30 4.18 44.86
N THR A 3840 29.28 3.34 44.68
CA THR A 3840 27.92 3.63 45.13
C THR A 3840 27.41 4.94 44.53
N ILE A 3841 27.63 5.10 43.23
CA ILE A 3841 27.18 6.30 42.54
C ILE A 3841 25.65 6.31 42.48
N SER A 3842 25.06 7.44 42.84
CA SER A 3842 23.61 7.53 42.91
C SER A 3842 23.00 7.50 41.51
N SER A 3843 21.98 6.65 41.35
CA SER A 3843 21.20 6.68 40.12
C SER A 3843 20.58 8.05 39.89
N GLY A 3844 20.24 8.76 40.97
CA GLY A 3844 19.79 10.12 40.82
C GLY A 3844 20.85 11.02 40.20
N ASP A 3845 22.11 10.87 40.64
CA ASP A 3845 23.17 11.65 40.04
C ASP A 3845 23.47 11.19 38.62
N VAL A 3846 23.22 9.91 38.31
CA VAL A 3846 23.33 9.45 36.92
C VAL A 3846 22.30 10.15 36.06
N SER A 3847 21.05 10.20 36.53
CA SER A 3847 20.01 10.88 35.78
C SER A 3847 20.29 12.38 35.69
N LEU A 3848 20.94 12.95 36.71
CA LEU A 3848 21.43 14.32 36.62
C LEU A 3848 22.44 14.44 35.50
N PHE A 3849 23.33 13.47 35.36
CA PHE A 3849 24.33 13.49 34.30
C PHE A 3849 23.71 13.25 32.92
N LEU A 3850 22.53 12.63 32.85
CA LEU A 3850 21.90 12.36 31.57
C LEU A 3850 20.91 13.45 31.16
N LYS A 3851 20.11 13.93 32.09
CA LYS A 3851 19.07 14.92 31.84
C LYS A 3851 19.29 16.12 32.76
N SER A 3852 18.63 17.23 32.42
CA SER A 3852 18.69 18.43 33.27
C SER A 3852 17.62 19.43 32.85
N GLN A 3863 17.96 33.44 32.81
CA GLN A 3863 18.47 33.23 34.15
C GLN A 3863 18.63 34.57 34.86
N LYS A 3864 18.17 34.62 36.10
CA LYS A 3864 18.20 35.86 36.87
C LYS A 3864 19.64 36.26 37.19
N GLN A 3865 20.47 35.28 37.53
CA GLN A 3865 21.75 35.59 38.18
C GLN A 3865 22.73 36.27 37.21
N ILE A 3866 23.14 35.56 36.16
CA ILE A 3866 24.24 36.00 35.32
C ILE A 3866 23.68 36.77 34.13
N SER A 3867 24.44 37.77 33.68
CA SER A 3867 24.03 38.71 32.65
C SER A 3867 24.80 38.58 31.35
N TYR A 3868 26.12 38.35 31.41
CA TYR A 3868 26.90 38.28 30.17
C TYR A 3868 26.52 37.07 29.35
N LEU A 3869 26.30 35.94 30.00
CA LEU A 3869 26.15 34.69 29.27
C LEU A 3869 24.82 34.66 28.52
N GLU A 3870 24.70 33.69 27.63
CA GLU A 3870 23.65 33.67 26.62
C GLU A 3870 22.38 33.02 27.15
N ASP A 3871 21.26 33.32 26.50
CA ASP A 3871 20.01 32.63 26.83
C ASP A 3871 20.13 31.14 26.57
N ASN A 3872 20.76 30.77 25.47
CA ASN A 3872 21.18 29.38 25.27
C ASN A 3872 22.04 28.91 26.43
N GLN A 3873 22.86 29.80 26.97
CA GLN A 3873 23.62 29.50 28.17
C GLN A 3873 22.78 29.59 29.44
N TRP A 3874 21.80 30.51 29.49
CA TRP A 3874 21.03 30.67 30.71
C TRP A 3874 20.10 29.49 30.96
N LEU A 3875 19.61 28.87 29.88
CA LEU A 3875 18.95 27.58 30.00
C LEU A 3875 19.82 26.61 30.77
N ASN A 3876 21.13 26.61 30.48
CA ASN A 3876 22.03 25.70 31.16
C ASN A 3876 22.33 26.13 32.58
N ILE A 3877 22.30 27.43 32.87
CA ILE A 3877 22.47 27.85 34.26
C ILE A 3877 21.30 27.34 35.08
N LEU A 3878 20.08 27.48 34.56
CA LEU A 3878 18.93 26.95 35.28
C LEU A 3878 18.95 25.43 35.30
N ALA A 3879 19.55 24.82 34.28
CA ALA A 3879 19.66 23.36 34.25
C ALA A 3879 20.58 22.86 35.37
N LEU A 3880 21.76 23.46 35.50
CA LEU A 3880 22.67 23.07 36.58
C LEU A 3880 22.11 23.49 37.94
N SER A 3881 21.33 24.57 37.97
CA SER A 3881 20.97 25.17 39.25
C SER A 3881 19.96 24.34 39.99
N LYS A 3882 18.93 23.87 39.30
CA LYS A 3882 17.85 23.14 39.96
C LYS A 3882 18.32 21.76 40.42
N PRO A 3891 25.52 18.04 45.16
CA PRO A 3891 25.28 18.83 46.38
C PRO A 3891 25.58 20.32 46.21
N PHE A 3892 26.83 20.67 45.92
CA PHE A 3892 27.19 22.08 45.81
C PHE A 3892 26.88 22.67 44.44
N PHE A 3893 26.15 21.96 43.57
CA PHE A 3893 25.66 22.58 42.35
C PHE A 3893 24.72 23.73 42.67
N LYS A 3894 23.85 23.55 43.66
CA LYS A 3894 22.95 24.59 44.14
C LYS A 3894 23.58 25.42 45.26
N GLU A 3895 24.92 25.49 45.31
CA GLU A 3895 25.64 26.29 46.29
C GLU A 3895 26.70 27.18 45.69
N LEU A 3896 27.22 26.88 44.48
CA LEU A 3896 28.21 27.71 43.82
C LEU A 3896 27.84 28.24 42.44
N PRO A 3897 26.60 28.72 42.18
CA PRO A 3897 26.39 29.62 41.04
C PRO A 3897 26.43 31.09 41.41
N ASP A 3898 26.67 31.40 42.69
CA ASP A 3898 26.64 32.75 43.23
C ASP A 3898 27.92 33.48 42.85
N LEU A 3899 28.21 34.59 43.54
CA LEU A 3899 29.37 35.45 43.31
C LEU A 3899 30.67 34.69 43.04
N ILE A 3900 30.81 33.47 43.58
CA ILE A 3900 31.91 32.60 43.20
C ILE A 3900 31.92 32.40 41.69
N SER A 3901 30.83 31.83 41.15
CA SER A 3901 30.76 31.61 39.71
C SER A 3901 30.65 32.92 38.95
N ARG A 3902 29.99 33.92 39.53
CA ARG A 3902 29.77 35.21 38.90
C ARG A 3902 30.93 36.18 39.15
N SER A 3903 32.13 35.67 39.47
CA SER A 3903 33.29 36.55 39.60
C SER A 3903 33.63 37.20 38.26
N GLU A 3904 33.63 36.40 37.20
CA GLU A 3904 33.89 36.89 35.84
C GLU A 3904 35.30 37.48 35.74
N ASN A 3905 36.25 36.88 36.45
CA ASN A 3905 37.61 37.40 36.50
C ASN A 3905 38.50 36.75 35.44
N GLN A 3906 38.68 35.42 35.51
CA GLN A 3906 39.52 34.68 34.58
C GLN A 3906 38.79 33.60 33.80
N TRP A 3907 37.60 33.19 34.23
CA TRP A 3907 36.90 32.11 33.54
C TRP A 3907 36.28 32.56 32.22
N ARG A 3908 36.28 33.87 31.91
CA ARG A 3908 35.82 34.29 30.59
C ARG A 3908 36.78 33.79 29.52
N ASN A 3909 38.07 33.96 29.76
CA ASN A 3909 39.04 33.32 28.88
C ASN A 3909 38.79 31.82 28.85
N TRP A 3910 38.54 31.21 30.02
CA TRP A 3910 38.33 29.75 30.09
C TRP A 3910 37.24 29.29 29.15
N ILE A 3911 36.05 29.91 29.24
CA ILE A 3911 34.95 29.52 28.36
C ILE A 3911 35.33 29.81 26.92
N ASP A 3912 36.12 30.85 26.67
CA ASP A 3912 36.60 31.07 25.30
C ASP A 3912 37.58 29.97 24.88
N LYS A 3913 38.47 29.52 25.77
CA LYS A 3913 39.52 28.58 25.38
C LYS A 3913 38.91 27.27 24.90
N ASN A 3914 39.41 26.77 23.77
CA ASN A 3914 39.10 25.42 23.35
C ASN A 3914 39.77 24.42 24.28
N ASP A 3915 39.23 23.21 24.33
CA ASP A 3915 39.64 22.20 25.28
C ASP A 3915 39.56 22.76 26.69
N PRO A 3916 38.35 23.12 27.16
CA PRO A 3916 38.24 23.70 28.51
C PRO A 3916 38.72 22.77 29.60
N GLU A 3917 38.51 21.47 29.45
CA GLU A 3917 38.78 20.56 30.55
C GLU A 3917 40.27 20.49 30.88
N ASN A 3918 41.13 20.46 29.86
CA ASN A 3918 42.48 19.95 30.09
C ASN A 3918 43.42 20.99 30.71
N PHE A 3919 43.80 22.01 29.95
CA PHE A 3919 44.84 22.91 30.43
C PHE A 3919 44.26 23.96 31.37
N PRO A 3920 43.27 24.76 30.96
CA PRO A 3920 42.65 25.70 31.91
C PRO A 3920 41.57 25.01 32.76
N ILE A 3921 42.02 24.28 33.76
CA ILE A 3921 41.13 23.51 34.62
C ILE A 3921 40.27 24.46 35.44
N PRO A 3922 39.01 24.15 35.74
CA PRO A 3922 38.28 24.97 36.72
C PRO A 3922 38.90 24.85 38.10
N ASP A 3923 39.16 26.01 38.71
CA ASP A 3923 39.58 26.09 40.10
C ASP A 3923 38.42 26.37 41.05
N PHE A 3924 37.19 26.18 40.58
CA PHE A 3924 36.03 26.39 41.44
C PHE A 3924 36.06 25.46 42.64
N ALA A 3925 36.39 24.18 42.40
CA ALA A 3925 36.63 23.20 43.45
C ALA A 3925 37.92 22.48 43.09
N GLU A 3926 39.05 23.05 43.50
CA GLU A 3926 40.34 22.46 43.18
C GLU A 3926 40.61 21.21 44.00
N SER A 3927 40.25 21.24 45.28
CA SER A 3927 40.45 20.06 46.13
C SER A 3927 39.53 18.91 45.73
N ILE A 3928 38.27 19.23 45.39
CA ILE A 3928 37.34 18.19 44.98
C ILE A 3928 37.81 17.52 43.69
N ASN A 3929 38.28 18.31 42.73
CA ASN A 3929 38.87 17.72 41.53
C ASN A 3929 40.14 16.96 41.86
N GLN A 3930 40.87 17.38 42.89
CA GLN A 3930 42.11 16.71 43.26
C GLN A 3930 41.83 15.30 43.79
N GLU A 3931 40.79 15.15 44.63
CA GLU A 3931 40.57 13.88 45.31
C GLU A 3931 40.39 12.73 44.33
N LYS A 3932 39.54 12.92 43.33
CA LYS A 3932 39.37 12.09 42.14
C LYS A 3932 38.57 10.81 42.41
N GLU A 3933 38.22 10.48 43.65
CA GLU A 3933 37.39 9.30 43.88
C GLU A 3933 36.04 9.46 43.21
N ILE A 3934 35.47 10.67 43.30
CA ILE A 3934 34.31 11.07 42.53
C ILE A 3934 34.59 12.30 41.67
N GLY A 3935 35.79 12.90 41.80
CA GLY A 3935 36.06 14.17 41.17
C GLY A 3935 35.94 14.14 39.66
N SER A 3936 36.24 12.99 39.05
CA SER A 3936 35.95 12.82 37.63
C SER A 3936 34.48 13.13 37.35
N PHE A 3937 33.59 12.34 37.95
CA PHE A 3937 32.16 12.46 37.73
C PHE A 3937 31.66 13.89 37.98
N ILE A 3938 32.25 14.57 38.97
CA ILE A 3938 31.92 15.96 39.22
C ILE A 3938 32.34 16.83 38.04
N SER A 3939 33.59 16.67 37.59
CA SER A 3939 34.07 17.41 36.43
C SER A 3939 33.17 17.18 35.23
N LEU A 3940 32.61 15.98 35.11
CA LEU A 3940 31.83 15.67 33.93
C LEU A 3940 30.42 16.23 33.99
N CYS A 3941 29.80 16.18 35.16
CA CYS A 3941 28.54 16.89 35.32
C CYS A 3941 28.72 18.35 34.96
N LEU A 3942 29.84 18.95 35.41
CA LEU A 3942 30.14 20.33 35.05
C LEU A 3942 30.29 20.49 33.54
N VAL A 3943 31.09 19.62 32.91
CA VAL A 3943 31.39 19.78 31.49
C VAL A 3943 30.14 19.64 30.65
N ARG A 3944 29.30 18.67 30.96
CA ARG A 3944 28.05 18.51 30.21
C ARG A 3944 27.15 19.72 30.40
N SER A 3945 26.94 20.14 31.65
CA SER A 3945 25.98 21.22 31.88
C SER A 3945 26.45 22.53 31.25
N LEU A 3946 27.74 22.85 31.37
CA LEU A 3946 28.25 24.09 30.79
C LEU A 3946 28.38 23.96 29.28
N ARG A 3947 29.21 23.05 28.81
CA ARG A 3947 29.57 22.91 27.40
C ARG A 3947 29.24 21.48 26.95
N ASN A 3948 28.03 21.32 26.41
CA ASN A 3948 27.70 20.06 25.76
C ASN A 3948 28.46 19.86 24.45
N ASP A 3949 29.12 20.90 23.93
CA ASP A 3949 29.84 20.77 22.67
C ASP A 3949 30.95 19.72 22.77
N ARG A 3950 31.73 19.76 23.83
CA ARG A 3950 32.89 18.88 24.01
C ARG A 3950 32.59 17.74 24.97
N THR A 3951 31.38 17.17 24.88
CA THR A 3951 31.02 16.03 25.73
C THR A 3951 31.89 14.83 25.41
N LEU A 3952 32.07 14.53 24.12
CA LEU A 3952 32.48 13.19 23.74
C LEU A 3952 33.95 12.92 24.03
N ILE A 3953 34.81 13.91 23.82
CA ILE A 3953 36.22 13.68 24.13
C ILE A 3953 36.39 13.55 25.63
N ALA A 3954 35.66 14.36 26.41
CA ALA A 3954 35.61 14.17 27.86
C ALA A 3954 35.15 12.77 28.22
N THR A 3955 34.22 12.22 27.42
CA THR A 3955 33.77 10.85 27.64
C THR A 3955 34.94 9.89 27.49
N GLN A 3956 35.68 10.02 26.40
CA GLN A 3956 36.89 9.24 26.20
C GLN A 3956 37.87 9.45 27.36
N ASN A 3957 37.94 10.67 27.89
CA ASN A 3957 38.94 11.00 28.89
C ASN A 3957 38.66 10.23 30.19
N PHE A 3958 37.49 10.42 30.80
CA PHE A 3958 37.32 9.72 32.06
C PHE A 3958 37.16 8.22 31.87
N ILE A 3959 36.80 7.76 30.68
CA ILE A 3959 36.88 6.32 30.45
C ILE A 3959 38.33 5.87 30.55
N SER A 3960 39.24 6.62 29.93
CA SER A 3960 40.66 6.32 30.03
C SER A 3960 41.10 6.35 31.49
N ASN A 3961 40.55 7.26 32.27
CA ASN A 3961 40.97 7.37 33.66
C ASN A 3961 40.48 6.18 34.48
N VAL A 3962 39.16 6.04 34.61
CA VAL A 3962 38.61 5.05 35.54
C VAL A 3962 38.83 3.62 35.06
N LEU A 3963 39.01 3.41 33.74
CA LEU A 3963 39.18 2.06 33.19
C LEU A 3963 40.52 1.83 32.53
N GLY A 3964 41.31 2.86 32.25
CA GLY A 3964 42.60 2.72 31.60
C GLY A 3964 42.52 3.20 30.16
N LYS A 3965 43.58 3.86 29.71
CA LYS A 3965 43.61 4.41 28.36
C LYS A 3965 43.67 3.34 27.27
N GLU A 3966 43.97 2.10 27.63
CA GLU A 3966 44.01 1.03 26.64
C GLU A 3966 42.67 0.86 25.94
N PHE A 3967 41.57 1.18 26.61
CA PHE A 3967 40.26 1.06 26.00
C PHE A 3967 40.06 2.07 24.89
N THR A 3968 40.48 3.32 25.11
CA THR A 3968 40.32 4.38 24.12
C THR A 3968 41.50 4.37 23.16
N ASP A 3969 41.52 3.34 22.31
CA ASP A 3969 42.62 3.12 21.39
C ASP A 3969 42.11 2.33 20.20
N PRO A 3970 42.74 2.45 19.04
CA PRO A 3970 42.14 1.87 17.83
C PRO A 3970 42.22 0.35 17.82
N ILE A 3971 41.28 -0.26 17.11
CA ILE A 3971 41.27 -1.69 16.86
C ILE A 3971 40.93 -1.91 15.39
N SER A 3972 41.58 -2.88 14.77
CA SER A 3972 41.27 -3.28 13.42
C SER A 3972 41.50 -4.77 13.30
N TYR A 3973 40.50 -5.48 12.78
CA TYR A 3973 40.43 -6.92 12.93
C TYR A 3973 41.21 -7.59 11.80
N PRO A 3974 42.34 -8.27 12.09
CA PRO A 3974 43.02 -9.00 11.00
C PRO A 3974 42.23 -10.22 10.58
N ILE A 3975 41.68 -10.17 9.37
CA ILE A 3975 40.81 -11.24 8.88
C ILE A 3975 41.52 -12.57 8.91
N GLU A 3976 42.83 -12.58 8.59
CA GLU A 3976 43.61 -13.79 8.80
C GLU A 3976 43.64 -14.16 10.27
N GLY A 3977 43.76 -13.17 11.15
CA GLY A 3977 43.64 -13.45 12.57
C GLY A 3977 42.28 -13.98 12.94
N ILE A 3978 41.22 -13.41 12.36
CA ILE A 3978 39.86 -13.81 12.71
C ILE A 3978 39.61 -15.25 12.28
N TRP A 3979 40.19 -15.67 11.15
CA TRP A 3979 39.96 -17.04 10.68
C TRP A 3979 40.37 -18.06 11.73
N GLN A 3980 41.40 -17.76 12.51
CA GLN A 3980 41.84 -18.69 13.54
C GLN A 3980 40.75 -18.96 14.56
N GLU A 3981 39.85 -18.01 14.77
CA GLU A 3981 38.76 -18.24 15.72
C GLU A 3981 37.76 -19.25 15.17
N SER A 3982 37.42 -19.15 13.90
CA SER A 3982 36.35 -19.94 13.32
C SER A 3982 36.76 -21.40 13.26
N SER A 3983 36.23 -22.20 14.18
CA SER A 3983 36.28 -23.64 13.99
C SER A 3983 35.27 -24.03 12.91
N ASN A 3984 35.28 -25.30 12.54
CA ASN A 3984 34.32 -25.73 11.53
C ASN A 3984 32.90 -25.66 12.05
N MET A 3985 32.69 -25.84 13.36
CA MET A 3985 31.35 -25.98 13.91
C MET A 3985 30.71 -24.66 14.34
N ASP A 3986 31.29 -23.52 13.97
CA ASP A 3986 30.64 -22.23 14.18
C ASP A 3986 30.75 -21.37 12.92
N PRO A 3987 29.67 -20.64 12.54
CA PRO A 3987 29.75 -19.81 11.33
C PRO A 3987 30.28 -18.42 11.62
N VAL A 3988 30.31 -17.57 10.59
CA VAL A 3988 30.75 -16.19 10.70
C VAL A 3988 29.63 -15.32 10.15
N LEU A 3989 28.96 -14.58 11.03
CA LEU A 3989 27.94 -13.64 10.62
C LEU A 3989 28.60 -12.32 10.20
N PHE A 3990 27.82 -11.47 9.54
CA PHE A 3990 28.33 -10.18 9.07
C PHE A 3990 27.17 -9.20 9.05
N LEU A 3991 27.17 -8.26 10.00
CA LEU A 3991 26.18 -7.19 10.05
C LEU A 3991 26.77 -6.01 9.30
N LEU A 3992 26.40 -5.85 8.05
CA LEU A 3992 27.00 -4.87 7.16
C LEU A 3992 26.15 -3.62 7.06
N SER A 3993 26.74 -2.59 6.46
CA SER A 3993 26.09 -1.33 6.18
C SER A 3993 26.24 -1.02 4.70
N ALA A 3994 25.51 0.01 4.26
CA ALA A 3994 25.51 0.37 2.85
C ALA A 3994 26.91 0.78 2.41
N GLY A 3995 27.28 0.39 1.20
CA GLY A 3995 28.57 0.74 0.65
C GLY A 3995 29.75 0.09 1.37
N ALA A 3996 29.64 -1.20 1.70
CA ALA A 3996 30.75 -1.93 2.28
C ALA A 3996 30.46 -3.43 2.23
N ASP A 3997 31.42 -4.23 1.78
CA ASP A 3997 31.26 -5.68 1.70
C ASP A 3997 32.64 -6.30 1.84
N PRO A 3998 32.84 -7.31 2.69
CA PRO A 3998 34.14 -8.01 2.73
C PRO A 3998 34.24 -9.20 1.78
N THR A 3999 33.29 -9.35 0.85
CA THR A 3999 33.23 -10.57 0.04
C THR A 3999 34.51 -10.78 -0.76
N SER A 4000 35.04 -9.72 -1.34
CA SER A 4000 36.28 -9.82 -2.09
C SER A 4000 37.42 -10.29 -1.20
N SER A 4001 37.51 -9.75 0.02
CA SER A 4001 38.60 -10.13 0.91
C SER A 4001 38.43 -11.57 1.39
N ILE A 4002 37.18 -12.00 1.64
CA ILE A 4002 36.95 -13.38 2.04
C ILE A 4002 37.40 -14.32 0.94
N ASP A 4003 37.02 -14.01 -0.31
CA ASP A 4003 37.45 -14.81 -1.44
C ASP A 4003 38.97 -14.81 -1.54
N GLU A 4004 39.59 -13.64 -1.36
CA GLU A 4004 41.04 -13.54 -1.46
C GLU A 4004 41.72 -14.46 -0.44
N LEU A 4005 41.24 -14.46 0.79
CA LEU A 4005 41.79 -15.35 1.80
C LEU A 4005 41.56 -16.81 1.41
N ALA A 4006 40.38 -17.12 0.89
CA ALA A 4006 40.06 -18.48 0.48
C ALA A 4006 40.94 -18.94 -0.69
N LYS A 4007 41.51 -18.01 -1.44
CA LYS A 4007 42.54 -18.35 -2.41
C LYS A 4007 43.93 -18.41 -1.78
N LYS A 4008 44.16 -17.69 -0.69
CA LYS A 4008 45.50 -17.66 -0.10
C LYS A 4008 45.77 -18.90 0.74
N LYS A 4009 45.03 -19.05 1.85
CA LYS A 4009 45.29 -20.18 2.74
C LYS A 4009 44.64 -21.45 2.20
N LYS A 4010 43.32 -21.41 2.03
CA LYS A 4010 42.64 -22.48 1.31
C LYS A 4010 43.01 -22.38 -0.17
N LYS A 4011 42.92 -23.52 -0.85
CA LYS A 4011 43.43 -23.65 -2.21
C LYS A 4011 42.33 -23.67 -3.28
N PHE A 4012 41.06 -23.51 -2.91
CA PHE A 4012 39.95 -23.65 -3.82
C PHE A 4012 39.04 -22.43 -3.75
N PRO A 4013 38.29 -22.13 -4.82
CA PRO A 4013 37.26 -21.07 -4.71
C PRO A 4013 36.06 -21.56 -3.91
N CYS A 4014 35.49 -20.66 -3.12
CA CYS A 4014 34.28 -20.98 -2.37
C CYS A 4014 33.09 -21.07 -3.30
N GLU A 4015 32.04 -21.75 -2.84
CA GLU A 4015 30.77 -21.77 -3.53
C GLU A 4015 29.84 -20.77 -2.86
N LYS A 4016 28.91 -20.23 -3.63
CA LYS A 4016 28.06 -19.13 -3.19
C LYS A 4016 26.62 -19.43 -3.54
N VAL A 4017 25.71 -19.14 -2.60
CA VAL A 4017 24.29 -19.20 -2.87
C VAL A 4017 23.64 -17.95 -2.30
N SER A 4018 22.91 -17.24 -3.15
CA SER A 4018 22.18 -16.05 -2.75
C SER A 4018 20.79 -16.44 -2.31
N MET A 4019 20.37 -15.93 -1.17
CA MET A 4019 19.01 -16.18 -0.73
C MET A 4019 18.04 -15.52 -1.69
N GLY A 4020 16.78 -15.90 -1.59
CA GLY A 4020 15.76 -15.33 -2.42
C GLY A 4020 14.48 -16.12 -2.29
N GLU A 4021 13.92 -16.50 -3.42
CA GLU A 4021 12.80 -17.45 -3.47
C GLU A 4021 13.22 -18.62 -4.33
N GLY A 4022 12.94 -19.83 -3.86
CA GLY A 4022 13.33 -21.03 -4.58
C GLY A 4022 14.83 -21.27 -4.57
N GLN A 4023 15.43 -21.20 -3.37
CA GLN A 4023 16.84 -21.50 -3.20
C GLN A 4023 17.12 -22.38 -1.99
N GLU A 4024 16.10 -22.84 -1.27
CA GLU A 4024 16.33 -23.69 -0.10
C GLU A 4024 17.07 -24.96 -0.49
N ARG A 4025 16.47 -25.76 -1.36
CA ARG A 4025 17.05 -27.05 -1.72
C ARG A 4025 18.41 -26.88 -2.38
N VAL A 4026 18.61 -25.81 -3.16
CA VAL A 4026 19.92 -25.55 -3.75
C VAL A 4026 20.95 -25.37 -2.65
N ALA A 4027 20.62 -24.52 -1.67
CA ALA A 4027 21.52 -24.30 -0.54
C ALA A 4027 21.80 -25.60 0.18
N ARG A 4028 20.76 -26.41 0.41
CA ARG A 4028 20.94 -27.63 1.17
C ARG A 4028 21.86 -28.60 0.47
N GLN A 4029 21.69 -28.78 -0.84
CA GLN A 4029 22.54 -29.74 -1.53
C GLN A 4029 23.99 -29.27 -1.60
N VAL A 4030 24.21 -27.95 -1.80
CA VAL A 4030 25.60 -27.50 -1.79
C VAL A 4030 26.22 -27.67 -0.40
N ILE A 4031 25.42 -27.46 0.65
CA ILE A 4031 25.94 -27.65 2.00
C ILE A 4031 26.29 -29.11 2.24
N MET A 4032 25.48 -30.03 1.71
CA MET A 4032 25.82 -31.45 1.86
C MET A 4032 27.13 -31.77 1.15
N LYS A 4033 27.33 -31.19 -0.03
CA LYS A 4033 28.61 -31.36 -0.71
C LYS A 4033 29.75 -30.84 0.13
N GLY A 4034 29.56 -29.68 0.78
CA GLY A 4034 30.59 -29.16 1.66
C GLY A 4034 30.83 -30.05 2.87
N PHE A 4035 29.75 -30.62 3.41
CA PHE A 4035 29.87 -31.53 4.55
C PHE A 4035 30.74 -32.72 4.20
N VAL A 4036 30.45 -33.37 3.08
CA VAL A 4036 31.24 -34.55 2.72
C VAL A 4036 32.66 -34.15 2.37
N GLU A 4037 32.85 -33.01 1.71
CA GLU A 4037 34.17 -32.66 1.20
C GLU A 4037 34.98 -31.82 2.20
N GLY A 4038 34.49 -30.63 2.53
CA GLY A 4038 35.24 -29.68 3.33
C GLY A 4038 35.54 -28.37 2.63
N GLY A 4039 34.68 -27.95 1.71
CA GLY A 4039 34.81 -26.65 1.08
C GLY A 4039 34.25 -25.55 1.94
N TRP A 4040 34.11 -24.37 1.33
CA TRP A 4040 33.55 -23.19 1.97
C TRP A 4040 32.32 -22.71 1.20
N VAL A 4041 31.35 -22.21 1.95
CA VAL A 4041 30.07 -21.76 1.41
C VAL A 4041 29.81 -20.33 1.85
N ILE A 4042 29.25 -19.55 0.94
CA ILE A 4042 28.97 -18.14 1.13
C ILE A 4042 27.47 -17.96 0.90
N LEU A 4043 26.71 -17.93 1.99
CA LEU A 4043 25.32 -17.51 1.89
C LEU A 4043 25.26 -16.01 1.68
N GLN A 4044 24.20 -15.53 1.04
CA GLN A 4044 24.05 -14.10 0.84
C GLN A 4044 22.60 -13.67 0.98
N ASN A 4045 22.41 -12.48 1.54
CA ASN A 4045 21.11 -11.82 1.67
C ASN A 4045 20.13 -12.63 2.51
N CYS A 4046 20.57 -12.93 3.74
CA CYS A 4046 19.68 -13.59 4.67
C CYS A 4046 18.60 -12.67 5.24
N HIS A 4047 18.70 -11.35 5.02
CA HIS A 4047 17.72 -10.44 5.60
C HIS A 4047 16.33 -10.66 5.05
N LEU A 4048 16.20 -11.25 3.87
CA LEU A 4048 14.96 -11.80 3.38
C LEU A 4048 15.12 -13.31 3.26
N GLY A 4049 14.00 -14.01 3.18
CA GLY A 4049 14.05 -15.46 3.10
C GLY A 4049 14.60 -16.07 4.37
N LEU A 4050 13.91 -15.83 5.47
CA LEU A 4050 14.36 -16.27 6.78
C LEU A 4050 13.90 -17.67 7.14
N LYS A 4051 12.99 -18.26 6.35
CA LYS A 4051 12.49 -19.58 6.69
C LYS A 4051 13.59 -20.62 6.67
N PHE A 4052 14.62 -20.42 5.85
CA PHE A 4052 15.73 -21.37 5.81
C PHE A 4052 16.66 -21.23 7.01
N MET A 4053 16.64 -20.07 7.68
CA MET A 4053 17.60 -19.85 8.76
C MET A 4053 17.41 -20.84 9.90
N GLU A 4054 16.16 -21.05 10.33
CA GLU A 4054 15.91 -21.93 11.46
C GLU A 4054 16.42 -23.34 11.20
N GLU A 4055 16.43 -23.77 9.94
CA GLU A 4055 16.91 -25.10 9.60
C GLU A 4055 18.42 -25.20 9.86
N ILE A 4056 19.16 -24.11 9.65
CA ILE A 4056 20.62 -24.17 9.71
C ILE A 4056 21.08 -24.62 11.09
N GLU A 4057 20.43 -24.12 12.15
CA GLU A 4057 20.86 -24.48 13.50
C GLU A 4057 20.76 -25.98 13.74
N THR A 4058 19.70 -26.59 13.23
CA THR A 4058 19.59 -28.04 13.31
C THR A 4058 20.69 -28.71 12.48
N LEU A 4059 21.00 -28.16 11.30
CA LEU A 4059 22.04 -28.78 10.48
C LEU A 4059 23.40 -28.74 11.16
N VAL A 4060 23.84 -27.56 11.60
CA VAL A 4060 25.16 -27.47 12.20
C VAL A 4060 25.07 -28.01 13.62
N SER A 4061 25.31 -29.30 13.76
CA SER A 4061 25.11 -30.04 14.99
C SER A 4061 26.21 -31.08 15.12
N PRO A 4062 26.44 -31.60 16.33
CA PRO A 4062 27.37 -32.72 16.46
C PRO A 4062 26.83 -34.03 15.90
N ILE A 4063 25.51 -34.17 15.79
CA ILE A 4063 24.91 -35.43 15.34
C ILE A 4063 25.32 -35.75 13.91
N ASN A 4064 24.89 -34.96 12.96
CA ASN A 4064 25.27 -35.17 11.56
C ASN A 4064 26.74 -34.79 11.41
N GLN A 4065 27.60 -35.78 11.22
CA GLN A 4065 29.04 -35.52 11.24
C GLN A 4065 29.49 -34.77 9.99
N ILE A 4066 30.50 -33.92 10.16
CA ILE A 4066 30.98 -33.04 9.11
C ILE A 4066 32.49 -33.21 8.97
N HIS A 4067 32.96 -33.27 7.72
CA HIS A 4067 34.39 -33.32 7.44
C HIS A 4067 35.07 -32.04 7.92
N GLU A 4068 36.30 -32.18 8.41
CA GLU A 4068 37.04 -31.04 8.90
C GLU A 4068 37.29 -30.02 7.79
N ASP A 4069 37.72 -28.82 8.19
CA ASP A 4069 38.03 -27.70 7.31
C ASP A 4069 36.80 -27.10 6.64
N PHE A 4070 35.59 -27.47 7.05
CA PHE A 4070 34.38 -26.89 6.49
C PHE A 4070 33.97 -25.68 7.33
N ARG A 4071 33.93 -24.51 6.69
CA ARG A 4071 33.47 -23.29 7.31
C ARG A 4071 32.19 -22.83 6.64
N LEU A 4072 31.48 -21.93 7.33
CA LEU A 4072 30.29 -21.29 6.81
C LEU A 4072 30.39 -19.80 7.06
N TRP A 4073 29.91 -19.01 6.09
CA TRP A 4073 30.01 -17.55 6.13
C TRP A 4073 28.63 -16.99 5.83
N ILE A 4074 28.08 -16.23 6.76
CA ILE A 4074 26.72 -15.71 6.67
C ILE A 4074 26.77 -14.19 6.63
N THR A 4075 25.90 -13.60 5.82
CA THR A 4075 25.78 -12.16 5.69
C THR A 4075 24.30 -11.80 5.72
N CYS A 4076 23.96 -10.67 6.33
CA CYS A 4076 22.55 -10.30 6.51
C CYS A 4076 22.47 -8.81 6.82
N GLU A 4077 21.27 -8.35 7.21
CA GLU A 4077 21.04 -6.93 7.48
C GLU A 4077 19.97 -6.81 8.56
N GLN A 4078 19.68 -5.57 8.96
CA GLN A 4078 18.86 -5.26 10.12
C GLN A 4078 17.39 -5.59 9.85
N HIS A 4079 17.03 -6.86 10.06
CA HIS A 4079 15.64 -7.30 10.04
C HIS A 4079 15.27 -7.91 11.39
N PRO A 4080 14.54 -7.20 12.26
CA PRO A 4080 13.94 -7.88 13.42
C PRO A 4080 12.95 -8.94 13.01
N LYS A 4081 12.37 -9.65 13.96
CA LYS A 4081 11.64 -10.89 13.67
C LYS A 4081 12.57 -11.86 12.96
N PHE A 4082 13.79 -11.95 13.46
CA PHE A 4082 14.82 -12.83 12.96
C PHE A 4082 15.17 -13.75 14.13
N PRO A 4083 14.63 -14.97 14.19
CA PRO A 4083 14.84 -15.82 15.37
C PRO A 4083 16.31 -16.03 15.70
N LEU A 4084 16.58 -16.05 16.99
CA LEU A 4084 17.93 -15.95 17.55
C LEU A 4084 18.58 -17.29 17.76
N GLY A 4085 18.12 -18.34 17.09
CA GLY A 4085 18.78 -19.62 17.21
C GLY A 4085 20.25 -19.55 16.85
N LEU A 4086 20.57 -18.90 15.73
CA LEU A 4086 21.96 -18.70 15.35
C LEU A 4086 22.54 -17.42 15.94
N LEU A 4087 21.71 -16.41 16.24
CA LEU A 4087 22.25 -15.23 16.91
C LEU A 4087 22.80 -15.59 18.28
N GLN A 4088 22.20 -16.60 18.93
CA GLN A 4088 22.70 -17.09 20.20
C GLN A 4088 23.97 -17.93 20.06
N LYS A 4089 24.26 -18.44 18.86
CA LYS A 4089 25.40 -19.32 18.62
C LYS A 4089 25.96 -18.94 17.25
N THR A 4090 26.90 -18.00 17.23
CA THR A 4090 27.61 -17.61 16.02
C THR A 4090 28.72 -16.63 16.41
N LEU A 4091 29.39 -16.10 15.39
CA LEU A 4091 30.44 -15.08 15.53
C LEU A 4091 29.99 -13.85 14.76
N LYS A 4092 29.87 -12.72 15.45
CA LYS A 4092 29.33 -11.50 14.87
C LYS A 4092 30.46 -10.53 14.56
N VAL A 4093 30.47 -10.01 13.33
CA VAL A 4093 31.51 -9.10 12.88
C VAL A 4093 30.88 -7.98 12.06
N THR A 4094 31.44 -6.78 12.19
CA THR A 4094 30.93 -5.57 11.57
C THR A 4094 32.01 -5.00 10.67
N ASN A 4095 31.64 -4.62 9.44
CA ASN A 4095 32.59 -4.11 8.46
C ASN A 4095 32.04 -2.88 7.74
N GLU A 4096 31.53 -1.92 8.52
CA GLU A 4096 31.31 -0.59 7.98
C GLU A 4096 32.65 0.15 7.86
N PRO A 4097 32.76 1.14 6.96
CA PRO A 4097 34.08 1.72 6.72
C PRO A 4097 34.56 2.51 7.92
N PRO A 4098 35.89 2.66 8.07
CA PRO A 4098 36.42 3.27 9.30
C PRO A 4098 36.08 4.74 9.39
N LYS A 4099 36.13 5.24 10.63
CA LYS A 4099 35.68 6.60 10.89
C LYS A 4099 36.75 7.63 10.55
N GLY A 4100 37.88 7.60 11.24
CA GLY A 4100 38.82 8.69 11.18
C GLY A 4100 39.49 8.82 9.82
N LEU A 4101 40.01 10.01 9.56
CA LEU A 4101 40.77 10.23 8.33
C LEU A 4101 41.96 9.29 8.27
N LYS A 4102 42.77 9.24 9.33
CA LYS A 4102 43.85 8.28 9.37
C LYS A 4102 43.33 6.85 9.34
N ALA A 4103 42.17 6.59 9.94
CA ALA A 4103 41.63 5.23 9.94
C ALA A 4103 41.30 4.77 8.53
N GLY A 4104 40.52 5.57 7.79
CA GLY A 4104 40.22 5.22 6.41
C GLY A 4104 41.46 5.17 5.55
N LEU A 4105 42.37 6.12 5.77
CA LEU A 4105 43.61 6.14 4.99
C LEU A 4105 44.41 4.87 5.22
N TYR A 4106 44.55 4.45 6.47
CA TYR A 4106 45.30 3.24 6.80
C TYR A 4106 44.64 2.02 6.19
N LYS A 4107 43.31 1.92 6.34
CA LYS A 4107 42.61 0.78 5.75
C LYS A 4107 42.84 0.72 4.25
N THR A 4108 42.68 1.85 3.57
CA THR A 4108 42.95 1.91 2.14
C THR A 4108 44.37 1.48 1.83
N PHE A 4109 45.30 1.82 2.72
CA PHE A 4109 46.67 1.34 2.62
C PHE A 4109 46.82 -0.11 3.09
N THR A 4110 45.72 -0.80 3.37
CA THR A 4110 45.71 -2.26 3.47
C THR A 4110 44.57 -2.87 2.65
N THR A 4111 44.34 -2.35 1.43
CA THR A 4111 43.45 -2.98 0.46
C THR A 4111 44.20 -3.42 -0.79
N ILE A 4112 44.83 -2.48 -1.48
CA ILE A 4112 45.50 -2.75 -2.75
C ILE A 4112 46.95 -2.30 -2.56
N ILE A 4113 47.77 -3.24 -2.08
CA ILE A 4113 49.08 -2.91 -1.53
C ILE A 4113 50.05 -4.02 -1.87
N THR A 4114 51.34 -3.66 -1.93
CA THR A 4114 52.50 -4.54 -1.95
C THR A 4114 52.72 -5.19 -3.32
N GLN A 4115 51.78 -5.11 -4.25
CA GLN A 4115 52.07 -5.49 -5.63
C GLN A 4115 51.54 -4.44 -6.61
N GLU A 4116 50.46 -3.75 -6.23
CA GLU A 4116 50.18 -2.47 -6.87
C GLU A 4116 51.31 -1.50 -6.56
N PHE A 4117 51.64 -1.35 -5.28
CA PHE A 4117 52.71 -0.44 -4.88
C PHE A 4117 54.06 -0.89 -5.41
N ILE A 4118 54.37 -2.18 -5.32
CA ILE A 4118 55.73 -2.62 -5.61
C ILE A 4118 55.97 -2.73 -7.10
N ASP A 4119 54.97 -3.16 -7.87
CA ASP A 4119 55.09 -3.06 -9.33
C ASP A 4119 55.07 -1.58 -9.69
N LYS A 4120 56.24 -1.00 -10.00
CA LYS A 4120 56.28 0.36 -10.51
C LYS A 4120 57.00 0.47 -11.85
N VAL A 4121 58.29 0.11 -11.94
CA VAL A 4121 59.20 0.59 -12.99
C VAL A 4121 59.29 2.12 -13.03
N ASP A 4122 58.86 2.81 -11.97
CA ASP A 4122 59.09 4.24 -11.81
C ASP A 4122 58.78 4.64 -10.37
N HIS A 4123 59.81 5.06 -9.63
CA HIS A 4123 59.59 5.58 -8.28
C HIS A 4123 59.14 7.03 -8.27
N SER A 4124 59.18 7.73 -9.40
CA SER A 4124 59.05 9.18 -9.40
C SER A 4124 57.64 9.69 -9.61
N ASN A 4125 57.08 9.43 -10.79
CA ASN A 4125 55.86 10.12 -11.19
C ASN A 4125 54.62 9.43 -10.63
N TRP A 4126 54.39 8.20 -11.04
CA TRP A 4126 53.11 7.57 -10.78
C TRP A 4126 52.99 7.06 -9.36
N ARG A 4127 54.10 6.90 -8.65
CA ARG A 4127 54.06 6.81 -7.20
C ARG A 4127 53.33 8.03 -6.63
N SER A 4128 53.73 9.22 -7.10
CA SER A 4128 53.09 10.44 -6.66
C SER A 4128 51.62 10.47 -7.08
N LEU A 4129 51.31 9.94 -8.26
CA LEU A 4129 49.90 9.90 -8.67
C LEU A 4129 49.08 9.00 -7.76
N ILE A 4130 49.62 7.83 -7.38
CA ILE A 4130 48.90 6.98 -6.43
C ILE A 4130 48.63 7.76 -5.15
N PHE A 4131 49.65 8.43 -4.63
CA PHE A 4131 49.49 9.13 -3.37
C PHE A 4131 48.44 10.23 -3.48
N THR A 4132 48.46 10.96 -4.60
CA THR A 4132 47.45 11.99 -4.84
C THR A 4132 46.05 11.39 -4.82
N ILE A 4133 45.83 10.33 -5.62
CA ILE A 4133 44.47 9.82 -5.76
C ILE A 4133 43.99 9.22 -4.44
N CYS A 4134 44.89 8.55 -3.71
CA CYS A 4134 44.50 7.97 -2.43
C CYS A 4134 44.09 9.06 -1.44
N PHE A 4135 44.87 10.14 -1.38
CA PHE A 4135 44.51 11.23 -0.48
C PHE A 4135 43.20 11.88 -0.90
N LEU A 4136 43.00 12.07 -2.20
CA LEU A 4136 41.73 12.61 -2.70
C LEU A 4136 40.56 11.76 -2.25
N HIS A 4137 40.68 10.45 -2.44
CA HIS A 4137 39.68 9.49 -2.03
C HIS A 4137 39.32 9.69 -0.56
N SER A 4138 40.34 9.66 0.30
CA SER A 4138 40.10 9.71 1.73
C SER A 4138 39.56 11.06 2.18
N ILE A 4139 39.81 12.12 1.43
CA ILE A 4139 39.29 13.43 1.81
C ILE A 4139 37.84 13.58 1.40
N VAL A 4140 37.54 13.29 0.13
CA VAL A 4140 36.18 13.54 -0.34
C VAL A 4140 35.20 12.60 0.34
N ILE A 4141 35.64 11.40 0.71
CA ILE A 4141 34.74 10.51 1.46
C ILE A 4141 34.39 11.13 2.80
N GLU A 4142 35.39 11.63 3.51
CA GLU A 4142 35.19 12.09 4.87
C GLU A 4142 34.53 13.46 4.93
N ARG A 4143 34.49 14.19 3.82
CA ARG A 4143 33.85 15.50 3.81
C ARG A 4143 32.40 15.43 4.30
N LYS A 4144 31.71 14.31 4.06
CA LYS A 4144 30.28 14.24 4.34
C LYS A 4144 29.95 14.31 5.82
N LYS A 4145 30.94 14.17 6.70
CA LYS A 4145 30.69 14.15 8.14
C LYS A 4145 29.92 15.37 8.61
N PHE A 4146 30.14 16.52 7.97
CA PHE A 4146 29.55 17.76 8.47
C PHE A 4146 28.04 17.80 8.24
N GLY A 4147 27.59 17.45 7.03
CA GLY A 4147 26.19 17.47 6.69
C GLY A 4147 25.92 18.21 5.38
N PRO A 4148 24.80 18.95 5.29
CA PRO A 4148 24.49 19.61 4.00
C PRO A 4148 25.51 20.62 3.56
N LEU A 4149 26.34 21.14 4.45
CA LEU A 4149 27.39 22.05 4.03
C LEU A 4149 28.37 21.35 3.10
N GLY A 4150 28.71 20.11 3.41
CA GLY A 4150 29.70 19.39 2.64
C GLY A 4150 29.13 18.67 1.44
N TRP A 4151 27.95 18.07 1.59
CA TRP A 4151 27.33 17.34 0.50
C TRP A 4151 25.82 17.47 0.64
N CYS A 4152 25.15 17.77 -0.47
CA CYS A 4152 23.71 17.96 -0.44
C CYS A 4152 22.98 16.72 0.05
N VAL A 4153 23.44 15.54 -0.37
CA VAL A 4153 22.88 14.26 0.04
C VAL A 4153 24.05 13.30 0.24
N PRO A 4154 23.86 12.12 0.82
CA PRO A 4154 25.00 11.21 1.01
C PRO A 4154 25.26 10.35 -0.21
N TYR A 4155 26.54 10.16 -0.51
CA TYR A 4155 27.00 9.38 -1.64
C TYR A 4155 27.97 8.31 -1.17
N GLU A 4156 27.99 7.17 -1.88
CA GLU A 4156 28.56 5.95 -1.34
C GLU A 4156 29.81 5.53 -2.09
N TYR A 4157 30.72 6.49 -2.29
CA TYR A 4157 32.00 6.22 -2.92
C TYR A 4157 32.70 5.06 -2.21
N ASN A 4158 33.35 4.22 -2.99
CA ASN A 4158 34.11 3.11 -2.43
C ASN A 4158 35.27 2.87 -3.39
N TYR A 4159 35.90 1.71 -3.26
CA TYR A 4159 37.18 1.48 -3.91
C TYR A 4159 37.02 1.19 -5.38
N SER A 4160 35.84 0.73 -5.79
CA SER A 4160 35.60 0.36 -7.18
C SER A 4160 36.02 1.48 -8.13
N ASP A 4161 35.61 2.70 -7.82
CA ASP A 4161 36.04 3.85 -8.59
C ASP A 4161 37.55 4.01 -8.53
N LEU A 4162 38.16 3.73 -7.37
CA LEU A 4162 39.60 3.89 -7.25
C LEU A 4162 40.31 3.00 -8.26
N GLU A 4163 40.15 1.68 -8.14
CA GLU A 4163 40.93 0.83 -9.05
C GLU A 4163 40.47 1.00 -10.49
N ALA A 4164 39.26 1.49 -10.74
CA ALA A 4164 38.92 1.90 -12.09
C ALA A 4164 39.89 2.98 -12.59
N SER A 4165 40.06 4.03 -11.77
CA SER A 4165 40.95 5.11 -12.16
C SER A 4165 42.38 4.62 -12.30
N LEU A 4166 42.81 3.75 -11.39
CA LEU A 4166 44.17 3.22 -11.46
C LEU A 4166 44.38 2.43 -12.74
N LEU A 4167 43.39 1.61 -13.13
CA LEU A 4167 43.50 0.85 -14.37
C LEU A 4167 43.63 1.78 -15.57
N TYR A 4168 42.80 2.83 -15.61
CA TYR A 4168 42.93 3.83 -16.67
C TYR A 4168 44.36 4.36 -16.72
N ILE A 4169 44.80 4.99 -15.63
CA ILE A 4169 46.03 5.77 -15.70
C ILE A 4169 47.22 4.86 -15.92
N GLU A 4170 47.17 3.61 -15.46
CA GLU A 4170 48.28 2.72 -15.80
C GLU A 4170 48.30 2.43 -17.29
N LYS A 4171 47.12 2.26 -17.90
CA LYS A 4171 47.12 2.13 -19.36
C LYS A 4171 47.72 3.36 -20.02
N TYR A 4172 47.34 4.54 -19.54
CA TYR A 4172 47.81 5.80 -20.12
C TYR A 4172 49.33 5.91 -20.03
N LEU A 4173 49.89 5.57 -18.87
CA LEU A 4173 51.34 5.71 -18.71
C LEU A 4173 52.09 4.62 -19.46
N THR A 4174 51.59 3.37 -19.42
CA THR A 4174 52.25 2.29 -20.13
C THR A 4174 52.30 2.56 -21.63
N ASN A 4175 51.19 3.02 -22.22
CA ASN A 4175 51.19 3.27 -23.65
C ASN A 4175 51.78 4.64 -24.01
N LEU A 4176 51.95 5.54 -23.03
CA LEU A 4176 52.78 6.71 -23.28
C LEU A 4176 54.25 6.31 -23.36
N MET A 4177 54.75 5.64 -22.33
CA MET A 4177 56.16 5.28 -22.28
C MET A 4177 56.50 4.12 -23.20
N SER A 4178 55.50 3.46 -23.80
CA SER A 4178 55.81 2.42 -24.78
C SER A 4178 56.55 3.00 -25.98
N THR A 4179 56.32 4.28 -26.29
CA THR A 4179 57.03 4.99 -27.34
C THR A 4179 58.20 5.82 -26.81
N PRO A 4180 58.39 5.89 -25.49
CA PRO A 4180 59.47 6.66 -24.91
C PRO A 4180 60.73 5.80 -24.84
N GLN A 4181 61.70 6.11 -25.69
CA GLN A 4181 63.01 5.45 -25.62
C GLN A 4181 63.91 6.05 -24.57
N PRO A 4182 63.59 7.24 -24.05
CA PRO A 4182 64.42 7.90 -23.05
C PRO A 4182 63.57 8.92 -22.32
N ASN A 4183 63.71 8.96 -20.99
CA ASN A 4183 62.94 9.86 -20.13
C ASN A 4183 63.80 11.05 -19.77
N SER A 4184 63.33 12.25 -20.10
CA SER A 4184 64.04 13.48 -19.78
C SER A 4184 64.25 13.58 -18.28
N HIS A 4185 63.16 13.71 -17.53
CA HIS A 4185 63.15 13.45 -16.09
C HIS A 4185 61.94 12.56 -15.82
N ASN A 4186 62.11 11.27 -16.10
CA ASN A 4186 61.19 10.21 -15.71
C ASN A 4186 59.85 10.19 -16.46
N LEU A 4187 59.54 11.21 -17.26
CA LEU A 4187 58.24 11.26 -17.94
C LEU A 4187 58.17 12.50 -18.82
N PRO A 4188 57.19 12.50 -19.72
CA PRO A 4188 56.82 13.65 -20.54
C PRO A 4188 55.31 13.76 -20.64
N ILE A 4189 54.62 13.57 -19.51
CA ILE A 4189 53.17 13.52 -19.51
C ILE A 4189 52.58 14.92 -19.67
N SER A 4190 51.39 14.98 -20.26
CA SER A 4190 50.54 16.18 -20.27
C SER A 4190 49.30 15.82 -19.47
N MET A 4191 49.36 16.02 -18.15
CA MET A 4191 48.31 15.59 -17.24
C MET A 4191 47.26 16.70 -17.11
N ASN A 4192 46.42 16.79 -18.13
CA ASN A 4192 45.15 17.49 -18.05
C ASN A 4192 43.99 16.58 -18.38
N VAL A 4193 44.20 15.55 -19.20
CA VAL A 4193 43.13 14.60 -19.50
C VAL A 4193 42.76 13.84 -18.24
N VAL A 4194 43.75 13.52 -17.41
CA VAL A 4194 43.49 12.73 -16.21
C VAL A 4194 42.59 13.50 -15.27
N ARG A 4195 42.77 14.81 -15.23
CA ARG A 4195 41.85 15.68 -14.50
C ARG A 4195 40.42 15.46 -14.95
N TYR A 4196 40.18 15.59 -16.26
CA TYR A 4196 38.82 15.44 -16.78
C TYR A 4196 38.26 14.06 -16.46
N MET A 4197 39.09 13.03 -16.54
CA MET A 4197 38.61 11.67 -16.31
C MET A 4197 38.24 11.46 -14.85
N ILE A 4198 39.15 11.75 -13.93
CA ILE A 4198 38.82 11.56 -12.53
C ILE A 4198 37.72 12.50 -12.09
N CYS A 4199 37.50 13.60 -12.82
CA CYS A 4199 36.39 14.49 -12.49
C CYS A 4199 35.05 13.91 -12.90
N GLU A 4200 34.86 13.67 -14.20
CA GLU A 4200 33.50 13.49 -14.71
C GLU A 4200 33.11 12.05 -15.01
N VAL A 4201 34.06 11.13 -15.17
CA VAL A 4201 33.74 9.78 -15.62
C VAL A 4201 33.76 8.79 -14.46
N GLN A 4202 34.91 8.64 -13.79
CA GLN A 4202 35.01 7.64 -12.74
C GLN A 4202 34.09 7.98 -11.58
N TYR A 4203 34.31 9.12 -10.95
CA TYR A 4203 33.51 9.55 -9.81
C TYR A 4203 32.24 10.28 -10.21
N GLY A 4204 31.99 10.47 -11.50
CA GLY A 4204 30.78 11.15 -11.88
C GLY A 4204 29.52 10.34 -11.73
N GLY A 4205 29.65 9.04 -11.44
CA GLY A 4205 28.47 8.19 -11.44
C GLY A 4205 27.47 8.56 -10.37
N ARG A 4206 27.95 8.78 -9.14
CA ARG A 4206 27.03 8.95 -8.02
C ARG A 4206 26.32 10.29 -8.04
N ILE A 4207 26.86 11.29 -8.74
CA ILE A 4207 26.54 12.68 -8.45
C ILE A 4207 25.21 13.06 -9.11
N THR A 4208 24.25 13.43 -8.29
CA THR A 4208 22.91 13.82 -8.72
C THR A 4208 22.71 15.32 -8.75
N ASP A 4209 23.51 16.08 -8.02
CA ASP A 4209 23.39 17.53 -7.97
C ASP A 4209 24.24 18.16 -9.07
N ASP A 4210 23.94 19.43 -9.34
CA ASP A 4210 24.76 20.21 -10.28
C ASP A 4210 25.99 20.78 -9.58
N LEU A 4211 25.78 21.47 -8.45
CA LEU A 4211 26.85 22.19 -7.77
C LEU A 4211 28.01 21.26 -7.41
N ASP A 4212 27.70 20.01 -7.06
CA ASP A 4212 28.74 19.06 -6.68
C ASP A 4212 29.73 18.85 -7.81
N ARG A 4213 29.29 18.98 -9.07
CA ARG A 4213 30.20 18.79 -10.19
C ARG A 4213 31.38 19.76 -10.11
N GLU A 4214 31.08 21.06 -10.08
CA GLU A 4214 32.17 22.03 -10.06
C GLU A 4214 32.87 22.07 -8.72
N LEU A 4215 32.17 21.72 -7.63
CA LEU A 4215 32.84 21.58 -6.35
C LEU A 4215 33.94 20.53 -6.42
N PHE A 4216 33.61 19.37 -7.00
CA PHE A 4216 34.59 18.30 -7.10
C PHE A 4216 35.69 18.67 -8.08
N ILE A 4217 35.37 19.38 -9.16
CA ILE A 4217 36.41 19.88 -10.06
C ILE A 4217 37.36 20.79 -9.31
N THR A 4218 36.82 21.64 -8.42
CA THR A 4218 37.68 22.52 -7.64
C THR A 4218 38.62 21.73 -6.75
N TYR A 4219 38.11 20.69 -6.08
CA TYR A 4219 38.97 19.85 -5.26
C TYR A 4219 40.09 19.27 -6.11
N GLY A 4220 39.75 18.81 -7.32
CA GLY A 4220 40.77 18.34 -8.23
C GLY A 4220 41.82 19.40 -8.51
N GLU A 4221 41.38 20.63 -8.79
CA GLU A 4221 42.31 21.73 -9.07
C GLU A 4221 43.26 21.94 -7.90
N THR A 4222 42.72 22.09 -6.70
CA THR A 4222 43.58 22.49 -5.59
C THR A 4222 44.50 21.36 -5.16
N TYR A 4223 44.09 20.10 -5.30
CA TYR A 4223 44.94 19.02 -4.81
C TYR A 4223 45.93 18.54 -5.86
N LEU A 4224 45.52 18.37 -7.12
CA LEU A 4224 46.46 17.94 -8.15
C LEU A 4224 47.52 19.01 -8.42
N LYS A 4225 47.11 20.28 -8.40
CA LYS A 4225 47.93 21.48 -8.66
C LYS A 4225 48.19 21.68 -10.15
N ASP A 4226 47.79 20.76 -11.03
CA ASP A 4226 48.15 20.71 -12.45
C ASP A 4226 49.63 20.40 -12.67
N GLY A 4227 50.33 19.90 -11.67
CA GLY A 4227 51.70 19.46 -11.90
C GLY A 4227 52.23 18.73 -10.69
N ILE A 4228 53.20 17.85 -10.94
CA ILE A 4228 53.91 17.14 -9.90
C ILE A 4228 55.16 17.96 -9.61
N PHE A 4229 55.04 18.82 -8.60
CA PHE A 4229 56.13 19.72 -8.22
C PHE A 4229 57.42 18.97 -7.93
N GLY A 4230 57.34 17.90 -7.13
CA GLY A 4230 58.52 17.22 -6.63
C GLY A 4230 59.10 17.83 -5.36
N ASN A 4231 59.01 19.15 -5.20
CA ASN A 4231 59.51 19.87 -4.02
C ASN A 4231 58.48 20.93 -3.62
N ASP A 4232 57.57 20.57 -2.72
CA ASP A 4232 56.63 21.54 -2.16
C ASP A 4232 55.94 20.92 -0.96
N TYR A 4233 55.34 21.79 -0.14
CA TYR A 4233 54.65 21.39 1.08
C TYR A 4233 53.15 21.36 0.82
N PHE A 4234 52.58 20.17 0.91
CA PHE A 4234 51.13 20.00 0.79
C PHE A 4234 50.43 20.80 1.88
N PHE A 4235 49.25 21.36 1.55
CA PHE A 4235 48.68 22.50 2.30
C PHE A 4235 48.68 22.35 3.83
N PRO A 4252 49.35 17.50 6.66
CA PRO A 4252 49.46 17.60 5.20
C PRO A 4252 50.92 17.67 4.73
N GLN A 4253 51.62 16.53 4.78
CA GLN A 4253 53.02 16.43 4.42
C GLN A 4253 53.15 15.75 3.06
N ASN A 4254 54.39 15.42 2.68
CA ASN A 4254 54.69 14.81 1.39
C ASN A 4254 55.76 13.74 1.54
N PRO A 4255 55.76 12.74 0.67
CA PRO A 4255 56.37 11.45 1.00
C PRO A 4255 57.82 11.28 0.57
N SER A 4256 58.40 10.17 1.04
CA SER A 4256 59.56 9.51 0.45
C SER A 4256 59.07 8.25 -0.24
N ALA A 4257 60.00 7.44 -0.74
CA ALA A 4257 59.69 6.41 -1.74
C ALA A 4257 59.85 4.98 -1.22
N GLU A 4258 59.48 4.71 0.04
CA GLU A 4258 59.57 3.38 0.63
C GLU A 4258 58.28 3.02 1.35
N LEU A 4259 58.02 1.71 1.45
CA LEU A 4259 56.70 1.23 1.86
C LEU A 4259 56.45 1.45 3.35
N ILE A 4260 57.30 0.86 4.19
CA ILE A 4260 57.18 1.07 5.63
C ILE A 4260 57.29 2.55 5.99
N LYS A 4261 57.95 3.34 5.14
CA LYS A 4261 57.91 4.79 5.32
C LYS A 4261 56.50 5.32 5.15
N TYR A 4262 55.72 4.77 4.21
CA TYR A 4262 54.31 5.17 4.14
C TYR A 4262 53.57 4.78 5.40
N GLN A 4263 53.87 3.59 5.93
CA GLN A 4263 53.23 3.19 7.18
C GLN A 4263 53.55 4.18 8.30
N GLU A 4264 54.82 4.57 8.41
CA GLU A 4264 55.21 5.55 9.41
C GLU A 4264 54.55 6.91 9.14
N TYR A 4265 54.49 7.30 7.87
CA TYR A 4265 53.81 8.53 7.47
C TYR A 4265 52.40 8.55 8.02
N ILE A 4266 51.70 7.42 7.89
CA ILE A 4266 50.39 7.30 8.52
C ILE A 4266 50.52 7.42 10.03
N ALA A 4267 51.58 6.87 10.61
CA ALA A 4267 51.71 6.84 12.05
C ALA A 4267 51.80 8.25 12.64
N LYS A 4268 52.51 9.15 11.95
CA LYS A 4268 52.68 10.51 12.46
C LYS A 4268 51.47 11.41 12.17
N VAL A 4269 50.47 10.93 11.46
CA VAL A 4269 49.28 11.75 11.19
C VAL A 4269 48.51 11.95 12.48
N PRO A 4270 47.95 13.13 12.76
CA PRO A 4270 47.15 13.29 13.98
C PRO A 4270 45.88 12.47 13.94
N THR A 4271 45.35 12.20 15.14
CA THR A 4271 44.11 11.42 15.25
C THR A 4271 42.91 12.28 14.86
N VAL A 4272 42.67 13.37 15.58
CA VAL A 4272 41.61 14.32 15.26
C VAL A 4272 42.26 15.52 14.58
N ASP A 4273 41.72 15.89 13.42
CA ASP A 4273 42.19 17.01 12.63
C ASP A 4273 41.22 18.18 12.80
N ASN A 4274 41.49 19.27 12.07
CA ASN A 4274 40.63 20.42 12.05
C ASN A 4274 40.16 20.69 10.62
N PRO A 4275 38.95 21.24 10.45
CA PRO A 4275 38.32 21.22 9.13
C PRO A 4275 38.98 22.13 8.11
N GLU A 4276 39.88 23.01 8.53
CA GLU A 4276 40.64 23.79 7.55
C GLU A 4276 41.55 22.91 6.71
N VAL A 4277 41.78 21.66 7.09
CA VAL A 4277 42.45 20.73 6.19
C VAL A 4277 41.64 20.59 4.90
N PHE A 4278 40.32 20.55 5.01
CA PHE A 4278 39.45 20.53 3.85
C PHE A 4278 39.29 21.90 3.20
N GLY A 4279 39.85 22.94 3.80
CA GLY A 4279 39.49 24.30 3.47
C GLY A 4279 38.29 24.83 4.20
N LEU A 4280 37.61 24.01 5.00
CA LEU A 4280 36.33 24.37 5.58
C LEU A 4280 36.49 24.96 6.98
N HIS A 4281 35.61 25.91 7.30
CA HIS A 4281 35.79 26.75 8.47
C HIS A 4281 35.62 25.97 9.77
N SER A 4282 36.38 26.39 10.80
CA SER A 4282 36.37 25.74 12.11
C SER A 4282 34.96 25.56 12.67
N ASN A 4283 34.12 26.58 12.55
CA ASN A 4283 32.82 26.58 13.21
C ASN A 4283 31.94 25.41 12.78
N ALA A 4284 32.22 24.83 11.61
CA ALA A 4284 31.50 23.63 11.16
C ALA A 4284 31.49 22.57 12.26
N ASP A 4285 32.67 22.32 12.85
CA ASP A 4285 32.84 21.40 13.97
C ASP A 4285 31.70 21.49 14.96
N LEU A 4286 31.38 22.73 15.36
CA LEU A 4286 30.40 22.97 16.40
C LEU A 4286 29.11 22.20 16.15
N THR A 4287 28.47 22.43 15.00
CA THR A 4287 27.13 21.87 14.82
C THR A 4287 27.17 20.36 14.88
N PHE A 4288 28.23 19.77 14.29
CA PHE A 4288 28.34 18.31 14.26
C PHE A 4288 28.27 17.76 15.66
N ARG A 4289 29.12 18.31 16.55
CA ARG A 4289 29.23 17.76 17.90
C ARG A 4289 27.88 17.84 18.60
N LEU A 4290 27.17 18.96 18.42
CA LEU A 4290 25.92 19.14 19.13
C LEU A 4290 24.95 18.03 18.77
N LYS A 4291 24.73 17.81 17.47
CA LYS A 4291 23.76 16.79 17.10
C LYS A 4291 24.26 15.44 17.55
N GLU A 4292 25.57 15.22 17.46
CA GLU A 4292 26.14 13.96 17.91
C GLU A 4292 25.83 13.76 19.38
N SER A 4293 26.14 14.76 20.21
CA SER A 4293 25.82 14.63 21.63
C SER A 4293 24.33 14.43 21.80
N LYS A 4294 23.53 15.15 21.01
CA LYS A 4294 22.09 15.14 21.22
C LYS A 4294 21.51 13.75 21.01
N GLU A 4295 22.14 12.92 20.18
CA GLU A 4295 21.59 11.58 20.02
C GLU A 4295 22.17 10.61 21.04
N MET A 4296 23.44 10.81 21.43
CA MET A 4296 24.17 9.77 22.15
C MET A 4296 23.48 9.42 23.45
N ILE A 4297 23.28 10.43 24.30
CA ILE A 4297 22.63 10.22 25.59
C ILE A 4297 21.25 9.62 25.38
N ASN A 4298 20.54 10.07 24.33
CA ASN A 4298 19.18 9.59 24.10
C ASN A 4298 19.15 8.08 23.96
N THR A 4299 20.17 7.51 23.31
CA THR A 4299 20.28 6.06 23.20
C THR A 4299 20.17 5.42 24.59
N VAL A 4300 21.09 5.79 25.48
CA VAL A 4300 21.08 5.18 26.81
C VAL A 4300 19.83 5.61 27.56
N MET A 4301 19.27 6.77 27.22
CA MET A 4301 18.07 7.23 27.90
C MET A 4301 16.91 6.29 27.66
N GLU A 4302 16.97 5.48 26.60
CA GLU A 4302 15.90 4.52 26.37
C GLU A 4302 15.99 3.32 27.32
N THR A 4303 17.17 3.01 27.85
CA THR A 4303 17.35 1.76 28.59
C THR A 4303 16.83 1.82 30.02
N ARG A 4304 16.30 2.95 30.46
CA ARG A 4304 15.84 3.04 31.84
C ARG A 4304 14.57 2.20 32.02
N PRO A 4305 14.30 1.71 33.24
CA PRO A 4305 13.03 1.02 33.47
C PRO A 4305 11.89 1.98 33.73
N ARG A 4316 -4.11 10.82 26.84
CA ARG A 4316 -3.80 11.93 25.92
C ARG A 4316 -5.01 12.82 25.75
N GLU A 4317 -6.19 12.21 25.62
CA GLU A 4317 -7.41 12.93 25.32
C GLU A 4317 -7.80 13.73 26.55
N GLU A 4318 -7.14 14.87 26.71
CA GLU A 4318 -7.22 15.70 27.91
C GLU A 4318 -7.04 17.14 27.46
N ILE A 4319 -6.73 18.05 28.40
CA ILE A 4319 -6.78 19.50 28.17
C ILE A 4319 -5.93 19.97 26.98
N VAL A 4320 -5.06 19.11 26.44
CA VAL A 4320 -4.34 19.43 25.21
C VAL A 4320 -5.32 19.70 24.07
N GLN A 4321 -6.36 18.87 23.92
CA GLN A 4321 -7.35 19.18 22.90
C GLN A 4321 -8.07 20.47 23.22
N ASP A 4322 -8.23 20.80 24.50
CA ASP A 4322 -8.78 22.12 24.84
C ASP A 4322 -7.82 23.24 24.48
N LYS A 4323 -6.51 23.00 24.59
CA LYS A 4323 -5.55 23.99 24.12
C LYS A 4323 -5.69 24.23 22.62
N ALA A 4324 -5.82 23.15 21.84
CA ALA A 4324 -6.06 23.31 20.40
C ALA A 4324 -7.39 24.01 20.15
N LYS A 4325 -8.39 23.67 20.95
CA LYS A 4325 -9.70 24.29 20.85
C LYS A 4325 -9.60 25.80 21.00
N ASP A 4326 -8.77 26.25 21.94
CA ASP A 4326 -8.54 27.68 22.09
C ASP A 4326 -7.69 28.22 20.95
N MET A 4327 -6.82 27.41 20.37
CA MET A 4327 -6.01 27.86 19.25
C MET A 4327 -6.88 28.23 18.05
N LEU A 4328 -7.80 27.33 17.66
CA LEU A 4328 -8.47 27.48 16.37
C LEU A 4328 -9.29 28.74 16.27
N LYS A 4329 -9.61 29.37 17.39
CA LYS A 4329 -10.21 30.70 17.42
C LYS A 4329 -9.15 31.80 17.46
N ASN A 4330 -7.97 31.56 16.89
CA ASN A 4330 -6.93 32.57 16.76
C ASN A 4330 -6.34 32.69 15.37
N LEU A 4331 -6.45 31.66 14.52
CA LEU A 4331 -6.03 31.82 13.12
C LEU A 4331 -7.07 32.63 12.36
N PRO A 4332 -6.67 33.29 11.28
CA PRO A 4332 -7.51 34.34 10.70
C PRO A 4332 -8.66 33.76 9.89
N PRO A 4333 -9.61 34.58 9.47
CA PRO A 4333 -10.73 34.07 8.68
C PRO A 4333 -10.35 33.88 7.22
N ASP A 4334 -11.20 33.13 6.52
CA ASP A 4334 -11.02 32.90 5.10
C ASP A 4334 -11.22 34.20 4.32
N TYR A 4335 -10.81 34.18 3.05
CA TYR A 4335 -11.05 35.28 2.11
C TYR A 4335 -11.90 34.71 0.97
N ASN A 4336 -13.19 35.04 0.99
CA ASN A 4336 -14.09 34.56 -0.05
C ASN A 4336 -13.70 35.11 -1.41
N ASP A 4337 -13.65 34.23 -2.43
CA ASP A 4337 -13.17 34.64 -3.74
C ASP A 4337 -14.08 35.68 -4.39
N VAL A 4338 -15.36 35.67 -4.07
CA VAL A 4338 -16.26 36.67 -4.63
C VAL A 4338 -15.86 38.06 -4.18
N GLU A 4339 -15.29 38.18 -2.97
CA GLU A 4339 -14.73 39.43 -2.52
C GLU A 4339 -13.34 39.67 -3.09
N VAL A 4340 -12.51 38.63 -3.12
CA VAL A 4340 -11.09 38.81 -3.45
C VAL A 4340 -10.94 39.16 -4.93
N ARG A 4341 -11.70 38.51 -5.81
CA ARG A 4341 -11.63 38.82 -7.23
C ARG A 4341 -11.97 40.29 -7.46
N GLU A 4342 -13.03 40.75 -6.80
CA GLU A 4342 -13.35 42.16 -6.75
C GLU A 4342 -12.11 42.97 -6.38
N LEU A 4343 -11.59 42.73 -5.17
CA LEU A 4343 -10.57 43.61 -4.62
C LEU A 4343 -9.31 43.65 -5.49
N VAL A 4344 -8.91 42.51 -6.04
CA VAL A 4344 -7.73 42.50 -6.90
C VAL A 4344 -8.03 43.24 -8.20
N SER A 4345 -9.24 43.10 -8.73
CA SER A 4345 -9.57 43.82 -9.95
C SER A 4345 -9.64 45.33 -9.73
N LYS A 4346 -9.98 45.76 -8.50
CA LYS A 4346 -10.25 47.18 -8.27
C LYS A 4346 -8.99 48.02 -8.43
N LEU A 4347 -7.85 47.55 -7.93
CA LEU A 4347 -6.64 48.35 -7.85
C LEU A 4347 -5.42 47.53 -8.23
N GLY A 4348 -4.54 48.14 -9.02
CA GLY A 4348 -3.28 47.50 -9.37
C GLY A 4348 -2.51 48.23 -10.45
N GLY A 4349 -1.19 48.32 -10.28
CA GLY A 4349 -0.33 48.89 -11.29
C GLY A 4349 1.13 48.80 -10.89
N PRO A 4350 2.05 48.86 -11.85
CA PRO A 4350 3.48 48.88 -11.47
C PRO A 4350 3.89 50.19 -10.86
N ASN A 4351 3.38 51.31 -11.39
CA ASN A 4351 3.72 52.64 -10.96
C ASN A 4351 2.43 53.45 -11.13
N PRO A 4352 1.95 54.17 -10.09
CA PRO A 4352 0.68 54.91 -10.27
C PRO A 4352 0.70 55.90 -11.42
N LYS A 4353 1.83 56.57 -11.65
CA LYS A 4353 1.90 57.50 -12.77
C LYS A 4353 1.83 56.76 -14.10
N THR A 4354 2.54 55.63 -14.20
CA THR A 4354 2.68 54.96 -15.49
C THR A 4354 1.35 54.44 -16.00
N SER A 4355 0.52 53.86 -15.12
CA SER A 4355 -0.70 53.18 -15.53
C SER A 4355 -1.81 53.41 -14.52
N THR A 4356 -3.03 53.36 -15.03
CA THR A 4356 -4.26 53.37 -14.23
C THR A 4356 -4.53 51.96 -13.69
N GLU A 4357 -5.41 51.89 -12.68
CA GLU A 4357 -5.71 50.63 -12.00
C GLU A 4357 -6.17 49.56 -12.97
N ARG A 4358 -5.72 48.34 -12.74
CA ARG A 4358 -6.04 47.24 -13.63
C ARG A 4358 -5.67 45.92 -12.96
N GLY A 4359 -6.29 44.84 -13.45
CA GLY A 4359 -6.20 43.54 -12.83
C GLY A 4359 -5.25 42.60 -13.54
N MET A 4360 -5.81 41.76 -14.40
CA MET A 4360 -5.10 40.69 -15.12
C MET A 4360 -3.76 41.11 -15.70
N THR A 4361 -3.68 42.33 -16.23
CA THR A 4361 -2.60 42.66 -17.15
C THR A 4361 -1.26 42.74 -16.46
N VAL A 4362 -1.24 43.19 -15.21
CA VAL A 4362 0.00 43.43 -14.48
C VAL A 4362 0.41 42.12 -13.81
N PRO A 4363 1.65 41.62 -14.02
CA PRO A 4363 2.02 40.32 -13.42
C PRO A 4363 1.86 40.23 -11.92
N LEU A 4364 2.10 41.30 -11.19
CA LEU A 4364 2.07 41.18 -9.74
C LEU A 4364 0.65 41.00 -9.22
N ASN A 4365 -0.35 41.50 -9.94
CA ASN A 4365 -1.73 41.27 -9.51
C ASN A 4365 -2.15 39.80 -9.69
N ILE A 4366 -1.82 39.22 -10.84
CA ILE A 4366 -2.14 37.81 -11.02
C ILE A 4366 -1.37 36.97 -10.00
N PHE A 4367 -0.16 37.38 -9.66
CA PHE A 4367 0.57 36.66 -8.61
C PHE A 4367 -0.15 36.79 -7.27
N LEU A 4368 -0.67 37.98 -6.98
CA LEU A 4368 -1.46 38.18 -5.77
C LEU A 4368 -2.63 37.19 -5.72
N TYR A 4369 -3.35 37.07 -6.83
CA TYR A 4369 -4.50 36.17 -6.86
C TYR A 4369 -4.07 34.72 -6.65
N GLN A 4370 -3.01 34.28 -7.34
CA GLN A 4370 -2.57 32.90 -7.20
C GLN A 4370 -2.16 32.60 -5.75
N GLU A 4371 -1.43 33.52 -5.14
CA GLU A 4371 -0.96 33.29 -3.78
C GLU A 4371 -2.12 33.24 -2.79
N VAL A 4372 -3.09 34.16 -2.93
CA VAL A 4372 -4.25 34.14 -2.06
C VAL A 4372 -5.00 32.83 -2.23
N THR A 4373 -5.07 32.33 -3.46
CA THR A 4373 -5.76 31.07 -3.71
C THR A 4373 -5.13 29.93 -2.91
N ARG A 4374 -3.81 29.76 -3.02
CA ARG A 4374 -3.18 28.65 -2.32
C ARG A 4374 -3.27 28.83 -0.80
N MET A 4375 -3.13 30.08 -0.33
CA MET A 4375 -3.23 30.34 1.10
C MET A 4375 -4.60 29.91 1.64
N GLN A 4376 -5.66 30.27 0.92
CA GLN A 4376 -7.00 29.87 1.36
C GLN A 4376 -7.17 28.37 1.31
N ARG A 4377 -6.58 27.73 0.30
CA ARG A 4377 -6.65 26.28 0.21
C ARG A 4377 -6.08 25.62 1.46
N VAL A 4378 -5.01 26.19 2.02
CA VAL A 4378 -4.46 25.61 3.25
C VAL A 4378 -5.29 26.02 4.48
N ILE A 4379 -5.79 27.26 4.51
CA ILE A 4379 -6.51 27.74 5.68
C ILE A 4379 -7.76 26.90 5.92
N GLY A 4380 -8.49 26.60 4.84
CA GLY A 4380 -9.70 25.81 5.00
C GLY A 4380 -9.40 24.44 5.57
N LEU A 4381 -8.35 23.80 5.07
CA LEU A 4381 -8.01 22.46 5.55
C LEU A 4381 -7.67 22.49 7.02
N VAL A 4382 -6.87 23.47 7.46
CA VAL A 4382 -6.47 23.49 8.87
C VAL A 4382 -7.70 23.69 9.75
N ARG A 4383 -8.56 24.66 9.41
CA ARG A 4383 -9.72 24.92 10.26
C ARG A 4383 -10.62 23.69 10.34
N LYS A 4384 -10.84 23.05 9.19
CA LYS A 4384 -11.71 21.88 9.16
C LYS A 4384 -11.14 20.74 10.00
N THR A 4385 -9.85 20.45 9.87
CA THR A 4385 -9.34 19.28 10.58
C THR A 4385 -9.23 19.54 12.07
N LEU A 4386 -8.88 20.76 12.49
CA LEU A 4386 -8.89 21.05 13.92
C LEU A 4386 -10.29 20.80 14.48
N GLN A 4387 -11.30 21.35 13.79
CA GLN A 4387 -12.68 21.10 14.19
C GLN A 4387 -12.93 19.60 14.31
N ASP A 4388 -12.81 18.86 13.20
CA ASP A 4388 -13.18 17.45 13.23
C ASP A 4388 -12.28 16.61 14.13
N THR A 4389 -11.12 17.12 14.55
CA THR A 4389 -10.35 16.44 15.58
C THR A 4389 -10.98 16.64 16.94
N ILE A 4390 -11.44 17.85 17.25
CA ILE A 4390 -12.07 18.07 18.55
C ILE A 4390 -13.53 17.64 18.57
N LEU A 4391 -14.20 17.58 17.41
CA LEU A 4391 -15.60 17.19 17.32
C LEU A 4391 -15.81 15.66 17.27
N ALA A 4392 -14.81 14.86 17.64
CA ALA A 4392 -14.99 13.42 17.85
C ALA A 4392 -15.25 13.05 19.29
N ILE A 4393 -14.62 13.76 20.24
CA ILE A 4393 -14.78 13.50 21.67
C ILE A 4393 -15.83 14.44 22.24
N ASP A 4394 -15.55 15.75 22.20
CA ASP A 4394 -16.57 16.72 22.61
C ASP A 4394 -17.75 16.69 21.65
N GLY A 4395 -17.47 16.63 20.36
CA GLY A 4395 -18.48 16.28 19.38
C GLY A 4395 -18.58 14.77 19.26
N GLN A 4396 -19.34 14.34 18.25
CA GLN A 4396 -19.55 12.91 18.02
C GLN A 4396 -19.34 12.59 16.55
N ILE A 4397 -18.50 11.60 16.30
CA ILE A 4397 -18.34 10.98 14.99
C ILE A 4397 -17.57 9.68 15.18
N ILE A 4398 -17.77 8.72 14.29
CA ILE A 4398 -17.04 7.46 14.38
C ILE A 4398 -15.57 7.75 14.17
N MET A 4399 -14.74 7.32 15.13
CA MET A 4399 -13.35 7.75 15.18
C MET A 4399 -12.60 7.32 13.93
N THR A 4400 -11.82 8.26 13.38
CA THR A 4400 -11.02 8.06 12.19
C THR A 4400 -9.58 7.71 12.57
N PRO A 4401 -8.82 6.99 11.74
CA PRO A 4401 -7.40 6.84 12.06
C PRO A 4401 -6.60 8.11 11.82
N GLU A 4402 -6.90 8.82 10.73
CA GLU A 4402 -6.22 10.08 10.45
C GLU A 4402 -6.36 11.05 11.60
N ILE A 4403 -7.55 11.15 12.18
CA ILE A 4403 -7.78 12.07 13.28
C ILE A 4403 -6.98 11.65 14.50
N LEU A 4404 -6.84 10.34 14.73
CA LEU A 4404 -6.03 9.89 15.85
C LEU A 4404 -4.57 10.28 15.65
N GLU A 4405 -4.07 10.11 14.43
CA GLU A 4405 -2.71 10.57 14.11
C GLU A 4405 -2.59 12.07 14.37
N ALA A 4406 -3.62 12.84 14.01
CA ALA A 4406 -3.60 14.27 14.25
C ALA A 4406 -3.52 14.59 15.74
N ILE A 4407 -4.27 13.85 16.56
CA ILE A 4407 -4.22 14.06 18.02
C ILE A 4407 -2.80 13.83 18.52
N ASN A 4408 -2.20 12.71 18.12
CA ASN A 4408 -0.85 12.39 18.56
C ASN A 4408 0.14 13.46 18.14
N ALA A 4409 0.01 13.94 16.90
CA ALA A 4409 0.91 15.00 16.43
C ALA A 4409 0.71 16.28 17.21
N ILE A 4410 -0.53 16.62 17.55
CA ILE A 4410 -0.78 17.85 18.30
C ILE A 4410 -0.13 17.78 19.67
N TYR A 4411 -0.16 16.61 20.31
CA TYR A 4411 0.53 16.51 21.60
C TYR A 4411 2.03 16.69 21.45
N ASP A 4412 2.62 16.11 20.41
CA ASP A 4412 4.06 16.21 20.19
C ASP A 4412 4.38 17.53 19.49
N ALA A 4413 5.67 17.74 19.23
CA ALA A 4413 6.11 18.98 18.58
C ALA A 4413 5.73 19.00 17.10
N LYS A 4414 5.79 17.85 16.43
CA LYS A 4414 5.60 17.81 14.98
C LYS A 4414 4.13 17.98 14.63
N VAL A 4415 3.85 18.86 13.66
CA VAL A 4415 2.53 19.02 13.05
C VAL A 4415 2.16 17.71 12.36
N PRO A 4416 0.88 17.42 12.15
CA PRO A 4416 0.52 16.19 11.43
C PRO A 4416 0.96 16.26 9.98
N ASN A 4417 1.11 15.08 9.39
CA ASN A 4417 1.41 14.97 7.96
C ASN A 4417 0.32 15.59 7.10
N SER A 4418 -0.88 15.77 7.64
CA SER A 4418 -1.99 16.30 6.87
C SER A 4418 -1.72 17.71 6.33
N TRP A 4419 -0.79 18.45 6.92
CA TRP A 4419 -0.54 19.83 6.52
C TRP A 4419 0.76 20.03 5.77
N LEU A 4420 1.56 18.99 5.57
CA LEU A 4420 2.81 19.09 4.84
C LEU A 4420 2.74 18.35 3.51
N TYR A 4421 2.42 17.07 3.52
CA TYR A 4421 2.54 16.21 2.36
C TYR A 4421 1.18 15.63 1.95
N ASP A 4422 1.19 15.01 0.78
CA ASP A 4422 0.07 14.35 0.13
C ASP A 4422 0.61 13.07 -0.48
N PRO A 4423 -0.21 12.22 -1.12
CA PRO A 4423 0.33 10.97 -1.68
C PRO A 4423 1.51 11.16 -2.63
N SER A 4424 1.50 12.21 -3.46
CA SER A 4424 2.63 12.53 -4.32
C SER A 4424 3.56 13.56 -3.69
N GLY A 4425 3.06 14.78 -3.49
CA GLY A 4425 3.80 15.79 -2.76
C GLY A 4425 3.06 17.12 -2.80
N ALA A 4426 2.89 17.76 -1.65
CA ALA A 4426 2.18 19.03 -1.56
C ALA A 4426 2.80 19.93 -0.51
N GLU A 4427 4.13 20.03 -0.52
CA GLU A 4427 4.84 20.76 0.53
C GLU A 4427 4.34 22.19 0.63
N ILE A 4428 4.02 22.63 1.86
CA ILE A 4428 3.42 23.93 2.09
C ILE A 4428 4.40 24.84 2.83
N SER A 4429 4.61 24.57 4.10
CA SER A 4429 5.45 25.39 4.95
C SER A 4429 6.08 24.54 6.03
N TRP A 4430 6.70 23.42 5.68
CA TRP A 4430 7.10 22.45 6.71
C TRP A 4430 8.19 23.04 7.60
N LEU A 4431 7.83 23.32 8.84
CA LEU A 4431 8.73 23.81 9.89
C LEU A 4431 8.55 22.91 11.11
N LEU A 4432 9.47 23.00 12.07
CA LEU A 4432 9.47 22.04 13.16
C LEU A 4432 8.27 22.15 14.08
N PRO A 4433 8.01 23.27 14.76
CA PRO A 4433 7.14 23.21 15.92
C PRO A 4433 5.69 23.09 15.50
N ASN A 4434 4.84 22.72 16.46
CA ASN A 4434 3.41 22.72 16.17
C ASN A 4434 2.91 24.14 15.89
N LEU A 4435 3.20 25.07 16.81
CA LEU A 4435 2.79 26.46 16.69
C LEU A 4435 3.92 27.45 16.84
N GLY A 4436 5.06 27.04 17.40
CA GLY A 4436 6.14 27.98 17.67
C GLY A 4436 6.61 28.72 16.45
N SER A 4437 6.69 28.03 15.32
CA SER A 4437 7.10 28.65 14.06
C SER A 4437 6.14 28.39 12.92
N TRP A 4438 5.51 27.21 12.88
CA TRP A 4438 4.66 26.84 11.75
C TRP A 4438 3.50 27.82 11.62
N SER A 4439 2.61 27.85 12.60
CA SER A 4439 1.50 28.77 12.57
C SER A 4439 1.99 30.21 12.62
N THR A 4440 3.10 30.45 13.30
CA THR A 4440 3.70 31.79 13.28
C THR A 4440 4.03 32.19 11.86
N SER A 4441 4.70 31.31 11.11
CA SER A 4441 5.05 31.60 9.73
C SER A 4441 3.80 31.81 8.87
N LEU A 4442 2.81 30.95 9.02
CA LEU A 4442 1.59 31.09 8.22
C LEU A 4442 0.88 32.40 8.55
N SER A 4443 0.85 32.77 9.83
CA SER A 4443 0.24 34.04 10.22
C SER A 4443 0.98 35.21 9.60
N ASP A 4444 2.31 35.18 9.62
CA ASP A 4444 3.08 36.29 9.03
C ASP A 4444 2.81 36.39 7.54
N ARG A 4445 2.79 35.24 6.85
CA ARG A 4445 2.50 35.22 5.43
C ARG A 4445 1.16 35.86 5.15
N ASN A 4446 0.12 35.46 5.88
CA ASN A 4446 -1.21 35.99 5.62
C ASN A 4446 -1.28 37.48 5.97
N LYS A 4447 -0.60 37.91 7.03
CA LYS A 4447 -0.59 39.33 7.39
C LYS A 4447 -0.03 40.17 6.24
N GLN A 4448 1.16 39.81 5.76
CA GLN A 4448 1.76 40.58 4.69
C GLN A 4448 0.92 40.52 3.43
N LEU A 4449 0.34 39.35 3.14
CA LEU A 4449 -0.47 39.21 1.93
C LEU A 4449 -1.72 40.06 2.02
N ASN A 4450 -2.34 40.13 3.19
CA ASN A 4450 -3.53 40.95 3.35
C ASN A 4450 -3.20 42.43 3.17
N ASP A 4451 -2.15 42.90 3.84
CA ASP A 4451 -1.79 44.31 3.67
C ASP A 4451 -1.33 44.61 2.25
N TRP A 4452 -0.80 43.60 1.55
CA TRP A 4452 -0.54 43.68 0.13
C TRP A 4452 -1.82 43.71 -0.70
N LEU A 4453 -2.98 43.46 -0.09
CA LEU A 4453 -4.27 43.38 -0.77
C LEU A 4453 -5.27 44.41 -0.27
N ARG A 4454 -5.53 44.45 1.04
CA ARG A 4454 -6.65 45.26 1.55
C ARG A 4454 -6.40 46.75 1.30
N SER A 4455 -5.25 47.25 1.74
CA SER A 4455 -4.82 48.56 1.26
C SER A 4455 -4.61 48.52 -0.24
N GLY A 4456 -4.02 47.44 -0.72
CA GLY A 4456 -3.77 47.26 -2.14
C GLY A 4456 -2.53 47.94 -2.64
N GLN A 4457 -1.82 48.67 -1.80
CA GLN A 4457 -0.62 49.39 -2.23
C GLN A 4457 0.59 48.48 -2.14
N ARG A 4458 1.52 48.70 -3.06
CA ARG A 4458 2.75 47.93 -3.10
C ARG A 4458 3.70 48.42 -2.03
N PRO A 4459 4.00 47.63 -1.00
CA PRO A 4459 4.94 48.11 0.02
C PRO A 4459 6.37 47.88 -0.44
N ILE A 4460 7.28 48.51 0.26
CA ILE A 4460 8.70 48.30 0.06
C ILE A 4460 9.11 47.10 0.91
N LEU A 4461 10.29 46.54 0.60
CA LEU A 4461 10.88 45.46 1.40
C LEU A 4461 9.99 44.22 1.41
N PHE A 4462 9.89 43.59 0.23
CA PHE A 4462 9.17 42.34 0.11
C PHE A 4462 9.88 41.23 0.87
N TRP A 4463 9.10 40.31 1.42
CA TRP A 4463 9.60 39.16 2.17
C TRP A 4463 9.53 37.93 1.25
N LEU A 4464 10.69 37.50 0.76
CA LEU A 4464 10.70 36.46 -0.27
C LEU A 4464 10.24 35.12 0.28
N THR A 4465 10.50 34.85 1.56
CA THR A 4465 10.18 33.54 2.12
C THR A 4465 8.69 33.26 2.06
N GLY A 4466 7.86 34.30 2.17
CA GLY A 4466 6.42 34.07 2.23
C GLY A 4466 5.83 33.50 0.97
N PHE A 4467 6.36 33.89 -0.19
CA PHE A 4467 5.78 33.46 -1.45
C PHE A 4467 6.00 31.97 -1.67
N PHE A 4468 4.94 31.30 -2.11
CA PHE A 4468 5.04 29.87 -2.37
C PHE A 4468 5.96 29.57 -3.55
N ASN A 4469 5.91 30.40 -4.59
CA ASN A 4469 6.69 30.22 -5.82
C ASN A 4469 7.52 31.48 -6.06
N PRO A 4470 8.70 31.59 -5.46
CA PRO A 4470 9.53 32.80 -5.64
C PRO A 4470 9.91 33.10 -7.09
N GLN A 4471 10.12 32.05 -7.88
CA GLN A 4471 10.65 32.25 -9.22
C GLN A 4471 9.67 33.05 -10.05
N GLY A 4472 8.38 32.78 -9.90
CA GLY A 4472 7.38 33.55 -10.61
C GLY A 4472 7.46 35.04 -10.28
N PHE A 4473 7.76 35.36 -9.03
CA PHE A 4473 8.02 36.74 -8.66
C PHE A 4473 9.10 37.34 -9.53
N LEU A 4474 10.25 36.65 -9.63
CA LEU A 4474 11.35 37.24 -10.39
C LEU A 4474 11.02 37.36 -11.88
N THR A 4475 10.41 36.34 -12.47
CA THR A 4475 10.14 36.43 -13.90
C THR A 4475 9.07 37.47 -14.20
N GLY A 4476 8.13 37.65 -13.27
CA GLY A 4476 7.19 38.75 -13.43
C GLY A 4476 7.88 40.09 -13.39
N MET A 4477 8.90 40.22 -12.54
CA MET A 4477 9.69 41.45 -12.56
C MET A 4477 10.35 41.65 -13.92
N LYS A 4478 10.88 40.57 -14.50
CA LYS A 4478 11.48 40.67 -15.82
C LYS A 4478 10.47 41.23 -16.81
N GLN A 4479 9.30 40.59 -16.89
CA GLN A 4479 8.26 41.00 -17.83
C GLN A 4479 7.86 42.45 -17.61
N GLU A 4480 7.79 42.87 -16.35
CA GLU A 4480 7.45 44.25 -16.04
C GLU A 4480 8.49 45.19 -16.63
N VAL A 4481 9.77 44.88 -16.46
CA VAL A 4481 10.79 45.77 -17.00
C VAL A 4481 10.72 45.81 -18.52
N THR A 4482 10.53 44.66 -19.17
CA THR A 4482 10.48 44.66 -20.63
C THR A 4482 9.33 45.52 -21.13
N ARG A 4483 8.17 45.40 -20.50
CA ARG A 4483 7.02 46.15 -20.99
C ARG A 4483 7.15 47.63 -20.68
N ASN A 4484 7.40 47.97 -19.43
CA ASN A 4484 7.35 49.36 -19.01
C ASN A 4484 8.49 50.16 -19.64
N HIS A 4485 9.66 49.57 -19.73
CA HIS A 4485 10.87 50.25 -20.19
C HIS A 4485 11.34 49.65 -21.51
N LYS A 4486 11.80 50.52 -22.41
CA LYS A 4486 12.39 50.11 -23.68
C LYS A 4486 11.40 49.28 -24.51
N LYS A 4487 10.14 49.72 -24.53
CA LYS A 4487 9.10 49.10 -25.35
C LYS A 4487 8.51 50.13 -26.30
N GLU A 4494 9.23 47.63 -30.20
CA GLU A 4494 9.79 47.52 -28.86
C GLU A 4494 11.31 47.43 -28.91
N ALA A 4495 11.99 48.18 -28.05
CA ALA A 4495 13.44 48.21 -28.07
C ALA A 4495 14.06 46.97 -27.46
N TRP A 4496 13.46 46.44 -26.40
CA TRP A 4496 13.97 45.30 -25.66
C TRP A 4496 13.02 44.12 -25.80
N SER A 4497 13.56 42.97 -26.19
CA SER A 4497 12.82 41.72 -26.31
C SER A 4497 13.01 40.90 -25.04
N LEU A 4498 12.03 40.03 -24.77
CA LEU A 4498 12.10 39.22 -23.55
C LEU A 4498 13.32 38.33 -23.55
N ASP A 4499 13.63 37.69 -24.68
CA ASP A 4499 14.77 36.79 -24.69
C ASP A 4499 16.10 37.51 -24.62
N ASP A 4500 16.13 38.80 -24.96
CA ASP A 4500 17.37 39.56 -24.88
C ASP A 4500 17.75 39.89 -23.45
N VAL A 4501 16.79 40.01 -22.55
CA VAL A 4501 17.09 40.52 -21.21
C VAL A 4501 17.84 39.45 -20.42
N VAL A 4502 18.83 39.91 -19.66
CA VAL A 4502 19.58 39.12 -18.72
C VAL A 4502 19.49 39.79 -17.37
N TYR A 4503 20.06 39.13 -16.37
CA TYR A 4503 19.79 39.37 -14.97
C TYR A 4503 21.08 39.77 -14.27
N SER A 4504 20.94 40.49 -13.16
CA SER A 4504 22.09 40.86 -12.33
C SER A 4504 21.56 41.46 -11.05
N THR A 4505 22.48 41.73 -10.12
CA THR A 4505 22.12 42.19 -8.79
C THR A 4505 23.21 43.11 -8.27
N THR A 4506 22.80 44.16 -7.57
CA THR A 4506 23.72 45.00 -6.80
C THR A 4506 23.28 44.95 -5.35
N VAL A 4507 24.23 44.65 -4.48
CA VAL A 4507 23.95 44.57 -3.04
C VAL A 4507 24.00 45.98 -2.47
N LYS A 4508 22.89 46.42 -1.89
CA LYS A 4508 22.82 47.75 -1.31
C LYS A 4508 23.63 47.77 -0.04
N GLU A 4509 24.91 48.13 -0.16
CA GLU A 4509 25.81 48.19 0.98
C GLU A 4509 25.46 49.44 1.78
N ARG A 4510 24.44 49.29 2.63
CA ARG A 4510 24.00 50.40 3.47
C ARG A 4510 23.03 49.85 4.51
N GLU A 4511 23.01 50.48 5.68
CA GLU A 4511 22.05 50.17 6.73
C GLU A 4511 20.77 50.98 6.56
N LYS A 4512 20.90 52.29 6.38
CA LYS A 4512 19.77 53.21 6.32
C LYS A 4512 19.57 53.71 4.90
N GLU A 4513 18.31 53.80 4.49
CA GLU A 4513 17.93 54.26 3.17
C GLU A 4513 17.39 55.69 3.25
N PRO A 4520 9.22 52.66 -7.12
CA PRO A 4520 10.58 53.18 -7.19
C PRO A 4520 11.27 52.81 -8.49
N ALA A 4521 12.60 52.85 -8.50
CA ALA A 4521 13.35 52.46 -9.68
C ALA A 4521 13.11 50.99 -9.99
N GLU A 4522 13.59 50.56 -11.16
CA GLU A 4522 13.38 49.19 -11.59
C GLU A 4522 14.12 48.23 -10.66
N GLY A 4523 13.52 47.06 -10.46
CA GLY A 4523 13.99 46.09 -9.49
C GLY A 4523 13.12 46.08 -8.25
N VAL A 4524 13.52 45.22 -7.31
CA VAL A 4524 12.78 45.02 -6.07
C VAL A 4524 13.74 45.03 -4.89
N TYR A 4525 13.16 45.23 -3.71
CA TYR A 4525 13.88 45.22 -2.44
C TYR A 4525 13.45 43.99 -1.67
N ILE A 4526 14.40 43.09 -1.38
CA ILE A 4526 14.13 41.85 -0.68
C ILE A 4526 14.57 42.01 0.76
N LYS A 4527 13.73 41.58 1.69
CA LYS A 4527 14.02 41.55 3.11
C LYS A 4527 14.06 40.10 3.58
N GLY A 4528 15.10 39.75 4.34
CA GLY A 4528 15.09 38.54 5.13
C GLY A 4528 16.06 37.45 4.70
N LEU A 4529 16.90 37.68 3.71
CA LEU A 4529 17.86 36.65 3.34
C LEU A 4529 18.89 36.47 4.45
N TYR A 4530 19.54 35.31 4.46
CA TYR A 4530 20.55 34.98 5.46
C TYR A 4530 21.77 34.43 4.77
N LEU A 4531 22.93 34.99 5.09
CA LEU A 4531 24.22 34.50 4.63
C LEU A 4531 24.75 33.45 5.60
N GLU A 4532 25.75 32.69 5.15
CA GLU A 4532 26.47 31.76 6.03
C GLU A 4532 27.96 31.88 5.81
N GLY A 4533 28.66 32.49 6.77
CA GLY A 4533 30.09 32.35 6.89
C GLY A 4533 30.95 33.54 6.49
N CYS A 4534 30.39 34.74 6.40
CA CYS A 4534 31.21 35.93 6.16
C CYS A 4534 30.36 37.18 6.38
N LYS A 4535 30.91 38.34 6.03
CA LYS A 4535 30.20 39.61 6.03
C LYS A 4535 29.55 39.83 4.67
N TRP A 4536 28.77 40.91 4.60
CA TRP A 4536 28.16 41.43 3.39
C TRP A 4536 29.18 41.86 2.34
N SER A 4537 29.92 42.91 2.66
CA SER A 4537 31.03 43.38 1.86
C SER A 4537 32.23 43.48 2.78
N LYS A 4538 33.41 43.39 2.19
CA LYS A 4538 34.62 43.13 2.96
C LYS A 4538 34.44 41.81 3.73
N ASN A 4539 34.08 40.77 2.97
CA ASN A 4539 33.78 39.47 3.54
C ASN A 4539 35.01 38.90 4.26
N GLY A 4540 34.80 38.45 5.49
CA GLY A 4540 35.88 37.96 6.33
C GLY A 4540 35.47 36.71 7.07
N LEU A 4541 36.41 36.17 7.83
CA LEU A 4541 36.16 34.95 8.58
C LEU A 4541 35.13 35.20 9.69
N ASP A 4542 34.17 34.30 9.81
CA ASP A 4542 33.17 34.41 10.86
C ASP A 4542 33.77 34.11 12.23
N ASP A 4543 33.21 34.75 13.25
CA ASP A 4543 33.62 34.47 14.62
C ASP A 4543 33.11 33.09 15.04
N SER A 4544 33.39 32.71 16.29
CA SER A 4544 33.07 31.36 16.75
C SER A 4544 31.56 31.14 16.83
N ASP A 4545 30.81 32.14 17.29
CA ASP A 4545 29.35 32.06 17.33
C ASP A 4545 28.78 32.69 16.07
N PRO A 4546 27.45 32.80 16.01
CA PRO A 4546 26.74 33.49 14.93
C PRO A 4546 27.08 32.90 13.57
N LYS A 4547 26.65 31.64 13.39
CA LYS A 4547 26.90 30.95 12.12
C LYS A 4547 26.05 31.50 10.99
N LYS A 4548 24.82 31.90 11.30
CA LYS A 4548 23.88 32.41 10.31
C LYS A 4548 23.69 33.90 10.51
N ILE A 4549 23.97 34.68 9.47
CA ILE A 4549 24.06 36.14 9.53
C ILE A 4549 23.04 36.72 8.57
N PHE A 4550 22.54 37.91 8.89
CA PHE A 4550 21.57 38.59 8.06
C PHE A 4550 22.16 38.91 6.68
N ALA A 4551 21.28 39.17 5.72
CA ALA A 4551 21.64 39.57 4.37
C ALA A 4551 21.02 40.93 4.08
N ASP A 4552 21.80 41.84 3.50
CA ASP A 4552 21.40 43.23 3.40
C ASP A 4552 20.53 43.36 2.17
N LEU A 4553 20.14 44.56 1.81
CA LEU A 4553 19.14 44.69 0.79
C LEU A 4553 19.74 44.41 -0.59
N PRO A 4554 19.52 43.23 -1.18
CA PRO A 4554 20.18 42.95 -2.46
C PRO A 4554 19.30 43.41 -3.63
N ILE A 4555 19.36 44.70 -3.98
CA ILE A 4555 18.42 45.18 -4.99
C ILE A 4555 18.83 44.59 -6.34
N LEU A 4556 17.83 44.27 -7.15
CA LEU A 4556 18.03 43.52 -8.38
C LEU A 4556 18.38 44.48 -9.51
N HIS A 4557 18.54 43.93 -10.71
CA HIS A 4557 18.87 44.72 -11.89
C HIS A 4557 18.72 43.81 -13.09
N VAL A 4558 18.22 44.36 -14.19
CA VAL A 4558 18.05 43.59 -15.42
C VAL A 4558 18.44 44.48 -16.59
N SER A 4559 19.01 43.86 -17.62
CA SER A 4559 19.58 44.64 -18.71
C SER A 4559 19.57 43.80 -19.96
N ALA A 4560 19.55 44.45 -21.12
CA ALA A 4560 19.65 43.71 -22.36
C ALA A 4560 21.05 43.14 -22.50
N ILE A 4561 21.15 42.01 -23.20
CA ILE A 4561 22.40 41.26 -23.26
C ILE A 4561 23.43 42.05 -24.07
N ASN A 4562 24.66 42.09 -23.55
CA ASN A 4562 25.78 42.78 -24.21
C ASN A 4562 25.47 44.25 -24.47
N LYS A 4563 24.74 44.87 -23.55
CA LYS A 4563 24.31 46.26 -23.71
C LYS A 4563 24.33 46.98 -22.36
N SER A 4573 36.80 37.31 -14.84
CA SER A 4573 36.56 36.13 -14.02
C SER A 4573 36.84 36.38 -12.54
N ASN A 4574 36.88 37.65 -12.14
CA ASN A 4574 37.08 38.00 -10.74
C ASN A 4574 35.82 37.84 -9.91
N THR A 4575 34.70 37.49 -10.53
CA THR A 4575 33.40 37.50 -9.88
C THR A 4575 33.01 36.09 -9.44
N TYR A 4576 32.42 35.99 -8.26
CA TYR A 4576 32.01 34.73 -7.65
C TYR A 4576 30.50 34.63 -7.65
N LEU A 4577 29.98 33.42 -7.89
CA LEU A 4577 28.55 33.18 -8.11
C LEU A 4577 28.02 32.26 -7.02
N CYS A 4578 26.95 32.72 -6.32
CA CYS A 4578 26.38 32.03 -5.17
C CYS A 4578 25.00 31.48 -5.49
N PRO A 4579 24.53 30.43 -4.78
CA PRO A 4579 23.14 29.98 -4.97
C PRO A 4579 22.20 30.61 -3.95
N VAL A 4580 20.90 30.34 -4.08
CA VAL A 4580 19.90 30.83 -3.15
C VAL A 4580 18.90 29.72 -2.86
N TYR A 4581 19.08 29.02 -1.74
CA TYR A 4581 18.24 27.89 -1.38
C TYR A 4581 17.10 28.32 -0.48
N LYS A 4582 15.90 27.81 -0.74
CA LYS A 4582 14.75 28.15 0.07
C LYS A 4582 14.91 27.59 1.47
N TYR A 4583 14.95 26.28 1.61
CA TYR A 4583 15.16 25.64 2.91
C TYR A 4583 16.64 25.34 3.09
N PRO A 4584 17.09 25.07 4.33
CA PRO A 4584 18.51 24.73 4.50
C PRO A 4584 18.83 23.26 4.20
N LYS A 4585 17.94 22.55 3.50
CA LYS A 4585 18.25 21.17 3.11
C LYS A 4585 19.20 21.12 1.91
N ARG A 4586 19.17 22.13 1.05
CA ARG A 4586 20.18 22.32 0.01
C ARG A 4586 20.25 21.25 -1.08
N THR A 4587 19.19 21.10 -1.89
CA THR A 4587 19.16 20.18 -3.01
C THR A 4587 19.13 20.95 -4.33
N ASP A 4588 19.00 20.22 -5.44
CA ASP A 4588 18.74 20.87 -6.73
C ASP A 4588 17.45 21.65 -6.69
N LYS A 4589 16.39 21.03 -6.19
CA LYS A 4589 15.17 21.78 -5.93
C LYS A 4589 15.45 22.84 -4.88
N TYR A 4590 14.61 23.87 -4.86
CA TYR A 4590 14.71 25.04 -4.01
C TYR A 4590 15.79 26.03 -4.47
N LEU A 4591 16.39 25.85 -5.63
CA LEU A 4591 17.38 26.82 -6.14
C LEU A 4591 16.63 27.91 -6.88
N ILE A 4592 16.36 29.03 -6.21
CA ILE A 4592 15.54 30.07 -6.83
C ILE A 4592 16.33 30.80 -7.91
N PHE A 4593 17.53 31.25 -7.60
CA PHE A 4593 18.33 32.00 -8.56
C PHE A 4593 19.76 32.09 -8.06
N ARG A 4594 20.64 32.57 -8.93
CA ARG A 4594 22.07 32.66 -8.67
C ARG A 4594 22.51 34.11 -8.73
N VAL A 4595 23.43 34.47 -7.84
CA VAL A 4595 23.81 35.86 -7.59
C VAL A 4595 25.33 35.97 -7.68
N GLY A 4596 25.80 36.92 -8.49
CA GLY A 4596 27.22 37.22 -8.52
C GLY A 4596 27.58 38.10 -7.34
N LEU A 4597 28.64 37.73 -6.61
CA LEU A 4597 29.09 38.45 -5.42
C LEU A 4597 30.57 38.82 -5.57
N PRO A 4598 30.88 39.89 -6.33
CA PRO A 4598 32.26 40.38 -6.31
C PRO A 4598 32.61 41.09 -5.01
N CYS A 4599 33.35 40.39 -4.13
CA CYS A 4599 34.06 41.03 -3.03
C CYS A 4599 35.18 40.07 -2.65
N GLU A 4600 36.36 40.29 -3.21
CA GLU A 4600 37.42 39.29 -3.24
C GLU A 4600 38.62 39.65 -2.40
N GLY A 4601 39.20 40.83 -2.60
CA GLY A 4601 40.44 41.16 -1.92
C GLY A 4601 41.57 40.26 -2.39
N SER A 4602 42.18 39.53 -1.45
CA SER A 4602 43.29 38.63 -1.77
C SER A 4602 42.84 37.20 -2.01
N ASN A 4603 41.72 36.79 -1.44
CA ASN A 4603 41.27 35.40 -1.53
C ASN A 4603 40.53 35.17 -2.83
N ASN A 4604 41.07 34.31 -3.69
CA ASN A 4604 40.45 34.02 -4.96
C ASN A 4604 39.13 33.29 -4.74
N PRO A 4605 38.22 33.28 -5.74
CA PRO A 4605 36.88 32.72 -5.51
C PRO A 4605 36.88 31.25 -5.12
N SER A 4606 37.83 30.45 -5.62
CA SER A 4606 37.84 29.03 -5.31
C SER A 4606 37.95 28.78 -3.82
N HIS A 4607 38.65 29.67 -3.10
CA HIS A 4607 38.65 29.65 -1.64
C HIS A 4607 37.21 29.62 -1.12
N TRP A 4608 36.38 30.54 -1.63
CA TRP A 4608 35.00 30.59 -1.20
C TRP A 4608 34.23 29.36 -1.66
N LYS A 4609 34.54 28.87 -2.85
CA LYS A 4609 33.80 27.72 -3.38
C LYS A 4609 34.00 26.50 -2.52
N LEU A 4610 35.24 26.22 -2.14
CA LEU A 4610 35.48 25.14 -1.19
C LEU A 4610 34.89 25.47 0.17
N ARG A 4611 34.86 26.75 0.54
CA ARG A 4611 34.26 27.10 1.81
C ARG A 4611 32.74 26.96 1.82
N GLY A 4612 32.13 26.75 0.66
CA GLY A 4612 30.71 26.42 0.63
C GLY A 4612 29.80 27.52 1.16
N VAL A 4613 30.08 28.78 0.79
CA VAL A 4613 29.15 29.84 1.14
C VAL A 4613 27.83 29.62 0.41
N ALA A 4614 26.79 30.28 0.92
CA ALA A 4614 25.50 30.26 0.26
C ALA A 4614 24.62 31.30 0.91
N LEU A 4615 23.56 31.68 0.19
CA LEU A 4615 22.59 32.67 0.65
C LEU A 4615 21.26 31.94 0.80
N LEU A 4616 21.09 31.22 1.90
CA LEU A 4616 19.83 30.55 2.13
C LEU A 4616 18.78 31.56 2.56
N CYS A 4617 17.53 31.08 2.69
CA CYS A 4617 16.39 31.94 2.94
C CYS A 4617 15.82 31.76 4.36
N SER A 4618 15.44 30.54 4.73
CA SER A 4618 14.98 30.29 6.09
C SER A 4618 16.19 29.94 6.96
N THR A 4619 15.93 29.74 8.26
CA THR A 4619 16.98 29.46 9.24
C THR A 4619 16.51 28.34 10.15
N GLU A 4620 16.76 27.10 9.75
CA GLU A 4620 16.36 25.94 10.54
C GLU A 4620 17.13 24.70 10.10
N LYS B 1111 -29.30 52.75 -52.28
CA LYS B 1111 -28.98 51.89 -51.15
C LYS B 1111 -30.13 51.91 -50.14
N LEU B 1112 -30.06 51.01 -49.18
CA LEU B 1112 -31.13 50.90 -48.19
C LEU B 1112 -30.64 50.14 -46.98
N ARG B 1113 -30.95 50.65 -45.80
CA ARG B 1113 -30.66 49.94 -44.56
C ARG B 1113 -31.48 48.66 -44.44
N GLN B 1114 -32.62 48.58 -45.12
CA GLN B 1114 -33.53 47.45 -44.93
C GLN B 1114 -33.11 46.25 -45.79
N ARG B 1115 -32.80 46.49 -47.06
CA ARG B 1115 -32.58 45.41 -48.03
C ARG B 1115 -31.13 45.36 -48.53
N LYS B 1116 -30.62 46.44 -49.10
CA LYS B 1116 -29.26 46.42 -49.63
C LYS B 1116 -28.24 46.22 -48.51
N ASP B 1117 -28.48 46.85 -47.37
CA ASP B 1117 -27.59 46.70 -46.22
C ASP B 1117 -27.59 45.31 -45.64
N LEU B 1118 -28.58 44.48 -45.96
CA LEU B 1118 -28.66 43.12 -45.43
C LEU B 1118 -27.41 42.35 -45.79
N THR B 1119 -26.60 42.02 -44.79
CA THR B 1119 -25.31 41.41 -45.00
C THR B 1119 -25.44 39.90 -45.08
N GLU B 1120 -24.82 39.31 -46.10
CA GLU B 1120 -24.74 37.86 -46.20
C GLU B 1120 -23.72 37.34 -45.20
N GLU B 1121 -23.86 36.04 -44.88
CA GLU B 1121 -22.93 35.40 -43.95
C GLU B 1121 -21.48 35.54 -44.41
N GLU B 1122 -21.24 35.53 -45.73
CA GLU B 1122 -19.90 35.81 -46.22
C GLU B 1122 -19.48 37.24 -45.91
N ILE B 1123 -20.37 38.20 -46.15
CA ILE B 1123 -20.07 39.60 -45.85
C ILE B 1123 -19.85 39.77 -44.36
N VAL B 1124 -20.69 39.14 -43.54
CA VAL B 1124 -20.54 39.24 -42.09
C VAL B 1124 -19.19 38.68 -41.66
N ASP B 1125 -18.82 37.51 -42.19
CA ASP B 1125 -17.57 36.87 -41.79
C ASP B 1125 -16.36 37.68 -42.20
N ILE B 1126 -16.34 38.23 -43.43
CA ILE B 1126 -15.20 39.04 -43.85
C ILE B 1126 -15.11 40.31 -43.01
N GLN B 1127 -16.24 40.98 -42.76
CA GLN B 1127 -16.18 42.21 -41.97
C GLN B 1127 -15.67 41.94 -40.58
N PHE B 1128 -16.10 40.82 -39.97
CA PHE B 1128 -15.54 40.44 -38.69
C PHE B 1128 -14.05 40.10 -38.81
N ARG B 1129 -13.65 39.52 -39.95
CA ARG B 1129 -12.26 39.17 -40.16
C ARG B 1129 -11.36 40.38 -40.26
N ASN B 1130 -11.91 41.57 -40.52
CA ASN B 1130 -11.08 42.77 -40.45
C ASN B 1130 -10.50 42.97 -39.05
N ARG B 1131 -11.29 42.70 -38.01
CA ARG B 1131 -10.92 42.82 -36.58
C ARG B 1131 -10.14 44.10 -36.28
N GLY B 1132 -10.70 45.23 -36.72
CA GLY B 1132 -10.00 46.49 -36.64
C GLY B 1132 -9.60 46.93 -35.24
N GLU B 1133 -10.59 47.10 -34.37
CA GLU B 1133 -10.35 47.71 -33.06
C GLU B 1133 -11.57 47.51 -32.17
N GLY B 1134 -11.62 48.24 -31.06
CA GLY B 1134 -12.73 48.16 -30.13
C GLY B 1134 -12.42 47.36 -28.89
N LEU B 1135 -11.18 46.92 -28.71
CA LEU B 1135 -10.78 46.07 -27.59
C LEU B 1135 -10.27 46.89 -26.42
N GLU B 1136 -11.08 47.86 -25.98
CA GLU B 1136 -10.67 48.73 -24.88
C GLU B 1136 -10.46 47.94 -23.60
N ASN B 1137 -11.38 47.02 -23.30
CA ASN B 1137 -11.20 46.16 -22.13
C ASN B 1137 -9.97 45.27 -22.29
N GLY B 1138 -9.70 44.80 -23.51
CA GLY B 1138 -8.59 43.91 -23.79
C GLY B 1138 -9.03 42.49 -24.13
N GLU B 1139 -9.05 42.18 -25.42
CA GLU B 1139 -9.50 40.88 -25.92
C GLU B 1139 -8.42 40.29 -26.81
N PHE B 1140 -8.49 38.99 -27.00
CA PHE B 1140 -7.40 38.21 -27.55
C PHE B 1140 -7.59 38.05 -29.05
N TYR B 1141 -6.81 37.13 -29.64
CA TYR B 1141 -6.82 36.90 -31.08
C TYR B 1141 -8.22 36.63 -31.59
N ASP B 1142 -8.54 37.25 -32.72
CA ASP B 1142 -9.74 36.92 -33.49
C ASP B 1142 -9.48 35.84 -34.52
N GLY B 1143 -8.31 35.18 -34.46
CA GLY B 1143 -8.02 34.14 -35.42
C GLY B 1143 -9.01 33.00 -35.38
N GLN B 1144 -9.39 32.57 -34.17
CA GLN B 1144 -10.42 31.54 -33.99
C GLN B 1144 -11.60 32.03 -33.16
N PHE B 1145 -11.36 32.59 -31.98
CA PHE B 1145 -12.44 33.00 -31.11
C PHE B 1145 -11.98 34.15 -30.22
N TRP B 1146 -12.91 35.05 -29.92
CA TRP B 1146 -12.70 36.10 -28.95
C TRP B 1146 -13.03 35.57 -27.56
N ARG B 1147 -12.27 36.00 -26.57
CA ARG B 1147 -12.50 35.60 -25.20
C ARG B 1147 -12.51 36.82 -24.30
N ASN B 1148 -13.51 36.91 -23.42
CA ASN B 1148 -13.67 38.12 -22.62
C ASN B 1148 -12.50 38.29 -21.65
N ILE B 1149 -12.32 37.34 -20.73
CA ILE B 1149 -11.46 37.53 -19.58
C ILE B 1149 -10.56 36.30 -19.43
N GLN B 1150 -11.15 35.13 -19.10
CA GLN B 1150 -10.37 33.91 -18.82
C GLN B 1150 -10.91 32.76 -19.64
N GLY B 1151 -10.58 32.68 -20.90
CA GLY B 1151 -10.97 31.47 -21.60
C GLY B 1151 -12.46 31.33 -21.85
N LEU B 1152 -13.20 32.43 -21.94
CA LEU B 1152 -14.66 32.40 -22.10
C LEU B 1152 -15.06 32.92 -23.48
N ILE B 1153 -15.61 32.03 -24.31
CA ILE B 1153 -15.97 32.39 -25.68
C ILE B 1153 -17.01 33.49 -25.69
N LEU B 1154 -16.85 34.44 -26.63
CA LEU B 1154 -17.80 35.53 -26.85
C LEU B 1154 -18.63 35.29 -28.09
N PRO B 1155 -19.97 35.46 -28.06
CA PRO B 1155 -20.74 35.18 -29.27
C PRO B 1155 -20.36 36.07 -30.44
N HIS B 1156 -19.92 37.29 -30.17
CA HIS B 1156 -19.59 38.22 -31.24
C HIS B 1156 -18.52 39.19 -30.77
N HIS B 1157 -17.89 39.82 -31.75
CA HIS B 1157 -17.03 40.97 -31.51
C HIS B 1157 -17.78 42.01 -30.67
N PRO B 1158 -17.13 42.66 -29.69
CA PRO B 1158 -17.91 43.45 -28.72
C PRO B 1158 -18.68 44.62 -29.33
N LYS B 1159 -17.97 45.56 -29.94
CA LYS B 1159 -18.60 46.70 -30.61
C LYS B 1159 -18.59 46.49 -32.12
N LYS B 1160 -19.42 45.55 -32.57
CA LYS B 1160 -19.49 45.26 -34.00
C LYS B 1160 -20.26 46.34 -34.75
N ASP B 1161 -21.18 47.03 -34.08
CA ASP B 1161 -22.13 47.90 -34.78
C ASP B 1161 -21.44 49.05 -35.49
N GLU B 1162 -20.41 49.61 -34.87
CA GLU B 1162 -19.69 50.72 -35.49
C GLU B 1162 -19.08 50.29 -36.81
N PHE B 1163 -18.57 49.06 -36.88
CA PHE B 1163 -18.02 48.56 -38.13
C PHE B 1163 -19.10 48.42 -39.19
N ILE B 1164 -20.31 48.01 -38.78
CA ILE B 1164 -21.43 47.94 -39.71
C ILE B 1164 -21.73 49.33 -40.26
N GLU B 1165 -21.78 50.33 -39.39
CA GLU B 1165 -22.08 51.69 -39.83
C GLU B 1165 -21.02 52.21 -40.80
N GLU B 1166 -19.75 51.95 -40.50
CA GLU B 1166 -18.67 52.41 -41.38
C GLU B 1166 -18.77 51.76 -42.75
N TYR B 1167 -19.03 50.45 -42.79
CA TYR B 1167 -19.15 49.78 -44.08
C TYR B 1167 -20.37 50.27 -44.84
N LEU B 1168 -21.46 50.58 -44.14
CA LEU B 1168 -22.64 51.10 -44.82
C LEU B 1168 -22.36 52.47 -45.44
N LYS B 1169 -21.62 53.32 -44.72
CA LYS B 1169 -21.23 54.61 -45.27
C LYS B 1169 -20.37 54.43 -46.52
N GLN B 1170 -19.38 53.56 -46.45
CA GLN B 1170 -18.51 53.32 -47.61
C GLN B 1170 -19.32 52.77 -48.78
N GLU B 1171 -20.26 51.86 -48.51
CA GLU B 1171 -21.06 51.28 -49.57
C GLU B 1171 -22.02 52.30 -50.18
N GLU B 1172 -22.54 53.23 -49.37
CA GLU B 1172 -23.35 54.30 -49.93
C GLU B 1172 -22.53 55.17 -50.87
N VAL B 1173 -21.28 55.46 -50.50
CA VAL B 1173 -20.40 56.19 -51.41
C VAL B 1173 -20.15 55.40 -52.69
N ARG B 1174 -19.94 54.09 -52.58
CA ARG B 1174 -19.74 53.27 -53.77
C ARG B 1174 -20.97 53.28 -54.67
N ILE B 1175 -22.16 53.18 -54.06
CA ILE B 1175 -23.40 53.24 -54.84
C ILE B 1175 -23.57 54.62 -55.47
N ASN B 1176 -23.11 55.67 -54.81
CA ASN B 1176 -23.12 56.99 -55.43
C ASN B 1176 -22.21 57.04 -56.65
PB ADP C . 13.29 7.93 -20.15
O1B ADP C . 12.68 8.58 -18.93
O2B ADP C . 14.79 7.90 -20.17
O3B ADP C . 12.62 6.66 -20.58
PA ADP C . 13.48 8.57 -22.79
O1A ADP C . 14.98 8.44 -22.77
O2A ADP C . 12.64 7.40 -23.26
O3A ADP C . 12.98 8.96 -21.34
O5' ADP C . 13.09 9.83 -23.69
C5' ADP C . 13.29 9.70 -25.07
C4' ADP C . 12.70 10.89 -25.82
O4' ADP C . 13.50 12.05 -25.58
C3' ADP C . 12.74 10.67 -27.31
O3' ADP C . 11.67 11.35 -27.94
C2' ADP C . 14.07 11.27 -27.69
O2' ADP C . 14.16 11.63 -29.07
C1' ADP C . 14.11 12.48 -26.78
N9 ADP C . 15.51 12.87 -26.58
C8 ADP C . 16.17 12.94 -25.42
N7 ADP C . 17.44 13.35 -25.62
C5 ADP C . 17.61 13.55 -26.93
C6 ADP C . 18.71 13.98 -27.82
N6 ADP C . 19.92 14.29 -27.30
N1 ADP C . 18.46 14.06 -29.13
C2 ADP C . 17.25 13.76 -29.64
N3 ADP C . 16.21 13.35 -28.90
C4 ADP C . 16.33 13.24 -27.56
PG ATP D . -18.74 10.16 -17.23
O1G ATP D . -18.30 9.08 -18.18
O2G ATP D . -18.04 10.13 -15.89
O3G ATP D . -20.23 10.34 -17.15
PB ATP D . -18.68 11.90 -19.36
O1B ATP D . -18.04 13.18 -19.79
O2B ATP D . -18.58 10.68 -20.24
O3B ATP D . -18.25 11.54 -17.87
PA ATP D . -21.15 11.86 -20.44
O1A ATP D . -21.63 10.45 -20.32
O2A ATP D . -20.41 12.32 -21.66
O3A ATP D . -20.24 12.20 -19.18
O5' ATP D . -22.39 12.83 -20.22
C5' ATP D . -23.14 13.20 -21.36
C4' ATP D . -24.41 13.90 -20.90
O4' ATP D . -24.52 15.15 -21.59
C3' ATP D . -25.67 13.12 -21.24
O3' ATP D . -26.65 13.38 -20.25
C2' ATP D . -26.10 13.69 -22.57
O2' ATP D . -27.51 13.59 -22.75
C1' ATP D . -25.62 15.13 -22.49
N9 ATP D . -25.19 15.64 -23.80
C8 ATP D . -24.03 15.35 -24.41
N7 ATP D . -23.95 15.97 -25.61
C5 ATP D . -25.08 16.67 -25.78
C6 ATP D . -25.63 17.53 -26.82
N6 ATP D . -24.90 17.75 -27.93
N1 ATP D . -26.85 18.07 -26.63
C2 ATP D . -27.56 17.83 -25.52
N3 ATP D . -27.11 17.06 -24.52
C4 ATP D . -25.90 16.44 -24.59
PB ADP E . -31.71 0.65 8.94
O1B ADP E . -32.36 2.01 8.92
O2B ADP E . -31.97 -0.19 7.72
O3B ADP E . -30.28 0.63 9.39
PA ADP E . -34.06 -0.46 9.88
O1A ADP E . -34.67 0.70 9.13
O2A ADP E . -34.15 -1.85 9.28
O3A ADP E . -32.51 -0.13 10.09
O5' ADP E . -34.70 -0.54 11.34
C5' ADP E . -35.77 0.29 11.78
C4' ADP E . -36.63 -0.52 12.73
O4' ADP E . -37.86 0.14 13.03
C3' ADP E . -36.99 -1.87 12.14
O3' ADP E . -36.23 -2.93 12.73
C2' ADP E . -38.47 -2.08 12.37
O2' ADP E . -38.70 -3.15 13.29
C1' ADP E . -38.97 -0.76 12.94
N9 ADP E . -39.96 -0.22 11.98
C8 ADP E . -39.65 0.65 11.01
N7 ADP E . -40.74 0.95 10.27
C5 ADP E . -41.77 0.26 10.78
C6 ADP E . -43.20 0.12 10.47
N6 ADP E . -43.71 0.83 9.44
N1 ADP E . -43.94 -0.70 11.23
C2 ADP E . -43.41 -1.39 12.25
N3 ADP E . -42.11 -1.31 12.58
C4 ADP E . -41.25 -0.52 11.91
PB ADP F . -14.24 -16.73 29.42
O1B ADP F . -14.45 -15.44 30.19
O2B ADP F . -12.85 -16.92 28.88
O3B ADP F . -15.33 -17.09 28.46
PA ADP F . -14.44 -19.39 30.12
O1A ADP F . -15.89 -19.78 30.04
O2A ADP F . -13.51 -19.54 28.94
O3A ADP F . -14.36 -17.85 30.56
O5' ADP F . -13.78 -20.11 31.38
C5' ADP F . -12.42 -20.54 31.33
C4' ADP F . -12.07 -21.15 32.67
O4' ADP F . -12.37 -20.23 33.73
C3' ADP F . -12.88 -22.41 32.97
O3' ADP F . -12.19 -23.58 32.54
C2' ADP F . -13.08 -22.38 34.48
O2' ADP F . -12.12 -23.22 35.13
C1' ADP F . -12.85 -20.93 34.87
N9 ADP F . -14.13 -20.34 35.31
C8 ADP F . -14.95 -19.60 34.55
N7 ADP F . -16.04 -19.20 35.24
C5 ADP F . -15.95 -19.71 36.47
C6 ADP F . -16.76 -19.68 37.70
N6 ADP F . -17.93 -19.01 37.74
N1 ADP F . -16.30 -20.34 38.78
C2 ADP F . -15.13 -21.00 38.76
N3 ADP F . -14.35 -21.07 37.68
C4 ADP F . -14.69 -20.46 36.52
#